data_7UFM
#
_entry.id   7UFM
#
_cell.length_a   1.00
_cell.length_b   1.00
_cell.length_c   1.00
_cell.angle_alpha   90.00
_cell.angle_beta   90.00
_cell.angle_gamma   90.00
#
_symmetry.space_group_name_H-M   'P 1'
#
loop_
_entity.id
_entity.type
_entity.pdbx_description
1 polymer VchTnsC
2 polymer 'DNA (36-MER)'
3 polymer 'DNA (36-MER)'
4 non-polymer "ADENOSINE-5'-TRIPHOSPHATE"
#
loop_
_entity_poly.entity_id
_entity_poly.type
_entity_poly.pdbx_seq_one_letter_code
_entity_poly.pdbx_strand_id
1 'polypeptide(L)'
;TREARISRAKRAFVSTPSVRKILSYMDRCRDLSDLESEPTCMMVYGASGVGKTTVIKKYLNQAAAAAAAGGDIIPVLHIE
LPDNAKPVDAARELLVEMGDPLALYETDLARLTKRLTELIPAVGVKLIIIDEFQHLVEERSNRVLTQVGNWLKMILNKTK
CPIVIFGMPYSKVVLQANSQLHGRFSIQVELRPFSYQGGRGVFKTFLEYLDKALPFEKQAGLANESLQKKLYAFSQGNMR
SLRNLIYQASIEAIDNQHETITEEDFVFASKLTSGDKPNSWKNPFEEGVEVTEDMLRPPPKDIGWEDYLRH
;
A,B,C,D,E,F,G,H,I,J,K,L,M,N
2 'polydeoxyribonucleotide'
;(DC)(DT)(DC)(DC)(DA)(DG)(DT)(DA)(DC)(DA)(DG)(DC)(DG)(DC)(DG)(DG)(DC)(DT)(DG)(DA)
(DA)(DA)(DT)(DC)(DA)(DT)(DC)(DA)(DT)(DT)(DA)(DA)(DA)(DG)(DC)(DG)
;
O
3 'polydeoxyribonucleotide'
;(DC)(DG)(DC)(DT)(DT)(DT)(DA)(DA)(DT)(DG)(DA)(DT)(DG)(DA)(DT)(DT)(DT)(DC)(DA)(DG)
(DC)(DC)(DG)(DC)(DG)(DC)(DT)(DG)(DT)(DA)(DC)(DT)(DG)(DG)(DA)(DG)
;
P
#
# COMPACT_ATOMS: atom_id res chain seq x y z
N THR A 1 9.57 -28.70 -60.50
CA THR A 1 9.98 -27.80 -59.43
C THR A 1 11.45 -27.41 -59.56
N ARG A 2 12.31 -28.43 -59.65
CA ARG A 2 13.76 -28.29 -59.79
C ARG A 2 14.35 -27.46 -58.64
N GLU A 3 14.34 -28.11 -57.47
CA GLU A 3 14.69 -27.55 -56.16
C GLU A 3 16.02 -26.79 -56.13
N ALA A 4 16.94 -27.07 -57.06
CA ALA A 4 18.12 -26.24 -57.24
C ALA A 4 17.74 -24.80 -57.54
N ARG A 5 16.74 -24.58 -58.41
CA ARG A 5 16.30 -23.23 -58.71
C ARG A 5 15.61 -22.59 -57.51
N ILE A 6 14.98 -23.39 -56.66
CA ILE A 6 14.28 -22.83 -55.49
C ILE A 6 15.29 -22.37 -54.45
N SER A 7 16.26 -23.23 -54.11
CA SER A 7 17.30 -22.86 -53.15
C SER A 7 18.21 -21.76 -53.70
N ARG A 8 18.49 -21.79 -55.01
CA ARG A 8 19.26 -20.76 -55.66
C ARG A 8 18.46 -19.46 -55.83
N ALA A 9 17.13 -19.51 -55.73
CA ALA A 9 16.36 -18.29 -55.69
C ALA A 9 16.24 -17.74 -54.27
N LYS A 10 16.27 -18.62 -53.26
CA LYS A 10 16.20 -18.18 -51.87
C LYS A 10 17.54 -17.61 -51.41
N ARG A 11 18.62 -18.39 -51.59
CA ARG A 11 19.96 -17.94 -51.23
C ARG A 11 20.49 -17.01 -52.32
N ALA A 12 20.10 -15.74 -52.23
CA ALA A 12 20.68 -14.70 -53.07
C ALA A 12 21.02 -13.52 -52.19
N PHE A 13 22.16 -12.89 -52.48
CA PHE A 13 22.72 -11.84 -51.62
C PHE A 13 23.11 -10.64 -52.48
N VAL A 14 22.65 -9.46 -52.08
CA VAL A 14 23.01 -8.20 -52.73
C VAL A 14 23.78 -7.37 -51.73
N SER A 15 24.97 -6.93 -52.11
CA SER A 15 25.84 -6.19 -51.21
C SER A 15 25.58 -4.70 -51.39
N THR A 16 24.68 -4.16 -50.58
CA THR A 16 24.53 -2.72 -50.47
C THR A 16 25.76 -2.15 -49.77
N PRO A 17 26.10 -0.88 -50.02
CA PRO A 17 27.37 -0.34 -49.48
C PRO A 17 27.46 -0.30 -47.96
N SER A 18 26.34 -0.30 -47.25
CA SER A 18 26.40 -0.35 -45.79
C SER A 18 26.89 -1.71 -45.31
N VAL A 19 26.54 -2.78 -46.03
CA VAL A 19 26.99 -4.12 -45.65
C VAL A 19 28.49 -4.26 -45.83
N ARG A 20 29.01 -3.86 -46.99
CA ARG A 20 30.45 -3.92 -47.21
C ARG A 20 31.21 -2.94 -46.33
N LYS A 21 30.59 -1.82 -45.96
CA LYS A 21 31.14 -0.94 -44.92
C LYS A 21 31.29 -1.69 -43.60
N ILE A 22 30.27 -2.46 -43.23
CA ILE A 22 30.33 -3.27 -42.00
C ILE A 22 31.45 -4.29 -42.09
N LEU A 23 31.47 -5.11 -43.15
CA LEU A 23 32.43 -6.21 -43.23
C LEU A 23 33.87 -5.72 -43.33
N SER A 24 34.06 -4.55 -43.96
CA SER A 24 35.35 -3.89 -43.92
C SER A 24 35.72 -3.49 -42.50
N TYR A 25 34.75 -2.97 -41.73
CA TYR A 25 35.03 -2.63 -40.34
C TYR A 25 35.30 -3.86 -39.49
N MET A 26 34.71 -5.01 -39.79
CA MET A 26 35.03 -6.16 -38.94
C MET A 26 36.35 -6.81 -39.31
N ASP A 27 36.80 -6.75 -40.58
CA ASP A 27 38.17 -7.16 -40.84
C ASP A 27 39.17 -6.19 -40.25
N ARG A 28 38.83 -4.90 -40.27
CA ARG A 28 39.57 -3.86 -39.57
C ARG A 28 39.69 -4.18 -38.09
N CYS A 29 38.60 -4.62 -37.48
CA CYS A 29 38.59 -4.99 -36.07
C CYS A 29 39.35 -6.28 -35.81
N ARG A 30 39.30 -7.23 -36.75
CA ARG A 30 39.97 -8.52 -36.61
C ARG A 30 41.48 -8.36 -36.62
N ASP A 31 42.06 -7.89 -37.74
CA ASP A 31 43.50 -7.66 -37.69
C ASP A 31 43.86 -6.20 -37.45
N LEU A 32 43.07 -5.48 -36.64
CA LEU A 32 43.61 -4.32 -35.95
C LEU A 32 43.87 -4.64 -34.48
N SER A 33 43.00 -5.42 -33.87
CA SER A 33 43.23 -5.91 -32.52
C SER A 33 44.41 -6.87 -32.59
N ASP A 34 45.46 -6.56 -31.83
CA ASP A 34 46.74 -7.24 -31.93
C ASP A 34 46.88 -8.40 -30.96
N LEU A 35 45.89 -8.58 -30.08
CA LEU A 35 45.86 -9.56 -28.98
C LEU A 35 47.01 -9.40 -28.00
N GLU A 36 47.63 -8.23 -27.98
CA GLU A 36 48.56 -7.84 -26.93
C GLU A 36 47.93 -6.83 -25.99
N SER A 37 47.31 -5.78 -26.54
CA SER A 37 46.76 -4.62 -25.86
C SER A 37 45.27 -4.49 -26.11
N GLU A 38 44.73 -3.33 -25.76
CA GLU A 38 43.29 -3.12 -25.57
C GLU A 38 42.58 -3.17 -26.92
N PRO A 39 41.49 -3.95 -27.07
CA PRO A 39 40.82 -4.07 -28.37
C PRO A 39 39.93 -2.90 -28.73
N THR A 40 39.20 -3.01 -29.84
CA THR A 40 38.47 -1.90 -30.43
C THR A 40 36.96 -1.95 -30.16
N CYS A 41 36.37 -3.15 -30.20
CA CYS A 41 35.03 -3.46 -29.67
C CYS A 41 33.91 -2.66 -30.36
N MET A 42 33.68 -3.02 -31.62
CA MET A 42 32.63 -2.43 -32.43
C MET A 42 31.24 -2.87 -31.94
N MET A 43 30.25 -2.00 -32.18
CA MET A 43 28.84 -2.29 -31.94
C MET A 43 28.04 -2.01 -33.21
N VAL A 44 27.14 -2.93 -33.58
CA VAL A 44 26.34 -2.82 -34.79
C VAL A 44 24.87 -2.81 -34.41
N TYR A 45 24.11 -1.88 -34.99
CA TYR A 45 22.67 -1.86 -34.75
C TYR A 45 21.90 -2.27 -36.00
N GLY A 46 20.58 -2.18 -35.90
CA GLY A 46 19.70 -2.51 -37.01
C GLY A 46 18.39 -3.07 -36.53
N ALA A 47 17.29 -2.71 -37.21
CA ALA A 47 15.96 -3.08 -36.78
C ALA A 47 15.66 -4.54 -37.14
N SER A 48 14.40 -4.93 -37.08
CA SER A 48 14.03 -6.30 -37.36
C SER A 48 14.05 -6.54 -38.87
N GLY A 49 14.74 -7.59 -39.28
CA GLY A 49 14.74 -7.96 -40.69
C GLY A 49 15.50 -7.04 -41.60
N VAL A 50 16.62 -6.47 -41.14
CA VAL A 50 17.44 -5.61 -41.99
C VAL A 50 18.67 -6.32 -42.51
N GLY A 51 18.77 -7.63 -42.33
CA GLY A 51 19.84 -8.40 -42.91
C GLY A 51 21.03 -8.66 -42.03
N LYS A 52 20.86 -8.68 -40.71
CA LYS A 52 22.01 -8.80 -39.81
C LYS A 52 22.61 -10.18 -39.84
N THR A 53 21.79 -11.23 -39.68
CA THR A 53 22.27 -12.59 -39.65
C THR A 53 22.91 -12.99 -40.96
N THR A 54 22.35 -12.49 -42.07
CA THR A 54 22.94 -12.71 -43.38
C THR A 54 24.31 -12.07 -43.49
N VAL A 55 24.49 -10.90 -42.88
CA VAL A 55 25.79 -10.25 -42.85
C VAL A 55 26.81 -11.10 -42.10
N ILE A 56 26.44 -11.64 -40.92
CA ILE A 56 27.47 -12.36 -40.19
C ILE A 56 27.74 -13.71 -40.85
N LYS A 57 26.73 -14.34 -41.46
CA LYS A 57 27.00 -15.59 -42.18
C LYS A 57 27.86 -15.38 -43.43
N LYS A 58 27.65 -14.28 -44.15
CA LYS A 58 28.62 -13.81 -45.14
C LYS A 58 30.01 -13.68 -44.54
N TYR A 59 30.09 -13.12 -43.33
CA TYR A 59 31.39 -12.89 -42.73
C TYR A 59 32.09 -14.18 -42.32
N LEU A 60 31.37 -15.14 -41.74
CA LEU A 60 32.05 -16.38 -41.36
C LEU A 60 32.35 -17.24 -42.58
N ASN A 61 31.57 -17.10 -43.66
CA ASN A 61 32.00 -17.66 -44.95
C ASN A 61 33.35 -17.10 -45.38
N GLN A 62 33.40 -15.80 -45.64
CA GLN A 62 34.57 -15.16 -46.22
C GLN A 62 35.75 -15.06 -45.26
N ALA A 63 35.56 -15.37 -43.98
CA ALA A 63 36.62 -15.30 -43.00
C ALA A 63 37.04 -16.65 -42.46
N ALA A 64 36.22 -17.70 -42.55
CA ALA A 64 36.49 -18.92 -41.83
C ALA A 64 36.19 -20.17 -42.63
N ALA A 65 35.87 -20.06 -43.93
CA ALA A 65 35.62 -21.25 -44.74
C ALA A 65 36.86 -22.15 -44.84
N ALA A 66 37.98 -21.58 -45.28
CA ALA A 66 39.20 -22.36 -45.43
C ALA A 66 39.82 -22.75 -44.10
N ALA A 67 39.69 -21.92 -43.06
CA ALA A 67 40.29 -22.27 -41.78
C ALA A 67 39.46 -23.28 -41.01
N ALA A 68 38.15 -23.34 -41.26
CA ALA A 68 37.35 -24.42 -40.71
C ALA A 68 37.49 -25.71 -41.53
N ALA A 69 37.78 -25.60 -42.82
CA ALA A 69 38.10 -26.80 -43.60
C ALA A 69 39.50 -27.34 -43.30
N GLY A 70 40.40 -26.49 -42.80
CA GLY A 70 41.75 -26.96 -42.53
C GLY A 70 41.85 -27.77 -41.26
N GLY A 71 41.34 -27.24 -40.15
CA GLY A 71 41.42 -27.95 -38.89
C GLY A 71 40.60 -27.25 -37.82
N ASP A 72 40.75 -27.74 -36.59
CA ASP A 72 39.99 -27.22 -35.45
C ASP A 72 40.80 -26.01 -34.97
N ILE A 73 40.50 -24.86 -35.56
CA ILE A 73 41.03 -23.59 -35.10
C ILE A 73 39.92 -22.69 -34.56
N ILE A 74 38.81 -22.59 -35.29
CA ILE A 74 37.65 -21.71 -35.07
C ILE A 74 38.06 -20.29 -34.68
N PRO A 75 38.57 -19.50 -35.65
CA PRO A 75 39.05 -18.15 -35.33
C PRO A 75 37.94 -17.17 -35.01
N VAL A 76 36.87 -17.18 -35.79
CA VAL A 76 35.71 -16.32 -35.53
C VAL A 76 34.60 -17.18 -34.93
N LEU A 77 33.80 -16.60 -34.05
CA LEU A 77 32.74 -17.28 -33.33
C LEU A 77 31.41 -16.54 -33.49
N HIS A 78 30.32 -17.29 -33.34
CA HIS A 78 28.98 -16.74 -33.52
C HIS A 78 28.08 -17.16 -32.37
N ILE A 79 27.52 -16.17 -31.68
CA ILE A 79 26.82 -16.33 -30.42
C ILE A 79 25.52 -15.54 -30.50
N GLU A 80 24.43 -16.13 -29.99
CA GLU A 80 23.22 -15.38 -29.68
C GLU A 80 23.06 -15.45 -28.18
N LEU A 81 22.66 -14.35 -27.56
CA LEU A 81 22.34 -14.40 -26.14
C LEU A 81 20.92 -14.91 -25.96
N PRO A 82 20.72 -15.96 -25.16
CA PRO A 82 19.36 -16.38 -24.82
C PRO A 82 18.66 -15.35 -23.95
N ASP A 83 17.34 -15.48 -23.89
CA ASP A 83 16.51 -14.43 -23.33
C ASP A 83 16.65 -14.38 -21.82
N ASN A 84 16.75 -13.15 -21.30
CA ASN A 84 17.00 -12.86 -19.89
C ASN A 84 18.23 -13.61 -19.38
N ALA A 85 19.34 -13.33 -20.04
CA ALA A 85 20.55 -14.15 -19.92
C ALA A 85 21.18 -13.97 -18.54
N LYS A 86 21.32 -15.07 -17.82
CA LYS A 86 22.14 -15.07 -16.64
C LYS A 86 23.58 -15.06 -17.11
N PRO A 87 24.52 -14.52 -16.32
CA PRO A 87 25.92 -14.52 -16.77
C PRO A 87 26.49 -15.91 -16.95
N VAL A 88 26.12 -16.85 -16.08
CA VAL A 88 26.52 -18.23 -16.28
C VAL A 88 25.78 -18.84 -17.46
N ASP A 89 24.54 -18.38 -17.73
CA ASP A 89 23.78 -18.89 -18.85
C ASP A 89 24.40 -18.51 -20.19
N ALA A 90 24.77 -17.24 -20.37
CA ALA A 90 25.43 -16.84 -21.60
C ALA A 90 26.84 -17.42 -21.71
N ALA A 91 27.55 -17.50 -20.58
CA ALA A 91 28.91 -18.00 -20.59
C ALA A 91 28.97 -19.47 -20.97
N ARG A 92 28.02 -20.28 -20.48
CA ARG A 92 28.09 -21.70 -20.78
C ARG A 92 27.73 -21.99 -22.22
N GLU A 93 26.82 -21.22 -22.83
CA GLU A 93 26.49 -21.48 -24.22
C GLU A 93 27.59 -20.97 -25.15
N LEU A 94 28.23 -19.86 -24.75
CA LEU A 94 29.40 -19.39 -25.48
C LEU A 94 30.56 -20.38 -25.35
N LEU A 95 30.58 -21.15 -24.26
CA LEU A 95 31.61 -22.17 -24.08
C LEU A 95 31.33 -23.45 -24.86
N VAL A 96 30.08 -23.95 -24.86
CA VAL A 96 29.84 -25.22 -25.58
C VAL A 96 29.87 -24.98 -27.08
N GLU A 97 29.65 -23.73 -27.51
CA GLU A 97 29.79 -23.36 -28.92
C GLU A 97 31.20 -23.62 -29.43
N MET A 98 32.19 -22.98 -28.84
CA MET A 98 33.55 -23.14 -29.30
C MET A 98 34.17 -24.42 -28.77
N GLY A 99 35.17 -24.93 -29.51
CA GLY A 99 35.86 -26.14 -29.17
C GLY A 99 34.94 -27.35 -29.25
N ASP A 100 35.36 -28.43 -28.60
CA ASP A 100 34.54 -29.64 -28.45
C ASP A 100 34.38 -30.01 -26.98
N PRO A 101 33.78 -29.12 -26.14
CA PRO A 101 33.76 -29.41 -24.70
C PRO A 101 32.48 -30.07 -24.20
N LEU A 102 32.50 -30.51 -22.94
CA LEU A 102 31.28 -31.04 -22.32
C LEU A 102 30.56 -29.89 -21.62
N ALA A 103 31.24 -29.21 -20.70
CA ALA A 103 31.15 -27.76 -20.49
C ALA A 103 29.92 -27.15 -19.84
N LEU A 104 28.87 -27.90 -19.59
CA LEU A 104 27.68 -27.25 -19.08
C LEU A 104 26.94 -28.04 -18.01
N TYR A 105 27.51 -29.14 -17.53
CA TYR A 105 26.88 -29.89 -16.46
C TYR A 105 27.26 -29.29 -15.11
N GLU A 106 28.37 -28.57 -15.08
CA GLU A 106 28.68 -27.65 -14.00
C GLU A 106 28.32 -26.23 -14.41
N THR A 107 27.67 -25.51 -13.50
CA THR A 107 27.22 -24.13 -13.65
C THR A 107 27.74 -23.42 -12.41
N ASP A 108 29.00 -22.99 -12.46
CA ASP A 108 29.63 -22.41 -11.29
C ASP A 108 30.15 -21.00 -11.52
N LEU A 109 30.34 -20.59 -12.78
CA LEU A 109 30.52 -19.22 -13.26
C LEU A 109 31.87 -18.62 -12.87
N ALA A 110 32.66 -19.29 -12.05
CA ALA A 110 34.06 -18.95 -11.85
C ALA A 110 34.99 -19.94 -12.53
N ARG A 111 34.70 -21.24 -12.43
CA ARG A 111 35.56 -22.25 -13.05
C ARG A 111 35.27 -22.41 -14.54
N LEU A 112 34.08 -22.08 -15.00
CA LEU A 112 33.89 -22.10 -16.43
C LEU A 112 34.49 -20.86 -17.08
N THR A 113 34.59 -19.77 -16.33
CA THR A 113 35.37 -18.63 -16.78
C THR A 113 36.85 -18.99 -16.87
N LYS A 114 37.34 -19.76 -15.91
CA LYS A 114 38.68 -20.34 -15.94
C LYS A 114 38.89 -21.16 -17.22
N ARG A 115 37.97 -22.08 -17.51
CA ARG A 115 38.11 -22.89 -18.71
C ARG A 115 38.00 -22.06 -19.98
N LEU A 116 37.14 -21.05 -20.00
CA LEU A 116 37.00 -20.28 -21.22
C LEU A 116 38.18 -19.36 -21.45
N THR A 117 38.78 -18.82 -20.38
CA THR A 117 39.94 -17.97 -20.56
C THR A 117 41.21 -18.78 -20.78
N GLU A 118 41.23 -20.09 -20.51
CA GLU A 118 42.40 -20.84 -20.96
C GLU A 118 42.19 -21.36 -22.37
N LEU A 119 40.93 -21.51 -22.79
CA LEU A 119 40.67 -22.03 -24.13
C LEU A 119 40.70 -20.95 -25.21
N ILE A 120 40.36 -19.71 -24.88
CA ILE A 120 40.37 -18.62 -25.85
C ILE A 120 41.77 -18.29 -26.39
N PRO A 121 42.90 -18.55 -25.71
CA PRO A 121 44.17 -18.60 -26.46
C PRO A 121 44.55 -19.97 -26.99
N ALA A 122 43.91 -21.04 -26.50
CA ALA A 122 44.34 -22.38 -26.87
C ALA A 122 43.97 -22.71 -28.30
N VAL A 123 42.75 -22.35 -28.72
CA VAL A 123 42.35 -22.57 -30.10
C VAL A 123 42.64 -21.35 -30.98
N GLY A 124 42.96 -20.21 -30.38
CA GLY A 124 43.32 -19.04 -31.15
C GLY A 124 42.11 -18.31 -31.71
N VAL A 125 41.24 -17.85 -30.82
CA VAL A 125 40.06 -17.11 -31.24
C VAL A 125 40.49 -15.73 -31.72
N LYS A 126 40.13 -15.39 -32.96
CA LYS A 126 40.43 -14.07 -33.49
C LYS A 126 39.34 -13.06 -33.23
N LEU A 127 38.10 -13.50 -33.06
CA LEU A 127 36.98 -12.59 -32.93
C LEU A 127 35.80 -13.33 -32.32
N ILE A 128 35.09 -12.65 -31.42
CA ILE A 128 33.82 -13.10 -30.88
C ILE A 128 32.71 -12.12 -31.29
N ILE A 129 31.62 -12.67 -31.81
CA ILE A 129 30.49 -11.91 -32.36
C ILE A 129 29.23 -12.35 -31.64
N ILE A 130 28.45 -11.39 -31.14
CA ILE A 130 27.20 -11.68 -30.45
C ILE A 130 26.05 -11.06 -31.24
N ASP A 131 25.04 -11.88 -31.52
CA ASP A 131 23.87 -11.46 -32.29
C ASP A 131 22.88 -10.63 -31.50
N GLU A 132 22.41 -11.11 -30.35
CA GLU A 132 21.15 -10.63 -29.80
C GLU A 132 21.39 -9.94 -28.47
N PHE A 133 21.61 -8.63 -28.51
CA PHE A 133 21.86 -7.85 -27.31
C PHE A 133 20.60 -7.33 -26.65
N GLN A 134 19.47 -7.35 -27.35
CA GLN A 134 18.23 -6.80 -26.81
C GLN A 134 17.56 -7.74 -25.82
N HIS A 135 18.13 -8.90 -25.57
CA HIS A 135 17.56 -9.86 -24.63
C HIS A 135 17.89 -9.56 -23.19
N LEU A 136 18.56 -8.45 -22.91
CA LEU A 136 18.96 -8.14 -21.55
C LEU A 136 18.06 -7.09 -20.91
N VAL A 137 17.02 -6.68 -21.59
CA VAL A 137 16.02 -5.78 -21.00
C VAL A 137 14.84 -6.63 -20.53
N GLU A 138 14.21 -6.19 -19.45
CA GLU A 138 13.04 -6.87 -18.91
C GLU A 138 11.86 -6.69 -19.86
N GLU A 139 10.95 -7.68 -19.87
CA GLU A 139 9.74 -7.58 -20.68
C GLU A 139 8.85 -6.42 -20.24
N ARG A 140 8.34 -6.49 -19.02
CA ARG A 140 7.22 -5.63 -18.60
C ARG A 140 7.68 -4.28 -18.12
N SER A 141 8.92 -4.17 -17.67
CA SER A 141 9.52 -2.89 -17.31
C SER A 141 10.80 -2.71 -18.10
N ASN A 142 11.31 -1.47 -18.08
CA ASN A 142 12.56 -1.20 -18.78
C ASN A 142 13.74 -1.14 -17.83
N ARG A 143 13.73 -1.93 -16.77
CA ARG A 143 14.98 -2.26 -16.12
C ARG A 143 15.80 -3.10 -17.08
N VAL A 144 17.11 -2.90 -17.04
CA VAL A 144 18.05 -3.69 -17.82
C VAL A 144 18.98 -4.36 -16.83
N LEU A 145 19.30 -5.62 -17.09
CA LEU A 145 20.24 -6.35 -16.25
C LEU A 145 21.61 -6.30 -16.91
N THR A 146 22.61 -5.88 -16.13
CA THR A 146 23.97 -5.85 -16.64
C THR A 146 24.90 -6.72 -15.79
N GLN A 147 24.42 -7.90 -15.37
CA GLN A 147 25.34 -8.93 -14.92
C GLN A 147 26.20 -9.39 -16.08
N VAL A 148 25.56 -9.68 -17.21
CA VAL A 148 26.25 -10.08 -18.42
C VAL A 148 27.12 -8.96 -18.97
N GLY A 149 26.76 -7.70 -18.75
CA GLY A 149 27.58 -6.62 -19.24
C GLY A 149 28.90 -6.49 -18.48
N ASN A 150 28.84 -6.57 -17.15
CA ASN A 150 30.07 -6.54 -16.38
C ASN A 150 30.87 -7.81 -16.56
N TRP A 151 30.19 -8.94 -16.80
CA TRP A 151 30.91 -10.17 -17.12
C TRP A 151 31.61 -10.06 -18.46
N LEU A 152 30.98 -9.41 -19.43
CA LEU A 152 31.61 -9.23 -20.73
C LEU A 152 32.76 -8.25 -20.65
N LYS A 153 32.66 -7.24 -19.78
CA LYS A 153 33.82 -6.37 -19.54
C LYS A 153 34.96 -7.17 -18.90
N MET A 154 34.61 -8.10 -18.00
CA MET A 154 35.61 -8.92 -17.33
C MET A 154 36.34 -9.82 -18.31
N ILE A 155 35.59 -10.46 -19.23
CA ILE A 155 36.26 -11.32 -20.19
C ILE A 155 36.95 -10.49 -21.26
N LEU A 156 36.55 -9.23 -21.43
CA LEU A 156 37.25 -8.35 -22.35
C LEU A 156 38.60 -7.93 -21.79
N ASN A 157 38.64 -7.57 -20.51
CA ASN A 157 39.88 -7.14 -19.88
C ASN A 157 40.77 -8.30 -19.48
N LYS A 158 40.21 -9.50 -19.35
CA LYS A 158 41.02 -10.66 -19.02
C LYS A 158 41.88 -11.09 -20.21
N THR A 159 41.23 -11.48 -21.30
CA THR A 159 41.90 -11.72 -22.58
C THR A 159 41.40 -10.71 -23.60
N LYS A 160 42.31 -10.24 -24.43
CA LYS A 160 42.09 -9.01 -25.21
C LYS A 160 41.53 -9.36 -26.59
N CYS A 161 40.46 -10.14 -26.58
CA CYS A 161 39.82 -10.55 -27.82
C CYS A 161 38.79 -9.53 -28.23
N PRO A 162 38.75 -9.12 -29.50
CA PRO A 162 37.75 -8.13 -29.93
C PRO A 162 36.36 -8.74 -29.98
N ILE A 163 35.37 -7.91 -29.64
CA ILE A 163 33.97 -8.32 -29.55
C ILE A 163 33.13 -7.41 -30.43
N VAL A 164 32.28 -8.02 -31.26
CA VAL A 164 31.38 -7.29 -32.14
C VAL A 164 29.97 -7.66 -31.75
N ILE A 165 29.23 -6.70 -31.20
CA ILE A 165 27.88 -6.92 -30.72
C ILE A 165 26.91 -6.40 -31.76
N PHE A 166 25.95 -7.24 -32.16
CA PHE A 166 24.81 -6.83 -32.96
C PHE A 166 23.63 -6.65 -32.02
N GLY A 167 22.56 -6.05 -32.51
CA GLY A 167 21.39 -5.90 -31.68
C GLY A 167 20.40 -4.91 -32.21
N MET A 168 19.28 -4.82 -31.51
CA MET A 168 18.18 -3.95 -31.86
C MET A 168 18.55 -2.50 -31.57
N PRO A 169 17.90 -1.53 -32.22
CA PRO A 169 18.22 -0.13 -31.94
C PRO A 169 17.77 0.34 -30.57
N TYR A 170 16.78 -0.29 -29.96
CA TYR A 170 16.43 0.06 -28.59
C TYR A 170 17.33 -0.61 -27.57
N SER A 171 18.26 -1.46 -28.00
CA SER A 171 19.13 -2.18 -27.10
C SER A 171 20.36 -1.37 -26.70
N LYS A 172 20.42 -0.09 -27.07
CA LYS A 172 21.61 0.68 -26.79
C LYS A 172 21.54 1.34 -25.42
N VAL A 173 20.35 1.43 -24.84
CA VAL A 173 20.22 1.96 -23.50
C VAL A 173 20.83 1.01 -22.47
N VAL A 174 20.88 -0.29 -22.80
CA VAL A 174 21.68 -1.25 -22.04
C VAL A 174 23.13 -0.80 -21.99
N LEU A 175 23.67 -0.35 -23.12
CA LEU A 175 25.03 0.17 -23.12
C LEU A 175 25.11 1.51 -22.42
N GLN A 176 23.97 2.20 -22.28
CA GLN A 176 23.91 3.40 -21.48
C GLN A 176 23.85 3.10 -19.99
N ALA A 177 23.68 1.84 -19.61
CA ALA A 177 23.65 1.49 -18.20
C ALA A 177 25.05 1.57 -17.61
N ASN A 178 25.97 0.78 -18.17
CA ASN A 178 27.36 0.76 -17.72
C ASN A 178 28.15 1.74 -18.55
N SER A 179 28.72 2.76 -17.91
CA SER A 179 29.49 3.76 -18.64
C SER A 179 30.83 3.21 -19.09
N GLN A 180 31.37 2.22 -18.38
CA GLN A 180 32.60 1.61 -18.84
C GLN A 180 32.37 0.73 -20.06
N LEU A 181 31.21 0.08 -20.12
CA LEU A 181 30.79 -0.58 -21.35
C LEU A 181 30.57 0.44 -22.46
N HIS A 182 30.05 1.62 -22.12
CA HIS A 182 29.79 2.64 -23.11
C HIS A 182 31.09 3.18 -23.70
N GLY A 183 32.10 3.40 -22.86
CA GLY A 183 33.38 3.86 -23.35
C GLY A 183 34.19 2.80 -24.03
N ARG A 184 34.03 1.54 -23.62
CA ARG A 184 34.80 0.47 -24.25
C ARG A 184 34.28 0.14 -25.64
N PHE A 185 33.01 0.46 -25.93
CA PHE A 185 32.44 0.23 -27.25
C PHE A 185 32.35 1.59 -27.93
N SER A 186 33.32 1.85 -28.81
CA SER A 186 33.53 3.14 -29.44
C SER A 186 32.78 3.27 -30.76
N ILE A 187 32.88 2.26 -31.62
CA ILE A 187 32.30 2.32 -32.96
C ILE A 187 30.89 1.72 -32.94
N GLN A 188 29.89 2.60 -32.92
CA GLN A 188 28.49 2.27 -33.18
C GLN A 188 28.05 2.80 -34.52
N VAL A 189 27.33 1.97 -35.27
CA VAL A 189 26.95 2.25 -36.65
C VAL A 189 25.44 2.26 -36.75
N GLU A 190 24.94 2.46 -37.96
CA GLU A 190 23.52 2.61 -38.24
C GLU A 190 23.14 1.82 -39.48
N LEU A 191 22.59 0.62 -39.28
CA LEU A 191 22.08 -0.20 -40.39
C LEU A 191 20.56 -0.02 -40.48
N ARG A 192 20.17 1.15 -40.94
CA ARG A 192 18.77 1.51 -41.10
C ARG A 192 18.25 0.99 -42.43
N PRO A 193 16.92 0.83 -42.59
CA PRO A 193 16.39 0.34 -43.87
C PRO A 193 16.51 1.33 -45.02
N PHE A 194 15.94 0.95 -46.16
CA PHE A 194 16.04 1.74 -47.37
C PHE A 194 15.25 3.03 -47.24
N SER A 195 15.84 4.13 -47.70
CA SER A 195 15.36 5.45 -47.30
C SER A 195 14.16 5.91 -48.12
N TYR A 196 14.33 6.04 -49.44
CA TYR A 196 13.30 6.68 -50.25
C TYR A 196 13.01 5.89 -51.51
N GLN A 197 12.01 6.37 -52.27
CA GLN A 197 11.64 5.75 -53.57
C GLN A 197 11.69 6.80 -54.70
N GLY A 198 12.05 8.06 -54.38
CA GLY A 198 12.06 9.14 -55.34
C GLY A 198 12.95 9.11 -56.57
N GLY A 199 13.98 8.27 -56.59
CA GLY A 199 14.85 8.15 -57.76
C GLY A 199 16.32 8.37 -57.40
N ARG A 200 17.16 7.65 -58.17
CA ARG A 200 18.63 7.61 -58.02
C ARG A 200 19.05 7.20 -56.62
N GLY A 201 18.37 6.19 -56.06
CA GLY A 201 18.74 5.63 -54.78
C GLY A 201 19.67 4.44 -54.90
N VAL A 202 20.23 4.07 -53.76
CA VAL A 202 20.88 2.79 -53.56
C VAL A 202 19.87 1.65 -53.74
N PHE A 203 18.59 1.92 -53.42
CA PHE A 203 17.48 1.00 -53.64
C PHE A 203 17.40 0.51 -55.08
N LYS A 204 17.64 1.41 -56.05
CA LYS A 204 17.66 1.11 -57.47
C LYS A 204 18.64 0.00 -57.82
N THR A 205 19.92 0.25 -57.53
CA THR A 205 21.00 -0.68 -57.84
C THR A 205 20.87 -1.98 -57.07
N PHE A 206 20.42 -1.91 -55.81
CA PHE A 206 20.07 -3.12 -55.07
C PHE A 206 19.01 -3.92 -55.80
N LEU A 207 18.01 -3.23 -56.34
CA LEU A 207 16.86 -3.89 -56.94
C LEU A 207 17.27 -4.59 -58.23
N GLU A 208 18.08 -3.94 -59.04
CA GLU A 208 18.46 -4.58 -60.30
C GLU A 208 19.59 -5.59 -60.14
N TYR A 209 20.43 -5.46 -59.09
CA TYR A 209 21.33 -6.55 -58.76
C TYR A 209 20.55 -7.78 -58.29
N LEU A 210 19.47 -7.58 -57.54
CA LEU A 210 18.58 -8.68 -57.22
C LEU A 210 17.90 -9.22 -58.47
N ASP A 211 17.66 -8.34 -59.45
CA ASP A 211 16.99 -8.75 -60.67
C ASP A 211 17.89 -9.65 -61.51
N LYS A 212 19.17 -9.30 -61.62
CA LYS A 212 20.08 -10.20 -62.33
C LYS A 212 20.40 -11.44 -61.48
N ALA A 213 20.24 -11.33 -60.15
CA ALA A 213 20.45 -12.50 -59.29
C ALA A 213 19.32 -13.51 -59.35
N LEU A 214 18.16 -13.14 -59.89
CA LEU A 214 17.01 -14.02 -59.90
C LEU A 214 17.20 -15.15 -60.90
N PRO A 215 16.55 -16.31 -60.68
CA PRO A 215 16.75 -17.46 -61.58
C PRO A 215 16.15 -17.33 -62.98
N PHE A 216 15.49 -16.23 -63.32
CA PHE A 216 14.88 -16.13 -64.64
C PHE A 216 15.87 -15.49 -65.62
N GLU A 217 16.07 -16.15 -66.76
CA GLU A 217 17.29 -16.00 -67.54
C GLU A 217 17.19 -14.92 -68.60
N LYS A 218 16.13 -14.13 -68.62
CA LYS A 218 16.09 -13.02 -69.55
C LYS A 218 16.04 -11.66 -68.86
N GLN A 219 15.10 -11.46 -67.94
CA GLN A 219 14.81 -10.19 -67.28
C GLN A 219 13.75 -10.52 -66.24
N ALA A 220 13.80 -9.82 -65.10
CA ALA A 220 12.77 -9.99 -64.10
C ALA A 220 11.67 -8.95 -64.20
N GLY A 221 11.83 -7.92 -65.03
CA GLY A 221 10.83 -6.89 -65.19
C GLY A 221 10.74 -5.89 -64.06
N LEU A 222 11.52 -6.07 -63.00
CA LEU A 222 11.44 -5.27 -61.80
C LEU A 222 12.35 -4.05 -61.95
N ALA A 223 12.41 -3.24 -60.89
CA ALA A 223 13.14 -1.95 -60.85
C ALA A 223 12.73 -1.02 -62.00
N ASN A 224 11.43 -0.87 -62.20
CA ASN A 224 10.89 -0.07 -63.29
C ASN A 224 10.24 1.18 -62.73
N GLU A 225 9.46 1.86 -63.58
CA GLU A 225 9.03 3.22 -63.28
C GLU A 225 7.93 3.11 -62.23
N SER A 226 7.06 2.10 -62.35
CA SER A 226 5.91 1.96 -61.46
C SER A 226 6.04 0.77 -60.51
N LEU A 227 6.96 -0.15 -60.75
CA LEU A 227 7.04 -1.34 -59.91
C LEU A 227 7.65 -1.05 -58.56
N GLN A 228 8.70 -0.23 -58.51
CA GLN A 228 9.27 0.13 -57.22
C GLN A 228 8.34 1.00 -56.39
N LYS A 229 7.39 1.67 -57.04
CA LYS A 229 6.35 2.40 -56.33
C LYS A 229 5.52 1.48 -55.45
N LYS A 230 4.95 0.42 -56.04
CA LYS A 230 4.18 -0.52 -55.24
C LYS A 230 5.06 -1.42 -54.38
N LEU A 231 6.32 -1.58 -54.73
CA LEU A 231 7.25 -2.32 -53.88
C LEU A 231 7.52 -1.57 -52.58
N TYR A 232 7.86 -0.28 -52.69
CA TYR A 232 8.03 0.55 -51.50
C TYR A 232 6.70 0.84 -50.81
N ALA A 233 5.60 0.70 -51.53
CA ALA A 233 4.30 0.75 -50.87
C ALA A 233 4.06 -0.49 -50.02
N PHE A 234 4.58 -1.64 -50.44
CA PHE A 234 4.37 -2.87 -49.68
C PHE A 234 5.29 -2.92 -48.46
N SER A 235 6.59 -2.95 -48.70
CA SER A 235 7.58 -2.96 -47.63
C SER A 235 7.99 -1.53 -47.37
N GLN A 236 8.12 -1.17 -46.09
CA GLN A 236 8.45 0.19 -45.72
C GLN A 236 9.85 0.56 -46.20
N GLY A 237 10.86 -0.08 -45.64
CA GLY A 237 12.18 -0.14 -46.22
C GLY A 237 12.63 -1.54 -45.92
N ASN A 238 11.65 -2.34 -45.52
CA ASN A 238 11.84 -3.56 -44.74
C ASN A 238 12.39 -4.65 -45.64
N MET A 239 13.66 -4.99 -45.42
CA MET A 239 14.38 -5.92 -46.29
C MET A 239 13.79 -7.32 -46.25
N ARG A 240 13.39 -7.78 -45.06
CA ARG A 240 12.87 -9.14 -44.90
C ARG A 240 11.56 -9.32 -45.63
N SER A 241 10.63 -8.39 -45.48
CA SER A 241 9.35 -8.51 -46.16
C SER A 241 9.44 -8.29 -47.66
N LEU A 242 10.32 -7.41 -48.11
CA LEU A 242 10.52 -7.21 -49.55
C LEU A 242 11.08 -8.47 -50.19
N ARG A 243 12.14 -9.02 -49.61
CA ARG A 243 12.73 -10.25 -50.10
C ARG A 243 11.76 -11.43 -49.96
N ASN A 244 10.94 -11.44 -48.92
CA ASN A 244 9.99 -12.53 -48.71
C ASN A 244 8.91 -12.52 -49.78
N LEU A 245 8.35 -11.34 -50.06
CA LEU A 245 7.33 -11.22 -51.11
C LEU A 245 7.91 -11.52 -52.49
N ILE A 246 9.15 -11.10 -52.73
CA ILE A 246 9.83 -11.37 -54.00
C ILE A 246 10.04 -12.87 -54.18
N TYR A 247 10.45 -13.57 -53.12
CA TYR A 247 10.64 -15.01 -53.18
C TYR A 247 9.31 -15.74 -53.35
N GLN A 248 8.26 -15.23 -52.71
CA GLN A 248 6.96 -15.87 -52.80
C GLN A 248 6.33 -15.65 -54.17
N ALA A 249 6.72 -14.59 -54.88
CA ALA A 249 6.33 -14.46 -56.28
C ALA A 249 7.16 -15.38 -57.17
N SER A 250 8.46 -15.52 -56.88
CA SER A 250 9.34 -16.30 -57.75
C SER A 250 8.98 -17.78 -57.71
N ILE A 251 8.60 -18.30 -56.54
CA ILE A 251 8.12 -19.67 -56.46
C ILE A 251 6.79 -19.85 -57.21
N GLU A 252 5.93 -18.83 -57.21
CA GLU A 252 4.65 -18.96 -57.88
C GLU A 252 4.84 -18.95 -59.39
N ALA A 253 5.82 -18.19 -59.86
CA ALA A 253 6.16 -18.20 -61.28
C ALA A 253 6.82 -19.52 -61.70
N ILE A 254 7.56 -20.17 -60.80
CA ILE A 254 8.21 -21.40 -61.25
C ILE A 254 7.34 -22.62 -60.94
N ASP A 255 6.20 -22.42 -60.26
CA ASP A 255 5.25 -23.52 -60.06
C ASP A 255 4.62 -23.97 -61.39
N ASN A 256 4.33 -23.02 -62.27
CA ASN A 256 3.73 -23.34 -63.57
C ASN A 256 4.56 -22.78 -64.70
N GLN A 257 3.98 -22.80 -65.91
CA GLN A 257 4.60 -22.10 -67.03
C GLN A 257 4.52 -20.59 -66.85
N HIS A 258 5.65 -19.96 -66.55
CA HIS A 258 5.76 -18.51 -66.49
C HIS A 258 7.19 -18.15 -66.87
N GLU A 259 7.34 -17.07 -67.65
CA GLU A 259 8.65 -16.69 -68.15
C GLU A 259 9.34 -15.64 -67.28
N THR A 260 8.57 -14.86 -66.54
CA THR A 260 9.09 -13.87 -65.60
C THR A 260 8.02 -13.64 -64.54
N ILE A 261 8.39 -12.96 -63.44
CA ILE A 261 7.41 -12.50 -62.47
C ILE A 261 6.52 -11.45 -63.15
N THR A 262 5.20 -11.64 -63.10
CA THR A 262 4.29 -10.81 -63.87
C THR A 262 3.06 -10.49 -63.02
N GLU A 263 2.01 -10.00 -63.67
CA GLU A 263 0.92 -9.27 -63.00
C GLU A 263 -0.28 -10.17 -62.71
N GLU A 264 0.01 -11.44 -62.40
CA GLU A 264 -1.08 -12.33 -62.02
C GLU A 264 -0.68 -13.14 -60.78
N ASP A 265 0.63 -13.24 -60.56
CA ASP A 265 1.18 -14.14 -59.55
C ASP A 265 1.89 -13.33 -58.46
N PHE A 266 2.34 -12.13 -58.81
CA PHE A 266 2.86 -11.17 -57.86
C PHE A 266 1.74 -10.68 -56.94
N VAL A 267 0.52 -10.59 -57.46
CA VAL A 267 -0.66 -10.29 -56.65
C VAL A 267 -0.94 -11.34 -55.58
N PHE A 268 -0.89 -12.64 -55.93
CA PHE A 268 -1.13 -13.69 -54.93
C PHE A 268 -0.02 -13.70 -53.88
N ALA A 269 1.19 -13.31 -54.27
CA ALA A 269 2.26 -13.07 -53.31
C ALA A 269 1.96 -11.90 -52.40
N SER A 270 1.24 -10.88 -52.89
CA SER A 270 0.81 -9.82 -51.98
C SER A 270 -0.32 -10.31 -51.07
N LYS A 271 -1.16 -11.20 -51.58
CA LYS A 271 -2.21 -11.85 -50.78
C LYS A 271 -1.66 -12.64 -49.61
N LEU A 272 -0.54 -13.35 -49.79
CA LEU A 272 -0.01 -14.17 -48.69
C LEU A 272 0.67 -13.34 -47.62
N THR A 273 1.69 -12.55 -47.98
CA THR A 273 2.59 -11.96 -46.99
C THR A 273 2.15 -10.57 -46.56
N SER A 274 0.84 -10.35 -46.50
CA SER A 274 0.29 -9.11 -45.99
C SER A 274 -0.12 -9.21 -44.53
N GLY A 275 0.24 -10.30 -43.86
CA GLY A 275 -0.22 -10.54 -42.50
C GLY A 275 0.48 -9.74 -41.44
N ASP A 276 1.81 -9.57 -41.56
CA ASP A 276 2.57 -8.90 -40.51
C ASP A 276 2.37 -7.39 -40.52
N LYS A 277 1.77 -6.85 -41.58
CA LYS A 277 1.67 -5.41 -41.72
C LYS A 277 0.60 -4.85 -40.80
N PRO A 278 0.71 -3.58 -40.41
CA PRO A 278 -0.32 -2.99 -39.54
C PRO A 278 -1.63 -2.77 -40.27
N ASN A 279 -2.63 -2.36 -39.49
CA ASN A 279 -3.97 -2.14 -40.04
C ASN A 279 -4.02 -0.89 -40.91
N SER A 280 -3.34 0.18 -40.49
CA SER A 280 -3.33 1.42 -41.24
C SER A 280 -2.41 1.37 -42.46
N TRP A 281 -1.53 0.38 -42.56
CA TRP A 281 -0.76 0.17 -43.77
C TRP A 281 -1.70 -0.22 -44.90
N LYS A 282 -1.48 0.33 -46.08
CA LYS A 282 -2.38 0.08 -47.19
C LYS A 282 -1.85 -0.97 -48.16
N ASN A 283 -2.73 -1.88 -48.53
CA ASN A 283 -2.67 -3.07 -49.38
C ASN A 283 -2.88 -2.63 -50.84
N PRO A 284 -1.81 -2.56 -51.65
CA PRO A 284 -1.90 -1.78 -52.90
C PRO A 284 -2.05 -2.51 -54.23
N PHE A 285 -2.25 -3.83 -54.29
CA PHE A 285 -1.98 -4.52 -55.54
C PHE A 285 -3.21 -5.02 -56.30
N GLU A 286 -4.35 -5.25 -55.64
CA GLU A 286 -5.35 -6.11 -56.24
C GLU A 286 -6.14 -5.42 -57.35
N GLU A 287 -6.93 -4.39 -57.03
CA GLU A 287 -7.91 -3.96 -58.01
C GLU A 287 -7.72 -2.51 -58.48
N GLY A 288 -7.53 -1.54 -57.59
CA GLY A 288 -7.49 -0.16 -58.04
C GLY A 288 -6.66 0.77 -57.19
N VAL A 289 -5.81 0.24 -56.33
CA VAL A 289 -5.18 1.07 -55.29
C VAL A 289 -3.97 1.76 -55.93
N GLU A 290 -4.19 3.01 -56.35
CA GLU A 290 -3.10 3.92 -56.66
C GLU A 290 -2.51 4.54 -55.38
N VAL A 291 -1.19 4.75 -55.39
CA VAL A 291 -0.42 5.01 -54.18
C VAL A 291 -0.09 6.49 -54.11
N THR A 292 -0.46 7.14 -53.02
CA THR A 292 -0.21 8.55 -52.83
C THR A 292 1.28 8.79 -52.58
N GLU A 293 1.71 10.05 -52.55
CA GLU A 293 3.14 10.34 -52.41
C GLU A 293 3.54 10.22 -50.94
N ASP A 294 2.61 10.48 -50.03
CA ASP A 294 2.93 10.42 -48.60
C ASP A 294 3.16 9.01 -48.11
N MET A 295 2.84 7.98 -48.92
CA MET A 295 2.95 6.63 -48.39
C MET A 295 4.30 6.02 -48.78
N LEU A 296 5.08 6.71 -49.60
CA LEU A 296 6.48 6.35 -49.84
C LEU A 296 7.43 7.15 -48.97
N ARG A 297 6.94 7.60 -47.82
CA ARG A 297 7.63 8.50 -46.92
C ARG A 297 8.74 7.72 -46.22
N PRO A 298 9.89 8.35 -45.94
CA PRO A 298 11.02 7.60 -45.41
C PRO A 298 10.76 7.08 -44.01
N PRO A 299 11.45 6.00 -43.58
CA PRO A 299 11.16 5.43 -42.28
C PRO A 299 11.65 6.33 -41.15
N PRO A 300 10.97 6.32 -40.01
CA PRO A 300 11.34 7.24 -38.93
C PRO A 300 12.59 6.77 -38.20
N LYS A 301 12.97 7.55 -37.18
CA LYS A 301 14.16 7.23 -36.40
C LYS A 301 13.87 6.12 -35.38
N ASP A 302 12.67 6.13 -34.80
CA ASP A 302 12.26 5.07 -33.87
C ASP A 302 11.60 3.94 -34.64
N ILE A 303 12.37 3.36 -35.56
CA ILE A 303 11.92 2.26 -36.41
C ILE A 303 12.36 0.93 -35.84
N GLY A 304 13.38 0.94 -35.00
CA GLY A 304 13.73 -0.23 -34.22
C GLY A 304 13.45 0.01 -32.75
N TRP A 305 12.44 0.81 -32.45
CA TRP A 305 12.17 1.21 -31.08
C TRP A 305 10.74 0.94 -30.64
N GLU A 306 9.91 0.33 -31.50
CA GLU A 306 8.53 0.08 -31.10
C GLU A 306 8.36 -1.16 -30.22
N ASP A 307 9.45 -1.75 -29.76
CA ASP A 307 9.36 -2.71 -28.67
C ASP A 307 9.44 -2.02 -27.32
N TYR A 308 9.46 -0.69 -27.28
CA TYR A 308 9.88 0.02 -26.10
C TYR A 308 8.93 1.13 -25.64
N LEU A 309 7.88 1.47 -26.40
CA LEU A 309 7.12 2.66 -25.99
C LEU A 309 6.17 2.33 -24.86
N ARG A 310 5.61 1.12 -24.87
CA ARG A 310 4.41 0.81 -24.10
C ARG A 310 4.67 0.78 -22.60
N HIS A 311 5.87 0.36 -22.19
CA HIS A 311 6.25 0.40 -20.79
C HIS A 311 7.29 1.48 -20.54
N THR B 1 51.74 -2.20 -43.87
CA THR B 1 51.18 -1.99 -42.54
C THR B 1 52.29 -1.87 -41.50
N ARG B 2 53.18 -2.86 -41.47
CA ARG B 2 54.32 -2.94 -40.55
C ARG B 2 53.85 -2.87 -39.09
N GLU B 3 53.22 -3.97 -38.68
CA GLU B 3 52.53 -4.15 -37.39
C GLU B 3 53.35 -3.75 -36.17
N ALA B 4 54.68 -3.73 -36.28
CA ALA B 4 55.51 -3.14 -35.23
C ALA B 4 55.15 -1.68 -35.00
N ARG B 5 54.93 -0.91 -36.08
CA ARG B 5 54.55 0.48 -35.91
C ARG B 5 53.14 0.61 -35.34
N ILE B 6 52.27 -0.36 -35.60
CA ILE B 6 50.90 -0.30 -35.08
C ILE B 6 50.90 -0.57 -33.58
N SER B 7 51.55 -1.64 -33.15
CA SER B 7 51.63 -1.96 -31.72
C SER B 7 52.45 -0.92 -30.97
N ARG B 8 53.50 -0.39 -31.59
CA ARG B 8 54.31 0.67 -31.02
C ARG B 8 53.58 2.02 -31.02
N ALA B 9 52.54 2.17 -31.85
CA ALA B 9 51.70 3.35 -31.76
C ALA B 9 50.60 3.19 -30.73
N LYS B 10 50.14 1.95 -30.50
CA LYS B 10 49.11 1.72 -29.49
C LYS B 10 49.71 1.74 -28.09
N ARG B 11 50.75 0.96 -27.85
CA ARG B 11 51.43 0.93 -26.56
C ARG B 11 52.35 2.15 -26.45
N ALA B 12 51.77 3.28 -26.07
CA ALA B 12 52.54 4.46 -25.72
C ALA B 12 52.01 5.02 -24.42
N PHE B 13 52.91 5.49 -23.57
CA PHE B 13 52.58 5.91 -22.21
C PHE B 13 53.19 7.27 -21.93
N VAL B 14 52.37 8.19 -21.44
CA VAL B 14 52.82 9.52 -21.03
C VAL B 14 52.58 9.63 -19.53
N SER B 15 53.63 9.98 -18.79
CA SER B 15 53.56 10.05 -17.33
C SER B 15 53.20 11.47 -16.93
N THR B 16 51.91 11.72 -16.77
CA THR B 16 51.45 12.95 -16.14
C THR B 16 51.81 12.90 -14.65
N PRO B 17 51.99 14.06 -13.99
CA PRO B 17 52.47 14.03 -12.60
C PRO B 17 51.56 13.35 -11.60
N SER B 18 50.26 13.23 -11.89
CA SER B 18 49.38 12.50 -10.99
C SER B 18 49.68 11.00 -11.01
N VAL B 19 50.09 10.47 -12.16
CA VAL B 19 50.44 9.05 -12.26
C VAL B 19 51.69 8.74 -11.47
N ARG B 20 52.74 9.53 -11.64
CA ARG B 20 53.97 9.32 -10.88
C ARG B 20 53.78 9.62 -9.40
N LYS B 21 52.86 10.54 -9.06
CA LYS B 21 52.45 10.71 -7.67
C LYS B 21 51.85 9.42 -7.11
N ILE B 22 50.99 8.77 -7.89
CA ILE B 22 50.40 7.49 -7.49
C ILE B 22 51.48 6.44 -7.28
N LEU B 23 52.34 6.22 -8.30
CA LEU B 23 53.31 5.13 -8.24
C LEU B 23 54.34 5.35 -7.14
N SER B 24 54.67 6.61 -6.86
CA SER B 24 55.47 6.93 -5.69
C SER B 24 54.76 6.55 -4.40
N TYR B 25 53.45 6.83 -4.33
CA TYR B 25 52.70 6.41 -3.14
C TYR B 25 52.60 4.90 -3.01
N MET B 26 52.55 4.16 -4.12
CA MET B 26 52.46 2.72 -3.92
C MET B 26 53.81 2.08 -3.59
N ASP B 27 54.93 2.64 -4.05
CA ASP B 27 56.20 2.15 -3.51
C ASP B 27 56.37 2.53 -2.04
N ARG B 28 55.90 3.73 -1.69
CA ARG B 28 55.80 4.17 -0.30
C ARG B 28 54.99 3.19 0.53
N CYS B 29 53.87 2.72 -0.01
CA CYS B 29 53.03 1.74 0.66
C CYS B 29 53.67 0.36 0.71
N ARG B 30 54.42 -0.01 -0.32
CA ARG B 30 55.07 -1.32 -0.39
C ARG B 30 56.18 -1.45 0.65
N ASP B 31 57.22 -0.64 0.55
CA ASP B 31 58.21 -0.72 1.62
C ASP B 31 58.05 0.37 2.67
N LEU B 32 56.82 0.77 2.98
CA LEU B 32 56.55 1.35 4.29
C LEU B 32 55.86 0.35 5.21
N SER B 33 54.97 -0.46 4.65
CA SER B 33 54.36 -1.55 5.40
C SER B 33 55.46 -2.56 5.68
N ASP B 34 55.69 -2.83 6.96
CA ASP B 34 56.83 -3.60 7.42
C ASP B 34 56.53 -5.09 7.55
N LEU B 35 55.26 -5.48 7.38
CA LEU B 35 54.72 -6.82 7.56
C LEU B 35 54.91 -7.35 8.98
N GLU B 36 55.13 -6.47 9.94
CA GLU B 36 55.07 -6.77 11.36
C GLU B 36 53.81 -6.22 11.99
N SER B 37 53.51 -4.95 11.73
CA SER B 37 52.45 -4.15 12.33
C SER B 37 51.47 -3.66 11.27
N GLU B 38 50.63 -2.71 11.68
CA GLU B 38 49.40 -2.37 10.95
C GLU B 38 49.75 -1.64 9.64
N PRO B 39 49.19 -2.07 8.50
CA PRO B 39 49.55 -1.44 7.22
C PRO B 39 48.90 -0.09 6.96
N THR B 40 49.09 0.45 5.76
CA THR B 40 48.72 1.82 5.44
C THR B 40 47.45 1.93 4.61
N CYS B 41 47.26 1.02 3.65
CA CYS B 41 45.98 0.75 2.96
C CYS B 41 45.45 1.95 2.19
N MET B 42 46.15 2.28 1.11
CA MET B 42 45.78 3.36 0.21
C MET B 42 44.52 3.01 -0.59
N MET B 43 43.78 4.04 -0.98
CA MET B 43 42.64 3.94 -1.88
C MET B 43 42.79 4.92 -3.04
N VAL B 44 42.55 4.45 -4.27
CA VAL B 44 42.73 5.26 -5.48
C VAL B 44 41.38 5.36 -6.18
N TYR B 45 41.01 6.57 -6.60
CA TYR B 45 39.79 6.73 -7.37
C TYR B 45 40.10 7.10 -8.82
N GLY B 46 39.04 7.37 -9.58
CA GLY B 46 39.16 7.77 -10.97
C GLY B 46 37.98 7.29 -11.78
N ALA B 47 37.55 8.12 -12.73
CA ALA B 47 36.35 7.84 -13.52
C ALA B 47 36.64 6.79 -14.59
N SER B 48 35.74 6.65 -15.54
CA SER B 48 35.90 5.66 -16.60
C SER B 48 36.93 6.16 -17.61
N GLY B 49 37.92 5.32 -17.89
CA GLY B 49 38.89 5.65 -18.92
C GLY B 49 39.87 6.72 -18.56
N VAL B 50 40.30 6.80 -17.30
CA VAL B 50 41.28 7.79 -16.88
C VAL B 50 42.67 7.19 -16.73
N GLY B 51 42.87 5.96 -17.17
CA GLY B 51 44.18 5.36 -17.19
C GLY B 51 44.55 4.52 -16.00
N LYS B 52 43.57 3.91 -15.31
CA LYS B 52 43.87 3.20 -14.08
C LYS B 52 44.61 1.89 -14.35
N THR B 53 44.07 1.07 -15.26
CA THR B 53 44.68 -0.23 -15.55
C THR B 53 46.07 -0.06 -16.13
N THR B 54 46.27 0.98 -16.93
CA THR B 54 47.60 1.29 -17.45
C THR B 54 48.56 1.63 -16.34
N VAL B 55 48.08 2.33 -15.31
CA VAL B 55 48.91 2.65 -14.15
C VAL B 55 49.34 1.39 -13.43
N ILE B 56 48.41 0.44 -13.21
CA ILE B 56 48.84 -0.71 -12.43
C ILE B 56 49.72 -1.63 -13.28
N LYS B 57 49.48 -1.71 -14.59
CA LYS B 57 50.38 -2.51 -15.43
C LYS B 57 51.78 -1.91 -15.53
N LYS B 58 51.89 -0.57 -15.60
CA LYS B 58 53.16 0.11 -15.36
C LYS B 58 53.77 -0.29 -14.03
N TYR B 59 52.95 -0.39 -13.00
CA TYR B 59 53.46 -0.71 -11.68
C TYR B 59 53.98 -2.14 -11.57
N LEU B 60 53.25 -3.12 -12.12
CA LEU B 60 53.74 -4.48 -12.03
C LEU B 60 54.91 -4.72 -12.97
N ASN B 61 55.01 -3.96 -14.07
CA ASN B 61 56.26 -3.93 -14.83
C ASN B 61 57.43 -3.49 -13.96
N GLN B 62 57.39 -2.24 -13.49
CA GLN B 62 58.51 -1.63 -12.79
C GLN B 62 58.75 -2.21 -11.40
N ALA B 63 57.84 -3.03 -10.90
CA ALA B 63 57.99 -3.62 -9.57
C ALA B 63 58.20 -5.13 -9.59
N ALA B 64 57.85 -5.82 -10.67
CA ALA B 64 57.82 -7.28 -10.61
C ALA B 64 58.35 -7.94 -11.87
N ALA B 65 58.93 -7.18 -12.82
CA ALA B 65 59.49 -7.80 -14.02
C ALA B 65 60.64 -8.75 -13.69
N ALA B 66 61.65 -8.26 -12.98
CA ALA B 66 62.80 -9.08 -12.63
C ALA B 66 62.47 -10.16 -11.61
N ALA B 67 61.55 -9.89 -10.68
CA ALA B 67 61.24 -10.89 -9.67
C ALA B 67 60.32 -11.98 -10.21
N ALA B 68 59.52 -11.67 -11.24
CA ALA B 68 58.78 -12.73 -11.92
C ALA B 68 59.65 -13.49 -12.91
N ALA B 69 60.68 -12.85 -13.47
CA ALA B 69 61.64 -13.58 -14.29
C ALA B 69 62.59 -14.43 -13.45
N GLY B 70 62.78 -14.11 -12.17
CA GLY B 70 63.69 -14.88 -11.34
C GLY B 70 63.09 -16.19 -10.88
N GLY B 71 61.91 -16.15 -10.29
CA GLY B 71 61.29 -17.37 -9.79
C GLY B 71 59.87 -17.11 -9.36
N ASP B 72 59.27 -18.13 -8.74
CA ASP B 72 57.88 -18.07 -8.30
C ASP B 72 57.94 -17.39 -6.93
N ILE B 73 57.88 -16.06 -6.95
CA ILE B 73 57.73 -15.27 -5.74
C ILE B 73 56.39 -14.54 -5.72
N ILE B 74 56.02 -13.92 -6.83
CA ILE B 74 54.85 -13.05 -7.04
C ILE B 74 54.64 -12.07 -5.88
N PRO B 75 55.48 -11.03 -5.78
CA PRO B 75 55.39 -10.09 -4.65
C PRO B 75 54.17 -9.19 -4.73
N VAL B 76 53.88 -8.64 -5.89
CA VAL B 76 52.69 -7.81 -6.08
C VAL B 76 51.65 -8.64 -6.84
N LEU B 77 50.38 -8.39 -6.54
CA LEU B 77 49.26 -9.12 -7.11
C LEU B 77 48.24 -8.17 -7.73
N HIS B 78 47.47 -8.68 -8.69
CA HIS B 78 46.50 -7.87 -9.41
C HIS B 78 45.16 -8.61 -9.49
N ILE B 79 44.12 -7.98 -8.96
CA ILE B 79 42.82 -8.58 -8.73
C ILE B 79 41.75 -7.62 -9.25
N GLU B 80 40.74 -8.17 -9.91
CA GLU B 80 39.49 -7.44 -10.17
C GLU B 80 38.41 -8.17 -9.39
N LEU B 81 37.52 -7.42 -8.77
CA LEU B 81 36.38 -8.07 -8.14
C LEU B 81 35.30 -8.33 -9.18
N PRO B 82 34.83 -9.58 -9.29
CA PRO B 82 33.69 -9.86 -10.17
C PRO B 82 32.42 -9.24 -9.62
N ASP B 83 31.42 -9.15 -10.49
CA ASP B 83 30.24 -8.34 -10.21
C ASP B 83 29.36 -9.02 -9.17
N ASN B 84 28.88 -8.22 -8.22
CA ASN B 84 28.09 -8.66 -7.07
C ASN B 84 28.82 -9.77 -6.31
N ALA B 85 30.02 -9.43 -5.87
CA ALA B 85 30.99 -10.41 -5.38
C ALA B 85 30.53 -11.01 -4.06
N LYS B 86 30.38 -12.32 -4.05
CA LYS B 86 30.23 -13.02 -2.79
C LYS B 86 31.61 -13.06 -2.14
N PRO B 87 31.68 -13.13 -0.81
CA PRO B 87 33.01 -13.17 -0.17
C PRO B 87 33.82 -14.39 -0.56
N VAL B 88 33.16 -15.55 -0.70
CA VAL B 88 33.84 -16.72 -1.19
C VAL B 88 34.17 -16.56 -2.67
N ASP B 89 33.34 -15.82 -3.42
CA ASP B 89 33.59 -15.61 -4.84
C ASP B 89 34.85 -14.77 -5.08
N ALA B 90 34.99 -13.65 -4.37
CA ALA B 90 36.20 -12.85 -4.50
C ALA B 90 37.42 -13.57 -3.92
N ALA B 91 37.23 -14.29 -2.81
CA ALA B 91 38.35 -14.96 -2.17
C ALA B 91 38.92 -16.08 -3.04
N ARG B 92 38.05 -16.83 -3.72
CA ARG B 92 38.56 -17.93 -4.52
C ARG B 92 39.28 -17.45 -5.77
N GLU B 93 38.85 -16.33 -6.37
CA GLU B 93 39.55 -15.85 -7.55
C GLU B 93 40.85 -15.18 -7.16
N LEU B 94 40.88 -14.52 -5.99
CA LEU B 94 42.13 -13.99 -5.47
C LEU B 94 43.08 -15.11 -5.11
N LEU B 95 42.56 -16.29 -4.78
CA LEU B 95 43.39 -17.44 -4.47
C LEU B 95 43.92 -18.15 -5.71
N VAL B 96 43.10 -18.35 -6.75
CA VAL B 96 43.61 -19.07 -7.93
C VAL B 96 44.56 -18.17 -8.70
N GLU B 97 44.44 -16.85 -8.53
CA GLU B 97 45.38 -15.91 -9.14
C GLU B 97 46.81 -16.15 -8.66
N MET B 98 47.03 -16.04 -7.37
CA MET B 98 48.37 -16.22 -6.84
C MET B 98 48.73 -17.68 -6.70
N GLY B 99 50.04 -17.96 -6.74
CA GLY B 99 50.57 -19.31 -6.65
C GLY B 99 50.17 -20.14 -7.86
N ASP B 100 50.26 -21.46 -7.68
CA ASP B 100 49.79 -22.43 -8.68
C ASP B 100 48.79 -23.40 -8.06
N PRO B 101 47.64 -22.91 -7.53
CA PRO B 101 46.75 -23.83 -6.80
C PRO B 101 45.60 -24.40 -7.62
N LEU B 102 44.89 -25.36 -7.05
CA LEU B 102 43.69 -25.90 -7.69
C LEU B 102 42.48 -25.09 -7.21
N ALA B 103 42.27 -25.05 -5.89
CA ALA B 103 41.80 -23.87 -5.15
C ALA B 103 40.35 -23.42 -5.28
N LEU B 104 39.55 -24.01 -6.15
CA LEU B 104 38.22 -23.46 -6.32
C LEU B 104 37.13 -24.50 -6.50
N TYR B 105 37.45 -25.79 -6.36
CA TYR B 105 36.43 -26.82 -6.45
C TYR B 105 35.73 -26.99 -5.11
N GLU B 106 36.40 -26.58 -4.05
CA GLU B 106 35.76 -26.34 -2.76
C GLU B 106 35.49 -24.85 -2.58
N THR B 107 34.28 -24.54 -2.12
CA THR B 107 33.79 -23.19 -1.86
C THR B 107 33.24 -23.25 -0.45
N ASP B 108 34.13 -23.08 0.53
CA ASP B 108 33.73 -23.23 1.92
C ASP B 108 33.99 -21.99 2.76
N LEU B 109 34.87 -21.09 2.32
CA LEU B 109 35.05 -19.71 2.77
C LEU B 109 35.69 -19.61 4.16
N ALA B 110 35.87 -20.73 4.85
CA ALA B 110 36.72 -20.78 6.03
C ALA B 110 38.04 -21.48 5.77
N ARG B 111 38.00 -22.60 5.05
CA ARG B 111 39.22 -23.35 4.76
C ARG B 111 40.00 -22.75 3.60
N LEU B 112 39.35 -22.03 2.70
CA LEU B 112 40.14 -21.35 1.69
C LEU B 112 40.77 -20.08 2.26
N THR B 113 40.14 -19.50 3.28
CA THR B 113 40.81 -18.44 4.03
C THR B 113 42.02 -18.98 4.76
N LYS B 114 41.92 -20.20 5.32
CA LYS B 114 43.05 -20.91 5.89
C LYS B 114 44.17 -21.08 4.87
N ARG B 115 43.85 -21.58 3.68
CA ARG B 115 44.88 -21.74 2.67
C ARG B 115 45.47 -20.41 2.20
N LEU B 116 44.65 -19.37 2.11
CA LEU B 116 45.19 -18.11 1.62
C LEU B 116 46.03 -17.42 2.67
N THR B 117 45.68 -17.57 3.96
CA THR B 117 46.51 -16.96 4.99
C THR B 117 47.74 -17.78 5.30
N GLU B 118 47.81 -19.05 4.87
CA GLU B 118 49.12 -19.70 5.02
C GLU B 118 49.97 -19.46 3.78
N LEU B 119 49.34 -19.16 2.64
CA LEU B 119 50.11 -18.94 1.43
C LEU B 119 50.61 -17.52 1.28
N ILE B 120 49.91 -16.53 1.83
CA ILE B 120 50.35 -15.14 1.75
C ILE B 120 51.67 -14.85 2.48
N PRO B 121 52.13 -15.60 3.50
CA PRO B 121 53.55 -15.52 3.84
C PRO B 121 54.43 -16.54 3.14
N ALA B 122 53.85 -17.58 2.53
CA ALA B 122 54.66 -18.65 1.96
C ALA B 122 55.37 -18.20 0.69
N VAL B 123 54.66 -17.48 -0.18
CA VAL B 123 55.30 -16.94 -1.38
C VAL B 123 55.84 -15.54 -1.16
N GLY B 124 55.49 -14.88 -0.06
CA GLY B 124 56.03 -13.57 0.24
C GLY B 124 55.36 -12.47 -0.55
N VAL B 125 54.05 -12.32 -0.37
CA VAL B 125 53.30 -11.27 -1.03
C VAL B 125 53.66 -9.93 -0.41
N LYS B 126 54.14 -9.00 -1.24
CA LYS B 126 54.46 -7.66 -0.76
C LYS B 126 53.28 -6.71 -0.84
N LEU B 127 52.34 -6.95 -1.74
CA LEU B 127 51.25 -6.01 -1.98
C LEU B 127 50.12 -6.71 -2.71
N ILE B 128 48.90 -6.42 -2.30
CA ILE B 128 47.69 -6.82 -3.00
C ILE B 128 46.94 -5.59 -3.50
N ILE B 129 46.56 -5.63 -4.79
CA ILE B 129 45.96 -4.50 -5.50
C ILE B 129 44.63 -4.99 -6.08
N ILE B 130 43.55 -4.25 -5.84
CA ILE B 130 42.23 -4.58 -6.35
C ILE B 130 41.78 -3.49 -7.31
N ASP B 131 41.36 -3.87 -8.51
CA ASP B 131 40.91 -2.95 -9.53
C ASP B 131 39.51 -2.41 -9.31
N GLU B 132 38.51 -3.28 -9.14
CA GLU B 132 37.14 -2.88 -9.39
C GLU B 132 36.32 -2.95 -8.10
N PHE B 133 36.27 -1.83 -7.38
CA PHE B 133 35.53 -1.76 -6.14
C PHE B 133 34.07 -1.38 -6.31
N GLN B 134 33.69 -0.88 -7.48
CA GLN B 134 32.32 -0.43 -7.69
C GLN B 134 31.36 -1.57 -7.96
N HIS B 135 31.84 -2.81 -7.97
CA HIS B 135 31.01 -3.97 -8.21
C HIS B 135 30.26 -4.43 -6.98
N LEU B 136 30.36 -3.72 -5.87
CA LEU B 136 29.73 -4.15 -4.64
C LEU B 136 28.45 -3.39 -4.35
N VAL B 137 28.03 -2.52 -5.24
CA VAL B 137 26.75 -1.84 -5.12
C VAL B 137 25.73 -2.57 -5.99
N GLU B 138 24.49 -2.58 -5.53
CA GLU B 138 23.40 -3.21 -6.27
C GLU B 138 23.11 -2.39 -7.53
N GLU B 139 22.62 -3.08 -8.58
CA GLU B 139 22.22 -2.40 -9.81
C GLU B 139 21.06 -1.44 -9.59
N ARG B 140 19.90 -1.97 -9.21
CA ARG B 140 18.66 -1.22 -9.28
C ARG B 140 18.42 -0.35 -8.06
N SER B 141 19.03 -0.69 -6.93
CA SER B 141 19.00 0.14 -5.74
C SER B 141 20.42 0.44 -5.30
N ASN B 142 20.57 1.40 -4.41
CA ASN B 142 21.88 1.75 -3.89
C ASN B 142 22.14 1.14 -2.53
N ARG B 143 21.59 -0.04 -2.25
CA ARG B 143 22.17 -0.85 -1.19
C ARG B 143 23.55 -1.29 -1.64
N VAL B 144 24.46 -1.37 -0.68
CA VAL B 144 25.80 -1.86 -0.91
C VAL B 144 25.98 -3.07 -0.01
N LEU B 145 26.63 -4.10 -0.54
CA LEU B 145 26.92 -5.30 0.23
C LEU B 145 28.35 -5.20 0.75
N THR B 146 28.51 -5.36 2.06
CA THR B 146 29.84 -5.36 2.64
C THR B 146 30.15 -6.68 3.35
N GLN B 147 29.75 -7.80 2.76
CA GLN B 147 30.33 -9.07 3.16
C GLN B 147 31.80 -9.10 2.79
N VAL B 148 32.11 -8.70 1.55
CA VAL B 148 33.49 -8.62 1.08
C VAL B 148 34.27 -7.55 1.82
N GLY B 149 33.62 -6.49 2.31
CA GLY B 149 34.34 -5.48 3.05
C GLY B 149 34.80 -5.95 4.41
N ASN B 150 33.92 -6.63 5.15
CA ASN B 150 34.32 -7.18 6.43
C ASN B 150 35.27 -8.35 6.24
N TRP B 151 35.14 -9.09 5.14
CA TRP B 151 36.11 -10.14 4.85
C TRP B 151 37.48 -9.56 4.53
N LEU B 152 37.51 -8.43 3.82
CA LEU B 152 38.78 -7.78 3.52
C LEU B 152 39.40 -7.18 4.77
N LYS B 153 38.58 -6.69 5.71
CA LYS B 153 39.11 -6.26 7.01
C LYS B 153 39.69 -7.45 7.76
N MET B 154 39.04 -8.61 7.64
CA MET B 154 39.50 -9.81 8.33
C MET B 154 40.84 -10.28 7.78
N ILE B 155 41.00 -10.27 6.46
CA ILE B 155 42.28 -10.68 5.89
C ILE B 155 43.32 -9.60 6.08
N LEU B 156 42.89 -8.35 6.30
CA LEU B 156 43.84 -7.29 6.60
C LEU B 156 44.40 -7.44 8.01
N ASN B 157 43.54 -7.72 8.97
CA ASN B 157 43.96 -7.86 10.35
C ASN B 157 44.59 -9.21 10.64
N LYS B 158 44.32 -10.21 9.81
CA LYS B 158 44.92 -11.53 10.00
C LYS B 158 46.40 -11.50 9.63
N THR B 159 46.71 -11.21 8.37
CA THR B 159 48.07 -10.95 7.90
C THR B 159 48.17 -9.52 7.42
N LYS B 160 49.28 -8.87 7.74
CA LYS B 160 49.39 -7.42 7.69
C LYS B 160 49.92 -6.97 6.33
N CYS B 161 49.28 -7.46 5.28
CA CYS B 161 49.69 -7.13 3.92
C CYS B 161 48.99 -5.86 3.46
N PRO B 162 49.70 -4.91 2.86
CA PRO B 162 49.05 -3.68 2.41
C PRO B 162 48.16 -3.92 1.20
N ILE B 163 47.07 -3.19 1.15
CA ILE B 163 46.04 -3.33 0.12
C ILE B 163 45.81 -1.98 -0.55
N VAL B 164 45.83 -1.97 -1.88
CA VAL B 164 45.59 -0.76 -2.67
C VAL B 164 44.35 -1.01 -3.51
N ILE B 165 43.29 -0.29 -3.21
CA ILE B 165 42.02 -0.47 -3.90
C ILE B 165 41.87 0.65 -4.92
N PHE B 166 41.57 0.28 -6.16
CA PHE B 166 41.16 1.21 -7.19
C PHE B 166 39.65 1.14 -7.30
N GLY B 167 39.05 2.09 -8.02
CA GLY B 167 37.62 2.03 -8.19
C GLY B 167 37.05 3.34 -8.71
N MET B 168 35.76 3.29 -8.97
CA MET B 168 34.99 4.41 -9.49
C MET B 168 34.81 5.45 -8.40
N PRO B 169 34.56 6.71 -8.77
CA PRO B 169 34.35 7.74 -7.75
C PRO B 169 33.05 7.60 -6.98
N TYR B 170 32.04 6.95 -7.55
CA TYR B 170 30.84 6.68 -6.78
C TYR B 170 30.97 5.46 -5.89
N SER B 171 32.09 4.76 -5.94
CA SER B 171 32.29 3.55 -5.15
C SER B 171 32.80 3.85 -3.74
N LYS B 172 32.84 5.12 -3.35
CA LYS B 172 33.40 5.45 -2.04
C LYS B 172 32.34 5.38 -0.95
N VAL B 173 31.06 5.42 -1.34
CA VAL B 173 29.99 5.27 -0.36
C VAL B 173 29.97 3.87 0.22
N VAL B 174 30.47 2.89 -0.54
CA VAL B 174 30.76 1.56 -0.01
C VAL B 174 31.71 1.65 1.17
N LEU B 175 32.75 2.47 1.04
CA LEU B 175 33.67 2.68 2.16
C LEU B 175 33.01 3.50 3.26
N GLN B 176 31.96 4.24 2.92
CA GLN B 176 31.17 4.92 3.93
C GLN B 176 30.21 3.98 4.65
N ALA B 177 30.09 2.74 4.19
CA ALA B 177 29.23 1.78 4.87
C ALA B 177 29.87 1.32 6.17
N ASN B 178 31.05 0.73 6.06
CA ASN B 178 31.80 0.25 7.22
C ASN B 178 32.74 1.36 7.68
N SER B 179 32.54 1.84 8.91
CA SER B 179 33.40 2.90 9.42
C SER B 179 34.79 2.39 9.76
N GLN B 180 34.92 1.10 10.09
CA GLN B 180 36.25 0.56 10.32
C GLN B 180 37.03 0.40 9.03
N LEU B 181 36.32 0.08 7.93
CA LEU B 181 36.93 0.16 6.62
C LEU B 181 37.30 1.59 6.26
N HIS B 182 36.47 2.54 6.69
CA HIS B 182 36.72 3.95 6.38
C HIS B 182 37.95 4.45 7.10
N GLY B 183 38.13 4.06 8.37
CA GLY B 183 39.29 4.47 9.11
C GLY B 183 40.55 3.70 8.74
N ARG B 184 40.40 2.45 8.29
CA ARG B 184 41.58 1.68 7.93
C ARG B 184 42.14 2.14 6.59
N PHE B 185 41.33 2.78 5.75
CA PHE B 185 41.79 3.30 4.47
C PHE B 185 41.92 4.80 4.62
N SER B 186 43.16 5.26 4.82
CA SER B 186 43.47 6.63 5.18
C SER B 186 43.75 7.50 3.95
N ILE B 187 44.56 7.00 3.02
CA ILE B 187 44.98 7.77 1.86
C ILE B 187 44.04 7.51 0.68
N GLN B 188 43.12 8.45 0.46
CA GLN B 188 42.31 8.52 -0.75
C GLN B 188 42.75 9.69 -1.62
N VAL B 189 42.86 9.45 -2.91
CA VAL B 189 43.40 10.41 -3.86
C VAL B 189 42.34 10.73 -4.91
N GLU B 190 42.73 11.57 -5.87
CA GLU B 190 41.82 12.09 -6.89
C GLU B 190 42.49 12.04 -8.26
N LEU B 191 42.17 11.01 -9.04
CA LEU B 191 42.66 10.91 -10.42
C LEU B 191 41.56 11.38 -11.37
N ARG B 192 41.35 12.67 -11.37
CA ARG B 192 40.35 13.31 -12.21
C ARG B 192 40.92 13.58 -13.59
N PRO B 193 40.06 13.76 -14.62
CA PRO B 193 40.58 14.02 -15.97
C PRO B 193 41.22 15.38 -16.14
N PHE B 194 41.61 15.69 -17.37
CA PHE B 194 42.32 16.92 -17.68
C PHE B 194 41.41 18.13 -17.52
N SER B 195 41.93 19.18 -16.91
CA SER B 195 41.06 20.23 -16.37
C SER B 195 40.63 21.23 -17.43
N TYR B 196 41.57 21.92 -18.06
CA TYR B 196 41.21 23.04 -18.91
C TYR B 196 41.95 22.99 -20.25
N GLN B 197 41.62 23.94 -21.13
CA GLN B 197 42.30 24.08 -22.45
C GLN B 197 42.88 25.50 -22.61
N GLY B 198 42.68 26.37 -21.61
CA GLY B 198 43.11 27.75 -21.69
C GLY B 198 44.56 28.13 -21.88
N GLY B 199 45.50 27.23 -21.62
CA GLY B 199 46.91 27.50 -21.81
C GLY B 199 47.73 27.27 -20.54
N ARG B 200 48.98 26.85 -20.80
CA ARG B 200 49.99 26.48 -19.78
C ARG B 200 49.48 25.39 -18.85
N GLY B 201 48.80 24.39 -19.41
CA GLY B 201 48.36 23.24 -18.65
C GLY B 201 49.35 22.10 -18.67
N VAL B 202 49.09 21.14 -17.78
CA VAL B 202 49.69 19.82 -17.83
C VAL B 202 49.29 19.10 -19.12
N PHE B 203 48.08 19.42 -19.63
CA PHE B 203 47.57 18.93 -20.90
C PHE B 203 48.52 19.18 -22.06
N LYS B 204 49.15 20.36 -22.08
CA LYS B 204 50.15 20.76 -23.08
C LYS B 204 51.31 19.79 -23.16
N THR B 205 52.02 19.63 -22.04
CA THR B 205 53.20 18.77 -21.95
C THR B 205 52.85 17.31 -22.17
N PHE B 206 51.69 16.87 -21.67
CA PHE B 206 51.18 15.55 -21.99
C PHE B 206 51.03 15.38 -23.50
N LEU B 207 50.50 16.41 -24.16
CA LEU B 207 50.16 16.33 -25.56
C LEU B 207 51.42 16.24 -26.41
N GLU B 208 52.43 17.04 -26.07
CA GLU B 208 53.64 17.00 -26.89
C GLU B 208 54.56 15.85 -26.52
N TYR B 209 54.48 15.31 -25.29
CA TYR B 209 55.14 14.05 -25.02
C TYR B 209 54.51 12.91 -25.80
N LEU B 210 53.17 12.93 -25.94
CA LEU B 210 52.52 11.99 -26.83
C LEU B 210 52.92 12.23 -28.28
N ASP B 211 53.21 13.49 -28.62
CA ASP B 211 53.58 13.82 -29.99
C ASP B 211 54.95 13.28 -30.34
N LYS B 212 55.91 13.38 -29.41
CA LYS B 212 57.20 12.77 -29.67
C LYS B 212 57.13 11.25 -29.51
N ALA B 213 56.15 10.74 -28.76
CA ALA B 213 55.96 9.30 -28.64
C ALA B 213 55.35 8.66 -29.88
N LEU B 214 54.77 9.44 -30.78
CA LEU B 214 54.08 8.89 -31.94
C LEU B 214 55.10 8.33 -32.94
N PRO B 215 54.70 7.35 -33.77
CA PRO B 215 55.63 6.74 -34.72
C PRO B 215 56.06 7.60 -35.89
N PHE B 216 55.58 8.84 -36.02
CA PHE B 216 55.96 9.65 -37.16
C PHE B 216 57.20 10.47 -36.82
N GLU B 217 58.21 10.40 -37.70
CA GLU B 217 59.59 10.67 -37.32
C GLU B 217 60.00 12.12 -37.52
N LYS B 218 59.07 13.00 -37.87
CA LYS B 218 59.43 14.41 -37.93
C LYS B 218 58.70 15.27 -36.92
N GLN B 219 57.37 15.19 -36.87
CA GLN B 219 56.49 16.03 -36.08
C GLN B 219 55.10 15.47 -36.29
N ALA B 220 54.27 15.53 -35.25
CA ALA B 220 52.89 15.10 -35.37
C ALA B 220 51.94 16.25 -35.67
N GLY B 221 52.40 17.50 -35.59
CA GLY B 221 51.56 18.65 -35.86
C GLY B 221 50.59 19.01 -34.76
N LEU B 222 50.51 18.22 -33.70
CA LEU B 222 49.53 18.38 -32.65
C LEU B 222 50.08 19.33 -31.60
N ALA B 223 49.28 19.54 -30.54
CA ALA B 223 49.55 20.50 -29.46
C ALA B 223 49.81 21.91 -29.99
N ASN B 224 48.94 22.37 -30.88
CA ASN B 224 49.10 23.66 -31.52
C ASN B 224 48.02 24.61 -31.02
N GLU B 225 47.86 25.74 -31.73
CA GLU B 225 47.10 26.86 -31.21
C GLU B 225 45.62 26.47 -31.32
N SER B 226 45.24 25.81 -32.43
CA SER B 226 43.85 25.48 -32.69
C SER B 226 43.55 23.99 -32.58
N LEU B 227 44.57 23.14 -32.55
CA LEU B 227 44.31 21.71 -32.55
C LEU B 227 43.84 21.22 -31.20
N GLN B 228 44.43 21.71 -30.11
CA GLN B 228 43.96 21.32 -28.78
C GLN B 228 42.57 21.86 -28.49
N LYS B 229 42.15 22.92 -29.19
CA LYS B 229 40.78 23.41 -29.09
C LYS B 229 39.78 22.35 -29.52
N LYS B 230 39.94 21.81 -30.72
CA LYS B 230 39.03 20.77 -31.17
C LYS B 230 39.29 19.43 -30.50
N LEU B 231 40.49 19.22 -29.97
CA LEU B 231 40.77 18.02 -29.19
C LEU B 231 39.98 18.02 -27.88
N TYR B 232 40.06 19.12 -27.13
CA TYR B 232 39.27 19.26 -25.91
C TYR B 232 37.79 19.43 -26.21
N ALA B 233 37.46 19.83 -27.44
CA ALA B 233 36.06 19.81 -27.85
C ALA B 233 35.57 18.39 -28.06
N PHE B 234 36.45 17.49 -28.51
CA PHE B 234 36.02 16.12 -28.75
C PHE B 234 35.94 15.33 -27.44
N SER B 235 37.06 15.18 -26.76
CA SER B 235 37.11 14.50 -25.48
C SER B 235 36.98 15.55 -24.38
N GLN B 236 36.17 15.24 -23.37
CA GLN B 236 35.93 16.19 -22.29
C GLN B 236 37.20 16.48 -21.51
N GLY B 237 37.71 15.48 -20.81
CA GLY B 237 39.08 15.46 -20.34
C GLY B 237 39.49 14.01 -20.51
N ASN B 238 38.64 13.32 -21.28
CA ASN B 238 38.51 11.88 -21.23
C ASN B 238 39.71 11.23 -21.92
N MET B 239 40.58 10.61 -21.13
CA MET B 239 41.84 10.08 -21.62
C MET B 239 41.64 8.95 -22.63
N ARG B 240 40.67 8.08 -22.38
CA ARG B 240 40.44 6.92 -23.23
C ARG B 240 39.98 7.34 -24.62
N SER B 241 39.01 8.25 -24.69
CA SER B 241 38.51 8.68 -25.99
C SER B 241 39.51 9.55 -26.75
N LEU B 242 40.29 10.37 -26.05
CA LEU B 242 41.33 11.17 -26.69
C LEU B 242 42.39 10.28 -27.31
N ARG B 243 42.91 9.34 -26.52
CA ARG B 243 43.89 8.39 -27.02
C ARG B 243 43.32 7.48 -28.09
N ASN B 244 42.04 7.13 -27.99
CA ASN B 244 41.40 6.27 -28.98
C ASN B 244 41.28 6.97 -30.33
N LEU B 245 40.83 8.22 -30.32
CA LEU B 245 40.73 9.00 -31.56
C LEU B 245 42.10 9.27 -32.16
N ILE B 246 43.10 9.53 -31.30
CA ILE B 246 44.47 9.76 -31.77
C ILE B 246 45.02 8.50 -32.44
N TYR B 247 44.78 7.33 -31.84
CA TYR B 247 45.24 6.07 -32.43
C TYR B 247 44.49 5.76 -33.72
N GLN B 248 43.20 6.09 -33.77
CA GLN B 248 42.41 5.82 -34.97
C GLN B 248 42.79 6.76 -36.11
N ALA B 249 43.34 7.93 -35.78
CA ALA B 249 43.92 8.77 -36.82
C ALA B 249 45.29 8.24 -37.27
N SER B 250 46.09 7.75 -36.32
CA SER B 250 47.45 7.30 -36.63
C SER B 250 47.44 6.06 -37.53
N ILE B 251 46.50 5.15 -37.30
CA ILE B 251 46.36 4.01 -38.20
C ILE B 251 45.89 4.45 -39.58
N GLU B 252 45.06 5.48 -39.67
CA GLU B 252 44.57 5.91 -40.98
C GLU B 252 45.68 6.58 -41.76
N ALA B 253 46.57 7.28 -41.06
CA ALA B 253 47.72 7.87 -41.72
C ALA B 253 48.73 6.81 -42.15
N ILE B 254 48.83 5.70 -41.43
CA ILE B 254 49.84 4.71 -41.85
C ILE B 254 49.22 3.67 -42.78
N ASP B 255 47.91 3.74 -43.01
CA ASP B 255 47.28 2.87 -44.02
C ASP B 255 47.75 3.21 -45.43
N ASN B 256 47.93 4.49 -45.72
CA ASN B 256 48.38 4.92 -47.04
C ASN B 256 49.62 5.79 -46.93
N GLN B 257 49.97 6.44 -48.05
CA GLN B 257 51.02 7.45 -48.02
C GLN B 257 50.56 8.70 -47.27
N HIS B 258 51.07 8.89 -46.06
CA HIS B 258 50.85 10.10 -45.29
C HIS B 258 52.08 10.33 -44.43
N GLU B 259 52.49 11.60 -44.31
CA GLU B 259 53.72 11.92 -43.59
C GLU B 259 53.46 12.31 -42.13
N THR B 260 52.26 12.78 -41.81
CA THR B 260 51.87 13.10 -40.44
C THR B 260 50.34 13.01 -40.39
N ILE B 261 49.78 13.02 -39.17
CA ILE B 261 48.34 13.14 -39.01
C ILE B 261 47.93 14.52 -39.51
N THR B 262 46.95 14.57 -40.42
CA THR B 262 46.61 15.83 -41.10
C THR B 262 45.10 15.93 -41.23
N GLU B 263 44.64 16.86 -42.07
CA GLU B 263 43.27 17.37 -42.03
C GLU B 263 42.35 16.67 -43.04
N GLU B 264 42.62 15.38 -43.26
CA GLU B 264 41.73 14.62 -44.14
C GLU B 264 41.38 13.27 -43.51
N ASP B 265 42.23 12.84 -42.56
CA ASP B 265 42.16 11.50 -42.01
C ASP B 265 41.83 11.57 -40.52
N PHE B 266 42.16 12.70 -39.88
CA PHE B 266 41.74 12.98 -38.52
C PHE B 266 40.24 13.18 -38.46
N VAL B 267 39.65 13.73 -39.53
CA VAL B 267 38.20 13.83 -39.66
C VAL B 267 37.50 12.47 -39.68
N PHE B 268 38.00 11.50 -40.45
CA PHE B 268 37.39 10.17 -40.49
C PHE B 268 37.53 9.47 -39.13
N ALA B 269 38.61 9.76 -38.41
CA ALA B 269 38.73 9.33 -37.02
C ALA B 269 37.70 9.99 -36.12
N SER B 270 37.30 11.23 -36.41
CA SER B 270 36.18 11.81 -35.65
C SER B 270 34.86 11.16 -36.05
N LYS B 271 34.73 10.76 -37.32
CA LYS B 271 33.56 10.04 -37.81
C LYS B 271 33.37 8.70 -37.11
N LEU B 272 34.44 7.97 -36.82
CA LEU B 272 34.28 6.65 -36.19
C LEU B 272 33.95 6.75 -34.70
N THR B 273 34.79 7.42 -33.91
CA THR B 273 34.71 7.31 -32.45
C THR B 273 33.83 8.39 -31.83
N SER B 274 32.78 8.79 -32.54
CA SER B 274 31.81 9.74 -32.02
C SER B 274 30.58 9.04 -31.45
N GLY B 275 30.62 7.72 -31.30
CA GLY B 275 29.46 6.96 -30.89
C GLY B 275 29.14 7.04 -29.41
N ASP B 276 30.17 7.00 -28.56
CA ASP B 276 29.92 6.96 -27.12
C ASP B 276 29.50 8.31 -26.56
N LYS B 277 29.64 9.37 -27.34
CA LYS B 277 29.40 10.71 -26.82
C LYS B 277 27.89 10.96 -26.70
N PRO B 278 27.48 11.85 -25.80
CA PRO B 278 26.04 12.15 -25.66
C PRO B 278 25.50 12.92 -26.86
N ASN B 279 24.19 13.10 -26.84
CA ASN B 279 23.51 13.79 -27.94
C ASN B 279 23.79 15.29 -27.92
N SER B 280 23.83 15.89 -26.74
CA SER B 280 24.08 17.32 -26.62
C SER B 280 25.55 17.68 -26.79
N TRP B 281 26.46 16.70 -26.73
CA TRP B 281 27.85 16.93 -27.08
C TRP B 281 27.95 17.29 -28.55
N LYS B 282 28.77 18.28 -28.86
CA LYS B 282 28.86 18.74 -30.24
C LYS B 282 30.09 18.19 -30.95
N ASN B 283 29.84 17.73 -32.18
CA ASN B 283 30.65 17.08 -33.21
C ASN B 283 31.35 18.17 -34.02
N PRO B 284 32.65 18.42 -33.80
CA PRO B 284 33.26 19.69 -34.26
C PRO B 284 34.14 19.70 -35.51
N PHE B 285 34.28 18.63 -36.27
CA PHE B 285 35.41 18.56 -37.18
C PHE B 285 35.08 18.69 -38.67
N GLU B 286 33.85 18.40 -39.10
CA GLU B 286 33.67 18.11 -40.53
C GLU B 286 33.66 19.37 -41.38
N GLU B 287 32.67 20.25 -41.23
CA GLU B 287 32.50 21.28 -42.26
C GLU B 287 32.67 22.70 -41.75
N GLY B 288 32.05 23.10 -40.65
CA GLY B 288 32.11 24.49 -40.25
C GLY B 288 31.99 24.76 -38.77
N VAL B 289 32.18 23.74 -37.93
CA VAL B 289 31.82 23.86 -36.53
C VAL B 289 32.99 24.53 -35.81
N GLU B 290 32.87 25.85 -35.63
CA GLU B 290 33.70 26.60 -34.69
C GLU B 290 33.20 26.44 -33.24
N VAL B 291 34.15 26.37 -32.32
CA VAL B 291 33.88 25.90 -30.95
C VAL B 291 33.81 27.09 -30.01
N THR B 292 32.71 27.22 -29.29
CA THR B 292 32.51 28.32 -28.36
C THR B 292 33.41 28.13 -27.14
N GLU B 293 33.46 29.14 -26.26
CA GLU B 293 34.37 29.05 -25.12
C GLU B 293 33.75 28.20 -24.02
N ASP B 294 32.42 28.17 -23.94
CA ASP B 294 31.75 27.41 -22.90
C ASP B 294 31.88 25.90 -23.11
N MET B 295 32.35 25.45 -24.27
CA MET B 295 32.36 24.02 -24.50
C MET B 295 33.72 23.41 -24.15
N LEU B 296 34.69 24.25 -23.82
CA LEU B 296 35.95 23.79 -23.24
C LEU B 296 35.94 23.91 -21.72
N ARG B 297 34.76 23.86 -21.13
CA ARG B 297 34.52 24.10 -19.71
C ARG B 297 35.04 22.89 -18.94
N PRO B 298 35.59 23.09 -17.74
CA PRO B 298 36.23 21.99 -17.02
C PRO B 298 35.23 20.95 -16.59
N PRO B 299 35.67 19.70 -16.37
CA PRO B 299 34.73 18.64 -16.03
C PRO B 299 34.20 18.81 -14.62
N PRO B 300 32.96 18.40 -14.37
CA PRO B 300 32.36 18.63 -13.05
C PRO B 300 32.90 17.66 -12.01
N LYS B 301 32.39 17.79 -10.79
CA LYS B 301 32.82 16.93 -9.69
C LYS B 301 32.17 15.55 -9.77
N ASP B 302 30.89 15.50 -10.18
CA ASP B 302 30.19 14.22 -10.37
C ASP B 302 30.41 13.72 -11.80
N ILE B 303 31.69 13.51 -12.12
CA ILE B 303 32.11 13.04 -13.43
C ILE B 303 32.31 11.53 -13.41
N GLY B 304 32.54 10.97 -12.24
CA GLY B 304 32.51 9.53 -12.08
C GLY B 304 31.31 9.10 -11.25
N TRP B 305 30.22 9.84 -11.36
CA TRP B 305 29.06 9.60 -10.51
C TRP B 305 27.76 9.43 -11.30
N GLU B 306 27.82 9.44 -12.64
CA GLU B 306 26.58 9.29 -13.41
C GLU B 306 26.14 7.85 -13.54
N ASP B 307 26.76 6.92 -12.84
CA ASP B 307 26.17 5.61 -12.67
C ASP B 307 25.23 5.55 -11.48
N TYR B 308 24.96 6.69 -10.84
CA TYR B 308 24.38 6.69 -9.51
C TYR B 308 23.17 7.60 -9.34
N LEU B 309 22.82 8.44 -10.32
CA LEU B 309 21.77 9.42 -10.02
C LEU B 309 20.39 8.78 -10.09
N ARG B 310 20.21 7.84 -11.03
CA ARG B 310 18.89 7.42 -11.47
C ARG B 310 18.13 6.65 -10.40
N HIS B 311 18.83 5.89 -9.57
CA HIS B 311 18.20 5.20 -8.47
C HIS B 311 18.60 5.83 -7.14
N THR C 1 67.45 4.98 5.15
CA THR C 1 66.15 4.66 5.73
C THR C 1 66.30 4.09 7.13
N ARG C 2 67.11 3.03 7.24
CA ARG C 2 67.41 2.32 8.49
C ARG C 2 66.12 1.81 9.15
N GLU C 3 65.56 0.79 8.49
CA GLU C 3 64.25 0.18 8.78
C GLU C 3 64.04 -0.19 10.25
N ALA C 4 65.11 -0.38 11.03
CA ALA C 4 64.97 -0.50 12.47
C ALA C 4 64.31 0.73 13.07
N ARG C 5 64.71 1.93 12.63
CA ARG C 5 64.08 3.14 13.13
C ARG C 5 62.64 3.26 12.67
N ILE C 6 62.30 2.71 11.50
CA ILE C 6 60.93 2.79 11.01
C ILE C 6 60.01 1.87 11.81
N SER C 7 60.41 0.61 12.00
CA SER C 7 59.62 -0.33 12.79
C SER C 7 59.59 0.08 14.26
N ARG C 8 60.69 0.61 14.77
CA ARG C 8 60.77 1.12 16.13
C ARG C 8 59.99 2.43 16.29
N ALA C 9 59.71 3.14 15.20
CA ALA C 9 58.83 4.29 15.29
C ALA C 9 57.37 3.88 15.17
N LYS C 10 57.08 2.80 14.45
CA LYS C 10 55.70 2.34 14.32
C LYS C 10 55.25 1.60 15.58
N ARG C 11 56.02 0.61 16.02
CA ARG C 11 55.73 -0.13 17.24
C ARG C 11 56.15 0.70 18.45
N ALA C 12 55.28 1.61 18.85
CA ALA C 12 55.45 2.34 20.10
C ALA C 12 54.13 2.33 20.85
N PHE C 13 54.20 2.17 22.16
CA PHE C 13 53.02 1.98 22.99
C PHE C 13 53.08 2.92 24.19
N VAL C 14 51.99 3.65 24.42
CA VAL C 14 51.85 4.53 25.58
C VAL C 14 50.71 3.99 26.42
N SER C 15 50.97 3.75 27.69
CA SER C 15 49.99 3.16 28.59
C SER C 15 49.23 4.28 29.29
N THR C 16 48.11 4.68 28.70
CA THR C 16 47.15 5.54 29.37
C THR C 16 46.49 4.74 30.51
N PRO C 17 46.02 5.41 31.57
CA PRO C 17 45.51 4.67 32.74
C PRO C 17 44.29 3.80 32.47
N SER C 18 43.52 4.07 31.41
CA SER C 18 42.40 3.20 31.08
C SER C 18 42.89 1.85 30.58
N VAL C 19 44.02 1.84 29.85
CA VAL C 19 44.58 0.58 29.34
C VAL C 19 45.07 -0.30 30.48
N ARG C 20 45.86 0.27 31.41
CA ARG C 20 46.32 -0.49 32.54
C ARG C 20 45.19 -0.88 33.49
N LYS C 21 44.14 -0.06 33.56
CA LYS C 21 42.92 -0.45 34.25
C LYS C 21 42.32 -1.71 33.62
N ILE C 22 42.28 -1.76 32.29
CA ILE C 22 41.78 -2.94 31.58
C ILE C 22 42.64 -4.15 31.88
N LEU C 23 43.97 -4.04 31.68
CA LEU C 23 44.84 -5.22 31.82
C LEU C 23 44.89 -5.73 33.26
N SER C 24 44.75 -4.82 34.22
CA SER C 24 44.57 -5.23 35.61
C SER C 24 43.27 -6.01 35.78
N TYR C 25 42.19 -5.56 35.15
CA TYR C 25 40.94 -6.30 35.22
C TYR C 25 41.03 -7.65 34.53
N MET C 26 41.82 -7.79 33.47
CA MET C 26 41.86 -9.12 32.86
C MET C 26 42.77 -10.08 33.60
N ASP C 27 43.82 -9.60 34.28
CA ASP C 27 44.53 -10.52 35.20
C ASP C 27 43.66 -10.89 36.40
N ARG C 28 42.88 -9.91 36.87
CA ARG C 28 41.86 -10.15 37.89
C ARG C 28 40.88 -11.22 37.44
N CYS C 29 40.45 -11.17 36.18
CA CYS C 29 39.55 -12.16 35.62
C CYS C 29 40.22 -13.51 35.41
N ARG C 30 41.51 -13.50 35.06
CA ARG C 30 42.26 -14.73 34.81
C ARG C 30 42.45 -15.54 36.08
N ASP C 31 43.17 -14.99 37.06
CA ASP C 31 43.26 -15.74 38.31
C ASP C 31 42.30 -15.23 39.38
N LEU C 32 41.10 -14.81 38.98
CA LEU C 32 39.98 -14.84 39.90
C LEU C 32 39.03 -15.99 39.58
N SER C 33 38.84 -16.27 38.29
CA SER C 33 38.10 -17.44 37.87
C SER C 33 38.91 -18.67 38.26
N ASP C 34 38.32 -19.52 39.08
CA ASP C 34 39.02 -20.63 39.72
C ASP C 34 38.95 -21.92 38.92
N LEU C 35 38.16 -21.92 37.83
CA LEU C 35 37.87 -23.08 36.99
C LEU C 35 37.20 -24.22 37.74
N GLU C 36 36.61 -23.93 38.89
CA GLU C 36 35.71 -24.83 39.59
C GLU C 36 34.26 -24.39 39.46
N SER C 37 33.99 -23.12 39.70
CA SER C 37 32.68 -22.49 39.78
C SER C 37 32.54 -21.39 38.74
N GLU C 38 31.48 -20.59 38.91
CA GLU C 38 30.96 -19.72 37.86
C GLU C 38 31.93 -18.57 37.60
N PRO C 39 32.31 -18.30 36.33
CA PRO C 39 33.29 -17.24 36.05
C PRO C 39 32.73 -15.83 36.12
N THR C 40 33.56 -14.85 35.74
CA THR C 40 33.26 -13.43 35.94
C THR C 40 32.79 -12.71 34.68
N CYS C 41 33.41 -13.04 33.53
CA CYS C 41 32.92 -12.71 32.18
C CYS C 41 32.81 -11.20 31.93
N MET C 42 33.98 -10.57 31.86
CA MET C 42 34.09 -9.15 31.56
C MET C 42 33.70 -8.85 30.11
N MET C 43 33.22 -7.62 29.89
CA MET C 43 32.94 -7.08 28.57
C MET C 43 33.64 -5.73 28.39
N VAL C 44 34.30 -5.53 27.25
CA VAL C 44 35.07 -4.31 26.98
C VAL C 44 34.48 -3.64 25.75
N TYR C 45 34.27 -2.32 25.82
CA TYR C 45 33.81 -1.59 24.65
C TYR C 45 34.90 -0.67 24.11
N GLY C 46 34.54 0.11 23.11
CA GLY C 46 35.45 1.06 22.51
C GLY C 46 35.15 1.25 21.04
N ALA C 47 35.29 2.48 20.55
CA ALA C 47 34.93 2.84 19.18
C ALA C 47 36.00 2.36 18.21
N SER C 48 35.95 2.85 16.97
CA SER C 48 36.89 2.44 15.96
C SER C 48 38.23 3.12 16.20
N GLY C 49 39.30 2.34 16.25
CA GLY C 49 40.63 2.90 16.37
C GLY C 49 40.96 3.49 17.71
N VAL C 50 40.47 2.90 18.80
CA VAL C 50 40.79 3.37 20.15
C VAL C 50 41.84 2.52 20.82
N GLY C 51 42.47 1.60 20.10
CA GLY C 51 43.57 0.85 20.63
C GLY C 51 43.23 -0.51 21.21
N LYS C 52 42.17 -1.16 20.74
CA LYS C 52 41.73 -2.40 21.36
C LYS C 52 42.67 -3.55 21.04
N THR C 53 42.98 -3.75 19.76
CA THR C 53 43.84 -4.86 19.34
C THR C 53 45.23 -4.73 19.93
N THR C 54 45.72 -3.49 20.05
CA THR C 54 46.99 -3.24 20.70
C THR C 54 46.97 -3.64 22.15
N VAL C 55 45.83 -3.40 22.82
CA VAL C 55 45.67 -3.81 24.21
C VAL C 55 45.74 -5.33 24.34
N ILE C 56 45.06 -6.06 23.46
CA ILE C 56 45.08 -7.51 23.68
C ILE C 56 46.43 -8.09 23.27
N LYS C 57 47.10 -7.52 22.26
CA LYS C 57 48.45 -8.00 21.93
C LYS C 57 49.47 -7.70 23.02
N LYS C 58 49.36 -6.53 23.67
CA LYS C 58 50.07 -6.29 24.93
C LYS C 58 49.76 -7.37 25.95
N TYR C 59 48.49 -7.77 26.04
CA TYR C 59 48.10 -8.74 27.04
C TYR C 59 48.65 -10.14 26.75
N LEU C 60 48.61 -10.58 25.50
CA LEU C 60 49.15 -11.92 25.23
C LEU C 60 50.67 -11.92 25.26
N ASN C 61 51.32 -10.78 25.00
CA ASN C 61 52.74 -10.63 25.31
C ASN C 61 53.01 -10.88 26.79
N GLN C 62 52.47 -10.01 27.65
CA GLN C 62 52.78 -10.01 29.07
C GLN C 62 52.16 -11.19 29.81
N ALA C 63 51.29 -11.97 29.18
CA ALA C 63 50.66 -13.11 29.82
C ALA C 63 51.09 -14.45 29.24
N ALA C 64 51.61 -14.50 28.01
CA ALA C 64 51.80 -15.78 27.35
C ALA C 64 53.10 -15.88 26.59
N ALA C 65 54.02 -14.90 26.72
CA ALA C 65 55.30 -15.00 26.03
C ALA C 65 56.12 -16.20 26.51
N ALA C 66 56.35 -16.29 27.82
CA ALA C 66 57.14 -17.39 28.37
C ALA C 66 56.43 -18.73 28.30
N ALA C 67 55.09 -18.74 28.43
CA ALA C 67 54.38 -20.01 28.40
C ALA C 67 54.21 -20.53 26.97
N ALA C 68 54.20 -19.65 25.97
CA ALA C 68 54.25 -20.10 24.59
C ALA C 68 55.66 -20.48 24.16
N ALA C 69 56.69 -19.87 24.76
CA ALA C 69 58.04 -20.32 24.50
C ALA C 69 58.38 -21.63 25.22
N GLY C 70 57.66 -21.96 26.29
CA GLY C 70 57.95 -23.19 27.02
C GLY C 70 57.42 -24.42 26.32
N GLY C 71 56.14 -24.42 25.96
CA GLY C 71 55.56 -25.58 25.32
C GLY C 71 54.17 -25.28 24.81
N ASP C 72 53.49 -26.34 24.36
CA ASP C 72 52.16 -26.21 23.79
C ASP C 72 51.22 -26.26 25.00
N ILE C 73 50.97 -25.09 25.57
CA ILE C 73 49.96 -24.92 26.61
C ILE C 73 48.81 -24.05 26.12
N ILE C 74 49.13 -22.93 25.49
CA ILE C 74 48.24 -21.84 25.03
C ILE C 74 47.18 -21.48 26.08
N PRO C 75 47.59 -20.79 27.16
CA PRO C 75 46.65 -20.47 28.24
C PRO C 75 45.62 -19.42 27.85
N VAL C 76 46.05 -18.35 27.20
CA VAL C 76 45.15 -17.31 26.72
C VAL C 76 44.97 -17.48 25.21
N LEU C 77 43.78 -17.16 24.72
CA LEU C 77 43.41 -17.33 23.32
C LEU C 77 42.87 -16.02 22.75
N HIS C 78 42.99 -15.87 21.42
CA HIS C 78 42.57 -14.66 20.74
C HIS C 78 41.74 -15.00 19.53
N ILE C 79 40.52 -14.48 19.49
CA ILE C 79 39.48 -14.85 18.54
C ILE C 79 38.85 -13.59 18.00
N GLU C 80 38.59 -13.56 16.69
CA GLU C 80 37.69 -12.57 16.10
C GLU C 80 36.49 -13.35 15.56
N LEU C 81 35.30 -12.81 15.74
CA LEU C 81 34.15 -13.45 15.12
C LEU C 81 34.04 -12.99 13.66
N PRO C 82 33.96 -13.93 12.72
CA PRO C 82 33.70 -13.55 11.33
C PRO C 82 32.29 -13.02 11.17
N ASP C 83 32.08 -12.35 10.04
CA ASP C 83 30.88 -11.54 9.87
C ASP C 83 29.66 -12.44 9.64
N ASN C 84 28.56 -12.08 10.31
CA ASN C 84 27.31 -12.84 10.33
C ASN C 84 27.57 -14.29 10.73
N ALA C 85 28.14 -14.43 11.93
CA ALA C 85 28.71 -15.68 12.37
C ALA C 85 27.64 -16.73 12.64
N LYS C 86 27.73 -17.85 11.94
CA LYS C 86 26.93 -18.99 12.29
C LYS C 86 27.56 -19.59 13.55
N PRO C 87 26.79 -20.27 14.40
CA PRO C 87 27.40 -20.85 15.60
C PRO C 87 28.45 -21.90 15.30
N VAL C 88 28.23 -22.71 14.27
CA VAL C 88 29.26 -23.64 13.82
C VAL C 88 30.42 -22.89 13.17
N ASP C 89 30.14 -21.74 12.54
CA ASP C 89 31.20 -20.96 11.91
C ASP C 89 32.16 -20.36 12.94
N ALA C 90 31.63 -19.74 13.99
CA ALA C 90 32.50 -19.22 15.06
C ALA C 90 33.17 -20.34 15.84
N ALA C 91 32.44 -21.44 16.07
CA ALA C 91 32.99 -22.54 16.86
C ALA C 91 34.15 -23.21 16.15
N ARG C 92 34.06 -23.38 14.83
CA ARG C 92 35.13 -24.09 14.13
C ARG C 92 36.39 -23.23 14.03
N GLU C 93 36.26 -21.91 13.91
CA GLU C 93 37.46 -21.08 13.84
C GLU C 93 38.09 -20.93 15.20
N LEU C 94 37.25 -20.89 16.26
CA LEU C 94 37.77 -20.92 17.62
C LEU C 94 38.46 -22.25 17.91
N LEU C 95 38.05 -23.31 17.24
CA LEU C 95 38.67 -24.61 17.41
C LEU C 95 39.98 -24.77 16.64
N VAL C 96 40.05 -24.31 15.37
CA VAL C 96 41.30 -24.49 14.63
C VAL C 96 42.36 -23.54 15.16
N GLU C 97 41.93 -22.44 15.81
CA GLU C 97 42.88 -21.54 16.46
C GLU C 97 43.69 -22.24 17.53
N MET C 98 43.02 -22.78 18.54
CA MET C 98 43.73 -23.43 19.62
C MET C 98 44.16 -24.84 19.25
N GLY C 99 45.22 -25.31 19.91
CA GLY C 99 45.78 -26.63 19.67
C GLY C 99 46.38 -26.73 18.27
N ASP C 100 46.56 -27.97 17.83
CA ASP C 100 47.00 -28.26 16.45
C ASP C 100 46.00 -29.20 15.77
N PRO C 101 44.72 -28.79 15.61
CA PRO C 101 43.73 -29.75 15.08
C PRO C 101 43.49 -29.64 13.57
N LEU C 102 42.75 -30.61 13.03
CA LEU C 102 42.33 -30.54 11.63
C LEU C 102 40.97 -29.83 11.56
N ALA C 103 39.97 -30.35 12.27
CA ALA C 103 38.96 -29.57 12.98
C ALA C 103 37.87 -28.85 12.21
N LEU C 104 37.90 -28.81 10.89
CA LEU C 104 36.91 -28.00 10.22
C LEU C 104 36.38 -28.61 8.93
N TYR C 105 36.74 -29.84 8.62
CA TYR C 105 36.21 -30.51 7.44
C TYR C 105 34.85 -31.13 7.76
N GLU C 106 34.62 -31.39 9.03
CA GLU C 106 33.29 -31.64 9.55
C GLU C 106 32.72 -30.38 10.19
N THR C 107 31.46 -30.08 9.86
CA THR C 107 30.71 -28.93 10.35
C THR C 107 29.40 -29.52 10.87
N ASP C 108 29.43 -30.00 12.11
CA ASP C 108 28.27 -30.69 12.66
C ASP C 108 27.73 -30.04 13.92
N LEU C 109 28.53 -29.23 14.62
CA LEU C 109 28.15 -28.27 15.65
C LEU C 109 27.74 -28.95 16.97
N ALA C 110 27.62 -30.26 17.00
CA ALA C 110 27.52 -31.01 18.25
C ALA C 110 28.79 -31.76 18.57
N ARG C 111 29.41 -32.40 17.58
CA ARG C 111 30.64 -33.15 17.81
C ARG C 111 31.87 -32.25 17.86
N LEU C 112 31.82 -31.09 17.21
CA LEU C 112 32.95 -30.20 17.40
C LEU C 112 32.86 -29.47 18.73
N THR C 113 31.64 -29.31 19.26
CA THR C 113 31.49 -28.87 20.64
C THR C 113 32.03 -29.90 21.61
N LYS C 114 31.81 -31.18 21.31
CA LYS C 114 32.42 -32.29 22.04
C LYS C 114 33.93 -32.18 22.03
N ARG C 115 34.53 -32.01 20.86
CA ARG C 115 35.98 -31.89 20.79
C ARG C 115 36.50 -30.65 21.49
N LEU C 116 35.76 -29.53 21.41
CA LEU C 116 36.28 -28.32 22.03
C LEU C 116 36.13 -28.36 23.54
N THR C 117 35.08 -29.02 24.05
CA THR C 117 34.95 -29.11 25.50
C THR C 117 35.82 -30.22 26.08
N GLU C 118 36.37 -31.13 25.27
CA GLU C 118 37.36 -32.02 25.86
C GLU C 118 38.75 -31.41 25.74
N LEU C 119 38.94 -30.52 24.78
CA LEU C 119 40.25 -29.91 24.60
C LEU C 119 40.50 -28.71 25.49
N ILE C 120 39.46 -27.96 25.86
CA ILE C 120 39.61 -26.80 26.73
C ILE C 120 40.10 -27.14 28.15
N PRO C 121 39.92 -28.35 28.72
CA PRO C 121 40.77 -28.72 29.87
C PRO C 121 42.05 -29.44 29.50
N ALA C 122 42.16 -29.95 28.26
CA ALA C 122 43.31 -30.78 27.91
C ALA C 122 44.58 -29.95 27.77
N VAL C 123 44.48 -28.79 27.12
CA VAL C 123 45.63 -27.90 27.03
C VAL C 123 45.67 -26.89 28.16
N GLY C 124 44.60 -26.75 28.94
CA GLY C 124 44.60 -25.85 30.07
C GLY C 124 44.41 -24.41 29.68
N VAL C 125 43.27 -24.11 29.04
CA VAL C 125 42.96 -22.74 28.65
C VAL C 125 42.63 -21.93 29.89
N LYS C 126 43.36 -20.84 30.10
CA LYS C 126 43.07 -19.96 31.22
C LYS C 126 42.08 -18.87 30.89
N LEU C 127 41.97 -18.48 29.62
CA LEU C 127 41.15 -17.34 29.24
C LEU C 127 40.88 -17.41 27.74
N ILE C 128 39.64 -17.10 27.37
CA ILE C 128 39.24 -16.90 25.98
C ILE C 128 38.80 -15.45 25.78
N ILE C 129 39.33 -14.83 24.72
CA ILE C 129 39.13 -13.41 24.42
C ILE C 129 38.58 -13.31 23.01
N ILE C 130 37.49 -12.57 22.83
CA ILE C 130 36.88 -12.36 21.53
C ILE C 130 36.95 -10.89 21.17
N ASP C 131 37.46 -10.60 19.97
CA ASP C 131 37.62 -9.24 19.48
C ASP C 131 36.32 -8.60 18.99
N GLU C 132 35.61 -9.24 18.07
CA GLU C 132 34.67 -8.51 17.23
C GLU C 132 33.25 -9.01 17.50
N PHE C 133 32.56 -8.35 18.44
CA PHE C 133 31.20 -8.72 18.79
C PHE C 133 30.15 -8.02 17.95
N GLN C 134 30.51 -6.98 17.22
CA GLN C 134 29.56 -6.22 16.43
C GLN C 134 29.18 -6.90 15.13
N HIS C 135 29.75 -8.08 14.85
CA HIS C 135 29.47 -8.81 13.63
C HIS C 135 28.20 -9.63 13.71
N LEU C 136 27.45 -9.54 14.81
CA LEU C 136 26.26 -10.35 14.97
C LEU C 136 24.99 -9.57 14.72
N VAL C 137 25.10 -8.33 14.30
CA VAL C 137 23.94 -7.54 13.89
C VAL C 137 23.83 -7.59 12.38
N GLU C 138 22.61 -7.57 11.87
CA GLU C 138 22.36 -7.56 10.44
C GLU C 138 22.80 -6.22 9.85
N GLU C 139 23.21 -6.24 8.58
CA GLU C 139 23.58 -5.01 7.87
C GLU C 139 22.40 -4.05 7.75
N ARG C 140 21.37 -4.47 7.00
CA ARG C 140 20.35 -3.54 6.52
C ARG C 140 19.27 -3.30 7.55
N SER C 141 19.06 -4.23 8.48
CA SER C 141 18.15 -4.04 9.59
C SER C 141 18.90 -4.26 10.89
N ASN C 142 18.28 -3.86 11.99
CA ASN C 142 18.89 -4.06 13.29
C ASN C 142 18.32 -5.25 14.03
N ARG C 143 17.92 -6.29 13.31
CA ARG C 143 17.83 -7.59 13.94
C ARG C 143 19.23 -8.03 14.33
N VAL C 144 19.32 -8.72 15.46
CA VAL C 144 20.56 -9.31 15.93
C VAL C 144 20.32 -10.80 16.02
N LEU C 145 21.32 -11.58 15.63
CA LEU C 145 21.25 -13.02 15.73
C LEU C 145 21.99 -13.45 16.99
N THR C 146 21.30 -14.23 17.83
CA THR C 146 21.93 -14.75 19.04
C THR C 146 21.94 -16.27 19.05
N GLN C 147 22.20 -16.90 17.90
CA GLN C 147 22.59 -18.30 17.93
C GLN C 147 23.94 -18.43 18.60
N VAL C 148 24.89 -17.58 18.21
CA VAL C 148 26.20 -17.57 18.82
C VAL C 148 26.16 -17.13 20.26
N GLY C 149 25.19 -16.31 20.66
CA GLY C 149 25.09 -15.90 22.05
C GLY C 149 24.66 -17.03 22.95
N ASN C 150 23.64 -17.78 22.55
CA ASN C 150 23.22 -18.92 23.34
C ASN C 150 24.25 -20.04 23.28
N TRP C 151 24.97 -20.15 22.16
CA TRP C 151 26.06 -21.11 22.09
C TRP C 151 27.21 -20.73 23.02
N LEU C 152 27.48 -19.44 23.14
CA LEU C 152 28.52 -18.98 24.04
C LEU C 152 28.10 -19.14 25.50
N LYS C 153 26.81 -18.99 25.79
CA LYS C 153 26.33 -19.31 27.13
C LYS C 153 26.48 -20.80 27.41
N MET C 154 26.24 -21.63 26.40
CA MET C 154 26.37 -23.08 26.53
C MET C 154 27.80 -23.49 26.82
N ILE C 155 28.75 -22.91 26.10
CA ILE C 155 30.15 -23.26 26.35
C ILE C 155 30.63 -22.61 27.63
N LEU C 156 29.97 -21.53 28.08
CA LEU C 156 30.33 -20.94 29.35
C LEU C 156 29.88 -21.81 30.52
N ASN C 157 28.67 -22.33 30.45
CA ASN C 157 28.13 -23.17 31.51
C ASN C 157 28.64 -24.59 31.45
N LYS C 158 29.13 -25.04 30.29
CA LYS C 158 29.69 -26.38 30.17
C LYS C 158 31.04 -26.47 30.88
N THR C 159 32.02 -25.70 30.41
CA THR C 159 33.29 -25.53 31.11
C THR C 159 33.44 -24.08 31.53
N LYS C 160 33.98 -23.89 32.73
CA LYS C 160 33.85 -22.62 33.44
C LYS C 160 35.05 -21.71 33.14
N CYS C 161 35.30 -21.53 31.85
CA CYS C 161 36.42 -20.70 31.42
C CYS C 161 35.96 -19.25 31.28
N PRO C 162 36.74 -18.30 31.81
CA PRO C 162 36.32 -16.90 31.69
C PRO C 162 36.47 -16.39 30.26
N ILE C 163 35.55 -15.52 29.88
CA ILE C 163 35.44 -14.96 28.53
C ILE C 163 35.46 -13.44 28.61
N VAL C 164 36.32 -12.83 27.80
CA VAL C 164 36.45 -11.38 27.72
C VAL C 164 36.08 -10.97 26.30
N ILE C 165 34.97 -10.28 26.16
CA ILE C 165 34.47 -9.87 24.85
C ILE C 165 34.82 -8.40 24.64
N PHE C 166 35.45 -8.10 23.50
CA PHE C 166 35.65 -6.75 23.05
C PHE C 166 34.58 -6.46 22.00
N GLY C 167 34.43 -5.19 21.62
CA GLY C 167 33.47 -4.88 20.58
C GLY C 167 33.15 -3.41 20.52
N MET C 168 32.33 -3.08 19.52
CA MET C 168 31.91 -1.73 19.24
C MET C 168 30.91 -1.28 20.30
N PRO C 169 30.75 0.03 20.50
CA PRO C 169 29.77 0.50 21.49
C PRO C 169 28.33 0.28 21.08
N TYR C 170 28.03 0.17 19.80
CA TYR C 170 26.68 -0.18 19.40
C TYR C 170 26.40 -1.67 19.47
N SER C 171 27.41 -2.48 19.81
CA SER C 171 27.27 -3.93 19.87
C SER C 171 26.70 -4.41 21.20
N LYS C 172 26.28 -3.49 22.07
CA LYS C 172 25.81 -3.91 23.38
C LYS C 172 24.33 -4.26 23.38
N VAL C 173 23.61 -3.81 22.35
CA VAL C 173 22.20 -4.17 22.23
C VAL C 173 22.05 -5.65 21.92
N VAL C 174 23.07 -6.25 21.29
CA VAL C 174 23.16 -7.70 21.18
C VAL C 174 23.12 -8.35 22.56
N LEU C 175 23.87 -7.78 23.52
CA LEU C 175 23.81 -8.28 24.87
C LEU C 175 22.49 -7.94 25.54
N GLN C 176 21.77 -6.95 25.01
CA GLN C 176 20.43 -6.66 25.47
C GLN C 176 19.41 -7.62 24.89
N ALA C 177 19.81 -8.47 23.94
CA ALA C 177 18.88 -9.43 23.37
C ALA C 177 18.62 -10.55 24.37
N ASN C 178 19.68 -11.25 24.78
CA ASN C 178 19.58 -12.33 25.74
C ASN C 178 19.83 -11.77 27.14
N SER C 179 18.82 -11.87 28.00
CA SER C 179 18.97 -11.35 29.35
C SER C 179 19.89 -12.22 30.19
N GLN C 180 20.00 -13.51 29.88
CA GLN C 180 20.94 -14.35 30.61
C GLN C 180 22.37 -14.04 30.21
N LEU C 181 22.59 -13.69 28.94
CA LEU C 181 23.87 -13.13 28.53
C LEU C 181 24.13 -11.80 29.20
N HIS C 182 23.08 -11.00 29.39
CA HIS C 182 23.23 -9.70 30.02
C HIS C 182 23.62 -9.83 31.48
N GLY C 183 23.01 -10.78 32.19
CA GLY C 183 23.36 -10.99 33.58
C GLY C 183 24.67 -11.72 33.77
N ARG C 184 25.05 -12.58 32.82
CA ARG C 184 26.30 -13.31 32.97
C ARG C 184 27.50 -12.42 32.69
N PHE C 185 27.32 -11.32 31.97
CA PHE C 185 28.39 -10.37 31.70
C PHE C 185 28.14 -9.15 32.57
N SER C 186 28.86 -9.10 33.69
CA SER C 186 28.65 -8.12 34.75
C SER C 186 29.49 -6.87 34.56
N ILE C 187 30.78 -7.03 34.25
CA ILE C 187 31.71 -5.91 34.16
C ILE C 187 31.79 -5.42 32.72
N GLN C 188 31.09 -4.32 32.43
CA GLN C 188 31.22 -3.55 31.20
C GLN C 188 31.91 -2.22 31.49
N VAL C 189 32.86 -1.87 30.63
CA VAL C 189 33.72 -0.71 30.83
C VAL C 189 33.53 0.26 29.67
N GLU C 190 34.29 1.34 29.68
CA GLU C 190 34.16 2.44 28.73
C GLU C 190 35.54 2.89 28.27
N LEU C 191 35.97 2.42 27.10
CA LEU C 191 37.24 2.86 26.50
C LEU C 191 36.92 3.91 25.44
N ARG C 192 36.55 5.08 25.91
CA ARG C 192 36.21 6.22 25.06
C ARG C 192 37.48 6.96 24.67
N PRO C 193 37.46 7.75 23.58
CA PRO C 193 38.66 8.50 23.19
C PRO C 193 39.03 9.64 24.13
N PHE C 194 40.05 10.38 23.73
CA PHE C 194 40.59 11.46 24.57
C PHE C 194 39.59 12.62 24.65
N SER C 195 39.43 13.15 25.86
CA SER C 195 38.25 13.98 26.14
C SER C 195 38.44 15.42 25.67
N TYR C 196 39.43 16.12 26.19
CA TYR C 196 39.52 17.56 25.96
C TYR C 196 40.93 17.97 25.57
N GLN C 197 41.11 19.27 25.26
CA GLN C 197 42.46 19.81 24.99
C GLN C 197 42.76 20.98 25.93
N GLY C 198 41.78 21.39 26.75
CA GLY C 198 41.93 22.55 27.61
C GLY C 198 43.09 22.69 28.59
N GLY C 199 43.78 21.60 28.91
CA GLY C 199 44.92 21.65 29.80
C GLY C 199 44.79 20.71 30.99
N ARG C 200 45.96 20.23 31.43
CA ARG C 200 46.14 19.24 32.52
C ARG C 200 45.34 17.97 32.27
N GLY C 201 45.34 17.49 31.03
CA GLY C 201 44.72 16.23 30.69
C GLY C 201 45.67 15.06 30.76
N VAL C 202 45.07 13.87 30.72
CA VAL C 202 45.78 12.62 30.43
C VAL C 202 46.40 12.66 29.04
N PHE C 203 45.76 13.40 28.12
CA PHE C 203 46.25 13.66 26.77
C PHE C 203 47.67 14.23 26.77
N LYS C 204 47.97 15.15 27.70
CA LYS C 204 49.28 15.74 27.88
C LYS C 204 50.38 14.71 28.10
N THR C 205 50.23 13.94 29.17
CA THR C 205 51.20 12.92 29.56
C THR C 205 51.32 11.82 28.52
N PHE C 206 50.20 11.42 27.91
CA PHE C 206 50.24 10.52 26.77
C PHE C 206 51.10 11.10 25.65
N LEU C 207 50.95 12.39 25.39
CA LEU C 207 51.60 13.03 24.26
C LEU C 207 53.10 13.11 24.48
N GLU C 208 53.52 13.44 25.69
CA GLU C 208 54.96 13.54 25.92
C GLU C 208 55.61 12.19 26.19
N TYR C 209 54.86 11.19 26.67
CA TYR C 209 55.40 9.84 26.66
C TYR C 209 55.60 9.33 25.24
N LEU C 210 54.68 9.67 24.33
CA LEU C 210 54.90 9.39 22.92
C LEU C 210 56.08 10.18 22.39
N ASP C 211 56.31 11.36 22.93
CA ASP C 211 57.41 12.21 22.46
C ASP C 211 58.75 11.63 22.85
N LYS C 212 58.87 11.11 24.08
CA LYS C 212 60.11 10.45 24.44
C LYS C 212 60.21 9.07 23.78
N ALA C 213 59.07 8.48 23.39
CA ALA C 213 59.09 7.21 22.69
C ALA C 213 59.51 7.33 21.23
N LEU C 214 59.53 8.53 20.67
CA LEU C 214 59.83 8.71 19.26
C LEU C 214 61.32 8.50 19.00
N PRO C 215 61.70 8.10 17.78
CA PRO C 215 63.12 7.81 17.48
C PRO C 215 64.04 9.02 17.42
N PHE C 216 63.56 10.25 17.63
CA PHE C 216 64.44 11.40 17.53
C PHE C 216 65.02 11.72 18.90
N GLU C 217 66.35 11.86 18.95
CA GLU C 217 67.11 11.65 20.17
C GLU C 217 67.30 12.92 20.98
N LYS C 218 66.67 14.03 20.60
CA LYS C 218 66.76 15.21 21.43
C LYS C 218 65.42 15.64 22.01
N GLN C 219 64.41 15.81 21.18
CA GLN C 219 63.09 16.35 21.51
C GLN C 219 62.27 16.21 20.25
N ALA C 220 60.97 15.95 20.41
CA ALA C 220 60.08 15.92 19.28
C ALA C 220 59.35 17.23 19.04
N GLY C 221 59.45 18.19 19.95
CA GLY C 221 58.80 19.47 19.79
C GLY C 221 57.31 19.48 20.04
N LEU C 222 56.71 18.31 20.29
CA LEU C 222 55.28 18.17 20.40
C LEU C 222 54.87 18.41 21.85
N ALA C 223 53.55 18.25 22.10
CA ALA C 223 52.92 18.55 23.39
C ALA C 223 53.22 19.96 23.89
N ASN C 224 53.05 20.94 23.01
CA ASN C 224 53.37 22.32 23.32
C ASN C 224 52.08 23.14 23.39
N GLU C 225 52.22 24.46 23.37
CA GLU C 225 51.12 25.35 23.74
C GLU C 225 50.14 25.35 22.56
N SER C 226 50.67 25.35 21.34
CA SER C 226 49.84 25.46 20.15
C SER C 226 49.79 24.17 19.34
N LEU C 227 50.67 23.22 19.59
CA LEU C 227 50.72 22.02 18.75
C LEU C 227 49.58 21.06 19.08
N GLN C 228 49.26 20.88 20.36
CA GLN C 228 48.13 20.04 20.71
C GLN C 228 46.80 20.64 20.27
N LYS C 229 46.76 21.96 20.07
CA LYS C 229 45.57 22.60 19.52
C LYS C 229 45.26 22.06 18.12
N LYS C 230 46.24 22.12 17.21
CA LYS C 230 46.01 21.60 15.87
C LYS C 230 46.00 20.07 15.83
N LEU C 231 46.61 19.42 16.82
CA LEU C 231 46.52 17.97 16.91
C LEU C 231 45.09 17.52 17.25
N TYR C 232 44.49 18.13 18.27
CA TYR C 232 43.11 17.84 18.61
C TYR C 232 42.16 18.42 17.57
N ALA C 233 42.61 19.40 16.79
CA ALA C 233 41.82 19.84 15.65
C ALA C 233 41.81 18.79 14.54
N PHE C 234 42.90 18.05 14.39
CA PHE C 234 42.96 17.03 13.33
C PHE C 234 42.20 15.78 13.73
N SER C 235 42.64 15.11 14.79
CA SER C 235 41.98 13.93 15.31
C SER C 235 41.01 14.36 16.40
N GLN C 236 39.81 13.79 16.37
CA GLN C 236 38.79 14.17 17.34
C GLN C 236 39.21 13.82 18.77
N GLY C 237 39.32 12.54 19.05
CA GLY C 237 40.06 12.03 20.19
C GLY C 237 40.70 10.78 19.66
N ASN C 238 40.67 10.69 18.34
CA ASN C 238 40.78 9.44 17.61
C ASN C 238 42.24 8.97 17.61
N MET C 239 42.49 7.89 18.36
CA MET C 239 43.84 7.41 18.60
C MET C 239 44.51 6.94 17.32
N ARG C 240 43.77 6.25 16.46
CA ARG C 240 44.32 5.67 15.24
C ARG C 240 44.79 6.76 14.28
N SER C 241 43.95 7.78 14.06
CA SER C 241 44.33 8.84 13.13
C SER C 241 45.41 9.75 13.69
N LEU C 242 45.42 9.98 15.01
CA LEU C 242 46.49 10.78 15.62
C LEU C 242 47.82 10.07 15.48
N ARG C 243 47.87 8.80 15.86
CA ARG C 243 49.09 8.00 15.73
C ARG C 243 49.48 7.82 14.27
N ASN C 244 48.51 7.73 13.37
CA ASN C 244 48.80 7.55 11.95
C ASN C 244 49.45 8.79 11.37
N LEU C 245 48.89 9.97 11.67
CA LEU C 245 49.47 11.23 11.19
C LEU C 245 50.85 11.46 11.80
N ILE C 246 51.01 11.11 13.08
CA ILE C 246 52.31 11.25 13.75
C ILE C 246 53.37 10.36 13.10
N TYR C 247 52.98 9.12 12.77
CA TYR C 247 53.90 8.20 12.10
C TYR C 247 54.22 8.66 10.68
N GLN C 248 53.22 9.23 10.00
CA GLN C 248 53.44 9.69 8.64
C GLN C 248 54.29 10.96 8.60
N ALA C 249 54.30 11.72 9.69
CA ALA C 249 55.27 12.81 9.79
C ALA C 249 56.66 12.29 10.13
N SER C 250 56.75 11.27 10.99
CA SER C 250 58.05 10.76 11.43
C SER C 250 58.82 10.10 10.29
N ILE C 251 58.10 9.39 9.42
CA ILE C 251 58.75 8.84 8.23
C ILE C 251 59.21 9.94 7.28
N GLU C 252 58.47 11.04 7.18
CA GLU C 252 58.85 12.10 6.27
C GLU C 252 60.08 12.83 6.79
N ALA C 253 60.20 12.95 8.11
CA ALA C 253 61.39 13.52 8.70
C ALA C 253 62.60 12.61 8.56
N ILE C 254 62.40 11.29 8.55
CA ILE C 254 63.58 10.44 8.46
C ILE C 254 63.88 10.08 7.00
N ASP C 255 63.03 10.49 6.07
CA ASP C 255 63.33 10.32 4.64
C ASP C 255 64.53 11.16 4.21
N ASN C 256 64.64 12.38 4.73
CA ASN C 256 65.74 13.27 4.40
C ASN C 256 66.47 13.73 5.64
N GLN C 257 67.32 14.74 5.47
CA GLN C 257 67.94 15.40 6.62
C GLN C 257 66.91 16.23 7.38
N HIS C 258 66.50 15.75 8.55
CA HIS C 258 65.65 16.49 9.46
C HIS C 258 65.99 16.06 10.88
N GLU C 259 66.02 17.03 11.80
CA GLU C 259 66.43 16.73 13.17
C GLU C 259 65.26 16.46 14.11
N THR C 260 64.07 16.95 13.77
CA THR C 260 62.86 16.69 14.53
C THR C 260 61.68 16.87 13.57
N ILE C 261 60.49 16.44 13.98
CA ILE C 261 59.27 16.75 13.24
C ILE C 261 59.05 18.27 13.32
N THR C 262 58.87 18.91 12.16
CA THR C 262 58.84 20.37 12.11
C THR C 262 57.76 20.82 11.13
N GLU C 263 57.80 22.10 10.76
CA GLU C 263 56.65 22.77 10.16
C GLU C 263 56.73 22.81 8.63
N GLU C 264 57.26 21.74 8.05
CA GLU C 264 57.28 21.65 6.59
C GLU C 264 56.84 20.25 6.14
N ASP C 265 56.95 19.30 7.05
CA ASP C 265 56.77 17.89 6.73
C ASP C 265 55.56 17.33 7.48
N PHE C 266 55.22 17.96 8.62
CA PHE C 266 54.00 17.67 9.34
C PHE C 266 52.79 18.10 8.54
N VAL C 267 52.93 19.18 7.75
CA VAL C 267 51.89 19.60 6.81
C VAL C 267 51.61 18.56 5.72
N PHE C 268 52.63 17.98 5.10
CA PHE C 268 52.42 16.96 4.07
C PHE C 268 51.78 15.71 4.68
N ALA C 269 52.08 15.43 5.95
CA ALA C 269 51.38 14.39 6.69
C ALA C 269 49.91 14.76 6.91
N SER C 270 49.59 16.04 7.07
CA SER C 270 48.18 16.41 7.11
C SER C 270 47.53 16.30 5.73
N LYS C 271 48.30 16.56 4.67
CA LYS C 271 47.85 16.37 3.30
C LYS C 271 47.48 14.93 2.98
N LEU C 272 48.23 13.95 3.49
CA LEU C 272 47.92 12.55 3.17
C LEU C 272 46.71 12.03 3.94
N THR C 273 46.72 12.08 5.26
CA THR C 273 45.77 11.33 6.07
C THR C 273 44.54 12.16 6.42
N SER C 274 44.12 13.04 5.51
CA SER C 274 42.90 13.80 5.67
C SER C 274 41.73 13.18 4.94
N GLY C 275 41.89 11.95 4.43
CA GLY C 275 40.87 11.34 3.62
C GLY C 275 39.67 10.79 4.37
N ASP C 276 39.93 10.16 5.53
CA ASP C 276 38.84 9.52 6.26
C ASP C 276 37.94 10.52 6.97
N LYS C 277 38.35 11.77 7.07
CA LYS C 277 37.63 12.75 7.86
C LYS C 277 36.37 13.20 7.12
N PRO C 278 35.34 13.65 7.83
CA PRO C 278 34.13 14.11 7.17
C PRO C 278 34.35 15.43 6.43
N ASN C 279 33.30 15.84 5.71
CA ASN C 279 33.38 17.07 4.93
C ASN C 279 33.33 18.31 5.81
N SER C 280 32.51 18.27 6.85
CA SER C 280 32.39 19.42 7.76
C SER C 280 33.55 19.52 8.73
N TRP C 281 34.36 18.48 8.88
CA TRP C 281 35.59 18.56 9.65
C TRP C 281 36.54 19.53 8.96
N LYS C 282 37.20 20.37 9.75
CA LYS C 282 38.07 21.39 9.16
C LYS C 282 39.54 20.99 9.21
N ASN C 283 40.20 21.20 8.08
CA ASN C 283 41.57 20.95 7.64
C ASN C 283 42.44 22.13 8.08
N PRO C 284 43.24 22.00 9.14
CA PRO C 284 43.77 23.19 9.83
C PRO C 284 45.23 23.59 9.61
N PHE C 285 45.99 22.99 8.72
CA PHE C 285 47.45 23.12 8.82
C PHE C 285 48.11 23.98 7.76
N GLU C 286 47.51 24.16 6.57
CA GLU C 286 48.32 24.59 5.44
C GLU C 286 48.65 26.08 5.49
N GLU C 287 47.66 26.97 5.38
CA GLU C 287 48.01 28.36 5.10
C GLU C 287 47.59 29.34 6.20
N GLY C 288 46.35 29.29 6.69
CA GLY C 288 45.93 30.32 7.62
C GLY C 288 44.86 29.90 8.60
N VAL C 289 44.63 28.60 8.76
CA VAL C 289 43.45 28.12 9.48
C VAL C 289 43.76 28.16 10.97
N GLU C 290 43.34 29.24 11.62
CA GLU C 290 43.25 29.29 13.07
C GLU C 290 41.99 28.60 13.59
N VAL C 291 42.12 27.93 14.73
CA VAL C 291 41.13 26.95 15.19
C VAL C 291 40.30 27.57 16.29
N THR C 292 38.98 27.56 16.12
CA THR C 292 38.05 28.13 17.08
C THR C 292 37.98 27.24 18.32
N GLU C 293 37.31 27.70 19.37
CA GLU C 293 37.30 26.93 20.62
C GLU C 293 36.27 25.81 20.51
N ASP C 294 35.21 26.01 19.72
CA ASP C 294 34.17 25.00 19.59
C ASP C 294 34.65 23.77 18.84
N MET C 295 35.82 23.81 18.20
CA MET C 295 36.21 22.67 17.38
C MET C 295 37.11 21.72 18.17
N LEU C 296 37.51 22.11 19.39
CA LEU C 296 38.16 21.21 20.33
C LEU C 296 37.17 20.62 21.32
N ARG C 297 35.90 20.53 20.91
CA ARG C 297 34.80 20.13 21.77
C ARG C 297 34.90 18.64 22.02
N PRO C 298 34.51 18.16 23.21
CA PRO C 298 34.73 16.75 23.54
C PRO C 298 33.86 15.83 22.69
N PRO C 299 34.26 14.57 22.52
CA PRO C 299 33.52 13.67 21.64
C PRO C 299 32.19 13.29 22.28
N PRO C 300 31.16 13.05 21.47
CA PRO C 300 29.84 12.76 22.03
C PRO C 300 29.75 11.34 22.56
N LYS C 301 28.55 11.00 23.05
CA LYS C 301 28.33 9.66 23.62
C LYS C 301 28.11 8.63 22.51
N ASP C 302 27.42 9.02 21.44
CA ASP C 302 27.22 8.14 20.28
C ASP C 302 28.38 8.30 19.30
N ILE C 303 29.58 8.02 19.79
CA ILE C 303 30.81 8.14 19.02
C ILE C 303 31.20 6.78 18.44
N GLY C 304 30.72 5.70 19.06
CA GLY C 304 30.83 4.39 18.46
C GLY C 304 29.48 3.87 18.04
N TRP C 305 28.59 4.77 17.63
CA TRP C 305 27.22 4.40 17.32
C TRP C 305 26.77 4.86 15.94
N GLU C 306 27.66 5.48 15.14
CA GLU C 306 27.23 5.94 13.82
C GLU C 306 27.22 4.83 12.77
N ASP C 307 27.39 3.58 13.18
CA ASP C 307 27.06 2.47 12.29
C ASP C 307 25.60 2.07 12.42
N TYR C 308 24.81 2.82 13.19
CA TYR C 308 23.52 2.32 13.65
C TYR C 308 22.35 3.27 13.44
N LEU C 309 22.57 4.51 12.99
CA LEU C 309 21.43 5.43 12.99
C LEU C 309 20.54 5.17 11.78
N ARG C 310 21.15 4.83 10.65
CA ARG C 310 20.49 4.92 9.34
C ARG C 310 19.36 3.91 9.18
N HIS C 311 19.50 2.74 9.78
CA HIS C 311 18.43 1.75 9.75
C HIS C 311 17.80 1.62 11.13
N THR D 1 46.90 -14.16 49.07
CA THR D 1 45.60 -14.44 48.46
C THR D 1 44.90 -15.60 49.17
N ARG D 2 45.60 -16.74 49.27
CA ARG D 2 45.13 -17.96 49.91
C ARG D 2 43.84 -18.45 49.25
N GLU D 3 44.01 -18.94 48.03
CA GLU D 3 42.95 -19.34 47.09
C GLU D 3 41.89 -20.28 47.69
N ALA D 4 42.21 -21.00 48.76
CA ALA D 4 41.20 -21.72 49.52
C ALA D 4 40.13 -20.79 50.03
N ARG D 5 40.51 -19.61 50.56
CA ARG D 5 39.52 -18.65 51.03
C ARG D 5 38.72 -18.06 49.88
N ILE D 6 39.32 -17.96 48.69
CA ILE D 6 38.60 -17.40 47.55
C ILE D 6 37.54 -18.37 47.04
N SER D 7 37.94 -19.64 46.83
CA SER D 7 36.98 -20.65 46.38
C SER D 7 35.94 -20.96 47.46
N ARG D 8 36.34 -20.93 48.73
CA ARG D 8 35.43 -21.11 49.85
C ARG D 8 34.55 -19.88 50.07
N ALA D 9 34.92 -18.72 49.53
CA ALA D 9 34.02 -17.58 49.55
C ALA D 9 33.07 -17.59 48.36
N LYS D 10 33.51 -18.16 47.23
CA LYS D 10 32.64 -18.24 46.05
C LYS D 10 31.60 -19.36 46.21
N ARG D 11 32.06 -20.56 46.53
CA ARG D 11 31.16 -21.70 46.75
C ARG D 11 30.57 -21.59 48.15
N ALA D 12 29.51 -20.81 48.27
CA ALA D 12 28.71 -20.76 49.48
C ALA D 12 27.24 -20.83 49.10
N PHE D 13 26.47 -21.58 49.89
CA PHE D 13 25.07 -21.88 49.56
C PHE D 13 24.20 -21.61 50.77
N VAL D 14 23.12 -20.85 50.56
CA VAL D 14 22.13 -20.58 51.59
C VAL D 14 20.82 -21.19 51.13
N SER D 15 20.23 -22.03 51.98
CA SER D 15 19.01 -22.74 51.64
C SER D 15 17.81 -21.92 52.09
N THR D 16 17.29 -21.09 51.19
CA THR D 16 16.02 -20.44 51.41
C THR D 16 14.91 -21.51 51.33
N PRO D 17 13.76 -21.31 51.98
CA PRO D 17 12.74 -22.37 52.04
C PRO D 17 12.16 -22.79 50.69
N SER D 18 12.21 -21.92 49.68
CA SER D 18 11.74 -22.32 48.37
C SER D 18 12.65 -23.36 47.74
N VAL D 19 13.96 -23.28 48.01
CA VAL D 19 14.91 -24.26 47.47
C VAL D 19 14.69 -25.63 48.09
N ARG D 20 14.58 -25.69 49.42
CA ARG D 20 14.31 -26.97 50.06
C ARG D 20 12.92 -27.50 49.75
N LYS D 21 11.96 -26.61 49.51
CA LYS D 21 10.66 -27.01 48.97
C LYS D 21 10.83 -27.72 47.62
N ILE D 22 11.67 -27.16 46.75
CA ILE D 22 11.95 -27.78 45.46
C ILE D 22 12.59 -29.14 45.63
N LEU D 23 13.68 -29.22 46.40
CA LEU D 23 14.43 -30.48 46.51
C LEU D 23 13.64 -31.57 47.19
N SER D 24 12.76 -31.18 48.12
CA SER D 24 11.78 -32.12 48.67
C SER D 24 10.84 -32.63 47.60
N TYR D 25 10.37 -31.74 46.73
CA TYR D 25 9.51 -32.17 45.63
C TYR D 25 10.24 -33.06 44.64
N MET D 26 11.54 -32.86 44.42
CA MET D 26 12.18 -33.77 43.46
C MET D 26 12.53 -35.12 44.07
N ASP D 27 12.79 -35.21 45.37
CA ASP D 27 12.87 -36.55 45.96
C ASP D 27 11.52 -37.24 45.99
N ARG D 28 10.46 -36.45 46.23
CA ARG D 28 9.09 -36.90 46.10
C ARG D 28 8.82 -37.45 44.71
N CYS D 29 9.31 -36.75 43.68
CA CYS D 29 9.16 -37.19 42.30
C CYS D 29 10.02 -38.41 41.99
N ARG D 30 11.21 -38.51 42.59
CA ARG D 30 12.12 -39.61 42.35
C ARG D 30 11.57 -40.92 42.89
N ASP D 31 11.39 -41.03 44.21
CA ASP D 31 10.75 -42.24 44.69
C ASP D 31 9.27 -42.09 44.96
N LEU D 32 8.56 -41.30 44.16
CA LEU D 32 7.13 -41.52 43.99
C LEU D 32 6.83 -42.20 42.67
N SER D 33 7.57 -41.83 41.62
CA SER D 33 7.47 -42.52 40.35
C SER D 33 8.01 -43.92 40.55
N ASP D 34 7.19 -44.92 40.28
CA ASP D 34 7.48 -46.31 40.62
C ASP D 34 8.15 -47.06 39.49
N LEU D 35 8.27 -46.44 38.32
CA LEU D 35 8.78 -47.01 37.06
C LEU D 35 7.97 -48.21 36.58
N GLU D 36 6.75 -48.35 37.06
CA GLU D 36 5.77 -49.28 36.50
C GLU D 36 4.71 -48.55 35.70
N SER D 37 4.14 -47.49 36.27
CA SER D 37 3.02 -46.72 35.76
C SER D 37 3.40 -45.26 35.54
N GLU D 38 2.38 -44.44 35.33
CA GLU D 38 2.53 -43.10 34.75
C GLU D 38 3.24 -42.17 35.74
N PRO D 39 4.30 -41.44 35.31
CA PRO D 39 5.04 -40.60 36.25
C PRO D 39 4.35 -39.28 36.59
N THR D 40 5.05 -38.41 37.33
CA THR D 40 4.46 -37.21 37.91
C THR D 40 4.83 -35.93 37.16
N CYS D 41 6.08 -35.82 36.70
CA CYS D 41 6.53 -34.84 35.70
C CYS D 41 6.37 -33.39 36.17
N MET D 42 7.18 -33.03 37.15
CA MET D 42 7.23 -31.68 37.69
C MET D 42 7.83 -30.69 36.69
N MET D 43 7.42 -29.43 36.81
CA MET D 43 7.98 -28.32 36.05
C MET D 43 8.39 -27.20 37.01
N VAL D 44 9.59 -26.64 36.83
CA VAL D 44 10.14 -25.61 37.70
C VAL D 44 10.40 -24.36 36.88
N TYR D 45 9.98 -23.21 37.39
CA TYR D 45 10.28 -21.96 36.71
C TYR D 45 11.29 -21.13 37.49
N GLY D 46 11.53 -19.92 37.00
CA GLY D 46 12.45 -19.00 37.64
C GLY D 46 13.15 -18.12 36.62
N ALA D 47 13.37 -16.85 36.98
CA ALA D 47 13.93 -15.87 36.06
C ALA D 47 15.44 -16.06 35.92
N SER D 48 16.11 -15.08 35.35
CA SER D 48 17.55 -15.17 35.14
C SER D 48 18.28 -14.94 36.46
N GLY D 49 19.17 -15.87 36.81
CA GLY D 49 19.99 -15.69 37.99
C GLY D 49 19.27 -15.84 39.31
N VAL D 50 18.29 -16.74 39.38
CA VAL D 50 17.59 -16.99 40.64
C VAL D 50 18.07 -18.24 41.34
N GLY D 51 19.16 -18.84 40.88
CA GLY D 51 19.76 -19.96 41.55
C GLY D 51 19.36 -21.33 41.07
N LYS D 52 18.96 -21.48 39.81
CA LYS D 52 18.43 -22.76 39.34
C LYS D 52 19.53 -23.81 39.22
N THR D 53 20.62 -23.47 38.53
CA THR D 53 21.71 -24.42 38.31
C THR D 53 22.35 -24.84 39.62
N THR D 54 22.44 -23.91 40.57
CA THR D 54 22.92 -24.23 41.90
C THR D 54 22.02 -25.22 42.61
N VAL D 55 20.71 -25.08 42.40
CA VAL D 55 19.74 -26.04 42.97
C VAL D 55 19.97 -27.42 42.40
N ILE D 56 20.15 -27.55 41.08
CA ILE D 56 20.26 -28.91 40.56
C ILE D 56 21.62 -29.50 40.91
N LYS D 57 22.68 -28.68 40.97
CA LYS D 57 23.97 -29.22 41.40
C LYS D 57 23.98 -29.65 42.88
N LYS D 58 23.29 -28.89 43.74
CA LYS D 58 22.96 -29.38 45.08
C LYS D 58 22.25 -30.72 45.02
N TYR D 59 21.32 -30.85 44.08
CA TYR D 59 20.53 -32.08 44.01
C TYR D 59 21.35 -33.28 43.55
N LEU D 60 22.21 -33.11 42.53
CA LEU D 60 23.00 -34.25 42.10
C LEU D 60 24.11 -34.57 43.08
N ASN D 61 24.58 -33.58 43.86
CA ASN D 61 25.41 -33.87 45.03
C ASN D 61 24.69 -34.80 45.99
N GLN D 62 23.60 -34.31 46.58
CA GLN D 62 22.91 -35.01 47.66
C GLN D 62 22.16 -36.26 47.19
N ALA D 63 22.05 -36.48 45.88
CA ALA D 63 21.35 -37.64 45.36
C ALA D 63 22.26 -38.63 44.65
N ALA D 64 23.45 -38.23 44.21
CA ALA D 64 24.21 -39.10 43.32
C ALA D 64 25.71 -39.10 43.64
N ALA D 65 26.14 -38.48 44.75
CA ALA D 65 27.57 -38.51 45.11
C ALA D 65 28.05 -39.94 45.37
N ALA D 66 27.39 -40.65 46.29
CA ALA D 66 27.81 -42.00 46.63
C ALA D 66 27.53 -43.00 45.50
N ALA D 67 26.46 -42.80 44.73
CA ALA D 67 26.15 -43.76 43.68
C ALA D 67 27.03 -43.55 42.44
N ALA D 68 27.53 -42.33 42.23
CA ALA D 68 28.52 -42.12 41.20
C ALA D 68 29.91 -42.54 41.65
N ALA D 69 30.20 -42.48 42.96
CA ALA D 69 31.45 -43.02 43.46
C ALA D 69 31.45 -44.55 43.52
N GLY D 70 30.27 -45.17 43.57
CA GLY D 70 30.21 -46.62 43.64
C GLY D 70 30.47 -47.29 42.30
N GLY D 71 29.75 -46.88 41.27
CA GLY D 71 29.92 -47.49 39.97
C GLY D 71 29.16 -46.73 38.90
N ASP D 72 29.12 -47.32 37.71
CA ASP D 72 28.47 -46.69 36.56
C ASP D 72 27.00 -47.10 36.69
N ILE D 73 26.25 -46.27 37.42
CA ILE D 73 24.81 -46.39 37.50
C ILE D 73 24.12 -45.19 36.86
N ILE D 74 24.59 -43.98 37.19
CA ILE D 74 24.05 -42.66 36.85
C ILE D 74 22.52 -42.59 36.99
N PRO D 75 22.02 -42.56 38.23
CA PRO D 75 20.56 -42.57 38.44
C PRO D 75 19.87 -41.28 38.04
N VAL D 76 20.45 -40.13 38.39
CA VAL D 76 19.92 -38.85 37.99
C VAL D 76 20.79 -38.28 36.87
N LEU D 77 20.16 -37.55 35.95
CA LEU D 77 20.82 -36.99 34.79
C LEU D 77 20.59 -35.49 34.68
N HIS D 78 21.51 -34.80 34.01
CA HIS D 78 21.43 -33.35 33.87
C HIS D 78 21.66 -32.95 32.42
N ILE D 79 20.68 -32.24 31.87
CA ILE D 79 20.59 -31.94 30.44
C ILE D 79 20.27 -30.46 30.29
N GLU D 80 20.92 -29.80 29.33
CA GLU D 80 20.48 -28.51 28.84
C GLU D 80 20.05 -28.71 27.39
N LEU D 81 18.96 -28.09 26.99
CA LEU D 81 18.61 -28.13 25.58
C LEU D 81 19.39 -27.08 24.82
N PRO D 82 20.09 -27.45 23.76
CA PRO D 82 20.74 -26.46 22.90
C PRO D 82 19.71 -25.63 22.14
N ASP D 83 20.17 -24.51 21.62
CA ASP D 83 19.25 -23.50 21.11
C ASP D 83 18.64 -23.93 19.79
N ASN D 84 17.34 -23.71 19.67
CA ASN D 84 16.51 -24.13 18.53
C ASN D 84 16.67 -25.62 18.29
N ALA D 85 16.34 -26.39 19.32
CA ALA D 85 16.70 -27.80 19.38
C ALA D 85 15.89 -28.61 18.39
N LYS D 86 16.59 -29.30 17.50
CA LYS D 86 15.96 -30.30 16.68
C LYS D 86 15.70 -31.50 17.59
N PRO D 87 14.69 -32.33 17.31
CA PRO D 87 14.45 -33.50 18.18
C PRO D 87 15.61 -34.48 18.18
N VAL D 88 16.25 -34.68 17.03
CA VAL D 88 17.45 -35.50 16.99
C VAL D 88 18.61 -34.79 17.67
N ASP D 89 18.63 -33.44 17.62
CA ASP D 89 19.70 -32.69 18.27
C ASP D 89 19.65 -32.82 19.79
N ALA D 90 18.47 -32.64 20.40
CA ALA D 90 18.35 -32.83 21.84
C ALA D 90 18.52 -34.29 22.24
N ALA D 91 18.01 -35.21 21.42
CA ALA D 91 18.09 -36.63 21.76
C ALA D 91 19.52 -37.13 21.74
N ARG D 92 20.33 -36.67 20.79
CA ARG D 92 21.69 -37.18 20.72
C ARG D 92 22.56 -36.64 21.83
N GLU D 93 22.33 -35.40 22.29
CA GLU D 93 23.13 -34.89 23.39
C GLU D 93 22.69 -35.49 24.71
N LEU D 94 21.39 -35.76 24.84
CA LEU D 94 20.90 -36.49 26.01
C LEU D 94 21.43 -37.91 26.02
N LEU D 95 21.73 -38.46 24.84
CA LEU D 95 22.29 -39.81 24.75
C LEU D 95 23.80 -39.85 25.04
N VAL D 96 24.58 -38.90 24.52
CA VAL D 96 26.03 -38.97 24.76
C VAL D 96 26.33 -38.59 26.20
N GLU D 97 25.42 -37.84 26.84
CA GLU D 97 25.55 -37.52 28.26
C GLU D 97 25.58 -38.77 29.12
N MET D 98 24.51 -39.56 29.06
CA MET D 98 24.44 -40.76 29.89
C MET D 98 25.23 -41.90 29.29
N GLY D 99 25.67 -42.81 30.15
CA GLY D 99 26.45 -43.96 29.76
C GLY D 99 27.83 -43.55 29.23
N ASP D 100 28.45 -44.47 28.50
CA ASP D 100 29.71 -44.20 27.79
C ASP D 100 29.56 -44.53 26.31
N PRO D 101 28.64 -43.84 25.58
CA PRO D 101 28.40 -44.25 24.18
C PRO D 101 29.18 -43.45 23.14
N LEU D 102 29.13 -43.90 21.89
CA LEU D 102 29.71 -43.13 20.79
C LEU D 102 28.64 -42.21 20.20
N ALA D 103 27.51 -42.78 19.76
CA ALA D 103 26.17 -42.22 19.92
C ALA D 103 25.74 -41.04 19.08
N LEU D 104 26.62 -40.42 18.31
CA LEU D 104 26.18 -39.21 17.62
C LEU D 104 26.72 -39.07 16.21
N TYR D 105 27.40 -40.09 15.68
CA TYR D 105 27.86 -40.03 14.30
C TYR D 105 26.75 -40.45 13.36
N GLU D 106 25.79 -41.20 13.87
CA GLU D 106 24.50 -41.38 13.23
C GLU D 106 23.46 -40.45 13.84
N THR D 107 22.69 -39.80 12.98
CA THR D 107 21.62 -38.86 13.32
C THR D 107 20.42 -39.35 12.54
N ASP D 108 19.70 -40.32 13.11
CA ASP D 108 18.60 -40.95 12.40
C ASP D 108 17.28 -40.84 13.13
N LEU D 109 17.29 -40.60 14.44
CA LEU D 109 16.18 -40.15 15.29
C LEU D 109 15.14 -41.24 15.52
N ALA D 110 15.24 -42.38 14.86
CA ALA D 110 14.48 -43.56 15.23
C ALA D 110 15.33 -44.62 15.90
N ARG D 111 16.54 -44.86 15.38
CA ARG D 111 17.42 -45.85 15.96
C ARG D 111 18.17 -45.33 17.19
N LEU D 112 18.36 -44.02 17.30
CA LEU D 112 18.94 -43.54 18.54
C LEU D 112 17.89 -43.49 19.64
N THR D 113 16.62 -43.34 19.26
CA THR D 113 15.54 -43.54 20.23
C THR D 113 15.49 -44.98 20.70
N LYS D 114 15.72 -45.93 19.78
CA LYS D 114 15.88 -47.34 20.11
C LYS D 114 16.99 -47.54 21.12
N ARG D 115 18.18 -46.99 20.85
CA ARG D 115 19.29 -47.14 21.79
C ARG D 115 19.01 -46.46 23.13
N LEU D 116 18.34 -45.31 23.12
CA LEU D 116 18.12 -44.62 24.39
C LEU D 116 17.05 -45.30 25.21
N THR D 117 16.03 -45.89 24.56
CA THR D 117 15.02 -46.59 25.32
C THR D 117 15.46 -47.99 25.74
N GLU D 118 16.54 -48.54 25.15
CA GLU D 118 17.04 -49.77 25.76
C GLU D 118 18.06 -49.46 26.84
N LEU D 119 18.69 -48.29 26.78
CA LEU D 119 19.68 -47.94 27.78
C LEU D 119 19.09 -47.33 29.04
N ILE D 120 17.96 -46.64 28.95
CA ILE D 120 17.32 -46.05 30.12
C ILE D 120 16.82 -47.06 31.15
N PRO D 121 16.51 -48.34 30.83
CA PRO D 121 16.45 -49.33 31.92
C PRO D 121 17.78 -50.06 32.18
N ALA D 122 18.73 -49.98 31.25
CA ALA D 122 19.95 -50.78 31.38
C ALA D 122 20.85 -50.24 32.48
N VAL D 123 21.01 -48.92 32.56
CA VAL D 123 21.79 -48.32 33.63
C VAL D 123 20.93 -47.95 34.83
N GLY D 124 19.60 -47.96 34.69
CA GLY D 124 18.72 -47.68 35.80
C GLY D 124 18.60 -46.20 36.10
N VAL D 125 18.12 -45.44 35.12
CA VAL D 125 17.92 -44.01 35.30
C VAL D 125 16.73 -43.79 36.24
N LYS D 126 16.97 -43.08 37.33
CA LYS D 126 15.88 -42.75 38.25
C LYS D 126 15.18 -41.45 37.91
N LEU D 127 15.86 -40.52 37.24
CA LEU D 127 15.32 -39.20 37.00
C LEU D 127 16.09 -38.53 35.86
N ILE D 128 15.36 -37.86 34.98
CA ILE D 128 15.93 -36.99 33.97
C ILE D 128 15.49 -35.55 34.23
N ILE D 129 16.47 -34.63 34.20
CA ILE D 129 16.30 -33.22 34.54
C ILE D 129 16.79 -32.40 33.34
N ILE D 130 15.96 -31.45 32.88
CA ILE D 130 16.32 -30.58 31.78
C ILE D 130 16.37 -29.15 32.28
N ASP D 131 17.48 -28.46 32.00
CA ASP D 131 17.69 -27.08 32.43
C ASP D 131 16.93 -26.06 31.59
N GLU D 132 17.11 -26.06 30.27
CA GLU D 132 16.82 -24.87 29.48
C GLU D 132 15.67 -25.14 28.51
N PHE D 133 14.46 -24.84 28.96
CA PHE D 133 13.28 -25.06 28.14
C PHE D 133 12.92 -23.87 27.27
N GLN D 134 13.49 -22.70 27.53
CA GLN D 134 13.17 -21.50 26.78
C GLN D 134 13.84 -21.45 25.41
N HIS D 135 14.64 -22.44 25.07
CA HIS D 135 15.33 -22.50 23.80
C HIS D 135 14.46 -23.00 22.67
N LEU D 136 13.19 -23.27 22.92
CA LEU D 136 12.33 -23.81 21.88
C LEU D 136 11.41 -22.76 21.28
N VAL D 137 11.57 -21.51 21.65
CA VAL D 137 10.84 -20.42 21.02
C VAL D 137 11.75 -19.77 20.00
N GLU D 138 11.15 -19.27 18.91
CA GLU D 138 11.90 -18.59 17.87
C GLU D 138 12.39 -17.25 18.40
N GLU D 139 13.53 -16.78 17.86
CA GLU D 139 14.06 -15.45 18.23
C GLU D 139 13.11 -14.33 17.84
N ARG D 140 12.89 -14.16 16.53
CA ARG D 140 12.30 -12.95 16.01
C ARG D 140 10.77 -12.97 16.07
N SER D 141 10.18 -14.16 16.09
CA SER D 141 8.74 -14.30 16.28
C SER D 141 8.50 -15.22 17.46
N ASN D 142 7.26 -15.24 17.94
CA ASN D 142 6.90 -16.11 19.04
C ASN D 142 6.19 -17.37 18.58
N ARG D 143 6.53 -17.88 17.40
CA ARG D 143 6.26 -19.28 17.14
C ARG D 143 7.13 -20.11 18.07
N VAL D 144 6.57 -21.23 18.50
CA VAL D 144 7.29 -22.20 19.32
C VAL D 144 7.29 -23.50 18.55
N LEU D 145 8.42 -24.19 18.58
CA LEU D 145 8.53 -25.49 17.93
C LEU D 145 8.33 -26.57 18.98
N THR D 146 7.41 -27.49 18.71
CA THR D 146 7.18 -28.60 19.62
C THR D 146 7.42 -29.95 18.93
N GLN D 147 8.45 -30.03 18.10
CA GLN D 147 8.96 -31.34 17.72
C GLN D 147 9.55 -32.03 18.94
N VAL D 148 10.38 -31.30 19.69
CA VAL D 148 10.96 -31.82 20.91
C VAL D 148 9.92 -32.07 21.98
N GLY D 149 8.80 -31.33 21.98
CA GLY D 149 7.78 -31.57 22.97
C GLY D 149 7.05 -32.88 22.74
N ASN D 150 6.66 -33.15 21.49
CA ASN D 150 6.03 -34.42 21.20
C ASN D 150 7.01 -35.57 21.30
N TRP D 151 8.29 -35.31 21.02
CA TRP D 151 9.30 -36.35 21.23
C TRP D 151 9.49 -36.65 22.70
N LEU D 152 9.42 -35.62 23.54
CA LEU D 152 9.53 -35.83 24.98
C LEU D 152 8.31 -36.54 25.53
N LYS D 153 7.12 -36.27 24.97
CA LYS D 153 5.95 -37.07 25.34
C LYS D 153 6.13 -38.52 24.93
N MET D 154 6.74 -38.74 23.76
CA MET D 154 6.97 -40.09 23.27
C MET D 154 7.92 -40.85 24.18
N ILE D 155 9.01 -40.23 24.59
CA ILE D 155 9.95 -40.91 25.48
C ILE D 155 9.37 -41.01 26.89
N LEU D 156 8.42 -40.14 27.24
CA LEU D 156 7.76 -40.26 28.53
C LEU D 156 6.82 -41.45 28.55
N ASN D 157 6.04 -41.64 27.49
CA ASN D 157 5.09 -42.74 27.44
C ASN D 157 5.74 -44.05 27.07
N LYS D 158 6.92 -44.02 26.46
CA LYS D 158 7.63 -45.24 26.12
C LYS D 158 8.19 -45.91 27.38
N THR D 159 9.10 -45.23 28.07
CA THR D 159 9.57 -45.64 29.38
C THR D 159 9.17 -44.59 30.41
N LYS D 160 8.77 -45.06 31.58
CA LYS D 160 8.01 -44.24 32.53
C LYS D 160 8.94 -43.55 33.51
N CYS D 161 9.94 -42.86 32.96
CA CYS D 161 10.92 -42.17 33.78
C CYS D 161 10.44 -40.76 34.08
N PRO D 162 10.51 -40.30 35.33
CA PRO D 162 10.06 -38.95 35.64
C PRO D 162 11.01 -37.90 35.08
N ILE D 163 10.43 -36.78 34.66
CA ILE D 163 11.13 -35.68 34.01
C ILE D 163 10.86 -34.39 34.78
N VAL D 164 11.93 -33.66 35.09
CA VAL D 164 11.84 -32.39 35.79
C VAL D 164 12.42 -31.32 34.87
N ILE D 165 11.57 -30.44 34.38
CA ILE D 165 11.96 -29.40 33.45
C ILE D 165 12.14 -28.10 34.22
N PHE D 166 13.29 -27.46 34.05
CA PHE D 166 13.50 -26.10 34.51
C PHE D 166 13.36 -25.17 33.32
N GLY D 167 13.28 -23.87 33.57
CA GLY D 167 13.18 -22.95 32.46
C GLY D 167 12.75 -21.57 32.89
N MET D 168 12.74 -20.69 31.90
CA MET D 168 12.38 -19.29 32.08
C MET D 168 10.88 -19.17 32.31
N PRO D 169 10.41 -18.08 32.94
CA PRO D 169 8.97 -17.92 33.14
C PRO D 169 8.19 -17.65 31.86
N TYR D 170 8.82 -17.11 30.83
CA TYR D 170 8.13 -16.98 29.56
C TYR D 170 8.12 -18.26 28.74
N SER D 171 8.78 -19.31 29.22
CA SER D 171 8.86 -20.57 28.50
C SER D 171 7.66 -21.47 28.74
N LYS D 172 6.64 -20.98 29.43
CA LYS D 172 5.51 -21.83 29.76
C LYS D 172 4.47 -21.85 28.66
N VAL D 173 4.52 -20.85 27.76
CA VAL D 173 3.61 -20.85 26.63
C VAL D 173 3.93 -21.97 25.66
N VAL D 174 5.19 -22.42 25.65
CA VAL D 174 5.57 -23.66 24.98
C VAL D 174 4.75 -24.82 25.50
N LEU D 175 4.60 -24.89 26.82
CA LEU D 175 3.76 -25.93 27.40
C LEU D 175 2.29 -25.66 27.12
N GLN D 176 1.94 -24.42 26.80
CA GLN D 176 0.59 -24.10 26.36
C GLN D 176 0.35 -24.49 24.91
N ALA D 177 1.40 -24.88 24.19
CA ALA D 177 1.24 -25.30 22.80
C ALA D 177 0.58 -26.67 22.75
N ASN D 178 1.22 -27.66 23.35
CA ASN D 178 0.70 -29.02 23.38
C ASN D 178 -0.11 -29.20 24.67
N SER D 179 -1.40 -29.47 24.51
CA SER D 179 -2.25 -29.65 25.68
C SER D 179 -1.97 -30.97 26.39
N GLN D 180 -1.48 -31.96 25.67
CA GLN D 180 -1.12 -33.20 26.34
C GLN D 180 0.17 -33.04 27.15
N LEU D 181 1.09 -32.21 26.66
CA LEU D 181 2.22 -31.80 27.48
C LEU D 181 1.76 -30.98 28.67
N HIS D 182 0.73 -30.16 28.49
CA HIS D 182 0.22 -29.34 29.57
C HIS D 182 -0.40 -30.18 30.67
N GLY D 183 -1.17 -31.20 30.28
CA GLY D 183 -1.77 -32.08 31.26
C GLY D 183 -0.80 -33.06 31.88
N ARG D 184 0.23 -33.46 31.13
CA ARG D 184 1.18 -34.41 31.69
C ARG D 184 2.11 -33.74 32.69
N PHE D 185 2.27 -32.42 32.63
CA PHE D 185 3.09 -31.69 33.59
C PHE D 185 2.15 -30.96 34.53
N SER D 186 1.96 -31.55 35.71
CA SER D 186 0.95 -31.13 36.68
C SER D 186 1.50 -30.12 37.68
N ILE D 187 2.68 -30.37 38.22
CA ILE D 187 3.26 -29.54 39.27
C ILE D 187 4.17 -28.48 38.65
N GLN D 188 3.65 -27.27 38.53
CA GLN D 188 4.43 -26.07 38.22
C GLN D 188 4.55 -25.17 39.44
N VAL D 189 5.75 -24.66 39.68
CA VAL D 189 6.07 -23.90 40.88
C VAL D 189 6.52 -22.51 40.47
N GLU D 190 6.89 -21.72 41.48
CA GLU D 190 7.24 -20.31 41.30
C GLU D 190 8.50 -19.98 42.11
N LEU D 191 9.65 -19.97 41.44
CA LEU D 191 10.91 -19.56 42.07
C LEU D 191 11.20 -18.10 41.70
N ARG D 192 10.42 -17.22 42.30
CA ARG D 192 10.54 -15.79 42.08
C ARG D 192 11.61 -15.21 42.99
N PRO D 193 12.18 -14.03 42.65
CA PRO D 193 13.21 -13.44 43.53
C PRO D 193 12.69 -12.94 44.85
N PHE D 194 13.59 -12.30 45.61
CA PHE D 194 13.26 -11.84 46.95
C PHE D 194 12.29 -10.67 46.91
N SER D 195 11.30 -10.72 47.80
CA SER D 195 10.11 -9.88 47.60
C SER D 195 10.31 -8.46 48.09
N TYR D 196 10.61 -8.27 49.38
CA TYR D 196 10.59 -6.92 49.95
C TYR D 196 11.83 -6.66 50.79
N GLN D 197 11.93 -5.42 51.29
CA GLN D 197 13.04 -4.99 52.18
C GLN D 197 12.48 -4.45 53.51
N GLY D 198 11.15 -4.38 53.63
CA GLY D 198 10.51 -3.77 54.79
C GLY D 198 10.73 -4.32 56.19
N GLY D 199 11.20 -5.55 56.35
CA GLY D 199 11.47 -6.13 57.65
C GLY D 199 10.75 -7.45 57.87
N ARG D 200 11.42 -8.30 58.65
CA ARG D 200 11.01 -9.68 58.99
C ARG D 200 10.78 -10.53 57.74
N GLY D 201 11.66 -10.39 56.75
CA GLY D 201 11.62 -11.22 55.57
C GLY D 201 12.48 -12.46 55.68
N VAL D 202 12.25 -13.36 54.73
CA VAL D 202 13.16 -14.46 54.43
C VAL D 202 14.52 -13.93 53.98
N PHE D 203 14.52 -12.74 53.35
CA PHE D 203 15.71 -12.02 52.94
C PHE D 203 16.67 -11.80 54.11
N LYS D 204 16.15 -11.47 55.30
CA LYS D 204 16.91 -11.29 56.53
C LYS D 204 17.76 -12.51 56.88
N THR D 205 17.08 -13.63 57.09
CA THR D 205 17.72 -14.88 57.49
C THR D 205 18.65 -15.40 56.42
N PHE D 206 18.27 -15.26 55.14
CA PHE D 206 19.19 -15.55 54.05
C PHE D 206 20.46 -14.72 54.17
N LEU D 207 20.31 -13.43 54.50
CA LEU D 207 21.43 -12.51 54.51
C LEU D 207 22.38 -12.84 55.64
N GLU D 208 21.86 -13.16 56.81
CA GLU D 208 22.77 -13.46 57.91
C GLU D 208 23.30 -14.89 57.88
N TYR D 209 22.60 -15.82 57.23
CA TYR D 209 23.22 -17.12 56.95
C TYR D 209 24.36 -16.97 55.96
N LEU D 210 24.21 -16.08 54.96
CA LEU D 210 25.34 -15.74 54.11
C LEU D 210 26.44 -15.05 54.89
N ASP D 211 26.06 -14.29 55.93
CA ASP D 211 27.04 -13.58 56.72
C ASP D 211 27.89 -14.53 57.54
N LYS D 212 27.26 -15.54 58.15
CA LYS D 212 28.07 -16.52 58.86
C LYS D 212 28.79 -17.45 57.88
N ALA D 213 28.28 -17.56 56.65
CA ALA D 213 28.96 -18.37 55.64
C ALA D 213 30.20 -17.70 55.06
N LEU D 214 30.38 -16.40 55.27
CA LEU D 214 31.49 -15.67 54.68
C LEU D 214 32.80 -16.05 55.37
N PRO D 215 33.94 -15.93 54.66
CA PRO D 215 35.23 -16.33 55.26
C PRO D 215 35.76 -15.42 56.36
N PHE D 216 35.07 -14.34 56.74
CA PHE D 216 35.61 -13.47 57.77
C PHE D 216 35.11 -13.92 59.14
N GLU D 217 36.04 -14.07 60.08
CA GLU D 217 35.85 -14.96 61.23
C GLU D 217 35.27 -14.24 62.44
N LYS D 218 34.87 -12.98 62.30
CA LYS D 218 34.20 -12.34 63.42
C LYS D 218 32.76 -11.96 63.13
N GLN D 219 32.51 -11.24 62.03
CA GLN D 219 31.23 -10.66 61.66
C GLN D 219 31.45 -10.04 60.28
N ALA D 220 30.43 -10.09 59.44
CA ALA D 220 30.51 -9.44 58.14
C ALA D 220 29.91 -8.04 58.14
N GLY D 221 29.23 -7.64 59.22
CA GLY D 221 28.64 -6.31 59.30
C GLY D 221 27.38 -6.13 58.49
N LEU D 222 26.95 -7.13 57.74
CA LEU D 222 25.83 -7.03 56.83
C LEU D 222 24.55 -7.38 57.56
N ALA D 223 23.44 -7.36 56.82
CA ALA D 223 22.07 -7.57 57.34
C ALA D 223 21.75 -6.61 58.49
N ASN D 224 22.05 -5.33 58.30
CA ASN D 224 21.85 -4.31 59.32
C ASN D 224 20.71 -3.39 58.91
N GLU D 225 20.61 -2.25 59.60
CA GLU D 225 19.42 -1.43 59.53
C GLU D 225 19.45 -0.71 58.19
N SER D 226 20.64 -0.27 57.76
CA SER D 226 20.77 0.53 56.54
C SER D 226 21.46 -0.23 55.41
N LEU D 227 22.12 -1.36 55.70
CA LEU D 227 22.88 -2.03 54.66
C LEU D 227 21.97 -2.79 53.70
N GLN D 228 20.94 -3.45 54.21
CA GLN D 228 20.01 -4.13 53.31
C GLN D 228 19.20 -3.15 52.48
N LYS D 229 19.08 -1.89 52.93
CA LYS D 229 18.46 -0.84 52.12
C LYS D 229 19.22 -0.63 50.81
N LYS D 230 20.53 -0.37 50.90
CA LYS D 230 21.30 -0.19 49.68
C LYS D 230 21.57 -1.50 48.95
N LEU D 231 21.49 -2.63 49.65
CA LEU D 231 21.60 -3.92 48.99
C LEU D 231 20.40 -4.18 48.09
N TYR D 232 19.18 -3.99 48.62
CA TYR D 232 17.97 -4.12 47.80
C TYR D 232 17.84 -2.97 46.82
N ALA D 233 18.53 -1.85 47.07
CA ALA D 233 18.61 -0.80 46.06
C ALA D 233 19.49 -1.22 44.90
N PHE D 234 20.52 -2.03 45.16
CA PHE D 234 21.41 -2.45 44.08
C PHE D 234 20.79 -3.57 43.26
N SER D 235 20.54 -4.71 43.90
CA SER D 235 19.91 -5.84 43.24
C SER D 235 18.41 -5.75 43.50
N GLN D 236 17.62 -6.01 42.47
CA GLN D 236 16.16 -5.92 42.58
C GLN D 236 15.62 -6.92 43.57
N GLY D 237 15.73 -8.20 43.23
CA GLY D 237 15.62 -9.29 44.18
C GLY D 237 16.65 -10.27 43.69
N ASN D 238 17.50 -9.76 42.80
CA ASN D 238 18.26 -10.55 41.85
C ASN D 238 19.39 -11.26 42.57
N MET D 239 19.27 -12.58 42.69
CA MET D 239 20.21 -13.37 43.49
C MET D 239 21.62 -13.35 42.91
N ARG D 240 21.72 -13.43 41.57
CA ARG D 240 23.02 -13.49 40.91
C ARG D 240 23.81 -12.20 41.11
N SER D 241 23.17 -11.05 40.91
CA SER D 241 23.88 -9.79 41.06
C SER D 241 24.18 -9.46 42.52
N LEU D 242 23.30 -9.83 43.44
CA LEU D 242 23.56 -9.63 44.87
C LEU D 242 24.76 -10.45 45.31
N ARG D 243 24.76 -11.74 44.99
CA ARG D 243 25.89 -12.60 45.32
C ARG D 243 27.15 -12.20 44.58
N ASN D 244 27.02 -11.69 43.37
CA ASN D 244 28.18 -11.26 42.58
C ASN D 244 28.85 -10.05 43.21
N LEU D 245 28.05 -9.05 43.58
CA LEU D 245 28.58 -7.86 44.23
C LEU D 245 29.17 -8.18 45.60
N ILE D 246 28.54 -9.10 46.33
CA ILE D 246 29.03 -9.52 47.64
C ILE D 246 30.39 -10.22 47.49
N TYR D 247 30.53 -11.09 46.49
CA TYR D 247 31.79 -11.77 46.24
C TYR D 247 32.86 -10.80 45.77
N GLN D 248 32.47 -9.80 44.97
CA GLN D 248 33.44 -8.83 44.47
C GLN D 248 33.89 -7.88 45.57
N ALA D 249 33.08 -7.70 46.60
CA ALA D 249 33.55 -6.99 47.78
C ALA D 249 34.46 -7.86 48.65
N SER D 250 34.13 -9.16 48.76
CA SER D 250 34.90 -10.05 49.64
C SER D 250 36.31 -10.28 49.12
N ILE D 251 36.46 -10.37 47.79
CA ILE D 251 37.80 -10.46 47.22
C ILE D 251 38.58 -9.15 47.43
N GLU D 252 37.92 -8.02 47.40
CA GLU D 252 38.62 -6.75 47.57
C GLU D 252 39.08 -6.59 49.00
N ALA D 253 38.29 -7.09 49.94
CA ALA D 253 38.71 -7.09 51.34
C ALA D 253 39.85 -8.06 51.60
N ILE D 254 39.92 -9.16 50.87
CA ILE D 254 41.00 -10.11 51.17
C ILE D 254 42.23 -9.83 50.30
N ASP D 255 42.12 -8.89 49.36
CA ASP D 255 43.30 -8.46 48.59
C ASP D 255 44.33 -7.76 49.48
N ASN D 256 43.87 -6.96 50.43
CA ASN D 256 44.77 -6.25 51.32
C ASN D 256 44.43 -6.54 52.78
N GLN D 257 45.03 -5.76 53.68
CA GLN D 257 44.63 -5.81 55.08
C GLN D 257 43.23 -5.23 55.28
N HIS D 258 42.25 -6.09 55.52
CA HIS D 258 40.91 -5.68 55.88
C HIS D 258 40.32 -6.76 56.78
N GLU D 259 39.58 -6.31 57.81
CA GLU D 259 39.05 -7.25 58.80
C GLU D 259 37.61 -7.68 58.50
N THR D 260 36.87 -6.87 57.76
CA THR D 260 35.51 -7.20 57.33
C THR D 260 35.23 -6.38 56.08
N ILE D 261 34.15 -6.70 55.37
CA ILE D 261 33.67 -5.86 54.28
C ILE D 261 33.21 -4.53 54.88
N THR D 262 33.73 -3.43 54.34
CA THR D 262 33.50 -2.12 54.96
C THR D 262 33.26 -1.08 53.87
N GLU D 263 33.32 0.20 54.26
CA GLU D 263 32.74 1.28 53.47
C GLU D 263 33.78 1.98 52.58
N GLU D 264 34.73 1.19 52.07
CA GLU D 264 35.69 1.77 51.14
C GLU D 264 35.89 0.83 49.94
N ASP D 265 35.53 -0.44 50.14
CA ASP D 265 35.83 -1.49 49.18
C ASP D 265 34.53 -2.07 48.62
N PHE D 266 33.45 -1.96 49.40
CA PHE D 266 32.12 -2.29 48.93
C PHE D 266 31.67 -1.32 47.86
N VAL D 267 32.11 -0.06 47.95
CA VAL D 267 31.88 0.94 46.91
C VAL D 267 32.53 0.57 45.59
N PHE D 268 33.79 0.13 45.58
CA PHE D 268 34.46 -0.26 44.34
C PHE D 268 33.80 -1.49 43.73
N ALA D 269 33.24 -2.36 44.58
CA ALA D 269 32.40 -3.45 44.12
C ALA D 269 31.12 -2.95 43.48
N SER D 270 30.57 -1.83 43.96
CA SER D 270 29.43 -1.26 43.26
C SER D 270 29.85 -0.61 41.94
N LYS D 271 31.08 -0.07 41.89
CA LYS D 271 31.66 0.48 40.67
C LYS D 271 31.82 -0.57 39.58
N LEU D 272 32.21 -1.81 39.92
CA LEU D 272 32.41 -2.83 38.89
C LEU D 272 31.10 -3.38 38.35
N THR D 273 30.24 -3.93 39.21
CA THR D 273 29.12 -4.76 38.76
C THR D 273 27.85 -3.95 38.57
N SER D 274 27.98 -2.70 38.14
CA SER D 274 26.85 -1.85 37.82
C SER D 274 26.55 -1.84 36.33
N GLY D 275 27.19 -2.71 35.55
CA GLY D 275 27.06 -2.70 34.11
C GLY D 275 25.78 -3.27 33.57
N ASP D 276 25.30 -4.38 34.16
CA ASP D 276 24.13 -5.05 33.62
C ASP D 276 22.84 -4.33 33.95
N LYS D 277 22.88 -3.35 34.85
CA LYS D 277 21.67 -2.71 35.32
C LYS D 277 21.15 -1.73 34.26
N PRO D 278 19.83 -1.47 34.26
CA PRO D 278 19.29 -0.51 33.29
C PRO D 278 19.71 0.92 33.58
N ASN D 279 19.33 1.80 32.65
CA ASN D 279 19.70 3.20 32.77
C ASN D 279 18.90 3.91 33.87
N SER D 280 17.62 3.59 33.98
CA SER D 280 16.76 4.20 34.98
C SER D 280 16.97 3.63 36.38
N TRP D 281 17.65 2.49 36.50
CA TRP D 281 18.06 1.98 37.80
C TRP D 281 19.06 2.94 38.43
N LYS D 282 18.90 3.20 39.71
CA LYS D 282 19.76 4.17 40.37
C LYS D 282 20.89 3.52 41.15
N ASN D 283 22.08 4.07 40.97
CA ASN D 283 23.43 3.78 41.47
C ASN D 283 23.60 4.45 42.83
N PRO D 284 23.53 3.69 43.94
CA PRO D 284 23.29 4.33 45.25
C PRO D 284 24.45 4.50 46.23
N PHE D 285 25.70 4.21 45.88
CA PHE D 285 26.69 3.99 46.94
C PHE D 285 27.74 5.08 47.09
N GLU D 286 28.02 5.88 46.07
CA GLU D 286 29.30 6.62 46.07
C GLU D 286 29.27 7.83 47.00
N GLU D 287 28.46 8.85 46.70
CA GLU D 287 28.67 10.11 47.40
C GLU D 287 27.49 10.57 48.25
N GLY D 288 26.26 10.56 47.74
CA GLY D 288 25.17 11.12 48.52
C GLY D 288 23.81 10.53 48.26
N VAL D 289 23.74 9.36 47.61
CA VAL D 289 22.48 8.86 47.09
C VAL D 289 21.74 8.17 48.23
N GLU D 290 20.84 8.91 48.86
CA GLU D 290 19.82 8.33 49.73
C GLU D 290 18.66 7.73 48.92
N VAL D 291 18.12 6.62 49.41
CA VAL D 291 17.25 5.75 48.62
C VAL D 291 15.80 5.97 49.05
N THR D 292 14.95 6.30 48.09
CA THR D 292 13.54 6.55 48.37
C THR D 292 12.83 5.23 48.68
N GLU D 293 11.57 5.30 49.12
CA GLU D 293 10.88 4.08 49.52
C GLU D 293 10.37 3.35 48.29
N ASP D 294 10.05 4.08 47.21
CA ASP D 294 9.52 3.45 46.00
C ASP D 294 10.56 2.62 45.28
N MET D 295 11.85 2.71 45.65
CA MET D 295 12.84 2.01 44.87
C MET D 295 13.16 0.64 45.49
N LEU D 296 12.61 0.38 46.68
CA LEU D 296 12.64 -0.97 47.27
C LEU D 296 11.35 -1.73 46.98
N ARG D 297 10.68 -1.38 45.88
CA ARG D 297 9.36 -1.88 45.52
C ARG D 297 9.52 -3.32 45.05
N PRO D 298 8.54 -4.20 45.32
CA PRO D 298 8.72 -5.62 45.02
C PRO D 298 8.76 -5.87 43.52
N PRO D 299 9.39 -6.97 43.09
CA PRO D 299 9.53 -7.22 41.66
C PRO D 299 8.20 -7.58 41.03
N PRO D 300 8.00 -7.22 39.77
CA PRO D 300 6.70 -7.46 39.14
C PRO D 300 6.52 -8.92 38.75
N LYS D 301 5.36 -9.20 38.15
CA LYS D 301 5.05 -10.57 37.74
C LYS D 301 5.76 -10.94 36.45
N ASP D 302 5.88 -9.98 35.51
CA ASP D 302 6.62 -10.21 34.27
C ASP D 302 8.09 -9.85 34.48
N ILE D 303 8.72 -10.56 35.42
CA ILE D 303 10.12 -10.36 35.77
C ILE D 303 11.00 -11.37 35.04
N GLY D 304 10.42 -12.48 34.62
CA GLY D 304 11.09 -13.38 33.72
C GLY D 304 10.44 -13.39 32.36
N TRP D 305 9.90 -12.24 31.96
CA TRP D 305 9.14 -12.15 30.72
C TRP D 305 9.62 -11.05 29.79
N GLU D 306 10.69 -10.34 30.14
CA GLU D 306 11.16 -9.26 29.27
C GLU D 306 12.01 -9.76 28.10
N ASP D 307 12.08 -11.07 27.89
CA ASP D 307 12.58 -11.57 26.61
C ASP D 307 11.48 -11.69 25.58
N TYR D 308 10.27 -11.24 25.90
CA TYR D 308 9.09 -11.62 25.14
C TYR D 308 8.20 -10.46 24.69
N LEU D 309 8.46 -9.22 25.13
CA LEU D 309 7.46 -8.18 24.82
C LEU D 309 7.62 -7.69 23.38
N ARG D 310 8.86 -7.62 22.92
CA ARG D 310 9.21 -6.83 21.74
C ARG D 310 8.64 -7.41 20.45
N HIS D 311 8.53 -8.73 20.37
CA HIS D 311 7.92 -9.37 19.22
C HIS D 311 6.57 -9.98 19.61
N THR E 1 6.24 -46.78 54.24
CA THR E 1 5.71 -46.47 52.92
C THR E 1 4.91 -47.65 52.36
N ARG E 2 5.54 -48.82 52.33
CA ARG E 2 4.95 -50.08 51.85
C ARG E 2 4.49 -49.93 50.40
N GLU E 3 5.48 -49.84 49.51
CA GLU E 3 5.35 -49.55 48.09
C GLU E 3 4.32 -50.40 47.35
N ALA E 4 3.97 -51.59 47.87
CA ALA E 4 2.84 -52.34 47.36
C ALA E 4 1.55 -51.52 47.44
N ARG E 5 1.33 -50.82 48.56
CA ARG E 5 0.14 -49.98 48.68
C ARG E 5 0.20 -48.79 47.74
N ILE E 6 1.40 -48.29 47.43
CA ILE E 6 1.53 -47.15 46.54
C ILE E 6 1.21 -47.54 45.10
N SER E 7 1.83 -48.63 44.62
CA SER E 7 1.55 -49.11 43.26
C SER E 7 0.13 -49.63 43.13
N ARG E 8 -0.40 -50.27 44.18
CA ARG E 8 -1.77 -50.72 44.22
C ARG E 8 -2.76 -49.57 44.36
N ALA E 9 -2.31 -48.40 44.82
CA ALA E 9 -3.16 -47.22 44.80
C ALA E 9 -3.09 -46.51 43.46
N LYS E 10 -1.96 -46.58 42.76
CA LYS E 10 -1.84 -45.95 41.46
C LYS E 10 -2.54 -46.77 40.38
N ARG E 11 -2.22 -48.06 40.30
CA ARG E 11 -2.87 -48.95 39.34
C ARG E 11 -4.23 -49.36 39.87
N ALA E 12 -5.21 -48.50 39.64
CA ALA E 12 -6.61 -48.83 39.91
C ALA E 12 -7.44 -48.42 38.71
N PHE E 13 -8.42 -49.24 38.36
CA PHE E 13 -9.20 -49.07 37.15
C PHE E 13 -10.68 -49.18 37.46
N VAL E 14 -11.45 -48.20 37.00
CA VAL E 14 -12.91 -48.21 37.15
C VAL E 14 -13.51 -48.27 35.75
N SER E 15 -14.37 -49.24 35.51
CA SER E 15 -14.95 -49.46 34.18
C SER E 15 -16.25 -48.69 34.10
N THR E 16 -16.18 -47.46 33.61
CA THR E 16 -17.38 -46.73 33.23
C THR E 16 -17.99 -47.38 31.99
N PRO E 17 -19.30 -47.25 31.77
CA PRO E 17 -19.93 -47.99 30.65
C PRO E 17 -19.44 -47.62 29.26
N SER E 18 -18.87 -46.43 29.09
CA SER E 18 -18.31 -46.08 27.78
C SER E 18 -17.07 -46.91 27.48
N VAL E 19 -16.27 -47.23 28.51
CA VAL E 19 -15.08 -48.04 28.31
C VAL E 19 -15.43 -49.47 27.92
N ARG E 20 -16.37 -50.10 28.63
CA ARG E 20 -16.79 -51.44 28.27
C ARG E 20 -17.55 -51.46 26.95
N LYS E 21 -18.25 -50.37 26.60
CA LYS E 21 -18.80 -50.21 25.26
C LYS E 21 -17.70 -50.26 24.20
N ILE E 22 -16.59 -49.56 24.46
CA ILE E 22 -15.44 -49.58 23.55
C ILE E 22 -14.88 -50.98 23.42
N LEU E 23 -14.55 -51.63 24.55
CA LEU E 23 -13.87 -52.92 24.50
C LEU E 23 -14.74 -54.01 23.89
N SER E 24 -16.06 -53.91 24.10
CA SER E 24 -17.00 -54.75 23.39
C SER E 24 -16.93 -54.52 21.89
N TYR E 25 -16.85 -53.25 21.47
CA TYR E 25 -16.72 -52.96 20.05
C TYR E 25 -15.39 -53.45 19.48
N MET E 26 -14.31 -53.44 20.26
CA MET E 26 -13.08 -53.94 19.64
C MET E 26 -13.00 -55.46 19.61
N ASP E 27 -13.65 -56.18 20.53
CA ASP E 27 -13.76 -57.62 20.31
C ASP E 27 -14.69 -57.95 19.15
N ARG E 28 -15.75 -57.14 19.01
CA ARG E 28 -16.62 -57.19 17.85
C ARG E 28 -15.84 -56.98 16.56
N CYS E 29 -14.92 -56.03 16.56
CA CYS E 29 -14.07 -55.76 15.41
C CYS E 29 -13.04 -56.86 15.18
N ARG E 30 -12.53 -57.46 16.26
CA ARG E 30 -11.52 -58.51 16.17
C ARG E 30 -12.09 -59.78 15.55
N ASP E 31 -13.07 -60.41 16.19
CA ASP E 31 -13.66 -61.56 15.52
C ASP E 31 -14.97 -61.24 14.81
N LEU E 32 -15.10 -60.04 14.25
CA LEU E 32 -16.02 -59.85 13.14
C LEU E 32 -15.29 -59.78 11.82
N SER E 33 -14.12 -59.15 11.81
CA SER E 33 -13.26 -59.16 10.63
C SER E 33 -12.76 -60.59 10.44
N ASP E 34 -13.06 -61.17 9.28
CA ASP E 34 -12.86 -62.58 9.03
C ASP E 34 -11.51 -62.87 8.39
N LEU E 35 -10.75 -61.82 8.04
CA LEU E 35 -9.47 -61.88 7.32
C LEU E 35 -9.58 -62.53 5.95
N GLU E 36 -10.78 -62.61 5.40
CA GLU E 36 -11.02 -62.96 4.01
C GLU E 36 -11.39 -61.74 3.18
N SER E 37 -12.34 -60.94 3.68
CA SER E 37 -12.97 -59.83 3.02
C SER E 37 -12.75 -58.54 3.81
N GLU E 38 -13.51 -57.50 3.42
CA GLU E 38 -13.23 -56.11 3.79
C GLU E 38 -13.48 -55.90 5.29
N PRO E 39 -12.52 -55.30 6.03
CA PRO E 39 -12.70 -55.14 7.48
C PRO E 39 -13.64 -54.00 7.87
N THR E 40 -13.72 -53.73 9.18
CA THR E 40 -14.72 -52.82 9.73
C THR E 40 -14.16 -51.45 10.10
N CYS E 41 -12.94 -51.41 10.65
CA CYS E 41 -12.10 -50.22 10.79
C CYS E 41 -12.74 -49.13 11.66
N MET E 42 -12.82 -49.42 12.94
CA MET E 42 -13.35 -48.50 13.94
C MET E 42 -12.40 -47.32 14.17
N MET E 43 -12.96 -46.18 14.58
CA MET E 43 -12.23 -45.00 15.00
C MET E 43 -12.72 -44.55 16.37
N VAL E 44 -11.78 -44.24 17.27
CA VAL E 44 -12.10 -43.85 18.65
C VAL E 44 -11.57 -42.44 18.89
N TYR E 45 -12.37 -41.58 19.48
CA TYR E 45 -11.90 -40.25 19.84
C TYR E 45 -11.78 -40.10 21.35
N GLY E 46 -11.46 -38.88 21.78
CA GLY E 46 -11.33 -38.56 23.18
C GLY E 46 -10.28 -37.49 23.41
N ALA E 47 -10.54 -36.59 24.36
CA ALA E 47 -9.68 -35.45 24.61
C ALA E 47 -8.43 -35.88 25.38
N SER E 48 -7.71 -34.91 25.92
CA SER E 48 -6.48 -35.21 26.65
C SER E 48 -6.82 -35.75 28.03
N GLY E 49 -6.24 -36.90 28.38
CA GLY E 49 -6.42 -37.44 29.71
C GLY E 49 -7.79 -38.01 29.99
N VAL E 50 -8.45 -38.62 29.01
CA VAL E 50 -9.74 -39.25 29.22
C VAL E 50 -9.64 -40.75 29.36
N GLY E 51 -8.45 -41.29 29.48
CA GLY E 51 -8.27 -42.70 29.75
C GLY E 51 -8.05 -43.59 28.56
N LYS E 52 -7.50 -43.06 27.46
CA LYS E 52 -7.40 -43.86 26.23
C LYS E 52 -6.35 -44.94 26.35
N THR E 53 -5.13 -44.58 26.78
CA THR E 53 -4.05 -45.54 26.87
C THR E 53 -4.36 -46.62 27.89
N THR E 54 -5.04 -46.26 28.97
CA THR E 54 -5.48 -47.23 29.96
C THR E 54 -6.47 -48.22 29.35
N VAL E 55 -7.34 -47.73 28.46
CA VAL E 55 -8.28 -48.60 27.76
C VAL E 55 -7.54 -49.61 26.89
N ILE E 56 -6.53 -49.16 26.13
CA ILE E 56 -5.91 -50.14 25.25
C ILE E 56 -5.02 -51.10 26.04
N LYS E 57 -4.40 -50.64 27.13
CA LYS E 57 -3.63 -51.58 27.96
C LYS E 57 -4.51 -52.60 28.67
N LYS E 58 -5.70 -52.19 29.12
CA LYS E 58 -6.74 -53.14 29.51
C LYS E 58 -7.03 -54.13 28.39
N TYR E 59 -7.10 -53.64 27.17
CA TYR E 59 -7.46 -54.50 26.05
C TYR E 59 -6.36 -55.50 25.72
N LEU E 60 -5.10 -55.09 25.71
CA LEU E 60 -4.04 -56.05 25.40
C LEU E 60 -3.81 -57.01 26.57
N ASN E 61 -4.11 -56.59 27.80
CA ASN E 61 -4.20 -57.54 28.90
C ASN E 61 -5.23 -58.63 28.61
N GLN E 62 -6.49 -58.23 28.52
CA GLN E 62 -7.61 -59.17 28.41
C GLN E 62 -7.68 -59.88 27.07
N ALA E 63 -6.89 -59.47 26.09
CA ALA E 63 -6.88 -60.10 24.77
C ALA E 63 -5.60 -60.84 24.45
N ALA E 64 -4.48 -60.56 25.11
CA ALA E 64 -3.21 -61.07 24.66
C ALA E 64 -2.30 -61.52 25.78
N ALA E 65 -2.79 -61.58 27.03
CA ALA E 65 -1.95 -62.06 28.13
C ALA E 65 -1.54 -63.52 27.93
N ALA E 66 -2.52 -64.41 27.75
CA ALA E 66 -2.23 -65.83 27.58
C ALA E 66 -1.56 -66.14 26.24
N ALA E 67 -1.89 -65.40 25.18
CA ALA E 67 -1.29 -65.69 23.88
C ALA E 67 0.14 -65.14 23.78
N ALA E 68 0.46 -64.08 24.54
CA ALA E 68 1.85 -63.66 24.63
C ALA E 68 2.65 -64.53 25.59
N ALA E 69 2.01 -65.11 26.60
CA ALA E 69 2.70 -66.08 27.45
C ALA E 69 2.89 -67.43 26.76
N GLY E 70 2.07 -67.74 25.75
CA GLY E 70 2.20 -69.03 25.08
C GLY E 70 3.36 -69.07 24.11
N GLY E 71 3.43 -68.09 23.20
CA GLY E 71 4.50 -68.08 22.22
C GLY E 71 4.49 -66.79 21.44
N ASP E 72 5.34 -66.75 20.40
CA ASP E 72 5.50 -65.55 19.58
C ASP E 72 4.38 -65.65 18.55
N ILE E 73 3.22 -65.10 18.91
CA ILE E 73 2.11 -64.93 17.99
C ILE E 73 1.83 -63.46 17.74
N ILE E 74 1.78 -62.65 18.80
CA ILE E 74 1.41 -61.24 18.87
C ILE E 74 0.17 -60.92 18.02
N PRO E 75 -1.02 -61.33 18.49
CA PRO E 75 -2.24 -61.14 17.70
C PRO E 75 -2.68 -59.69 17.61
N VAL E 76 -2.66 -58.97 18.73
CA VAL E 76 -2.99 -57.55 18.77
C VAL E 76 -1.70 -56.76 18.89
N LEU E 77 -1.69 -55.58 18.27
CA LEU E 77 -0.51 -54.71 18.23
C LEU E 77 -0.86 -53.31 18.72
N HIS E 78 0.17 -52.60 19.21
CA HIS E 78 -0.01 -51.26 19.77
C HIS E 78 1.03 -50.31 19.21
N ILE E 79 0.56 -49.24 18.58
CA ILE E 79 1.37 -48.33 17.79
C ILE E 79 1.00 -46.91 18.18
N GLU E 80 2.01 -46.04 18.30
CA GLU E 80 1.80 -44.60 18.34
C GLU E 80 2.45 -44.04 17.08
N LEU E 81 1.80 -43.09 16.44
CA LEU E 81 2.46 -42.42 15.33
C LEU E 81 3.38 -41.33 15.85
N PRO E 82 4.65 -41.34 15.46
CA PRO E 82 5.54 -40.23 15.81
C PRO E 82 5.14 -38.96 15.07
N ASP E 83 5.64 -37.83 15.57
CA ASP E 83 5.15 -36.54 15.16
C ASP E 83 5.61 -36.20 13.75
N ASN E 84 4.68 -35.67 12.97
CA ASN E 84 4.86 -35.36 11.54
C ASN E 84 5.37 -36.57 10.78
N ALA E 85 4.57 -37.63 10.86
CA ALA E 85 5.00 -38.96 10.46
C ALA E 85 5.17 -39.06 8.95
N LYS E 86 6.37 -39.41 8.53
CA LYS E 86 6.57 -39.78 7.14
C LYS E 86 5.98 -41.17 6.98
N PRO E 87 5.54 -41.55 5.78
CA PRO E 87 4.97 -42.91 5.62
C PRO E 87 5.98 -44.00 5.88
N VAL E 88 7.23 -43.80 5.48
CA VAL E 88 8.27 -44.75 5.82
C VAL E 88 8.60 -44.67 7.31
N ASP E 89 8.43 -43.50 7.93
CA ASP E 89 8.70 -43.35 9.36
C ASP E 89 7.70 -44.14 10.20
N ALA E 90 6.41 -44.00 9.92
CA ALA E 90 5.40 -44.78 10.64
C ALA E 90 5.49 -46.26 10.31
N ALA E 91 5.79 -46.59 9.04
CA ALA E 91 5.84 -47.98 8.64
C ALA E 91 6.99 -48.72 9.30
N ARG E 92 8.15 -48.07 9.43
CA ARG E 92 9.28 -48.77 10.00
C ARG E 92 9.12 -48.99 11.50
N GLU E 93 8.47 -48.06 12.21
CA GLU E 93 8.28 -48.28 13.64
C GLU E 93 7.19 -49.30 13.90
N LEU E 94 6.17 -49.32 13.04
CA LEU E 94 5.15 -50.37 13.10
C LEU E 94 5.75 -51.73 12.77
N LEU E 95 6.82 -51.74 11.97
CA LEU E 95 7.50 -52.98 11.64
C LEU E 95 8.45 -53.46 12.75
N VAL E 96 9.24 -52.58 13.37
CA VAL E 96 10.17 -53.07 14.40
C VAL E 96 9.40 -53.44 15.66
N GLU E 97 8.19 -52.86 15.82
CA GLU E 97 7.32 -53.26 16.94
C GLU E 97 6.97 -54.73 16.90
N MET E 98 6.34 -55.17 15.82
CA MET E 98 5.92 -56.56 15.73
C MET E 98 7.08 -57.46 15.31
N GLY E 99 6.98 -58.73 15.68
CA GLY E 99 8.00 -59.72 15.40
C GLY E 99 9.29 -59.41 16.13
N ASP E 100 10.38 -60.02 15.63
CA ASP E 100 11.73 -59.74 16.13
C ASP E 100 12.64 -59.32 14.96
N PRO E 101 12.33 -58.20 14.26
CA PRO E 101 13.11 -57.88 13.06
C PRO E 101 14.24 -56.89 13.28
N LEU E 102 15.08 -56.72 12.26
CA LEU E 102 16.11 -55.68 12.31
C LEU E 102 15.55 -54.39 11.71
N ALA E 103 15.09 -54.45 10.46
CA ALA E 103 13.91 -53.75 9.97
C ALA E 103 13.94 -52.25 9.74
N LEU E 104 15.01 -51.55 10.11
CA LEU E 104 14.95 -50.11 9.98
C LEU E 104 16.25 -49.47 9.52
N TYR E 105 17.24 -50.26 9.13
CA TYR E 105 18.47 -49.70 8.60
C TYR E 105 18.32 -49.41 7.12
N GLU E 106 17.38 -50.08 6.49
CA GLU E 106 16.86 -49.68 5.19
C GLU E 106 15.55 -48.92 5.35
N THR E 107 15.44 -47.81 4.64
CA THR E 107 14.29 -46.92 4.61
C THR E 107 13.96 -46.74 3.14
N ASP E 108 13.21 -47.70 2.58
CA ASP E 108 12.94 -47.67 1.16
C ASP E 108 11.46 -47.63 0.82
N LEU E 109 10.57 -48.01 1.76
CA LEU E 109 9.14 -47.76 1.78
C LEU E 109 8.36 -48.59 0.77
N ALA E 110 9.04 -49.31 -0.11
CA ALA E 110 8.42 -50.34 -0.93
C ALA E 110 8.79 -51.74 -0.46
N ARG E 111 10.05 -51.97 -0.14
CA ARG E 111 10.48 -53.29 0.31
C ARG E 111 10.17 -53.53 1.78
N LEU E 112 10.04 -52.49 2.59
CA LEU E 112 9.59 -52.75 3.94
C LEU E 112 8.09 -52.97 3.97
N THR E 113 7.36 -52.41 3.01
CA THR E 113 5.96 -52.78 2.84
C THR E 113 5.84 -54.23 2.42
N LYS E 114 6.75 -54.69 1.54
CA LYS E 114 6.85 -56.10 1.19
C LYS E 114 7.07 -56.97 2.42
N ARG E 115 8.04 -56.61 3.27
CA ARG E 115 8.28 -57.39 4.47
C ARG E 115 7.11 -57.35 5.44
N LEU E 116 6.44 -56.20 5.55
CA LEU E 116 5.36 -56.13 6.52
C LEU E 116 4.12 -56.86 6.02
N THR E 117 3.87 -56.87 4.71
CA THR E 117 2.73 -57.60 4.20
C THR E 117 3.01 -59.09 4.09
N GLU E 118 4.28 -59.53 4.15
CA GLU E 118 4.44 -60.98 4.25
C GLU E 118 4.45 -61.41 5.71
N LEU E 119 4.78 -60.50 6.62
CA LEU E 119 4.82 -60.85 8.04
C LEU E 119 3.47 -60.76 8.73
N ILE E 120 2.58 -59.88 8.28
CA ILE E 120 1.26 -59.75 8.88
C ILE E 120 0.37 -60.99 8.71
N PRO E 121 0.54 -61.89 7.73
CA PRO E 121 -0.06 -63.23 7.90
C PRO E 121 0.87 -64.25 8.53
N ALA E 122 2.17 -63.97 8.61
CA ALA E 122 3.11 -64.98 9.09
C ALA E 122 3.00 -65.20 10.59
N VAL E 123 2.86 -64.11 11.36
CA VAL E 123 2.65 -64.25 12.79
C VAL E 123 1.18 -64.28 13.17
N GLY E 124 0.29 -63.94 12.23
CA GLY E 124 -1.13 -64.00 12.50
C GLY E 124 -1.64 -62.83 13.30
N VAL E 125 -1.48 -61.63 12.75
CA VAL E 125 -1.96 -60.42 13.41
C VAL E 125 -3.49 -60.39 13.34
N LYS E 126 -4.13 -60.31 14.51
CA LYS E 126 -5.58 -60.21 14.54
C LYS E 126 -6.08 -58.78 14.50
N LEU E 127 -5.27 -57.82 14.95
CA LEU E 127 -5.72 -56.44 15.07
C LEU E 127 -4.51 -55.53 15.18
N ILE E 128 -4.59 -54.39 14.50
CA ILE E 128 -3.64 -53.29 14.64
C ILE E 128 -4.34 -52.07 15.20
N ILE E 129 -3.74 -51.47 16.23
CA ILE E 129 -4.30 -50.35 16.99
C ILE E 129 -3.30 -49.21 16.95
N ILE E 130 -3.75 -48.02 16.60
CA ILE E 130 -2.89 -46.83 16.55
C ILE E 130 -3.40 -45.83 17.57
N ASP E 131 -2.50 -45.34 18.42
CA ASP E 131 -2.82 -44.37 19.46
C ASP E 131 -2.99 -42.95 18.96
N GLU E 132 -2.01 -42.41 18.25
CA GLU E 132 -1.89 -40.95 18.14
C GLU E 132 -2.09 -40.50 16.70
N PHE E 133 -3.32 -40.19 16.34
CA PHE E 133 -3.65 -39.76 14.99
C PHE E 133 -3.52 -38.26 14.79
N GLN E 134 -3.43 -37.49 15.86
CA GLN E 134 -3.38 -36.04 15.75
C GLN E 134 -2.01 -35.53 15.36
N HIS E 135 -1.03 -36.42 15.18
CA HIS E 135 0.32 -36.03 14.82
C HIS E 135 0.49 -35.79 13.33
N LEU E 136 -0.59 -35.85 12.56
CA LEU E 136 -0.49 -35.69 11.11
C LEU E 136 -0.92 -34.31 10.66
N VAL E 137 -1.24 -33.43 11.58
CA VAL E 137 -1.55 -32.04 11.24
C VAL E 137 -0.30 -31.21 11.49
N GLU E 138 -0.12 -30.17 10.68
CA GLU E 138 1.01 -29.27 10.83
C GLU E 138 0.84 -28.44 12.10
N GLU E 139 1.96 -28.03 12.71
CA GLU E 139 1.92 -27.16 13.89
C GLU E 139 1.30 -25.81 13.58
N ARG E 140 1.95 -25.04 12.71
CA ARG E 140 1.66 -23.61 12.59
C ARG E 140 0.50 -23.33 11.66
N SER E 141 0.22 -24.25 10.74
CA SER E 141 -0.95 -24.16 9.88
C SER E 141 -1.77 -25.43 10.01
N ASN E 142 -2.99 -25.39 9.51
CA ASN E 142 -3.85 -26.57 9.56
C ASN E 142 -3.89 -27.31 8.24
N ARG E 143 -2.79 -27.30 7.49
CA ARG E 143 -2.61 -28.35 6.50
C ARG E 143 -2.44 -29.67 7.22
N VAL E 144 -2.98 -30.71 6.61
CA VAL E 144 -2.81 -32.07 7.12
C VAL E 144 -2.12 -32.86 6.03
N LEU E 145 -1.20 -33.71 6.43
CA LEU E 145 -0.50 -34.57 5.49
C LEU E 145 -1.17 -35.94 5.51
N THR E 146 -1.55 -36.42 4.33
CA THR E 146 -2.13 -37.75 4.22
C THR E 146 -1.30 -38.66 3.32
N GLN E 147 0.02 -38.59 3.41
CA GLN E 147 0.84 -39.66 2.88
C GLN E 147 0.59 -40.92 3.68
N VAL E 148 0.61 -40.80 5.01
CA VAL E 148 0.33 -41.92 5.89
C VAL E 148 -1.10 -42.39 5.77
N GLY E 149 -2.04 -41.52 5.41
CA GLY E 149 -3.41 -41.95 5.26
C GLY E 149 -3.61 -42.83 4.05
N ASN E 150 -3.05 -42.43 2.91
CA ASN E 150 -3.14 -43.26 1.73
C ASN E 150 -2.29 -44.52 1.87
N TRP E 151 -1.19 -44.44 2.62
CA TRP E 151 -0.42 -45.64 2.90
C TRP E 151 -1.20 -46.61 3.79
N LEU E 152 -1.95 -46.07 4.75
CA LEU E 152 -2.76 -46.92 5.60
C LEU E 152 -3.93 -47.52 4.85
N LYS E 153 -4.48 -46.79 3.87
CA LYS E 153 -5.48 -47.39 2.98
C LYS E 153 -4.86 -48.51 2.16
N MET E 154 -3.62 -48.32 1.73
CA MET E 154 -2.92 -49.32 0.93
C MET E 154 -2.69 -50.59 1.72
N ILE E 155 -2.24 -50.46 2.97
CA ILE E 155 -2.01 -51.65 3.78
C ILE E 155 -3.34 -52.24 4.25
N LEU E 156 -4.41 -51.44 4.26
CA LEU E 156 -5.71 -51.97 4.58
C LEU E 156 -6.26 -52.82 3.45
N ASN E 157 -6.13 -52.35 2.22
CA ASN E 157 -6.64 -53.08 1.07
C ASN E 157 -5.70 -54.20 0.62
N LYS E 158 -4.44 -54.15 1.02
CA LYS E 158 -3.51 -55.22 0.68
C LYS E 158 -3.80 -56.47 1.49
N THR E 159 -3.68 -56.38 2.81
CA THR E 159 -4.11 -57.42 3.74
C THR E 159 -5.23 -56.89 4.60
N LYS E 160 -6.23 -57.73 4.85
CA LYS E 160 -7.53 -57.28 5.33
C LYS E 160 -7.57 -57.32 6.87
N CYS E 161 -6.57 -56.69 7.47
CA CYS E 161 -6.48 -56.65 8.92
C CYS E 161 -7.24 -55.46 9.47
N PRO E 162 -8.06 -55.64 10.50
CA PRO E 162 -8.81 -54.51 11.05
C PRO E 162 -7.89 -53.54 11.79
N ILE E 163 -8.23 -52.26 11.69
CA ILE E 163 -7.45 -51.17 12.26
C ILE E 163 -8.34 -50.33 13.16
N VAL E 164 -7.86 -50.07 14.38
CA VAL E 164 -8.57 -49.25 15.35
C VAL E 164 -7.70 -48.04 15.65
N ILE E 165 -8.16 -46.87 15.23
CA ILE E 165 -7.41 -45.64 15.39
C ILE E 165 -7.98 -44.88 16.58
N PHE E 166 -7.11 -44.49 17.51
CA PHE E 166 -7.44 -43.56 18.58
C PHE E 166 -6.93 -42.19 18.18
N GLY E 167 -7.34 -41.16 18.90
CA GLY E 167 -6.84 -39.84 18.58
C GLY E 167 -7.64 -38.74 19.23
N MET E 168 -7.14 -37.53 19.03
CA MET E 168 -7.74 -36.32 19.58
C MET E 168 -9.03 -35.99 18.81
N PRO E 169 -9.93 -35.23 19.42
CA PRO E 169 -11.17 -34.87 18.71
C PRO E 169 -10.96 -33.90 17.57
N TYR E 170 -9.90 -33.11 17.57
CA TYR E 170 -9.63 -32.28 16.42
C TYR E 170 -8.91 -33.03 15.31
N SER E 171 -8.57 -34.30 15.53
CA SER E 171 -7.84 -35.09 14.54
C SER E 171 -8.76 -35.72 13.51
N LYS E 172 -10.05 -35.38 13.52
CA LYS E 172 -10.97 -36.04 12.60
C LYS E 172 -11.03 -35.33 11.26
N VAL E 173 -10.56 -34.08 11.21
CA VAL E 173 -10.51 -33.37 9.95
C VAL E 173 -9.47 -33.99 9.02
N VAL E 174 -8.45 -34.64 9.60
CA VAL E 174 -7.55 -35.49 8.84
C VAL E 174 -8.32 -36.57 8.10
N LEU E 175 -9.29 -37.19 8.78
CA LEU E 175 -10.13 -38.17 8.12
C LEU E 175 -11.10 -37.50 7.14
N GLN E 176 -11.33 -36.20 7.31
CA GLN E 176 -12.10 -35.45 6.34
C GLN E 176 -11.28 -35.09 5.12
N ALA E 177 -9.97 -35.32 5.15
CA ALA E 177 -9.13 -35.03 3.99
C ALA E 177 -9.38 -36.05 2.89
N ASN E 178 -9.13 -37.33 3.21
CA ASN E 178 -9.34 -38.42 2.26
C ASN E 178 -10.75 -38.96 2.45
N SER E 179 -11.58 -38.86 1.40
CA SER E 179 -12.94 -39.36 1.52
C SER E 179 -13.00 -40.87 1.51
N GLN E 180 -12.01 -41.54 0.91
CA GLN E 180 -11.98 -42.99 0.96
C GLN E 180 -11.58 -43.47 2.34
N LEU E 181 -10.70 -42.73 3.01
CA LEU E 181 -10.45 -42.98 4.43
C LEU E 181 -11.69 -42.71 5.26
N HIS E 182 -12.46 -41.69 4.88
CA HIS E 182 -13.66 -41.35 5.62
C HIS E 182 -14.72 -42.44 5.49
N GLY E 183 -14.88 -42.99 4.31
CA GLY E 183 -15.83 -44.07 4.12
C GLY E 183 -15.37 -45.41 4.64
N ARG E 184 -14.05 -45.63 4.65
CA ARG E 184 -13.56 -46.91 5.15
C ARG E 184 -13.61 -46.98 6.67
N PHE E 185 -13.66 -45.84 7.34
CA PHE E 185 -13.77 -45.79 8.80
C PHE E 185 -15.20 -45.39 9.12
N SER E 186 -16.02 -46.38 9.45
CA SER E 186 -17.46 -46.24 9.62
C SER E 186 -17.85 -45.92 11.05
N ILE E 187 -17.28 -46.64 12.02
CA ILE E 187 -17.66 -46.50 13.43
C ILE E 187 -16.73 -45.50 14.12
N GLN E 188 -17.23 -44.28 14.29
CA GLN E 188 -16.62 -43.26 15.15
C GLN E 188 -17.47 -43.05 16.39
N VAL E 189 -16.80 -42.98 17.53
CA VAL E 189 -17.45 -42.91 18.84
C VAL E 189 -17.06 -41.62 19.54
N GLU E 190 -17.55 -41.46 20.76
CA GLU E 190 -17.38 -40.23 21.54
C GLU E 190 -17.02 -40.58 22.98
N LEU E 191 -15.73 -40.50 23.30
CA LEU E 191 -15.27 -40.70 24.68
C LEU E 191 -15.04 -39.33 25.31
N ARG E 192 -16.14 -38.66 25.61
CA ARG E 192 -16.11 -37.34 26.22
C ARG E 192 -16.00 -37.47 27.73
N PRO E 193 -15.53 -36.42 28.43
CA PRO E 193 -15.42 -36.52 29.90
C PRO E 193 -16.75 -36.56 30.63
N PHE E 194 -16.66 -36.54 31.96
CA PHE E 194 -17.84 -36.67 32.81
C PHE E 194 -18.71 -35.44 32.71
N SER E 195 -20.03 -35.65 32.61
CA SER E 195 -20.91 -34.60 32.13
C SER E 195 -21.29 -33.61 33.24
N TYR E 196 -21.93 -34.07 34.31
CA TYR E 196 -22.52 -33.16 35.28
C TYR E 196 -22.18 -33.58 36.70
N GLN E 197 -22.59 -32.73 37.65
CA GLN E 197 -22.41 -32.99 39.11
C GLN E 197 -23.76 -32.90 39.84
N GLY E 198 -24.87 -32.72 39.11
CA GLY E 198 -26.19 -32.58 39.70
C GLY E 198 -26.86 -33.72 40.45
N GLY E 199 -26.41 -34.95 40.26
CA GLY E 199 -26.97 -36.09 40.96
C GLY E 199 -27.46 -37.19 40.02
N ARG E 200 -27.34 -38.42 40.52
CA ARG E 200 -27.65 -39.69 39.82
C ARG E 200 -26.89 -39.82 38.51
N GLY E 201 -25.61 -39.45 38.52
CA GLY E 201 -24.75 -39.63 37.38
C GLY E 201 -24.00 -40.95 37.40
N VAL E 202 -23.41 -41.25 36.24
CA VAL E 202 -22.38 -42.27 36.11
C VAL E 202 -21.14 -41.89 36.95
N PHE E 203 -20.92 -40.57 37.11
CA PHE E 203 -19.87 -40.02 37.96
C PHE E 203 -19.94 -40.55 39.39
N LYS E 204 -21.14 -40.69 39.95
CA LYS E 204 -21.41 -41.24 41.27
C LYS E 204 -20.82 -42.64 41.45
N THR E 205 -21.30 -43.56 40.62
CA THR E 205 -20.89 -44.96 40.68
C THR E 205 -19.41 -45.14 40.36
N PHE E 206 -18.89 -44.36 39.41
CA PHE E 206 -17.46 -44.32 39.17
C PHE E 206 -16.71 -43.92 40.44
N LEU E 207 -17.24 -42.92 41.15
CA LEU E 207 -16.55 -42.35 42.29
C LEU E 207 -16.51 -43.35 43.44
N GLU E 208 -17.61 -44.04 43.69
CA GLU E 208 -17.61 -44.99 44.80
C GLU E 208 -16.98 -46.33 44.44
N TYR E 209 -16.94 -46.71 43.16
CA TYR E 209 -16.10 -47.82 42.76
C TYR E 209 -14.62 -47.50 42.94
N LEU E 210 -14.23 -46.26 42.66
CA LEU E 210 -12.87 -45.82 42.99
C LEU E 210 -12.67 -45.80 44.50
N ASP E 211 -13.73 -45.53 45.25
CA ASP E 211 -13.62 -45.46 46.71
C ASP E 211 -13.39 -46.84 47.31
N LYS E 212 -14.09 -47.85 46.80
CA LYS E 212 -13.81 -49.20 47.28
C LYS E 212 -12.49 -49.72 46.69
N ALA E 213 -12.05 -49.17 45.56
CA ALA E 213 -10.77 -49.56 44.99
C ALA E 213 -9.57 -48.99 45.73
N LEU E 214 -9.78 -47.99 46.59
CA LEU E 214 -8.67 -47.32 47.26
C LEU E 214 -8.07 -48.23 48.34
N PRO E 215 -6.79 -48.05 48.68
CA PRO E 215 -6.15 -48.94 49.67
C PRO E 215 -6.61 -48.75 51.11
N PHE E 216 -7.52 -47.85 51.42
CA PHE E 216 -7.93 -47.65 52.80
C PHE E 216 -9.13 -48.55 53.12
N GLU E 217 -9.01 -49.31 54.22
CA GLU E 217 -9.77 -50.54 54.39
C GLU E 217 -11.09 -50.34 55.11
N LYS E 218 -11.49 -49.10 55.36
CA LYS E 218 -12.82 -48.90 55.93
C LYS E 218 -13.75 -48.12 55.02
N GLN E 219 -13.34 -46.96 54.53
CA GLN E 219 -14.14 -46.02 53.77
C GLN E 219 -13.18 -44.92 53.35
N ALA E 220 -13.39 -44.36 52.16
CA ALA E 220 -12.59 -43.24 51.72
C ALA E 220 -13.24 -41.91 51.99
N GLY E 221 -14.50 -41.87 52.42
CA GLY E 221 -15.20 -40.65 52.72
C GLY E 221 -15.65 -39.85 51.51
N LEU E 222 -15.32 -40.30 50.31
CA LEU E 222 -15.58 -39.56 49.09
C LEU E 222 -16.97 -39.93 48.57
N ALA E 223 -17.32 -39.35 47.41
CA ALA E 223 -18.64 -39.46 46.79
C ALA E 223 -19.78 -39.08 47.74
N ASN E 224 -19.62 -37.94 48.41
CA ASN E 224 -20.58 -37.47 49.39
C ASN E 224 -21.30 -36.24 48.86
N GLU E 225 -21.99 -35.54 49.76
CA GLU E 225 -22.97 -34.54 49.36
C GLU E 225 -22.19 -33.32 48.88
N SER E 226 -21.09 -32.99 49.57
CA SER E 226 -20.31 -31.79 49.27
C SER E 226 -18.96 -32.10 48.67
N LEU E 227 -18.49 -33.34 48.73
CA LEU E 227 -17.15 -33.63 48.24
C LEU E 227 -17.07 -33.66 46.72
N GLN E 228 -18.08 -34.25 46.06
CA GLN E 228 -18.09 -34.23 44.61
C GLN E 228 -18.31 -32.84 44.05
N LYS E 229 -18.88 -31.92 44.84
CA LYS E 229 -18.97 -30.52 44.45
C LYS E 229 -17.59 -29.92 44.22
N LYS E 230 -16.71 -30.00 45.22
CA LYS E 230 -15.37 -29.47 45.05
C LYS E 230 -14.50 -30.33 44.14
N LEU E 231 -14.84 -31.62 44.00
CA LEU E 231 -14.13 -32.47 43.04
C LEU E 231 -14.41 -32.03 41.61
N TYR E 232 -15.68 -31.85 41.26
CA TYR E 232 -16.03 -31.34 39.94
C TYR E 232 -15.67 -29.87 39.79
N ALA E 233 -15.49 -29.15 40.91
CA ALA E 233 -14.94 -27.81 40.82
C ALA E 233 -13.45 -27.85 40.46
N PHE E 234 -12.74 -28.88 40.90
CA PHE E 234 -11.30 -28.95 40.60
C PHE E 234 -11.08 -29.43 39.17
N SER E 235 -11.50 -30.65 38.86
CA SER E 235 -11.38 -31.21 37.53
C SER E 235 -12.68 -30.93 36.79
N GLN E 236 -12.56 -30.53 35.53
CA GLN E 236 -13.74 -30.18 34.73
C GLN E 236 -14.63 -31.40 34.52
N GLY E 237 -14.13 -32.37 33.77
CA GLY E 237 -14.66 -33.71 33.78
C GLY E 237 -13.44 -34.57 33.66
N ASN E 238 -12.30 -33.91 33.89
CA ASN E 238 -11.00 -34.34 33.41
C ASN E 238 -10.51 -35.50 34.24
N MET E 239 -10.47 -36.68 33.62
CA MET E 239 -10.17 -37.93 34.33
C MET E 239 -8.75 -37.95 34.87
N ARG E 240 -7.80 -37.44 34.08
CA ARG E 240 -6.39 -37.48 34.46
C ARG E 240 -6.12 -36.62 35.69
N SER E 241 -6.64 -35.39 35.70
CA SER E 241 -6.41 -34.50 36.84
C SER E 241 -7.18 -34.94 38.08
N LEU E 242 -8.37 -35.50 37.92
CA LEU E 242 -9.13 -36.00 39.06
C LEU E 242 -8.40 -37.17 39.71
N ARG E 243 -8.00 -38.14 38.90
CA ARG E 243 -7.25 -39.28 39.40
C ARG E 243 -5.88 -38.87 39.94
N ASN E 244 -5.27 -37.86 39.34
CA ASN E 244 -3.96 -37.38 39.79
C ASN E 244 -4.05 -36.75 41.17
N LEU E 245 -5.04 -35.88 41.37
CA LEU E 245 -5.24 -35.24 42.66
C LEU E 245 -5.64 -36.26 43.73
N ILE E 246 -6.45 -37.25 43.34
CA ILE E 246 -6.86 -38.31 44.27
C ILE E 246 -5.65 -39.15 44.71
N TYR E 247 -4.77 -39.47 43.76
CA TYR E 247 -3.55 -40.22 44.08
C TYR E 247 -2.60 -39.39 44.93
N GLN E 248 -2.53 -38.09 44.66
CA GLN E 248 -1.62 -37.23 45.42
C GLN E 248 -2.14 -36.99 46.83
N ALA E 249 -3.45 -37.12 47.04
CA ALA E 249 -3.97 -37.13 48.41
C ALA E 249 -3.71 -38.47 49.10
N SER E 250 -3.85 -39.57 48.35
CA SER E 250 -3.71 -40.91 48.95
C SER E 250 -2.28 -41.17 49.42
N ILE E 251 -1.29 -40.70 48.65
CA ILE E 251 0.09 -40.80 49.10
C ILE E 251 0.34 -39.92 50.33
N GLU E 252 -0.30 -38.77 50.43
CA GLU E 252 -0.08 -37.89 51.57
C GLU E 252 -0.69 -38.50 52.82
N ALA E 253 -1.81 -39.19 52.67
CA ALA E 253 -2.41 -39.90 53.80
C ALA E 253 -1.58 -41.10 54.22
N ILE E 254 -0.88 -41.76 53.29
CA ILE E 254 -0.14 -42.93 53.72
C ILE E 254 1.31 -42.56 54.08
N ASP E 255 1.70 -41.29 53.88
CA ASP E 255 3.00 -40.84 54.35
C ASP E 255 3.09 -40.85 55.88
N ASN E 256 2.02 -40.48 56.55
CA ASN E 256 2.00 -40.45 58.01
C ASN E 256 0.85 -41.28 58.56
N GLN E 257 0.59 -41.14 59.86
CA GLN E 257 -0.61 -41.72 60.45
C GLN E 257 -1.86 -41.00 59.97
N HIS E 258 -2.62 -41.65 59.09
CA HIS E 258 -3.92 -41.17 58.66
C HIS E 258 -4.79 -42.37 58.33
N GLU E 259 -6.07 -42.31 58.71
CA GLU E 259 -6.96 -43.45 58.54
C GLU E 259 -7.77 -43.39 57.24
N THR E 260 -7.97 -42.19 56.71
CA THR E 260 -8.66 -42.00 55.42
C THR E 260 -8.18 -40.66 54.86
N ILE E 261 -8.49 -40.40 53.59
CA ILE E 261 -8.26 -39.08 53.01
C ILE E 261 -9.19 -38.09 53.72
N THR E 262 -8.63 -36.99 54.23
CA THR E 262 -9.39 -36.10 55.09
C THR E 262 -9.02 -34.65 54.75
N GLU E 263 -9.41 -33.72 55.63
CA GLU E 263 -9.50 -32.30 55.30
C GLU E 263 -8.26 -31.52 55.73
N GLU E 264 -7.10 -32.18 55.64
CA GLU E 264 -5.87 -31.48 55.95
C GLU E 264 -4.81 -31.79 54.89
N ASP E 265 -5.00 -32.91 54.18
CA ASP E 265 -4.00 -33.45 53.29
C ASP E 265 -4.52 -33.44 51.85
N PHE E 266 -5.85 -33.45 51.70
CA PHE E 266 -6.49 -33.25 50.42
C PHE E 266 -6.28 -31.83 49.93
N VAL E 267 -6.20 -30.87 50.86
CA VAL E 267 -5.85 -29.49 50.53
C VAL E 267 -4.44 -29.36 49.96
N PHE E 268 -3.44 -30.00 50.55
CA PHE E 268 -2.07 -29.93 50.02
C PHE E 268 -1.99 -30.59 48.64
N ALA E 269 -2.82 -31.62 48.41
CA ALA E 269 -2.98 -32.18 47.07
C ALA E 269 -3.61 -31.19 46.11
N SER E 270 -4.49 -30.31 46.58
CA SER E 270 -4.98 -29.25 45.71
C SER E 270 -3.90 -28.19 45.47
N LYS E 271 -3.04 -27.95 46.46
CA LYS E 271 -1.90 -27.06 46.33
C LYS E 271 -0.91 -27.53 45.26
N LEU E 272 -0.66 -28.83 45.14
CA LEU E 272 0.32 -29.30 44.15
C LEU E 272 -0.22 -29.26 42.73
N THR E 273 -1.33 -29.94 42.47
CA THR E 273 -1.76 -30.22 41.09
C THR E 273 -2.71 -29.17 40.54
N SER E 274 -2.51 -27.92 40.96
CA SER E 274 -3.28 -26.79 40.44
C SER E 274 -2.54 -26.05 39.34
N GLY E 275 -1.44 -26.61 38.85
CA GLY E 275 -0.59 -25.92 37.90
C GLY E 275 -1.12 -25.90 36.47
N ASP E 276 -1.68 -27.03 36.01
CA ASP E 276 -2.11 -27.11 34.63
C ASP E 276 -3.40 -26.36 34.36
N LYS E 277 -4.10 -25.92 35.40
CA LYS E 277 -5.40 -25.33 35.23
C LYS E 277 -5.26 -23.89 34.71
N PRO E 278 -6.27 -23.38 34.01
CA PRO E 278 -6.19 -22.00 33.52
C PRO E 278 -6.29 -20.98 34.63
N ASN E 279 -6.10 -19.72 34.24
CA ASN E 279 -6.11 -18.63 35.21
C ASN E 279 -7.53 -18.33 35.70
N SER E 280 -8.51 -18.39 34.81
CA SER E 280 -9.88 -18.13 35.18
C SER E 280 -10.55 -19.29 35.91
N TRP E 281 -9.94 -20.48 35.86
CA TRP E 281 -10.41 -21.59 36.69
C TRP E 281 -10.21 -21.24 38.15
N LYS E 282 -11.20 -21.56 38.98
CA LYS E 282 -11.13 -21.18 40.38
C LYS E 282 -10.70 -22.35 41.28
N ASN E 283 -9.78 -22.04 42.17
CA ASN E 283 -9.05 -22.80 43.18
C ASN E 283 -9.91 -22.86 44.46
N PRO E 284 -10.57 -24.00 44.73
CA PRO E 284 -11.69 -23.99 45.69
C PRO E 284 -11.48 -24.52 47.10
N PHE E 285 -10.29 -24.88 47.55
CA PHE E 285 -10.19 -25.75 48.71
C PHE E 285 -9.68 -25.10 49.99
N GLU E 286 -8.92 -24.00 49.92
CA GLU E 286 -8.08 -23.63 51.06
C GLU E 286 -8.89 -22.99 52.19
N GLU E 287 -9.46 -21.80 51.97
CA GLU E 287 -9.94 -21.05 53.14
C GLU E 287 -11.43 -20.79 53.13
N GLY E 288 -12.03 -20.32 52.04
CA GLY E 288 -13.42 -19.94 52.09
C GLY E 288 -14.18 -20.05 50.80
N VAL E 289 -13.64 -20.75 49.81
CA VAL E 289 -14.16 -20.70 48.45
C VAL E 289 -15.35 -21.65 48.36
N GLU E 290 -16.55 -21.09 48.52
CA GLU E 290 -17.78 -21.77 48.14
C GLU E 290 -18.04 -21.68 46.63
N VAL E 291 -18.59 -22.75 46.07
CA VAL E 291 -18.59 -22.96 44.63
C VAL E 291 -19.98 -22.66 44.08
N THR E 292 -20.06 -21.77 43.11
CA THR E 292 -21.32 -21.38 42.51
C THR E 292 -21.86 -22.51 41.64
N GLU E 293 -23.09 -22.38 41.14
CA GLU E 293 -23.68 -23.47 40.38
C GLU E 293 -23.16 -23.45 38.94
N ASP E 294 -22.80 -22.26 38.44
CA ASP E 294 -22.32 -22.16 37.06
C ASP E 294 -20.95 -22.78 36.87
N MET E 295 -20.25 -23.14 37.96
CA MET E 295 -18.88 -23.61 37.77
C MET E 295 -18.85 -25.14 37.72
N LEU E 296 -19.99 -25.79 37.97
CA LEU E 296 -20.15 -27.23 37.72
C LEU E 296 -20.81 -27.48 36.37
N ARG E 297 -20.65 -26.55 35.44
CA ARG E 297 -21.32 -26.55 34.15
C ARG E 297 -20.68 -27.61 33.28
N PRO E 298 -21.46 -28.30 32.42
CA PRO E 298 -20.92 -29.43 31.68
C PRO E 298 -19.87 -28.99 30.67
N PRO E 299 -18.97 -29.89 30.28
CA PRO E 299 -17.90 -29.50 29.36
C PRO E 299 -18.42 -29.24 27.97
N PRO E 300 -17.81 -28.33 27.22
CA PRO E 300 -18.34 -27.98 25.91
C PRO E 300 -18.00 -29.04 24.86
N LYS E 301 -18.43 -28.78 23.63
CA LYS E 301 -18.20 -29.71 22.54
C LYS E 301 -16.76 -29.61 22.02
N ASP E 302 -16.22 -28.39 21.97
CA ASP E 302 -14.81 -28.18 21.56
C ASP E 302 -13.91 -28.27 22.78
N ILE E 303 -13.95 -29.44 23.43
CA ILE E 303 -13.16 -29.72 24.62
C ILE E 303 -11.88 -30.47 24.25
N GLY E 304 -11.88 -31.12 23.10
CA GLY E 304 -10.65 -31.65 22.55
C GLY E 304 -10.26 -30.90 21.30
N TRP E 305 -10.57 -29.60 21.25
CA TRP E 305 -10.35 -28.82 20.05
C TRP E 305 -9.55 -27.55 20.29
N GLU E 306 -9.08 -27.32 21.53
CA GLU E 306 -8.33 -26.08 21.78
C GLU E 306 -6.86 -26.19 21.36
N ASP E 307 -6.48 -27.23 20.67
CA ASP E 307 -5.21 -27.21 19.96
C ASP E 307 -5.34 -26.62 18.57
N TYR E 308 -6.51 -26.11 18.22
CA TYR E 308 -6.84 -25.85 16.83
C TYR E 308 -7.39 -24.46 16.54
N LEU E 309 -7.67 -23.62 17.54
CA LEU E 309 -8.37 -22.37 17.21
C LEU E 309 -7.40 -21.35 16.66
N ARG E 310 -6.17 -21.34 17.19
CA ARG E 310 -5.28 -20.19 17.05
C ARG E 310 -4.78 -20.02 15.62
N HIS E 311 -4.60 -21.10 14.88
CA HIS E 311 -4.22 -21.00 13.48
C HIS E 311 -5.38 -21.42 12.59
N THR F 1 -22.74 -68.86 16.31
CA THR F 1 -22.33 -67.88 15.30
C THR F 1 -22.40 -68.47 13.91
N ARG F 2 -21.73 -69.62 13.72
CA ARG F 2 -21.67 -70.36 12.45
C ARG F 2 -21.12 -69.48 11.34
N GLU F 3 -19.81 -69.23 11.45
CA GLU F 3 -19.02 -68.30 10.63
C GLU F 3 -19.19 -68.48 9.13
N ALA F 4 -19.62 -69.67 8.67
CA ALA F 4 -20.03 -69.84 7.29
C ALA F 4 -21.16 -68.90 6.92
N ARG F 5 -22.16 -68.74 7.80
CA ARG F 5 -23.25 -67.81 7.53
C ARG F 5 -22.77 -66.36 7.56
N ILE F 6 -21.75 -66.06 8.36
CA ILE F 6 -21.25 -64.69 8.42
C ILE F 6 -20.49 -64.32 7.15
N SER F 7 -19.56 -65.18 6.73
CA SER F 7 -18.83 -64.93 5.50
C SER F 7 -19.73 -65.01 4.27
N ARG F 8 -20.70 -65.92 4.28
CA ARG F 8 -21.69 -66.03 3.23
C ARG F 8 -22.70 -64.88 3.25
N ALA F 9 -22.82 -64.17 4.37
CA ALA F 9 -23.62 -62.95 4.39
C ALA F 9 -22.82 -61.75 3.94
N LYS F 10 -21.51 -61.74 4.19
CA LYS F 10 -20.67 -60.64 3.77
C LYS F 10 -20.37 -60.71 2.27
N ARG F 11 -19.89 -61.85 1.80
CA ARG F 11 -19.62 -62.05 0.38
C ARG F 11 -20.93 -62.35 -0.34
N ALA F 12 -21.64 -61.30 -0.69
CA ALA F 12 -22.81 -61.41 -1.55
C ALA F 12 -22.72 -60.32 -2.61
N PHE F 13 -23.11 -60.67 -3.84
CA PHE F 13 -22.93 -59.81 -4.99
C PHE F 13 -24.23 -59.73 -5.78
N VAL F 14 -24.67 -58.50 -6.08
CA VAL F 14 -25.84 -58.26 -6.90
C VAL F 14 -25.37 -57.55 -8.17
N SER F 15 -25.73 -58.10 -9.32
CA SER F 15 -25.27 -57.56 -10.59
C SER F 15 -26.31 -56.57 -11.11
N THR F 16 -26.12 -55.30 -10.78
CA THR F 16 -26.89 -54.24 -11.40
C THR F 16 -26.44 -54.11 -12.87
N PRO F 17 -27.30 -53.62 -13.77
CA PRO F 17 -26.94 -53.62 -15.20
C PRO F 17 -25.74 -52.79 -15.58
N SER F 18 -25.36 -51.79 -14.76
CA SER F 18 -24.15 -51.04 -15.05
C SER F 18 -22.90 -51.88 -14.86
N VAL F 19 -22.93 -52.80 -13.89
CA VAL F 19 -21.79 -53.68 -13.63
C VAL F 19 -21.59 -54.65 -14.79
N ARG F 20 -22.66 -55.31 -15.23
CA ARG F 20 -22.54 -56.22 -16.37
C ARG F 20 -22.26 -55.48 -17.66
N LYS F 21 -22.71 -54.23 -17.78
CA LYS F 21 -22.29 -53.37 -18.89
C LYS F 21 -20.78 -53.18 -18.88
N ILE F 22 -20.21 -52.93 -17.69
CA ILE F 22 -18.76 -52.79 -17.54
C ILE F 22 -18.04 -54.06 -17.94
N LEU F 23 -18.44 -55.20 -17.34
CA LEU F 23 -17.71 -56.45 -17.57
C LEU F 23 -17.81 -56.93 -19.01
N SER F 24 -18.94 -56.64 -19.65
CA SER F 24 -19.07 -56.86 -21.08
C SER F 24 -18.08 -55.99 -21.85
N TYR F 25 -17.94 -54.72 -21.45
CA TYR F 25 -16.97 -53.86 -22.11
C TYR F 25 -15.53 -54.31 -21.87
N MET F 26 -15.22 -54.91 -20.71
CA MET F 26 -13.82 -55.32 -20.55
C MET F 26 -13.52 -56.64 -21.26
N ASP F 27 -14.50 -57.54 -21.43
CA ASP F 27 -14.23 -58.67 -22.32
C ASP F 27 -14.13 -58.22 -23.78
N ARG F 28 -14.95 -57.24 -24.14
CA ARG F 28 -14.85 -56.56 -25.42
C ARG F 28 -13.46 -55.98 -25.63
N CYS F 29 -12.91 -55.34 -24.60
CA CYS F 29 -11.57 -54.79 -24.66
C CYS F 29 -10.48 -55.86 -24.67
N ARG F 30 -10.71 -56.98 -23.98
CA ARG F 30 -9.74 -58.06 -23.91
C ARG F 30 -9.58 -58.76 -25.25
N ASP F 31 -10.64 -59.38 -25.76
CA ASP F 31 -10.48 -59.94 -27.11
C ASP F 31 -11.06 -59.06 -28.20
N LEU F 32 -10.96 -57.75 -28.06
CA LEU F 32 -10.97 -56.89 -29.23
C LEU F 32 -9.57 -56.39 -29.55
N SER F 33 -8.78 -56.09 -28.53
CA SER F 33 -7.38 -55.76 -28.73
C SER F 33 -6.68 -57.02 -29.21
N ASP F 34 -6.07 -56.94 -30.38
CA ASP F 34 -5.54 -58.08 -31.09
C ASP F 34 -4.07 -58.35 -30.78
N LEU F 35 -3.44 -57.45 -30.02
CA LEU F 35 -2.00 -57.45 -29.70
C LEU F 35 -1.10 -57.38 -30.93
N GLU F 36 -1.64 -56.93 -32.05
CA GLU F 36 -0.86 -56.57 -33.22
C GLU F 36 -0.79 -55.06 -33.38
N SER F 37 -1.94 -54.39 -33.30
CA SER F 37 -2.15 -52.98 -33.56
C SER F 37 -2.69 -52.26 -32.32
N GLU F 38 -3.16 -51.03 -32.54
CA GLU F 38 -3.38 -50.06 -31.48
C GLU F 38 -4.57 -50.49 -30.61
N PRO F 39 -4.42 -50.50 -29.27
CA PRO F 39 -5.52 -50.98 -28.41
C PRO F 39 -6.63 -49.97 -28.20
N THR F 40 -7.59 -50.30 -27.32
CA THR F 40 -8.82 -49.54 -27.17
C THR F 40 -8.84 -48.64 -25.94
N CYS F 41 -8.29 -49.13 -24.81
CA CYS F 41 -7.92 -48.33 -23.63
C CYS F 41 -9.13 -47.64 -22.98
N MET F 42 -9.98 -48.46 -22.37
CA MET F 42 -11.15 -47.99 -21.64
C MET F 42 -10.75 -47.28 -20.35
N MET F 43 -11.61 -46.36 -19.91
CA MET F 43 -11.50 -45.68 -18.63
C MET F 43 -12.82 -45.80 -17.86
N VAL F 44 -12.75 -46.13 -16.57
CA VAL F 44 -13.93 -46.35 -15.74
C VAL F 44 -13.88 -45.35 -14.59
N TYR F 45 -15.01 -44.69 -14.32
CA TYR F 45 -15.08 -43.81 -13.17
C TYR F 45 -15.98 -44.37 -12.08
N GLY F 46 -16.20 -43.58 -11.04
CA GLY F 46 -17.05 -43.96 -9.94
C GLY F 46 -16.57 -43.37 -8.63
N ALA F 47 -17.51 -42.96 -7.78
CA ALA F 47 -17.19 -42.27 -6.53
C ALA F 47 -16.70 -43.26 -5.48
N SER F 48 -16.64 -42.82 -4.23
CA SER F 48 -16.15 -43.67 -3.16
C SER F 48 -17.22 -44.68 -2.79
N GLY F 49 -16.84 -45.96 -2.76
CA GLY F 49 -17.76 -46.98 -2.30
C GLY F 49 -18.88 -47.32 -3.26
N VAL F 50 -18.64 -47.27 -4.56
CA VAL F 50 -19.66 -47.62 -5.54
C VAL F 50 -19.46 -49.00 -6.12
N GLY F 51 -18.56 -49.79 -5.55
CA GLY F 51 -18.40 -51.17 -5.94
C GLY F 51 -17.34 -51.45 -6.97
N LYS F 52 -16.29 -50.62 -7.05
CA LYS F 52 -15.30 -50.78 -8.13
C LYS F 52 -14.44 -52.00 -7.91
N THR F 53 -13.85 -52.14 -6.72
CA THR F 53 -12.96 -53.25 -6.43
C THR F 53 -13.68 -54.58 -6.51
N THR F 54 -14.95 -54.60 -6.10
CA THR F 54 -15.78 -55.80 -6.24
C THR F 54 -15.98 -56.16 -7.69
N VAL F 55 -16.13 -55.15 -8.56
CA VAL F 55 -16.25 -55.39 -9.99
C VAL F 55 -14.99 -56.03 -10.54
N ILE F 56 -13.80 -55.53 -10.16
CA ILE F 56 -12.62 -56.10 -10.80
C ILE F 56 -12.33 -57.48 -10.21
N LYS F 57 -12.64 -57.71 -8.93
CA LYS F 57 -12.46 -59.06 -8.38
C LYS F 57 -13.43 -60.08 -8.98
N LYS F 58 -14.68 -59.67 -9.25
CA LYS F 58 -15.56 -60.44 -10.11
C LYS F 58 -14.92 -60.73 -11.45
N TYR F 59 -14.25 -59.72 -12.02
CA TYR F 59 -13.66 -59.90 -13.35
C TYR F 59 -12.49 -60.87 -13.35
N LEU F 60 -11.59 -60.78 -12.36
CA LEU F 60 -10.47 -61.70 -12.35
C LEU F 60 -10.90 -63.09 -11.94
N ASN F 61 -11.99 -63.23 -11.16
CA ASN F 61 -12.63 -64.54 -11.00
C ASN F 61 -13.05 -65.12 -12.34
N GLN F 62 -13.99 -64.46 -13.01
CA GLN F 62 -14.63 -64.98 -14.21
C GLN F 62 -13.70 -64.98 -15.42
N ALA F 63 -12.53 -64.36 -15.33
CA ALA F 63 -11.59 -64.31 -16.45
C ALA F 63 -10.31 -65.08 -16.21
N ALA F 64 -9.95 -65.38 -14.95
CA ALA F 64 -8.62 -65.89 -14.69
C ALA F 64 -8.60 -66.99 -13.64
N ALA F 65 -9.76 -67.50 -13.20
CA ALA F 65 -9.78 -68.59 -12.23
C ALA F 65 -9.13 -69.86 -12.78
N ALA F 66 -9.61 -70.33 -13.94
CA ALA F 66 -9.07 -71.55 -14.54
C ALA F 66 -7.67 -71.37 -15.09
N ALA F 67 -7.33 -70.17 -15.59
CA ALA F 67 -6.00 -69.98 -16.17
C ALA F 67 -4.96 -69.75 -15.08
N ALA F 68 -5.35 -69.26 -13.91
CA ALA F 68 -4.43 -69.23 -12.77
C ALA F 68 -4.33 -70.58 -12.09
N ALA F 69 -5.38 -71.41 -12.15
CA ALA F 69 -5.26 -72.78 -11.66
C ALA F 69 -4.49 -73.68 -12.61
N GLY F 70 -4.39 -73.32 -13.89
CA GLY F 70 -3.67 -74.16 -14.84
C GLY F 70 -2.17 -74.01 -14.73
N GLY F 71 -1.68 -72.78 -14.78
CA GLY F 71 -0.25 -72.55 -14.71
C GLY F 71 0.07 -71.09 -14.58
N ASP F 72 1.36 -70.77 -14.67
CA ASP F 72 1.84 -69.39 -14.51
C ASP F 72 1.68 -68.77 -15.90
N ILE F 73 0.50 -68.21 -16.13
CA ILE F 73 0.24 -67.41 -17.32
C ILE F 73 -0.02 -65.95 -16.95
N ILE F 74 -0.87 -65.73 -15.94
CA ILE F 74 -1.40 -64.44 -15.46
C ILE F 74 -1.82 -63.52 -16.60
N PRO F 75 -2.96 -63.83 -17.25
CA PRO F 75 -3.39 -63.04 -18.41
C PRO F 75 -3.88 -61.65 -18.04
N VAL F 76 -4.69 -61.54 -16.99
CA VAL F 76 -5.17 -60.25 -16.52
C VAL F 76 -4.40 -59.89 -15.25
N LEU F 77 -4.16 -58.60 -15.05
CA LEU F 77 -3.38 -58.08 -13.94
C LEU F 77 -4.17 -57.02 -13.18
N HIS F 78 -3.82 -56.85 -11.90
CA HIS F 78 -4.51 -55.90 -11.02
C HIS F 78 -3.50 -55.06 -10.27
N ILE F 79 -3.61 -53.74 -10.45
CA ILE F 79 -2.62 -52.76 -9.99
C ILE F 79 -3.36 -51.63 -9.30
N GLU F 80 -2.82 -51.16 -8.18
CA GLU F 80 -3.21 -49.88 -7.60
C GLU F 80 -1.99 -48.97 -7.70
N LEU F 81 -2.19 -47.72 -8.05
CA LEU F 81 -1.08 -46.79 -8.01
C LEU F 81 -0.89 -46.26 -6.59
N PRO F 82 0.31 -46.38 -6.04
CA PRO F 82 0.59 -45.76 -4.74
C PRO F 82 0.58 -44.25 -4.84
N ASP F 83 0.48 -43.61 -3.67
CA ASP F 83 0.17 -42.19 -3.62
C ASP F 83 1.38 -41.36 -4.04
N ASN F 84 1.11 -40.35 -4.86
CA ASN F 84 2.12 -39.48 -5.48
C ASN F 84 3.18 -40.31 -6.21
N ALA F 85 2.68 -41.08 -7.16
CA ALA F 85 3.46 -42.15 -7.78
C ALA F 85 4.57 -41.59 -8.64
N LYS F 86 5.80 -41.96 -8.33
CA LYS F 86 6.90 -41.71 -9.22
C LYS F 86 6.76 -42.72 -10.37
N PRO F 87 7.26 -42.41 -11.56
CA PRO F 87 7.14 -43.39 -12.66
C PRO F 87 7.88 -44.67 -12.40
N VAL F 88 9.05 -44.59 -11.76
CA VAL F 88 9.76 -45.79 -11.35
C VAL F 88 9.02 -46.47 -10.20
N ASP F 89 8.33 -45.69 -9.35
CA ASP F 89 7.59 -46.26 -8.23
C ASP F 89 6.40 -47.10 -8.71
N ALA F 90 5.60 -46.57 -9.63
CA ALA F 90 4.49 -47.36 -10.18
C ALA F 90 4.99 -48.52 -11.04
N ALA F 91 6.08 -48.30 -11.80
CA ALA F 91 6.57 -49.33 -12.68
C ALA F 91 7.13 -50.52 -11.91
N ARG F 92 7.81 -50.26 -10.79
CA ARG F 92 8.40 -51.38 -10.06
C ARG F 92 7.34 -52.20 -9.34
N GLU F 93 6.26 -51.58 -8.86
CA GLU F 93 5.22 -52.37 -8.20
C GLU F 93 4.39 -53.13 -9.22
N LEU F 94 4.18 -52.54 -10.40
CA LEU F 94 3.53 -53.25 -11.48
C LEU F 94 4.40 -54.42 -11.97
N LEU F 95 5.72 -54.30 -11.79
CA LEU F 95 6.63 -55.37 -12.16
C LEU F 95 6.70 -56.49 -11.13
N VAL F 96 6.75 -56.18 -9.82
CA VAL F 96 6.86 -57.26 -8.83
C VAL F 96 5.52 -57.98 -8.72
N GLU F 97 4.42 -57.30 -9.09
CA GLU F 97 3.11 -57.95 -9.14
C GLU F 97 3.09 -59.13 -10.09
N MET F 98 3.37 -58.89 -11.37
CA MET F 98 3.33 -59.96 -12.34
C MET F 98 4.59 -60.81 -12.30
N GLY F 99 4.46 -62.06 -12.74
CA GLY F 99 5.55 -63.00 -12.76
C GLY F 99 6.01 -63.36 -11.35
N ASP F 100 7.23 -63.89 -11.26
CA ASP F 100 7.89 -64.16 -9.98
C ASP F 100 9.25 -63.48 -9.92
N PRO F 101 9.31 -62.12 -10.03
CA PRO F 101 10.63 -61.48 -10.13
C PRO F 101 11.18 -60.96 -8.81
N LEU F 102 12.45 -60.54 -8.82
CA LEU F 102 13.04 -59.89 -7.65
C LEU F 102 12.82 -58.38 -7.76
N ALA F 103 13.29 -57.77 -8.86
CA ALA F 103 12.62 -56.69 -9.57
C ALA F 103 12.57 -55.28 -8.96
N LEU F 104 13.03 -55.08 -7.73
CA LEU F 104 12.85 -53.76 -7.17
C LEU F 104 14.03 -53.28 -6.34
N TYR F 105 15.14 -54.01 -6.33
CA TYR F 105 16.32 -53.55 -5.62
C TYR F 105 17.13 -52.60 -6.49
N GLU F 106 16.93 -52.69 -7.79
CA GLU F 106 17.33 -51.65 -8.72
C GLU F 106 16.12 -50.79 -9.09
N THR F 107 16.34 -49.47 -9.07
CA THR F 107 15.35 -48.43 -9.37
C THR F 107 16.03 -47.56 -10.40
N ASP F 108 15.97 -47.96 -11.67
CA ASP F 108 16.69 -47.25 -12.72
C ASP F 108 15.78 -46.74 -13.82
N LEU F 109 14.57 -47.29 -13.97
CA LEU F 109 13.44 -46.77 -14.74
C LEU F 109 13.65 -46.87 -16.25
N ALA F 110 14.83 -47.25 -16.72
CA ALA F 110 15.04 -47.64 -18.10
C ALA F 110 15.22 -49.14 -18.25
N ARG F 111 15.99 -49.77 -17.36
CA ARG F 111 16.23 -51.20 -17.45
C ARG F 111 15.07 -52.00 -16.85
N LEU F 112 14.30 -51.44 -15.94
CA LEU F 112 13.13 -52.17 -15.51
C LEU F 112 12.01 -52.05 -16.53
N THR F 113 12.01 -50.97 -17.31
CA THR F 113 11.12 -50.91 -18.46
C THR F 113 11.51 -51.95 -19.50
N LYS F 114 12.82 -52.16 -19.69
CA LYS F 114 13.35 -53.24 -20.51
C LYS F 114 12.84 -54.59 -20.03
N ARG F 115 12.97 -54.88 -18.73
CA ARG F 115 12.49 -56.15 -18.22
C ARG F 115 10.98 -56.29 -18.32
N LEU F 116 10.23 -55.20 -18.13
CA LEU F 116 8.78 -55.33 -18.17
C LEU F 116 8.28 -55.47 -19.60
N THR F 117 8.95 -54.84 -20.57
CA THR F 117 8.52 -55.00 -21.95
C THR F 117 9.02 -56.30 -22.55
N GLU F 118 10.00 -56.98 -21.94
CA GLU F 118 10.27 -58.33 -22.46
C GLU F 118 9.39 -59.35 -21.76
N LEU F 119 8.92 -59.04 -20.55
CA LEU F 119 8.09 -59.99 -19.82
C LEU F 119 6.62 -59.93 -20.20
N ILE F 120 6.12 -58.78 -20.61
CA ILE F 120 4.72 -58.64 -21.01
C ILE F 120 4.34 -59.45 -22.25
N PRO F 121 5.23 -59.83 -23.18
CA PRO F 121 4.88 -60.94 -24.10
C PRO F 121 5.30 -62.31 -23.61
N ALA F 122 6.20 -62.38 -22.61
CA ALA F 122 6.74 -63.67 -22.21
C ALA F 122 5.71 -64.51 -21.46
N VAL F 123 4.96 -63.88 -20.55
CA VAL F 123 3.90 -64.59 -19.86
C VAL F 123 2.56 -64.47 -20.57
N GLY F 124 2.44 -63.57 -21.54
CA GLY F 124 1.21 -63.44 -22.30
C GLY F 124 0.14 -62.66 -21.55
N VAL F 125 0.44 -61.42 -21.22
CA VAL F 125 -0.53 -60.56 -20.54
C VAL F 125 -1.62 -60.17 -21.52
N LYS F 126 -2.87 -60.49 -21.17
CA LYS F 126 -3.99 -60.10 -22.00
C LYS F 126 -4.55 -58.73 -21.66
N LEU F 127 -4.38 -58.27 -20.42
CA LEU F 127 -5.01 -57.04 -19.97
C LEU F 127 -4.30 -56.55 -18.70
N ILE F 128 -4.09 -55.25 -18.64
CA ILE F 128 -3.62 -54.57 -17.43
C ILE F 128 -4.69 -53.60 -16.94
N ILE F 129 -5.00 -53.68 -15.64
CA ILE F 129 -6.07 -52.94 -14.99
C ILE F 129 -5.46 -52.15 -13.84
N ILE F 130 -5.74 -50.85 -13.78
CA ILE F 130 -5.24 -49.99 -12.71
C ILE F 130 -6.43 -49.46 -11.91
N ASP F 131 -6.36 -49.62 -10.58
CA ASP F 131 -7.42 -49.18 -9.68
C ASP F 131 -7.43 -47.68 -9.43
N GLU F 132 -6.32 -47.10 -9.00
CA GLU F 132 -6.37 -45.83 -8.28
C GLU F 132 -5.65 -44.75 -9.08
N PHE F 133 -6.40 -44.04 -9.94
CA PHE F 133 -5.84 -43.00 -10.77
C PHE F 133 -5.83 -41.64 -10.10
N GLN F 134 -6.56 -41.47 -9.01
CA GLN F 134 -6.67 -40.17 -8.35
C GLN F 134 -5.46 -39.85 -7.49
N HIS F 135 -4.49 -40.76 -7.42
CA HIS F 135 -3.29 -40.55 -6.61
C HIS F 135 -2.24 -39.70 -7.32
N LEU F 136 -2.54 -39.18 -8.49
CA LEU F 136 -1.56 -38.41 -9.24
C LEU F 136 -1.79 -36.91 -9.14
N VAL F 137 -2.75 -36.49 -8.35
CA VAL F 137 -2.97 -35.08 -8.09
C VAL F 137 -2.32 -34.74 -6.75
N GLU F 138 -1.81 -33.52 -6.65
CA GLU F 138 -1.20 -33.05 -5.41
C GLU F 138 -2.26 -32.86 -4.35
N GLU F 139 -1.88 -33.03 -3.07
CA GLU F 139 -2.79 -32.78 -1.95
C GLU F 139 -3.25 -31.34 -1.89
N ARG F 140 -2.33 -30.43 -1.65
CA ARG F 140 -2.68 -29.07 -1.23
C ARG F 140 -2.98 -28.16 -2.40
N SER F 141 -2.47 -28.48 -3.58
CA SER F 141 -2.80 -27.76 -4.80
C SER F 141 -3.30 -28.75 -5.83
N ASN F 142 -3.91 -28.23 -6.88
CA ASN F 142 -4.41 -29.08 -7.94
C ASN F 142 -3.48 -29.12 -9.14
N ARG F 143 -2.18 -29.01 -8.92
CA ARG F 143 -1.25 -29.51 -9.92
C ARG F 143 -1.40 -31.01 -9.99
N VAL F 144 -1.24 -31.54 -11.20
CA VAL F 144 -1.26 -32.97 -11.44
C VAL F 144 0.08 -33.32 -12.06
N LEU F 145 0.64 -34.44 -11.63
CA LEU F 145 1.90 -34.92 -12.19
C LEU F 145 1.59 -35.96 -13.25
N THR F 146 2.14 -35.78 -14.45
CA THR F 146 1.97 -36.75 -15.51
C THR F 146 3.30 -37.31 -15.99
N GLN F 147 4.22 -37.57 -15.07
CA GLN F 147 5.33 -38.45 -15.39
C GLN F 147 4.82 -39.85 -15.66
N VAL F 148 3.97 -40.34 -14.76
CA VAL F 148 3.34 -41.65 -14.93
C VAL F 148 2.41 -41.69 -16.12
N GLY F 149 1.81 -40.57 -16.51
CA GLY F 149 0.94 -40.57 -17.67
C GLY F 149 1.71 -40.74 -18.97
N ASN F 150 2.81 -40.01 -19.13
CA ASN F 150 3.63 -40.19 -20.31
C ASN F 150 4.35 -41.52 -20.29
N TRP F 151 4.68 -42.03 -19.11
CA TRP F 151 5.25 -43.36 -19.02
C TRP F 151 4.24 -44.43 -19.41
N LEU F 152 2.98 -44.24 -19.04
CA LEU F 152 1.94 -45.17 -19.42
C LEU F 152 1.64 -45.10 -20.91
N LYS F 153 1.75 -43.92 -21.51
CA LYS F 153 1.66 -43.83 -22.97
C LYS F 153 2.82 -44.55 -23.63
N MET F 154 4.01 -44.46 -23.02
CA MET F 154 5.19 -45.12 -23.56
C MET F 154 5.04 -46.64 -23.53
N ILE F 155 4.55 -47.18 -22.41
CA ILE F 155 4.37 -48.62 -22.34
C ILE F 155 3.17 -49.05 -23.16
N LEU F 156 2.23 -48.14 -23.44
CA LEU F 156 1.12 -48.45 -24.31
C LEU F 156 1.58 -48.57 -25.76
N ASN F 157 2.40 -47.63 -26.21
CA ASN F 157 2.87 -47.63 -27.58
C ASN F 157 4.02 -48.61 -27.81
N LYS F 158 4.71 -49.02 -26.75
CA LYS F 158 5.78 -50.00 -26.88
C LYS F 158 5.22 -51.39 -27.17
N THR F 159 4.45 -51.92 -26.24
CA THR F 159 3.68 -53.14 -26.43
C THR F 159 2.20 -52.83 -26.34
N LYS F 160 1.41 -53.46 -27.21
CA LYS F 160 0.06 -53.00 -27.51
C LYS F 160 -0.95 -53.72 -26.60
N CYS F 161 -0.69 -53.66 -25.31
CA CYS F 161 -1.56 -54.30 -24.34
C CYS F 161 -2.66 -53.35 -23.92
N PRO F 162 -3.91 -53.78 -23.88
CA PRO F 162 -4.99 -52.88 -23.46
C PRO F 162 -4.94 -52.58 -21.97
N ILE F 163 -5.31 -51.35 -21.63
CA ILE F 163 -5.25 -50.82 -20.27
C ILE F 163 -6.62 -50.31 -19.87
N VAL F 164 -7.08 -50.74 -18.69
CA VAL F 164 -8.36 -50.30 -18.15
C VAL F 164 -8.09 -49.58 -16.84
N ILE F 165 -8.32 -48.28 -16.83
CA ILE F 165 -8.05 -47.45 -15.67
C ILE F 165 -9.36 -47.21 -14.93
N PHE F 166 -9.36 -47.48 -13.63
CA PHE F 166 -10.43 -47.08 -12.74
C PHE F 166 -9.99 -45.82 -12.01
N GLY F 167 -10.92 -45.16 -11.33
CA GLY F 167 -10.53 -43.98 -10.58
C GLY F 167 -11.71 -43.15 -10.16
N MET F 168 -11.39 -42.11 -9.39
CA MET F 168 -12.36 -41.18 -8.85
C MET F 168 -12.88 -40.28 -9.97
N PRO F 169 -14.07 -39.70 -9.79
CA PRO F 169 -14.59 -38.80 -10.84
C PRO F 169 -13.84 -37.49 -10.96
N TYR F 170 -13.16 -37.03 -9.91
CA TYR F 170 -12.33 -35.86 -10.05
C TYR F 170 -10.96 -36.16 -10.65
N SER F 171 -10.66 -37.43 -10.90
CA SER F 171 -9.37 -37.84 -11.44
C SER F 171 -9.30 -37.73 -12.95
N LYS F 172 -10.32 -37.15 -13.59
CA LYS F 172 -10.33 -37.11 -15.05
C LYS F 172 -9.61 -35.88 -15.57
N VAL F 173 -9.41 -34.87 -14.72
CA VAL F 173 -8.65 -33.70 -15.13
C VAL F 173 -7.19 -34.04 -15.34
N VAL F 174 -6.70 -35.09 -14.66
CA VAL F 174 -5.41 -35.68 -14.97
C VAL F 174 -5.36 -36.12 -16.42
N LEU F 175 -6.43 -36.75 -16.91
CA LEU F 175 -6.49 -37.12 -18.31
C LEU F 175 -6.68 -35.90 -19.20
N GLN F 176 -7.16 -34.80 -18.62
CA GLN F 176 -7.21 -33.54 -19.34
C GLN F 176 -5.86 -32.84 -19.41
N ALA F 177 -4.87 -33.35 -18.68
CA ALA F 177 -3.54 -32.77 -18.73
C ALA F 177 -2.86 -33.11 -20.05
N ASN F 178 -2.70 -34.40 -20.32
CA ASN F 178 -2.08 -34.87 -21.56
C ASN F 178 -3.18 -35.13 -22.57
N SER F 179 -3.14 -34.40 -23.68
CA SER F 179 -4.15 -34.58 -24.70
C SER F 179 -3.97 -35.88 -25.47
N GLN F 180 -2.75 -36.39 -25.54
CA GLN F 180 -2.55 -37.68 -26.18
C GLN F 180 -3.07 -38.81 -25.31
N LEU F 181 -2.94 -38.67 -23.99
CA LEU F 181 -3.64 -39.57 -23.08
C LEU F 181 -5.14 -39.44 -23.20
N HIS F 182 -5.63 -38.21 -23.45
CA HIS F 182 -7.06 -37.99 -23.57
C HIS F 182 -7.61 -38.65 -24.83
N GLY F 183 -6.88 -38.56 -25.94
CA GLY F 183 -7.31 -39.19 -27.16
C GLY F 183 -7.11 -40.68 -27.18
N ARG F 184 -6.10 -41.18 -26.45
CA ARG F 184 -5.86 -42.61 -26.45
C ARG F 184 -6.87 -43.34 -25.58
N PHE F 185 -7.51 -42.65 -24.64
CA PHE F 185 -8.54 -43.25 -23.80
C PHE F 185 -9.88 -42.73 -24.30
N SER F 186 -10.56 -43.56 -25.08
CA SER F 186 -11.77 -43.19 -25.81
C SER F 186 -13.03 -43.47 -25.01
N ILE F 187 -13.12 -44.66 -24.41
CA ILE F 187 -14.33 -45.09 -23.72
C ILE F 187 -14.24 -44.73 -22.23
N GLN F 188 -14.90 -43.64 -21.85
CA GLN F 188 -15.15 -43.28 -20.45
C GLN F 188 -16.62 -43.47 -20.11
N VAL F 189 -16.86 -44.07 -18.95
CA VAL F 189 -18.20 -44.46 -18.53
C VAL F 189 -18.55 -43.73 -17.23
N GLU F 190 -19.73 -44.04 -16.71
CA GLU F 190 -20.29 -43.35 -15.54
C GLU F 190 -20.90 -44.38 -14.59
N LEU F 191 -20.15 -44.74 -13.55
CA LEU F 191 -20.66 -45.63 -12.49
C LEU F 191 -21.10 -44.78 -11.31
N ARG F 192 -22.21 -44.10 -11.49
CA ARG F 192 -22.78 -43.24 -10.47
C ARG F 192 -23.65 -44.05 -9.53
N PRO F 193 -23.91 -43.56 -8.30
CA PRO F 193 -24.76 -44.32 -7.37
C PRO F 193 -26.22 -44.40 -7.77
N PHE F 194 -27.01 -45.00 -6.89
CA PHE F 194 -28.43 -45.24 -7.16
C PHE F 194 -29.20 -43.93 -7.18
N SER F 195 -30.09 -43.79 -8.16
CA SER F 195 -30.60 -42.46 -8.51
C SER F 195 -31.74 -42.03 -7.59
N TYR F 196 -32.84 -42.77 -7.56
CA TYR F 196 -34.04 -42.29 -6.89
C TYR F 196 -34.65 -43.36 -5.99
N GLN F 197 -35.70 -42.97 -5.27
CA GLN F 197 -36.46 -43.93 -4.41
C GLN F 197 -37.96 -43.91 -4.78
N GLY F 198 -38.35 -43.11 -5.78
CA GLY F 198 -39.73 -42.97 -6.17
C GLY F 198 -40.56 -44.15 -6.68
N GLY F 199 -39.92 -45.23 -7.10
CA GLY F 199 -40.61 -46.41 -7.56
C GLY F 199 -40.21 -46.83 -8.97
N ARG F 200 -40.27 -48.16 -9.18
CA ARG F 200 -39.87 -48.86 -10.41
C ARG F 200 -38.43 -48.55 -10.79
N GLY F 201 -37.53 -48.52 -9.81
CA GLY F 201 -36.12 -48.35 -10.07
C GLY F 201 -35.39 -49.66 -10.22
N VAL F 202 -34.15 -49.54 -10.70
CA VAL F 202 -33.14 -50.58 -10.63
C VAL F 202 -32.82 -50.89 -9.16
N PHE F 203 -32.95 -49.88 -8.30
CA PHE F 203 -32.79 -50.01 -6.84
C PHE F 203 -33.68 -51.10 -6.26
N LYS F 204 -34.92 -51.20 -6.74
CA LYS F 204 -35.89 -52.22 -6.34
C LYS F 204 -35.37 -53.64 -6.54
N THR F 205 -35.05 -53.97 -7.79
CA THR F 205 -34.58 -55.29 -8.17
C THR F 205 -33.25 -55.62 -7.52
N PHE F 206 -32.35 -54.63 -7.42
CA PHE F 206 -31.13 -54.80 -6.64
C PHE F 206 -31.44 -55.18 -5.20
N LEU F 207 -32.45 -54.53 -4.62
CA LEU F 207 -32.75 -54.70 -3.20
C LEU F 207 -33.31 -56.10 -2.95
N GLU F 208 -34.20 -56.56 -3.82
CA GLU F 208 -34.78 -57.88 -3.58
C GLU F 208 -33.88 -59.02 -4.05
N TYR F 209 -32.96 -58.77 -5.00
CA TYR F 209 -31.91 -59.75 -5.25
C TYR F 209 -30.97 -59.87 -4.06
N LEU F 210 -30.67 -58.75 -3.39
CA LEU F 210 -29.95 -58.82 -2.13
C LEU F 210 -30.76 -59.52 -1.07
N ASP F 211 -32.09 -59.39 -1.14
CA ASP F 211 -32.95 -60.01 -0.13
C ASP F 211 -32.96 -61.53 -0.28
N LYS F 212 -33.01 -62.02 -1.51
CA LYS F 212 -32.91 -63.47 -1.67
C LYS F 212 -31.47 -63.95 -1.47
N ALA F 213 -30.49 -63.05 -1.62
CA ALA F 213 -29.10 -63.41 -1.37
C ALA F 213 -28.77 -63.51 0.12
N LEU F 214 -29.62 -62.98 0.99
CA LEU F 214 -29.32 -62.94 2.42
C LEU F 214 -29.44 -64.35 3.03
N PRO F 215 -28.73 -64.63 4.12
CA PRO F 215 -28.76 -65.98 4.70
C PRO F 215 -30.05 -66.38 5.41
N PHE F 216 -31.08 -65.53 5.46
CA PHE F 216 -32.30 -65.89 6.15
C PHE F 216 -33.27 -66.55 5.17
N GLU F 217 -33.78 -67.72 5.55
CA GLU F 217 -34.28 -68.71 4.59
C GLU F 217 -35.77 -68.56 4.31
N LYS F 218 -36.42 -67.51 4.81
CA LYS F 218 -37.81 -67.31 4.43
C LYS F 218 -38.04 -66.02 3.65
N GLN F 219 -37.56 -64.89 4.16
CA GLN F 219 -37.82 -63.55 3.63
C GLN F 219 -36.99 -62.62 4.51
N ALA F 220 -36.46 -61.57 3.90
CA ALA F 220 -35.74 -60.56 4.66
C ALA F 220 -36.60 -59.38 5.07
N GLY F 221 -37.83 -59.27 4.55
CA GLY F 221 -38.72 -58.19 4.90
C GLY F 221 -38.40 -56.87 4.24
N LEU F 222 -37.30 -56.78 3.49
CA LEU F 222 -36.82 -55.54 2.93
C LEU F 222 -37.47 -55.33 1.56
N ALA F 223 -37.07 -54.23 0.90
CA ALA F 223 -37.64 -53.76 -0.37
C ALA F 223 -39.17 -53.60 -0.30
N ASN F 224 -39.65 -52.95 0.75
CA ASN F 224 -41.07 -52.78 0.98
C ASN F 224 -41.45 -51.31 0.79
N GLU F 225 -42.64 -50.96 1.25
CA GLU F 225 -43.26 -49.70 0.86
C GLU F 225 -42.55 -48.61 1.64
N SER F 226 -42.23 -48.87 2.91
CA SER F 226 -41.63 -47.87 3.78
C SER F 226 -40.17 -48.15 4.11
N LEU F 227 -39.67 -49.36 3.85
CA LEU F 227 -38.32 -49.68 4.25
C LEU F 227 -37.28 -49.05 3.35
N GLN F 228 -37.52 -49.04 2.03
CA GLN F 228 -36.60 -48.37 1.12
C GLN F 228 -36.60 -46.86 1.32
N LYS F 229 -37.67 -46.30 1.90
CA LYS F 229 -37.69 -44.88 2.26
C LYS F 229 -36.60 -44.56 3.26
N LYS F 230 -36.57 -45.27 4.39
CA LYS F 230 -35.54 -45.02 5.39
C LYS F 230 -34.17 -45.56 4.95
N LEU F 231 -34.15 -46.53 4.03
CA LEU F 231 -32.88 -47.00 3.48
C LEU F 231 -32.22 -45.92 2.63
N TYR F 232 -32.97 -45.31 1.70
CA TYR F 232 -32.46 -44.21 0.91
C TYR F 232 -32.30 -42.95 1.75
N ALA F 233 -33.00 -42.87 2.89
CA ALA F 233 -32.72 -41.79 3.83
C ALA F 233 -31.38 -41.98 4.51
N PHE F 234 -30.97 -43.23 4.74
CA PHE F 234 -29.69 -43.46 5.41
C PHE F 234 -28.52 -43.29 4.45
N SER F 235 -28.47 -44.11 3.42
CA SER F 235 -27.44 -44.03 2.40
C SER F 235 -27.97 -43.17 1.26
N GLN F 236 -27.13 -42.28 0.74
CA GLN F 236 -27.54 -41.37 -0.31
C GLN F 236 -27.90 -42.12 -1.58
N GLY F 237 -26.91 -42.75 -2.20
CA GLY F 237 -27.11 -43.80 -3.17
C GLY F 237 -25.98 -44.76 -2.88
N ASN F 238 -25.38 -44.53 -1.72
CA ASN F 238 -24.03 -44.96 -1.40
C ASN F 238 -24.02 -46.46 -1.13
N MET F 239 -23.44 -47.22 -2.06
CA MET F 239 -23.48 -48.67 -2.03
C MET F 239 -22.76 -49.24 -0.81
N ARG F 240 -21.61 -48.66 -0.46
CA ARG F 240 -20.80 -49.17 0.63
C ARG F 240 -21.51 -49.02 1.96
N SER F 241 -22.08 -47.86 2.23
CA SER F 241 -22.78 -47.65 3.50
C SER F 241 -24.09 -48.42 3.59
N LEU F 242 -24.80 -48.57 2.47
CA LEU F 242 -26.03 -49.35 2.46
C LEU F 242 -25.73 -50.81 2.76
N ARG F 243 -24.76 -51.39 2.04
CA ARG F 243 -24.36 -52.75 2.29
C ARG F 243 -23.74 -52.95 3.67
N ASN F 244 -23.05 -51.93 4.18
CA ASN F 244 -22.42 -52.01 5.49
C ASN F 244 -23.47 -52.06 6.58
N LEU F 245 -24.48 -51.18 6.51
CA LEU F 245 -25.56 -51.16 7.48
C LEU F 245 -26.39 -52.44 7.41
N ILE F 246 -26.61 -52.95 6.19
CA ILE F 246 -27.36 -54.19 6.00
C ILE F 246 -26.61 -55.37 6.63
N TYR F 247 -25.29 -55.42 6.45
CA TYR F 247 -24.49 -56.48 7.03
C TYR F 247 -24.44 -56.35 8.55
N GLN F 248 -24.40 -55.12 9.06
CA GLN F 248 -24.33 -54.91 10.50
C GLN F 248 -25.67 -55.23 11.17
N ALA F 249 -26.77 -55.14 10.41
CA ALA F 249 -28.03 -55.66 10.93
C ALA F 249 -28.09 -57.18 10.86
N SER F 250 -27.55 -57.78 9.80
CA SER F 250 -27.63 -59.22 9.63
C SER F 250 -26.83 -59.97 10.68
N ILE F 251 -25.67 -59.43 11.05
CA ILE F 251 -24.90 -60.02 12.14
C ILE F 251 -25.63 -59.87 13.48
N GLU F 252 -26.35 -58.78 13.69
CA GLU F 252 -27.05 -58.58 14.94
C GLU F 252 -28.24 -59.54 15.05
N ALA F 253 -28.88 -59.83 13.93
CA ALA F 253 -29.94 -60.81 13.91
C ALA F 253 -29.43 -62.22 14.11
N ILE F 254 -28.20 -62.53 13.67
CA ILE F 254 -27.75 -63.90 13.83
C ILE F 254 -26.95 -64.05 15.13
N ASP F 255 -26.72 -62.95 15.87
CA ASP F 255 -26.11 -63.05 17.19
C ASP F 255 -27.02 -63.77 18.18
N ASN F 256 -28.32 -63.52 18.11
CA ASN F 256 -29.27 -64.14 19.01
C ASN F 256 -30.37 -64.86 18.23
N GLN F 257 -31.42 -65.26 18.94
CA GLN F 257 -32.62 -65.77 18.28
C GLN F 257 -33.35 -64.66 17.53
N HIS F 258 -33.26 -64.66 16.20
CA HIS F 258 -34.03 -63.77 15.36
C HIS F 258 -34.29 -64.48 14.04
N GLU F 259 -35.50 -64.31 13.51
CA GLU F 259 -35.89 -65.03 12.30
C GLU F 259 -35.68 -64.21 11.02
N THR F 260 -35.65 -62.89 11.13
CA THR F 260 -35.37 -62.01 10.01
C THR F 260 -34.84 -60.70 10.60
N ILE F 261 -34.29 -59.83 9.74
CA ILE F 261 -33.94 -58.48 10.16
C ILE F 261 -35.23 -57.73 10.48
N THR F 262 -35.31 -57.14 11.68
CA THR F 262 -36.57 -56.58 12.15
C THR F 262 -36.29 -55.26 12.86
N GLU F 263 -37.28 -54.76 13.60
CA GLU F 263 -37.34 -53.36 14.02
C GLU F 263 -36.80 -53.15 15.43
N GLU F 264 -35.79 -53.93 15.79
CA GLU F 264 -35.15 -53.72 17.09
C GLU F 264 -33.63 -53.76 16.95
N ASP F 265 -33.16 -54.37 15.86
CA ASP F 265 -31.75 -54.65 15.68
C ASP F 265 -31.22 -53.89 14.47
N PHE F 266 -32.11 -53.54 13.53
CA PHE F 266 -31.79 -52.65 12.45
C PHE F 266 -31.53 -51.24 12.95
N VAL F 267 -32.21 -50.85 14.03
CA VAL F 267 -31.93 -49.58 14.71
C VAL F 267 -30.53 -49.51 15.29
N PHE F 268 -30.06 -50.56 15.98
CA PHE F 268 -28.71 -50.55 16.54
C PHE F 268 -27.66 -50.53 15.43
N ALA F 269 -27.98 -51.13 14.28
CA ALA F 269 -27.16 -50.98 13.08
C ALA F 269 -27.15 -49.55 12.56
N SER F 270 -28.25 -48.81 12.73
CA SER F 270 -28.21 -47.38 12.39
C SER F 270 -27.39 -46.60 13.41
N LYS F 271 -27.44 -47.03 14.68
CA LYS F 271 -26.62 -46.45 15.74
C LYS F 271 -25.13 -46.58 15.48
N LEU F 272 -24.67 -47.71 14.94
CA LEU F 272 -23.22 -47.88 14.71
C LEU F 272 -22.72 -47.10 13.51
N THR F 273 -23.28 -47.32 12.33
CA THR F 273 -22.66 -46.87 11.09
C THR F 273 -23.19 -45.49 10.66
N SER F 274 -23.49 -44.64 11.63
CA SER F 274 -23.90 -43.26 11.36
C SER F 274 -22.73 -42.29 11.49
N GLY F 275 -21.51 -42.79 11.64
CA GLY F 275 -20.36 -41.95 11.89
C GLY F 275 -19.84 -41.19 10.69
N ASP F 276 -19.80 -41.83 9.53
CA ASP F 276 -19.22 -41.20 8.35
C ASP F 276 -20.12 -40.14 7.75
N LYS F 277 -21.38 -40.08 8.16
CA LYS F 277 -22.33 -39.20 7.53
C LYS F 277 -22.10 -37.76 7.97
N PRO F 278 -22.48 -36.77 7.15
CA PRO F 278 -22.30 -35.37 7.55
C PRO F 278 -23.25 -34.97 8.68
N ASN F 279 -23.04 -33.74 9.15
CA ASN F 279 -23.83 -33.22 10.26
C ASN F 279 -25.26 -32.88 9.82
N SER F 280 -25.41 -32.32 8.62
CA SER F 280 -26.72 -31.95 8.12
C SER F 280 -27.51 -33.15 7.60
N TRP F 281 -26.86 -34.29 7.39
CA TRP F 281 -27.58 -35.52 7.08
C TRP F 281 -28.43 -35.93 8.27
N LYS F 282 -29.66 -36.35 8.01
CA LYS F 282 -30.56 -36.68 9.09
C LYS F 282 -30.64 -38.18 9.35
N ASN F 283 -30.57 -38.52 10.65
CA ASN F 283 -30.58 -39.79 11.36
C ASN F 283 -32.03 -40.22 11.58
N PRO F 284 -32.53 -41.19 10.79
CA PRO F 284 -34.00 -41.36 10.69
C PRO F 284 -34.68 -42.51 11.44
N PHE F 285 -34.01 -43.28 12.29
CA PHE F 285 -34.57 -44.59 12.65
C PHE F 285 -35.10 -44.70 14.08
N GLU F 286 -34.64 -43.88 15.03
CA GLU F 286 -34.81 -44.26 16.43
C GLU F 286 -36.24 -44.03 16.93
N GLU F 287 -36.70 -42.78 17.01
CA GLU F 287 -37.92 -42.55 17.78
C GLU F 287 -39.07 -41.99 16.97
N GLY F 288 -38.89 -40.96 16.15
CA GLY F 288 -40.02 -40.36 15.49
C GLY F 288 -39.73 -39.71 14.15
N VAL F 289 -38.58 -40.00 13.55
CA VAL F 289 -38.12 -39.21 12.41
C VAL F 289 -38.80 -39.74 11.16
N GLU F 290 -39.89 -39.07 10.78
CA GLU F 290 -40.47 -39.21 9.45
C GLU F 290 -39.70 -38.41 8.40
N VAL F 291 -39.59 -38.96 7.20
CA VAL F 291 -38.63 -38.50 6.20
C VAL F 291 -39.37 -37.69 5.14
N THR F 292 -38.92 -36.45 4.92
CA THR F 292 -39.54 -35.58 3.94
C THR F 292 -39.21 -36.06 2.53
N GLU F 293 -39.84 -35.45 1.52
CA GLU F 293 -39.63 -35.92 0.15
C GLU F 293 -38.31 -35.37 -0.39
N ASP F 294 -37.90 -34.20 0.08
CA ASP F 294 -36.66 -33.59 -0.41
C ASP F 294 -35.42 -34.35 0.03
N MET F 295 -35.54 -35.29 0.97
CA MET F 295 -34.33 -35.93 1.47
C MET F 295 -34.05 -37.23 0.74
N LEU F 296 -34.96 -37.65 -0.13
CA LEU F 296 -34.71 -38.75 -1.07
C LEU F 296 -34.30 -38.23 -2.44
N ARG F 297 -33.71 -37.04 -2.46
CA ARG F 297 -33.39 -36.31 -3.68
C ARG F 297 -32.19 -36.99 -4.33
N PRO F 298 -32.11 -37.02 -5.67
CA PRO F 298 -31.06 -37.78 -6.34
C PRO F 298 -29.69 -37.17 -6.10
N PRO F 299 -28.62 -37.98 -6.20
CA PRO F 299 -27.29 -37.46 -5.90
C PRO F 299 -26.83 -36.50 -6.98
N PRO F 300 -26.02 -35.51 -6.61
CA PRO F 300 -25.62 -34.50 -7.59
C PRO F 300 -24.54 -35.03 -8.53
N LYS F 301 -24.10 -34.14 -9.43
CA LYS F 301 -23.08 -34.52 -10.41
C LYS F 301 -21.69 -34.50 -9.78
N ASP F 302 -21.42 -33.54 -8.89
CA ASP F 302 -20.15 -33.49 -8.17
C ASP F 302 -20.24 -34.31 -6.89
N ILE F 303 -20.52 -35.60 -7.07
CA ILE F 303 -20.65 -36.55 -5.98
C ILE F 303 -19.34 -37.31 -5.75
N GLY F 304 -18.50 -37.36 -6.78
CA GLY F 304 -17.15 -37.84 -6.60
C GLY F 304 -16.16 -36.71 -6.77
N TRP F 305 -16.55 -35.50 -6.38
CA TRP F 305 -15.73 -34.33 -6.61
C TRP F 305 -15.47 -33.51 -5.36
N GLU F 306 -15.95 -33.96 -4.19
CA GLU F 306 -15.74 -33.18 -2.98
C GLU F 306 -14.36 -33.39 -2.36
N ASP F 307 -13.46 -34.07 -3.05
CA ASP F 307 -12.05 -34.01 -2.69
C ASP F 307 -11.34 -32.85 -3.36
N TYR F 308 -12.07 -31.99 -4.06
CA TYR F 308 -11.45 -31.07 -5.00
C TYR F 308 -11.88 -29.62 -4.86
N LEU F 309 -12.87 -29.29 -4.01
CA LEU F 309 -13.35 -27.90 -4.05
C LEU F 309 -12.42 -26.97 -3.30
N ARG F 310 -11.85 -27.46 -2.20
CA ARG F 310 -11.25 -26.61 -1.18
C ARG F 310 -9.98 -25.92 -1.66
N HIS F 311 -9.22 -26.57 -2.53
CA HIS F 311 -8.04 -25.95 -3.11
C HIS F 311 -8.28 -25.64 -4.58
N THR G 1 -16.81 -64.27 -36.09
CA THR G 1 -16.01 -63.07 -35.96
C THR G 1 -15.08 -62.88 -37.15
N ARG G 2 -14.28 -63.92 -37.43
CA ARG G 2 -13.32 -63.98 -38.53
C ARG G 2 -12.32 -62.81 -38.43
N GLU G 3 -11.45 -62.96 -37.42
CA GLU G 3 -10.47 -61.95 -36.98
C GLU G 3 -9.62 -61.36 -38.09
N ALA G 4 -9.46 -62.06 -39.22
CA ALA G 4 -8.86 -61.45 -40.40
C ALA G 4 -9.63 -60.22 -40.85
N ARG G 5 -10.97 -60.29 -40.85
CA ARG G 5 -11.76 -59.12 -41.22
C ARG G 5 -11.65 -58.01 -40.19
N ILE G 6 -11.42 -58.36 -38.92
CA ILE G 6 -11.31 -57.34 -37.88
C ILE G 6 -9.98 -56.59 -38.00
N SER G 7 -8.87 -57.33 -38.12
CA SER G 7 -7.57 -56.70 -38.29
C SER G 7 -7.46 -55.98 -39.63
N ARG G 8 -8.07 -56.54 -40.68
CA ARG G 8 -8.12 -55.92 -41.99
C ARG G 8 -9.07 -54.72 -42.02
N ALA G 9 -10.00 -54.61 -41.05
CA ALA G 9 -10.80 -53.41 -40.93
C ALA G 9 -10.09 -52.35 -40.10
N LYS G 10 -9.26 -52.77 -39.14
CA LYS G 10 -8.52 -51.81 -38.32
C LYS G 10 -7.34 -51.23 -39.10
N ARG G 11 -6.50 -52.08 -39.66
CA ARG G 11 -5.36 -51.65 -40.46
C ARG G 11 -5.84 -51.26 -41.85
N ALA G 12 -6.33 -50.04 -41.97
CA ALA G 12 -6.64 -49.46 -43.27
C ALA G 12 -6.07 -48.05 -43.32
N PHE G 13 -5.52 -47.68 -44.47
CA PHE G 13 -4.79 -46.43 -44.63
C PHE G 13 -5.28 -45.70 -45.87
N VAL G 14 -5.61 -44.43 -45.71
CA VAL G 14 -6.00 -43.56 -46.80
C VAL G 14 -4.96 -42.47 -46.92
N SER G 15 -4.41 -42.31 -48.13
CA SER G 15 -3.33 -41.35 -48.35
C SER G 15 -3.94 -40.03 -48.81
N THR G 16 -4.21 -39.15 -47.86
CA THR G 16 -4.55 -37.77 -48.18
C THR G 16 -3.30 -37.08 -48.72
N PRO G 17 -3.46 -36.03 -49.55
CA PRO G 17 -2.28 -35.43 -50.21
C PRO G 17 -1.25 -34.82 -49.27
N SER G 18 -1.64 -34.45 -48.05
CA SER G 18 -0.66 -33.93 -47.10
C SER G 18 0.29 -35.03 -46.64
N VAL G 19 -0.21 -36.26 -46.52
CA VAL G 19 0.63 -37.38 -46.11
C VAL G 19 1.67 -37.72 -47.18
N ARG G 20 1.24 -37.82 -48.44
CA ARG G 20 2.19 -38.09 -49.51
C ARG G 20 3.12 -36.90 -49.76
N LYS G 21 2.66 -35.68 -49.48
CA LYS G 21 3.55 -34.52 -49.46
C LYS G 21 4.66 -34.71 -48.42
N ILE G 22 4.29 -35.18 -47.23
CA ILE G 22 5.27 -35.45 -46.17
C ILE G 22 6.25 -36.52 -46.62
N LEU G 23 5.76 -37.68 -47.06
CA LEU G 23 6.65 -38.80 -47.37
C LEU G 23 7.55 -38.51 -48.55
N SER G 24 7.07 -37.70 -49.49
CA SER G 24 7.93 -37.17 -50.55
C SER G 24 9.03 -36.30 -49.98
N TYR G 25 8.68 -35.43 -49.02
CA TYR G 25 9.70 -34.61 -48.39
C TYR G 25 10.70 -35.43 -47.58
N MET G 26 10.29 -36.56 -46.98
CA MET G 26 11.31 -37.30 -46.24
C MET G 26 12.18 -38.15 -47.14
N ASP G 27 11.70 -38.62 -48.29
CA ASP G 27 12.64 -39.22 -49.24
C ASP G 27 13.58 -38.18 -49.83
N ARG G 28 13.04 -36.97 -50.07
CA ARG G 28 13.83 -35.81 -50.44
C ARG G 28 14.92 -35.53 -49.43
N CYS G 29 14.58 -35.60 -48.15
CA CYS G 29 15.54 -35.41 -47.07
C CYS G 29 16.54 -36.55 -46.96
N ARG G 30 16.10 -37.78 -47.24
CA ARG G 30 16.95 -38.97 -47.14
C ARG G 30 18.04 -38.95 -48.20
N ASP G 31 17.66 -39.01 -49.48
CA ASP G 31 18.72 -38.89 -50.48
C ASP G 31 18.84 -37.49 -51.05
N LEU G 32 18.62 -36.45 -50.25
CA LEU G 32 19.23 -35.17 -50.54
C LEU G 32 20.41 -34.90 -49.63
N SER G 33 20.32 -35.31 -48.37
CA SER G 33 21.45 -35.25 -47.45
C SER G 33 22.48 -36.25 -47.95
N ASP G 34 23.68 -35.76 -48.24
CA ASP G 34 24.71 -36.52 -48.92
C ASP G 34 25.66 -37.22 -47.96
N LEU G 35 25.52 -36.96 -46.67
CA LEU G 35 26.38 -37.44 -45.58
C LEU G 35 27.84 -37.00 -45.74
N GLU G 36 28.08 -35.97 -46.52
CA GLU G 36 29.36 -35.28 -46.58
C GLU G 36 29.28 -33.93 -45.87
N SER G 37 28.25 -33.14 -46.19
CA SER G 37 28.04 -31.76 -45.78
C SER G 37 26.74 -31.62 -45.00
N GLU G 38 26.34 -30.37 -44.81
CA GLU G 38 25.33 -29.99 -43.80
C GLU G 38 23.95 -30.50 -44.22
N PRO G 39 23.21 -31.18 -43.33
CA PRO G 39 21.91 -31.76 -43.71
C PRO G 39 20.78 -30.74 -43.77
N THR G 40 19.55 -31.21 -43.99
CA THR G 40 18.41 -30.37 -44.28
C THR G 40 17.46 -30.19 -43.09
N CYS G 41 17.23 -31.26 -42.31
CA CYS G 41 16.64 -31.22 -40.97
C CYS G 41 15.21 -30.66 -40.96
N MET G 42 14.31 -31.45 -41.54
CA MET G 42 12.89 -31.14 -41.57
C MET G 42 12.25 -31.24 -40.19
N MET G 43 11.18 -30.47 -39.99
CA MET G 43 10.34 -30.52 -38.81
C MET G 43 8.88 -30.69 -39.20
N VAL G 44 8.17 -31.60 -38.55
CA VAL G 44 6.77 -31.91 -38.87
C VAL G 44 5.92 -31.62 -37.65
N TYR G 45 4.79 -30.93 -37.85
CA TYR G 45 3.87 -30.71 -36.75
C TYR G 45 2.58 -31.51 -36.93
N GLY G 46 1.64 -31.28 -36.02
CA GLY G 46 0.34 -31.93 -36.07
C GLY G 46 -0.22 -32.16 -34.69
N ALA G 47 -1.53 -32.00 -34.54
CA ALA G 47 -2.19 -32.07 -33.25
C ALA G 47 -2.33 -33.52 -32.80
N SER G 48 -3.16 -33.75 -31.78
CA SER G 48 -3.34 -35.09 -31.26
C SER G 48 -4.23 -35.90 -32.20
N GLY G 49 -3.77 -37.08 -32.58
CA GLY G 49 -4.58 -37.96 -33.38
C GLY G 49 -4.78 -37.54 -34.82
N VAL G 50 -3.76 -36.93 -35.44
CA VAL G 50 -3.87 -36.53 -36.84
C VAL G 50 -3.13 -37.49 -37.76
N GLY G 51 -2.69 -38.63 -37.25
CA GLY G 51 -2.10 -39.65 -38.09
C GLY G 51 -0.59 -39.65 -38.20
N LYS G 52 0.11 -39.14 -37.19
CA LYS G 52 1.57 -38.98 -37.31
C LYS G 52 2.28 -40.32 -37.26
N THR G 53 1.98 -41.14 -36.24
CA THR G 53 2.64 -42.42 -36.07
C THR G 53 2.35 -43.35 -37.24
N THR G 54 1.13 -43.29 -37.77
CA THR G 54 0.79 -44.04 -38.97
C THR G 54 1.62 -43.62 -40.17
N VAL G 55 1.90 -42.32 -40.28
CA VAL G 55 2.76 -41.81 -41.35
C VAL G 55 4.17 -42.38 -41.22
N ILE G 56 4.74 -42.39 -40.01
CA ILE G 56 6.12 -42.86 -39.95
C ILE G 56 6.18 -44.38 -40.11
N LYS G 57 5.17 -45.11 -39.64
CA LYS G 57 5.17 -46.56 -39.87
C LYS G 57 4.97 -46.92 -41.34
N LYS G 58 4.13 -46.17 -42.06
CA LYS G 58 4.14 -46.21 -43.53
C LYS G 58 5.52 -45.96 -44.09
N TYR G 59 6.23 -45.00 -43.52
CA TYR G 59 7.54 -44.65 -44.06
C TYR G 59 8.58 -45.73 -43.80
N LEU G 60 8.61 -46.33 -42.62
CA LEU G 60 9.60 -47.37 -42.38
C LEU G 60 9.24 -48.66 -43.10
N ASN G 61 7.94 -48.89 -43.36
CA ASN G 61 7.56 -49.94 -44.30
C ASN G 61 8.18 -49.71 -45.67
N GLN G 62 7.79 -48.62 -46.33
CA GLN G 62 8.17 -48.35 -47.71
C GLN G 62 9.63 -47.98 -47.88
N ALA G 63 10.36 -47.75 -46.79
CA ALA G 63 11.77 -47.40 -46.87
C ALA G 63 12.70 -48.46 -46.31
N ALA G 64 12.22 -49.39 -45.48
CA ALA G 64 13.14 -50.25 -44.75
C ALA G 64 12.66 -51.69 -44.66
N ALA G 65 11.57 -52.07 -45.37
CA ALA G 65 11.12 -53.46 -45.33
C ALA G 65 12.16 -54.41 -45.90
N ALA G 66 12.60 -54.16 -47.14
CA ALA G 66 13.57 -55.03 -47.78
C ALA G 66 14.96 -54.93 -47.16
N ALA G 67 15.35 -53.75 -46.66
CA ALA G 67 16.68 -53.61 -46.09
C ALA G 67 16.75 -54.18 -44.68
N ALA G 68 15.63 -54.22 -43.96
CA ALA G 68 15.60 -54.94 -42.70
C ALA G 68 15.46 -56.44 -42.89
N ALA G 69 14.82 -56.88 -43.99
CA ALA G 69 14.81 -58.30 -44.30
C ALA G 69 16.14 -58.80 -44.84
N GLY G 70 16.97 -57.90 -45.39
CA GLY G 70 18.24 -58.33 -45.94
C GLY G 70 19.29 -58.59 -44.88
N GLY G 71 19.50 -57.63 -43.99
CA GLY G 71 20.51 -57.79 -42.96
C GLY G 71 20.43 -56.67 -41.95
N ASP G 72 21.42 -56.65 -41.05
CA ASP G 72 21.46 -55.67 -39.96
C ASP G 72 22.14 -54.45 -40.59
N ILE G 73 21.31 -53.59 -41.19
CA ILE G 73 21.73 -52.29 -41.67
C ILE G 73 21.07 -51.16 -40.88
N ILE G 74 19.76 -51.26 -40.67
CA ILE G 74 18.85 -50.27 -40.05
C ILE G 74 19.12 -48.85 -40.55
N PRO G 75 18.72 -48.56 -41.80
CA PRO G 75 19.01 -47.24 -42.38
C PRO G 75 18.19 -46.11 -41.76
N VAL G 76 16.89 -46.33 -41.56
CA VAL G 76 16.03 -45.36 -40.92
C VAL G 76 15.76 -45.83 -39.50
N LEU G 77 15.61 -44.87 -38.58
CA LEU G 77 15.40 -45.13 -37.16
C LEU G 77 14.16 -44.41 -36.65
N HIS G 78 13.58 -44.95 -35.57
CA HIS G 78 12.36 -44.40 -34.99
C HIS G 78 12.50 -44.26 -33.49
N ILE G 79 12.33 -43.03 -33.01
CA ILE G 79 12.64 -42.65 -31.64
C ILE G 79 11.46 -41.85 -31.09
N GLU G 80 11.09 -42.09 -29.84
CA GLU G 80 10.23 -41.18 -29.10
C GLU G 80 11.08 -40.65 -27.95
N LEU G 81 10.94 -39.37 -27.66
CA LEU G 81 11.62 -38.85 -26.49
C LEU G 81 10.77 -39.11 -25.24
N PRO G 82 11.35 -39.74 -24.22
CA PRO G 82 10.63 -39.89 -22.95
C PRO G 82 10.45 -38.55 -22.26
N ASP G 83 9.54 -38.54 -21.30
CA ASP G 83 9.06 -37.29 -20.74
C ASP G 83 10.10 -36.66 -19.84
N ASN G 84 10.27 -35.34 -19.99
CA ASN G 84 11.28 -34.54 -19.30
C ASN G 84 12.68 -35.14 -19.52
N ALA G 85 13.04 -35.24 -20.79
CA ALA G 85 14.18 -36.03 -21.23
C ALA G 85 15.48 -35.38 -20.79
N LYS G 86 16.26 -36.13 -20.02
CA LYS G 86 17.62 -35.73 -19.77
C LYS G 86 18.40 -36.02 -21.05
N PRO G 87 19.50 -35.31 -21.32
CA PRO G 87 20.25 -35.58 -22.54
C PRO G 87 20.85 -36.99 -22.57
N VAL G 88 21.31 -37.46 -21.42
CA VAL G 88 21.76 -38.85 -21.34
C VAL G 88 20.58 -39.80 -21.44
N ASP G 89 19.40 -39.39 -20.95
CA ASP G 89 18.22 -40.23 -21.03
C ASP G 89 17.76 -40.46 -22.46
N ALA G 90 17.66 -39.39 -23.25
CA ALA G 90 17.29 -39.56 -24.66
C ALA G 90 18.40 -40.24 -25.46
N ALA G 91 19.66 -39.94 -25.13
CA ALA G 91 20.77 -40.52 -25.89
C ALA G 91 20.87 -42.02 -25.67
N ARG G 92 20.64 -42.49 -24.44
CA ARG G 92 20.79 -43.91 -24.19
C ARG G 92 19.66 -44.72 -24.82
N GLU G 93 18.44 -44.17 -24.89
CA GLU G 93 17.36 -44.92 -25.51
C GLU G 93 17.49 -44.89 -27.02
N LEU G 94 18.00 -43.78 -27.58
CA LEU G 94 18.32 -43.74 -28.99
C LEU G 94 19.46 -44.69 -29.33
N LEU G 95 20.32 -44.98 -28.37
CA LEU G 95 21.41 -45.93 -28.57
C LEU G 95 20.97 -47.38 -28.46
N VAL G 96 20.14 -47.75 -27.46
CA VAL G 96 19.76 -49.15 -27.34
C VAL G 96 18.78 -49.52 -28.46
N GLU G 97 18.09 -48.52 -29.03
CA GLU G 97 17.23 -48.75 -30.19
C GLU G 97 18.00 -49.31 -31.37
N MET G 98 18.98 -48.56 -31.85
CA MET G 98 19.74 -49.00 -33.01
C MET G 98 20.80 -50.03 -32.62
N GLY G 99 21.18 -50.85 -33.60
CA GLY G 99 22.16 -51.90 -33.41
C GLY G 99 21.66 -52.97 -32.44
N ASP G 100 22.61 -53.73 -31.91
CA ASP G 100 22.34 -54.72 -30.86
C ASP G 100 23.23 -54.48 -29.65
N PRO G 101 23.13 -53.29 -28.99
CA PRO G 101 24.09 -52.98 -27.91
C PRO G 101 23.58 -53.29 -26.51
N LEU G 102 24.48 -53.21 -25.54
CA LEU G 102 24.09 -53.34 -24.13
C LEU G 102 23.75 -51.96 -23.58
N ALA G 103 24.70 -51.03 -23.64
CA ALA G 103 24.48 -49.62 -23.95
C ALA G 103 23.85 -48.70 -22.91
N LEU G 104 23.38 -49.21 -21.79
CA LEU G 104 22.68 -48.31 -20.88
C LEU G 104 22.96 -48.56 -19.41
N TYR G 105 23.91 -49.43 -19.09
CA TYR G 105 24.28 -49.65 -17.70
C TYR G 105 25.29 -48.60 -17.26
N GLU G 106 25.99 -48.03 -18.22
CA GLU G 106 26.72 -46.78 -18.02
C GLU G 106 25.91 -45.61 -18.54
N THR G 107 25.86 -44.54 -17.74
CA THR G 107 25.14 -43.30 -18.02
C THR G 107 26.18 -42.21 -17.79
N ASP G 108 27.00 -41.94 -18.80
CA ASP G 108 28.09 -41.01 -18.63
C ASP G 108 28.04 -39.84 -19.61
N LEU G 109 27.32 -39.97 -20.72
CA LEU G 109 26.87 -38.91 -21.63
C LEU G 109 28.00 -38.32 -22.46
N ALA G 110 29.24 -38.69 -22.20
CA ALA G 110 30.34 -38.41 -23.11
C ALA G 110 30.81 -39.66 -23.85
N ARG G 111 30.93 -40.78 -23.15
CA ARG G 111 31.38 -42.02 -23.77
C ARG G 111 30.25 -42.72 -24.52
N LEU G 112 29.00 -42.50 -24.16
CA LEU G 112 27.95 -43.06 -24.99
C LEU G 112 27.74 -42.24 -26.24
N THR G 113 28.07 -40.94 -26.18
CA THR G 113 28.13 -40.14 -27.39
C THR G 113 29.24 -40.63 -28.30
N LYS G 114 30.39 -41.01 -27.71
CA LYS G 114 31.48 -41.66 -28.43
C LYS G 114 31.00 -42.92 -29.13
N ARG G 115 30.31 -43.81 -28.40
CA ARG G 115 29.82 -45.03 -29.02
C ARG G 115 28.77 -44.76 -30.09
N LEU G 116 27.91 -43.76 -29.88
CA LEU G 116 26.86 -43.52 -30.86
C LEU G 116 27.41 -42.85 -32.12
N THR G 117 28.43 -42.00 -31.97
CA THR G 117 29.02 -41.39 -33.16
C THR G 117 29.98 -42.32 -33.87
N GLU G 118 30.43 -43.42 -33.23
CA GLU G 118 31.17 -44.37 -34.06
C GLU G 118 30.23 -45.38 -34.68
N LEU G 119 29.05 -45.58 -34.09
CA LEU G 119 28.12 -46.55 -34.64
C LEU G 119 27.23 -46.00 -35.73
N ILE G 120 26.94 -44.70 -35.71
CA ILE G 120 26.11 -44.08 -36.75
C ILE G 120 26.75 -44.10 -38.16
N PRO G 121 28.07 -44.17 -38.35
CA PRO G 121 28.55 -44.60 -39.68
C PRO G 121 28.78 -46.10 -39.81
N ALA G 122 28.83 -46.84 -38.69
CA ALA G 122 29.18 -48.26 -38.76
C ALA G 122 28.06 -49.08 -39.36
N VAL G 123 26.81 -48.81 -38.95
CA VAL G 123 25.68 -49.52 -39.55
C VAL G 123 25.10 -48.76 -40.74
N GLY G 124 25.49 -47.51 -40.95
CA GLY G 124 25.03 -46.77 -42.10
C GLY G 124 23.62 -46.22 -41.93
N VAL G 125 23.45 -45.38 -40.91
CA VAL G 125 22.16 -44.76 -40.66
C VAL G 125 21.89 -43.71 -41.74
N LYS G 126 20.77 -43.87 -42.45
CA LYS G 126 20.39 -42.88 -43.45
C LYS G 126 19.54 -41.77 -42.90
N LEU G 127 18.81 -42.00 -41.81
CA LEU G 127 17.87 -41.03 -41.30
C LEU G 127 17.51 -41.36 -39.86
N ILE G 128 17.43 -40.33 -39.03
CA ILE G 128 16.91 -40.43 -37.68
C ILE G 128 15.64 -39.60 -37.55
N ILE G 129 14.59 -40.21 -36.98
CA ILE G 129 13.25 -39.65 -36.88
C ILE G 129 12.86 -39.66 -35.40
N ILE G 130 12.40 -38.53 -34.89
CA ILE G 130 11.96 -38.41 -33.51
C ILE G 130 10.47 -38.07 -33.49
N ASP G 131 9.70 -38.84 -32.72
CA ASP G 131 8.26 -38.66 -32.61
C ASP G 131 7.85 -37.50 -31.70
N GLU G 132 8.33 -37.47 -30.47
CA GLU G 132 7.64 -36.70 -29.43
C GLU G 132 8.53 -35.57 -28.93
N PHE G 133 8.40 -34.40 -29.56
CA PHE G 133 9.20 -33.24 -29.19
C PHE G 133 8.56 -32.41 -28.10
N GLN G 134 7.29 -32.60 -27.80
CA GLN G 134 6.59 -31.79 -26.82
C GLN G 134 6.90 -32.20 -25.39
N HIS G 135 7.73 -33.22 -25.20
CA HIS G 135 8.09 -33.70 -23.87
C HIS G 135 9.19 -32.88 -23.23
N LEU G 136 9.64 -31.81 -23.87
CA LEU G 136 10.74 -31.02 -23.33
C LEU G 136 10.27 -29.74 -22.67
N VAL G 137 8.97 -29.54 -22.56
CA VAL G 137 8.42 -28.41 -21.82
C VAL G 137 8.01 -28.90 -20.44
N GLU G 138 8.14 -28.03 -19.45
CA GLU G 138 7.75 -28.35 -18.09
C GLU G 138 6.22 -28.45 -18.01
N GLU G 139 5.74 -29.29 -17.08
CA GLU G 139 4.29 -29.41 -16.85
C GLU G 139 3.68 -28.10 -16.37
N ARG G 140 4.08 -27.65 -15.18
CA ARG G 140 3.35 -26.62 -14.46
C ARG G 140 3.72 -25.22 -14.91
N SER G 141 4.91 -25.04 -15.46
CA SER G 141 5.32 -23.78 -16.05
C SER G 141 5.74 -24.02 -17.50
N ASN G 142 5.88 -22.94 -18.25
CA ASN G 142 6.32 -23.05 -19.62
C ASN G 142 7.78 -22.72 -19.80
N ARG G 143 8.61 -23.03 -18.80
CA ARG G 143 10.03 -23.19 -19.10
C ARG G 143 10.19 -24.41 -19.99
N VAL G 144 11.16 -24.31 -20.88
CA VAL G 144 11.52 -25.42 -21.76
C VAL G 144 12.98 -25.73 -21.48
N LEU G 145 13.31 -27.00 -21.44
CA LEU G 145 14.69 -27.43 -21.24
C LEU G 145 15.29 -27.74 -22.61
N THR G 146 16.44 -27.14 -22.90
CA THR G 146 17.14 -27.42 -24.13
C THR G 146 18.53 -27.97 -23.90
N GLN G 147 18.68 -28.84 -22.90
CA GLN G 147 19.87 -29.68 -22.85
C GLN G 147 19.87 -30.64 -24.02
N VAL G 148 18.72 -31.29 -24.25
CA VAL G 148 18.56 -32.18 -25.39
C VAL G 148 18.64 -31.45 -26.71
N GLY G 149 18.25 -30.17 -26.76
CA GLY G 149 18.33 -29.43 -28.00
C GLY G 149 19.76 -29.14 -28.40
N ASN G 150 20.58 -28.69 -27.45
CA ASN G 150 21.99 -28.45 -27.76
C ASN G 150 22.73 -29.76 -27.97
N TRP G 151 22.30 -30.83 -27.30
CA TRP G 151 22.88 -32.14 -27.56
C TRP G 151 22.53 -32.63 -28.96
N LEU G 152 21.31 -32.36 -29.41
CA LEU G 152 20.92 -32.75 -30.76
C LEU G 152 21.63 -31.91 -31.81
N LYS G 153 21.91 -30.63 -31.50
CA LYS G 153 22.76 -29.85 -32.40
C LYS G 153 24.17 -30.42 -32.46
N MET G 154 24.66 -30.89 -31.31
CA MET G 154 25.99 -31.47 -31.24
C MET G 154 26.10 -32.74 -32.07
N ILE G 155 25.10 -33.62 -31.97
CA ILE G 155 25.15 -34.83 -32.75
C ILE G 155 24.83 -34.54 -34.21
N LEU G 156 24.16 -33.43 -34.50
CA LEU G 156 23.93 -33.04 -35.88
C LEU G 156 25.20 -32.55 -36.53
N ASN G 157 25.97 -31.71 -35.83
CA ASN G 157 27.20 -31.18 -36.38
C ASN G 157 28.36 -32.16 -36.30
N LYS G 158 28.28 -33.16 -35.43
CA LYS G 158 29.32 -34.17 -35.34
C LYS G 158 29.29 -35.09 -36.56
N THR G 159 28.19 -35.83 -36.73
CA THR G 159 27.93 -36.60 -37.94
C THR G 159 26.70 -36.03 -38.64
N LYS G 160 26.77 -35.98 -39.96
CA LYS G 160 25.87 -35.15 -40.75
C LYS G 160 24.64 -35.95 -41.18
N CYS G 161 23.99 -36.58 -40.20
CA CYS G 161 22.82 -37.39 -40.47
C CYS G 161 21.57 -36.53 -40.41
N PRO G 162 20.66 -36.64 -41.37
CA PRO G 162 19.45 -35.83 -41.34
C PRO G 162 18.50 -36.29 -40.25
N ILE G 163 17.81 -35.32 -39.65
CA ILE G 163 16.90 -35.53 -38.53
C ILE G 163 15.53 -34.98 -38.86
N VAL G 164 14.50 -35.78 -38.65
CA VAL G 164 13.12 -35.39 -38.89
C VAL G 164 12.38 -35.46 -37.57
N ILE G 165 11.99 -34.30 -37.05
CA ILE G 165 11.34 -34.21 -35.76
C ILE G 165 9.84 -34.06 -36.00
N PHE G 166 9.06 -34.90 -35.34
CA PHE G 166 7.61 -34.74 -35.26
C PHE G 166 7.29 -34.12 -33.91
N GLY G 167 6.05 -33.67 -33.74
CA GLY G 167 5.68 -33.11 -32.46
C GLY G 167 4.40 -32.32 -32.51
N MET G 168 3.99 -31.89 -31.33
CA MET G 168 2.76 -31.13 -31.14
C MET G 168 2.94 -29.72 -31.68
N PRO G 169 1.85 -29.03 -32.02
CA PRO G 169 1.98 -27.65 -32.52
C PRO G 169 2.42 -26.66 -31.48
N TYR G 170 2.19 -26.92 -30.20
CA TYR G 170 2.73 -26.03 -29.17
C TYR G 170 4.18 -26.32 -28.85
N SER G 171 4.77 -27.34 -29.46
CA SER G 171 6.14 -27.73 -29.19
C SER G 171 7.15 -26.93 -30.00
N LYS G 172 6.70 -25.91 -30.74
CA LYS G 172 7.61 -25.18 -31.60
C LYS G 172 8.30 -24.06 -30.86
N VAL G 173 7.75 -23.64 -29.72
CA VAL G 173 8.40 -22.62 -28.92
C VAL G 173 9.70 -23.14 -28.32
N VAL G 174 9.80 -24.46 -28.13
CA VAL G 174 11.06 -25.11 -27.81
C VAL G 174 12.10 -24.81 -28.88
N LEU G 175 11.69 -24.88 -30.16
CA LEU G 175 12.59 -24.51 -31.23
C LEU G 175 12.83 -23.02 -31.28
N GLN G 176 11.93 -22.24 -30.66
CA GLN G 176 12.15 -20.82 -30.51
C GLN G 176 13.11 -20.50 -29.38
N ALA G 177 13.47 -21.50 -28.57
CA ALA G 177 14.42 -21.27 -27.48
C ALA G 177 15.83 -21.09 -28.05
N ASN G 178 16.32 -22.10 -28.75
CA ASN G 178 17.64 -22.05 -29.36
C ASN G 178 17.50 -21.55 -30.79
N SER G 179 18.12 -20.40 -31.07
CA SER G 179 18.04 -19.84 -32.41
C SER G 179 18.86 -20.63 -33.41
N GLN G 180 19.92 -21.31 -32.96
CA GLN G 180 20.68 -22.15 -33.87
C GLN G 180 19.90 -23.40 -34.22
N LEU G 181 19.12 -23.94 -33.27
CA LEU G 181 18.17 -24.98 -33.60
C LEU G 181 17.08 -24.47 -34.54
N HIS G 182 16.69 -23.21 -34.37
CA HIS G 182 15.65 -22.63 -35.22
C HIS G 182 16.14 -22.47 -36.65
N GLY G 183 17.38 -22.03 -36.83
CA GLY G 183 17.93 -21.90 -38.17
C GLY G 183 18.33 -23.22 -38.79
N ARG G 184 18.71 -24.19 -37.98
CA ARG G 184 19.10 -25.47 -38.55
C ARG G 184 17.90 -26.29 -39.01
N PHE G 185 16.72 -25.99 -38.48
CA PHE G 185 15.49 -26.67 -38.90
C PHE G 185 14.72 -25.69 -39.77
N SER G 186 14.83 -25.87 -41.08
CA SER G 186 14.33 -24.94 -42.08
C SER G 186 12.91 -25.27 -42.52
N ILE G 187 12.63 -26.55 -42.81
CA ILE G 187 11.35 -26.97 -43.34
C ILE G 187 10.42 -27.39 -42.21
N GLN G 188 9.52 -26.50 -41.83
CA GLN G 188 8.38 -26.79 -40.96
C GLN G 188 7.08 -26.79 -41.75
N VAL G 189 6.25 -27.79 -41.48
CA VAL G 189 5.03 -28.02 -42.25
C VAL G 189 3.83 -27.94 -41.32
N GLU G 190 2.65 -28.19 -41.88
CA GLU G 190 1.38 -28.03 -41.17
C GLU G 190 0.47 -29.22 -41.48
N LEU G 191 0.43 -30.19 -40.57
CA LEU G 191 -0.49 -31.32 -40.69
C LEU G 191 -1.71 -31.07 -39.82
N ARG G 192 -2.54 -30.14 -40.26
CA ARG G 192 -3.75 -29.77 -39.57
C ARG G 192 -4.88 -30.71 -39.94
N PRO G 193 -5.94 -30.82 -39.10
CA PRO G 193 -7.05 -31.72 -39.44
C PRO G 193 -7.89 -31.27 -40.62
N PHE G 194 -8.95 -32.02 -40.88
CA PHE G 194 -9.81 -31.78 -42.03
C PHE G 194 -10.59 -30.48 -41.87
N SER G 195 -10.65 -29.69 -42.94
CA SER G 195 -11.03 -28.28 -42.80
C SER G 195 -12.53 -28.09 -42.72
N TYR G 196 -13.27 -28.49 -43.76
CA TYR G 196 -14.69 -28.12 -43.85
C TYR G 196 -15.54 -29.33 -44.22
N GLN G 197 -16.86 -29.10 -44.23
CA GLN G 197 -17.86 -30.13 -44.63
C GLN G 197 -18.72 -29.62 -45.80
N GLY G 198 -18.51 -28.39 -46.24
CA GLY G 198 -19.33 -27.76 -47.27
C GLY G 198 -19.45 -28.34 -48.66
N GLY G 199 -18.53 -29.20 -49.07
CA GLY G 199 -18.58 -29.84 -50.37
C GLY G 199 -17.31 -29.62 -51.19
N ARG G 200 -17.02 -30.64 -52.02
CA ARG G 200 -15.82 -30.74 -52.86
C ARG G 200 -14.54 -30.62 -52.07
N GLY G 201 -14.49 -31.25 -50.90
CA GLY G 201 -13.29 -31.31 -50.11
C GLY G 201 -12.43 -32.53 -50.39
N VAL G 202 -11.21 -32.46 -49.87
CA VAL G 202 -10.33 -33.62 -49.72
C VAL G 202 -10.98 -34.66 -48.78
N PHE G 203 -11.78 -34.18 -47.83
CA PHE G 203 -12.56 -35.00 -46.92
C PHE G 203 -13.44 -36.01 -47.66
N LYS G 204 -14.06 -35.59 -48.77
CA LYS G 204 -14.89 -36.42 -49.63
C LYS G 204 -14.15 -37.65 -50.14
N THR G 205 -13.07 -37.41 -50.87
CA THR G 205 -12.26 -38.47 -51.47
C THR G 205 -11.62 -39.36 -50.42
N PHE G 206 -11.15 -38.76 -49.31
CA PHE G 206 -10.70 -39.56 -48.17
C PHE G 206 -11.79 -40.49 -47.69
N LEU G 207 -13.03 -39.99 -47.62
CA LEU G 207 -14.13 -40.73 -47.03
C LEU G 207 -14.50 -41.91 -47.92
N GLU G 208 -14.54 -41.70 -49.23
CA GLU G 208 -14.93 -42.81 -50.10
C GLU G 208 -13.77 -43.75 -50.40
N TYR G 209 -12.52 -43.30 -50.29
CA TYR G 209 -11.42 -44.25 -50.29
C TYR G 209 -11.45 -45.13 -49.05
N LEU G 210 -11.81 -44.55 -47.90
CA LEU G 210 -12.06 -45.38 -46.71
C LEU G 210 -13.25 -46.30 -46.92
N ASP G 211 -14.22 -45.85 -47.71
CA ASP G 211 -15.42 -46.66 -47.95
C ASP G 211 -15.10 -47.88 -48.79
N LYS G 212 -14.27 -47.71 -49.84
CA LYS G 212 -13.87 -48.89 -50.59
C LYS G 212 -12.85 -49.71 -49.82
N ALA G 213 -12.14 -49.09 -48.87
CA ALA G 213 -11.20 -49.84 -48.03
C ALA G 213 -11.88 -50.69 -46.97
N LEU G 214 -13.16 -50.47 -46.70
CA LEU G 214 -13.85 -51.18 -45.64
C LEU G 214 -14.11 -52.64 -46.05
N PRO G 215 -14.22 -53.55 -45.08
CA PRO G 215 -14.41 -54.98 -45.41
C PRO G 215 -15.77 -55.35 -45.99
N PHE G 216 -16.70 -54.43 -46.16
CA PHE G 216 -18.01 -54.79 -46.68
C PHE G 216 -18.02 -54.67 -48.20
N GLU G 217 -18.47 -55.74 -48.87
CA GLU G 217 -18.09 -56.00 -50.25
C GLU G 217 -19.04 -55.41 -51.26
N LYS G 218 -20.01 -54.62 -50.84
CA LYS G 218 -20.86 -53.94 -51.82
C LYS G 218 -20.73 -52.43 -51.80
N GLN G 219 -20.88 -51.81 -50.63
CA GLN G 219 -20.94 -50.37 -50.42
C GLN G 219 -21.02 -50.17 -48.92
N ALA G 220 -20.39 -49.11 -48.44
CA ALA G 220 -20.49 -48.77 -47.02
C ALA G 220 -21.59 -47.77 -46.72
N GLY G 221 -22.20 -47.16 -47.73
CA GLY G 221 -23.26 -46.19 -47.53
C GLY G 221 -22.81 -44.84 -47.07
N LEU G 222 -21.51 -44.65 -46.82
CA LEU G 222 -20.98 -43.43 -46.23
C LEU G 222 -20.63 -42.46 -47.35
N ALA G 223 -20.09 -41.30 -46.96
CA ALA G 223 -19.79 -40.17 -47.85
C ALA G 223 -21.00 -39.73 -48.66
N ASN G 224 -22.13 -39.56 -47.99
CA ASN G 224 -23.38 -39.20 -48.64
C ASN G 224 -23.77 -37.79 -48.27
N GLU G 225 -25.02 -37.43 -48.56
CA GLU G 225 -25.43 -36.04 -48.53
C GLU G 225 -25.56 -35.63 -47.06
N SER G 226 -26.09 -36.53 -46.23
CA SER G 226 -26.35 -36.22 -44.83
C SER G 226 -25.42 -36.95 -43.87
N LEU G 227 -24.69 -37.97 -44.33
CA LEU G 227 -23.87 -38.74 -43.41
C LEU G 227 -22.61 -37.99 -43.00
N GLN G 228 -21.95 -37.32 -43.95
CA GLN G 228 -20.78 -36.52 -43.60
C GLN G 228 -21.13 -35.33 -42.73
N LYS G 229 -22.40 -34.89 -42.76
CA LYS G 229 -22.86 -33.85 -41.84
C LYS G 229 -22.73 -34.30 -40.39
N LYS G 230 -23.31 -35.45 -40.05
CA LYS G 230 -23.20 -35.93 -38.68
C LYS G 230 -21.82 -36.49 -38.38
N LEU G 231 -21.06 -36.89 -39.40
CA LEU G 231 -19.67 -37.30 -39.18
C LEU G 231 -18.80 -36.13 -38.75
N TYR G 232 -18.88 -35.02 -39.49
CA TYR G 232 -18.16 -33.81 -39.10
C TYR G 232 -18.78 -33.17 -37.86
N ALA G 233 -20.04 -33.49 -37.55
CA ALA G 233 -20.60 -33.08 -36.27
C ALA G 233 -19.99 -33.86 -35.12
N PHE G 234 -19.63 -35.12 -35.36
CA PHE G 234 -19.06 -35.93 -34.28
C PHE G 234 -17.58 -35.59 -34.06
N SER G 235 -16.76 -35.82 -35.07
CA SER G 235 -15.34 -35.49 -35.01
C SER G 235 -15.16 -34.11 -35.60
N GLN G 236 -14.33 -33.29 -34.94
CA GLN G 236 -14.11 -31.92 -35.39
C GLN G 236 -13.45 -31.89 -36.76
N GLY G 237 -12.22 -32.34 -36.83
CA GLY G 237 -11.58 -32.73 -38.07
C GLY G 237 -10.77 -33.94 -37.69
N ASN G 238 -11.10 -34.43 -36.49
CA ASN G 238 -10.21 -35.26 -35.68
C ASN G 238 -10.15 -36.66 -36.27
N MET G 239 -8.99 -36.99 -36.85
CA MET G 239 -8.82 -38.24 -37.59
C MET G 239 -8.95 -39.47 -36.69
N ARG G 240 -8.40 -39.38 -35.48
CA ARG G 240 -8.41 -40.52 -34.56
C ARG G 240 -9.82 -40.88 -34.12
N SER G 241 -10.61 -39.88 -33.73
CA SER G 241 -11.97 -40.15 -33.29
C SER G 241 -12.90 -40.55 -34.42
N LEU G 242 -12.69 -39.98 -35.61
CA LEU G 242 -13.50 -40.38 -36.77
C LEU G 242 -13.24 -41.83 -37.14
N ARG G 243 -11.97 -42.20 -37.26
CA ARG G 243 -11.60 -43.56 -37.55
C ARG G 243 -11.99 -44.52 -36.43
N ASN G 244 -11.93 -44.05 -35.18
CA ASN G 244 -12.29 -44.88 -34.04
C ASN G 244 -13.78 -45.21 -34.04
N LEU G 245 -14.62 -44.19 -34.27
CA LEU G 245 -16.06 -44.41 -34.34
C LEU G 245 -16.44 -45.26 -35.54
N ILE G 246 -15.75 -45.07 -36.66
CA ILE G 246 -16.00 -45.87 -37.85
C ILE G 246 -15.66 -47.34 -37.61
N TYR G 247 -14.54 -47.59 -36.93
CA TYR G 247 -14.14 -48.95 -36.60
C TYR G 247 -15.09 -49.58 -35.58
N GLN G 248 -15.57 -48.78 -34.65
CA GLN G 248 -16.48 -49.29 -33.62
C GLN G 248 -17.86 -49.57 -34.19
N ALA G 249 -18.22 -48.91 -35.29
CA ALA G 249 -19.43 -49.30 -36.01
C ALA G 249 -19.20 -50.55 -36.85
N SER G 250 -18.01 -50.68 -37.46
CA SER G 250 -17.75 -51.82 -38.35
C SER G 250 -17.69 -53.13 -37.59
N ILE G 251 -17.13 -53.11 -36.37
CA ILE G 251 -17.16 -54.30 -35.53
C ILE G 251 -18.59 -54.65 -35.10
N GLU G 252 -19.44 -53.65 -34.87
CA GLU G 252 -20.80 -53.92 -34.43
C GLU G 252 -21.61 -54.52 -35.57
N ALA G 253 -21.33 -54.08 -36.80
CA ALA G 253 -21.97 -54.68 -37.95
C ALA G 253 -21.48 -56.09 -38.23
N ILE G 254 -20.23 -56.41 -37.89
CA ILE G 254 -19.78 -57.76 -38.20
C ILE G 254 -19.99 -58.69 -36.99
N ASP G 255 -20.44 -58.16 -35.86
CA ASP G 255 -20.81 -59.00 -34.73
C ASP G 255 -22.02 -59.87 -35.04
N ASN G 256 -22.99 -59.33 -35.77
CA ASN G 256 -24.20 -60.08 -36.11
C ASN G 256 -24.41 -60.06 -37.62
N GLN G 257 -25.60 -60.51 -38.04
CA GLN G 257 -26.00 -60.36 -39.44
C GLN G 257 -26.26 -58.89 -39.79
N HIS G 258 -25.35 -58.29 -40.53
CA HIS G 258 -25.52 -56.96 -41.07
C HIS G 258 -24.77 -56.87 -42.40
N GLU G 259 -25.37 -56.21 -43.38
CA GLU G 259 -24.79 -56.16 -44.71
C GLU G 259 -23.93 -54.91 -44.95
N THR G 260 -24.19 -53.84 -44.21
CA THR G 260 -23.39 -52.61 -44.27
C THR G 260 -23.58 -51.91 -42.94
N ILE G 261 -22.74 -50.89 -42.67
CA ILE G 261 -22.96 -50.00 -41.53
C ILE G 261 -24.26 -49.24 -41.76
N THR G 262 -25.16 -49.29 -40.78
CA THR G 262 -26.51 -48.74 -40.98
C THR G 262 -26.95 -48.02 -39.72
N GLU G 263 -28.25 -47.72 -39.63
CA GLU G 263 -28.78 -46.72 -38.71
C GLU G 263 -29.31 -47.33 -37.41
N GLU G 264 -28.64 -48.39 -36.97
CA GLU G 264 -29.04 -48.98 -35.68
C GLU G 264 -27.79 -49.28 -34.84
N ASP G 265 -26.64 -49.38 -35.53
CA ASP G 265 -25.41 -49.87 -34.91
C ASP G 265 -24.36 -48.76 -34.93
N PHE G 266 -24.50 -47.81 -35.88
CA PHE G 266 -23.69 -46.61 -35.90
C PHE G 266 -24.04 -45.71 -34.72
N VAL G 267 -25.30 -45.73 -34.29
CA VAL G 267 -25.73 -45.05 -33.07
C VAL G 267 -25.04 -45.57 -31.82
N PHE G 268 -24.97 -46.90 -31.64
CA PHE G 268 -24.30 -47.45 -30.46
C PHE G 268 -22.81 -47.15 -30.47
N ALA G 269 -22.22 -47.05 -31.67
CA ALA G 269 -20.86 -46.54 -31.82
C ALA G 269 -20.75 -45.08 -31.42
N SER G 270 -21.80 -44.27 -31.62
CA SER G 270 -21.77 -42.92 -31.08
C SER G 270 -21.93 -42.91 -29.57
N LYS G 271 -22.70 -43.87 -29.04
CA LYS G 271 -22.85 -44.06 -27.60
C LYS G 271 -21.53 -44.39 -26.90
N LEU G 272 -20.67 -45.19 -27.52
CA LEU G 272 -19.41 -45.56 -26.86
C LEU G 272 -18.38 -44.43 -26.88
N THR G 273 -18.02 -43.94 -28.06
CA THR G 273 -16.84 -43.10 -28.20
C THR G 273 -17.17 -41.61 -28.10
N SER G 274 -18.15 -41.27 -27.27
CA SER G 274 -18.50 -39.89 -26.99
C SER G 274 -17.86 -39.38 -25.70
N GLY G 275 -16.94 -40.15 -25.12
CA GLY G 275 -16.38 -39.82 -23.84
C GLY G 275 -15.34 -38.71 -23.86
N ASP G 276 -14.46 -38.72 -24.86
CA ASP G 276 -13.37 -37.75 -24.90
C ASP G 276 -13.83 -36.36 -25.29
N LYS G 277 -15.04 -36.22 -25.79
CA LYS G 277 -15.51 -34.96 -26.33
C LYS G 277 -15.84 -33.99 -25.19
N PRO G 278 -15.76 -32.68 -25.43
CA PRO G 278 -16.09 -31.72 -24.37
C PRO G 278 -17.58 -31.70 -24.07
N ASN G 279 -17.91 -30.93 -23.04
CA ASN G 279 -19.31 -30.83 -22.59
C ASN G 279 -20.15 -30.01 -23.57
N SER G 280 -19.59 -28.93 -24.10
CA SER G 280 -20.32 -28.09 -25.03
C SER G 280 -20.40 -28.68 -26.44
N TRP G 281 -19.59 -29.70 -26.74
CA TRP G 281 -19.75 -30.44 -27.98
C TRP G 281 -21.09 -31.15 -27.99
N LYS G 282 -21.78 -31.12 -29.12
CA LYS G 282 -23.11 -31.71 -29.18
C LYS G 282 -23.10 -33.09 -29.82
N ASN G 283 -23.81 -34.00 -29.16
CA ASN G 283 -24.07 -35.42 -29.36
C ASN G 283 -25.25 -35.57 -30.34
N PRO G 284 -24.98 -35.91 -31.62
CA PRO G 284 -26.00 -35.68 -32.67
C PRO G 284 -26.80 -36.85 -33.21
N PHE G 285 -26.73 -38.06 -32.67
CA PHE G 285 -27.18 -39.22 -33.44
C PHE G 285 -28.47 -39.87 -32.96
N GLU G 286 -28.85 -39.73 -31.69
CA GLU G 286 -29.82 -40.68 -31.13
C GLU G 286 -31.25 -40.40 -31.59
N GLU G 287 -31.83 -39.27 -31.20
CA GLU G 287 -33.29 -39.17 -31.37
C GLU G 287 -33.73 -38.04 -32.30
N GLY G 288 -33.22 -36.82 -32.16
CA GLY G 288 -33.75 -35.74 -32.96
C GLY G 288 -32.79 -34.62 -33.26
N VAL G 289 -31.49 -34.83 -33.07
CA VAL G 289 -30.53 -33.73 -33.08
C VAL G 289 -30.17 -33.43 -34.53
N GLU G 290 -30.85 -32.44 -35.10
CA GLU G 290 -30.43 -31.81 -36.33
C GLU G 290 -29.30 -30.79 -36.10
N VAL G 291 -28.36 -30.72 -37.04
CA VAL G 291 -27.08 -30.07 -36.82
C VAL G 291 -27.08 -28.71 -37.51
N THR G 292 -26.80 -27.66 -36.76
CA THR G 292 -26.78 -26.31 -37.28
C THR G 292 -25.55 -26.11 -38.18
N GLU G 293 -25.47 -24.98 -38.88
CA GLU G 293 -24.38 -24.79 -39.82
C GLU G 293 -23.12 -24.35 -39.07
N ASP G 294 -23.29 -23.68 -37.93
CA ASP G 294 -22.13 -23.20 -37.17
C ASP G 294 -21.37 -24.34 -36.51
N MET G 295 -21.90 -25.56 -36.49
CA MET G 295 -21.22 -26.60 -35.75
C MET G 295 -20.34 -27.43 -36.67
N LEU G 296 -20.40 -27.17 -37.98
CA LEU G 296 -19.45 -27.72 -38.95
C LEU G 296 -18.34 -26.72 -39.27
N ARG G 297 -18.07 -25.83 -38.32
CA ARG G 297 -17.17 -24.70 -38.50
C ARG G 297 -15.74 -25.24 -38.49
N PRO G 298 -14.82 -24.65 -39.28
CA PRO G 298 -13.49 -25.23 -39.42
C PRO G 298 -12.70 -25.13 -38.13
N PRO G 299 -11.70 -26.00 -37.93
CA PRO G 299 -10.96 -26.01 -36.68
C PRO G 299 -10.08 -24.77 -36.55
N PRO G 300 -9.85 -24.29 -35.34
CA PRO G 300 -9.08 -23.05 -35.18
C PRO G 300 -7.59 -23.30 -35.35
N LYS G 301 -6.82 -22.23 -35.19
CA LYS G 301 -5.37 -22.31 -35.34
C LYS G 301 -4.72 -22.91 -34.10
N ASP G 302 -5.24 -22.57 -32.91
CA ASP G 302 -4.74 -23.16 -31.66
C ASP G 302 -5.50 -24.44 -31.35
N ILE G 303 -5.38 -25.39 -32.28
CA ILE G 303 -6.05 -26.69 -32.18
C ILE G 303 -5.08 -27.73 -31.61
N GLY G 304 -3.78 -27.47 -31.74
CA GLY G 304 -2.80 -28.28 -31.04
C GLY G 304 -2.12 -27.46 -29.96
N TRP G 305 -2.85 -26.52 -29.37
CA TRP G 305 -2.26 -25.60 -28.41
C TRP G 305 -3.00 -25.56 -27.08
N GLU G 306 -4.03 -26.39 -26.89
CA GLU G 306 -4.76 -26.34 -25.63
C GLU G 306 -4.08 -27.13 -24.52
N ASP G 307 -2.85 -27.59 -24.72
CA ASP G 307 -2.04 -28.02 -23.60
C ASP G 307 -1.26 -26.87 -22.99
N TYR G 308 -1.49 -25.64 -23.43
CA TYR G 308 -0.57 -24.55 -23.17
C TYR G 308 -1.21 -23.28 -22.61
N LEU G 309 -2.55 -23.18 -22.54
CA LEU G 309 -3.09 -21.88 -22.17
C LEU G 309 -3.02 -21.65 -20.68
N ARG G 310 -3.21 -22.72 -19.90
CA ARG G 310 -3.54 -22.61 -18.48
C ARG G 310 -2.39 -22.07 -17.66
N HIS G 311 -1.16 -22.40 -18.03
CA HIS G 311 0.01 -21.86 -17.34
C HIS G 311 0.73 -20.85 -18.24
N THR H 1 -57.86 -4.49 -27.43
CA THR H 1 -56.98 -3.32 -27.47
C THR H 1 -56.08 -3.35 -28.70
N ARG H 2 -55.36 -4.46 -28.86
CA ARG H 2 -54.43 -4.71 -29.97
C ARG H 2 -53.36 -3.63 -30.03
N GLU H 3 -52.47 -3.69 -29.04
CA GLU H 3 -51.43 -2.71 -28.74
C GLU H 3 -50.57 -2.32 -29.94
N ALA H 4 -50.50 -3.15 -30.98
CA ALA H 4 -49.89 -2.75 -32.24
C ALA H 4 -50.59 -1.53 -32.82
N ARG H 5 -51.93 -1.50 -32.78
CA ARG H 5 -52.67 -0.34 -33.29
C ARG H 5 -52.45 0.87 -32.40
N ILE H 6 -52.21 0.68 -31.11
CA ILE H 6 -52.00 1.80 -30.21
C ILE H 6 -50.63 2.45 -30.46
N SER H 7 -49.58 1.62 -30.50
CA SER H 7 -48.24 2.14 -30.78
C SER H 7 -48.14 2.68 -32.21
N ARG H 8 -48.80 2.03 -33.15
CA ARG H 8 -48.86 2.49 -34.53
C ARG H 8 -49.74 3.74 -34.69
N ALA H 9 -50.62 4.01 -33.73
CA ALA H 9 -51.34 5.28 -33.74
C ALA H 9 -50.55 6.38 -33.06
N LYS H 10 -49.72 6.04 -32.08
CA LYS H 10 -48.90 7.04 -31.41
C LYS H 10 -47.70 7.45 -32.28
N ARG H 11 -46.94 6.47 -32.74
CA ARG H 11 -45.79 6.73 -33.62
C ARG H 11 -46.30 6.96 -35.04
N ALA H 12 -46.70 8.19 -35.30
CA ALA H 12 -47.02 8.62 -36.65
C ALA H 12 -46.36 9.98 -36.89
N PHE H 13 -45.83 10.16 -38.09
CA PHE H 13 -45.03 11.33 -38.43
C PHE H 13 -45.50 11.93 -39.74
N VAL H 14 -45.75 13.23 -39.73
CA VAL H 14 -46.13 13.98 -40.93
C VAL H 14 -45.03 14.98 -41.21
N SER H 15 -44.49 14.95 -42.43
CA SER H 15 -43.37 15.81 -42.81
C SER H 15 -43.92 17.09 -43.41
N THR H 16 -44.11 18.10 -42.57
CA THR H 16 -44.37 19.44 -43.05
C THR H 16 -43.08 19.98 -43.71
N PRO H 17 -43.21 20.93 -44.67
CA PRO H 17 -42.01 21.36 -45.42
C PRO H 17 -40.93 22.02 -44.59
N SER H 18 -41.26 22.57 -43.41
CA SER H 18 -40.21 23.14 -42.56
C SER H 18 -39.32 22.04 -41.99
N VAL H 19 -39.89 20.87 -41.70
CA VAL H 19 -39.11 19.75 -41.17
C VAL H 19 -38.13 19.23 -42.20
N ARG H 20 -38.60 18.99 -43.42
CA ARG H 20 -37.71 18.53 -44.48
C ARG H 20 -36.71 19.60 -44.89
N LYS H 21 -37.09 20.88 -44.77
CA LYS H 21 -36.12 21.97 -44.91
C LYS H 21 -35.00 21.85 -43.88
N ILE H 22 -35.36 21.56 -42.64
CA ILE H 22 -34.37 21.36 -41.57
C ILE H 22 -33.45 20.19 -41.90
N LEU H 23 -34.04 19.01 -42.19
CA LEU H 23 -33.23 17.80 -42.37
C LEU H 23 -32.34 17.89 -43.60
N SER H 24 -32.81 18.60 -44.63
CA SER H 24 -31.95 18.92 -45.76
C SER H 24 -30.79 19.80 -45.33
N TYR H 25 -31.04 20.79 -44.47
CA TYR H 25 -29.95 21.62 -43.98
C TYR H 25 -28.99 20.85 -43.09
N MET H 26 -29.45 19.84 -42.35
CA MET H 26 -28.47 19.13 -41.53
C MET H 26 -27.66 18.11 -42.34
N ASP H 27 -28.21 17.54 -43.41
CA ASP H 27 -27.33 16.77 -44.31
C ASP H 27 -26.35 17.66 -45.04
N ARG H 28 -26.82 18.86 -45.41
CA ARG H 28 -25.97 19.91 -45.95
C ARG H 28 -24.84 20.25 -45.01
N CYS H 29 -25.14 20.35 -43.71
CA CYS H 29 -24.14 20.63 -42.69
C CYS H 29 -23.22 19.43 -42.46
N ARG H 30 -23.73 18.21 -42.57
CA ARG H 30 -22.96 17.00 -42.34
C ARG H 30 -21.90 16.82 -43.42
N ASP H 31 -22.32 16.62 -44.68
CA ASP H 31 -21.28 16.55 -45.71
C ASP H 31 -21.10 17.85 -46.46
N LEU H 32 -21.23 18.99 -45.78
CA LEU H 32 -20.54 20.19 -46.24
C LEU H 32 -19.33 20.49 -45.41
N SER H 33 -19.41 20.25 -44.10
CA SER H 33 -18.25 20.35 -43.22
C SER H 33 -17.30 19.23 -43.61
N ASP H 34 -16.08 19.60 -43.99
CA ASP H 34 -15.12 18.70 -44.60
C ASP H 34 -14.19 18.06 -43.58
N LEU H 35 -14.27 18.49 -42.32
CA LEU H 35 -13.40 18.10 -41.20
C LEU H 35 -11.93 18.42 -41.44
N GLU H 36 -11.65 19.32 -42.36
CA GLU H 36 -10.34 19.93 -42.53
C GLU H 36 -10.31 21.34 -42.01
N SER H 37 -11.30 22.16 -42.40
CA SER H 37 -11.41 23.59 -42.16
C SER H 37 -12.67 23.91 -41.37
N GLU H 38 -12.99 25.20 -41.33
CA GLU H 38 -13.94 25.76 -40.37
C GLU H 38 -15.37 25.29 -40.68
N PRO H 39 -16.12 24.78 -39.69
CA PRO H 39 -17.47 24.25 -39.98
C PRO H 39 -18.53 25.32 -40.14
N THR H 40 -19.79 24.90 -40.26
CA THR H 40 -20.89 25.78 -40.64
C THR H 40 -21.78 26.17 -39.46
N CYS H 41 -22.05 25.23 -38.55
CA CYS H 41 -22.61 25.47 -37.20
C CYS H 41 -24.00 26.11 -37.24
N MET H 42 -24.96 25.31 -37.69
CA MET H 42 -26.37 25.71 -37.73
C MET H 42 -26.96 25.83 -36.34
N MET H 43 -27.97 26.69 -36.21
CA MET H 43 -28.78 26.84 -35.00
C MET H 43 -30.26 26.72 -35.35
N VAL H 44 -31.01 25.94 -34.56
CA VAL H 44 -32.43 25.68 -34.82
C VAL H 44 -33.23 26.18 -33.63
N TYR H 45 -34.31 26.90 -33.89
CA TYR H 45 -35.19 27.33 -32.80
C TYR H 45 -36.53 26.60 -32.86
N GLY H 46 -37.43 27.00 -31.96
CA GLY H 46 -38.76 26.43 -31.90
C GLY H 46 -39.29 26.42 -30.49
N ALA H 47 -40.59 26.67 -30.33
CA ALA H 47 -41.21 26.82 -29.03
C ALA H 47 -41.43 25.44 -28.40
N SER H 48 -42.24 25.39 -27.35
CA SER H 48 -42.49 24.15 -26.64
C SER H 48 -43.45 23.28 -27.45
N GLY H 49 -43.07 22.04 -27.70
CA GLY H 49 -43.96 21.11 -28.37
C GLY H 49 -44.18 21.37 -29.83
N VAL H 50 -43.15 21.83 -30.55
CA VAL H 50 -43.26 22.05 -31.99
C VAL H 50 -42.62 20.94 -32.80
N GLY H 51 -42.23 19.84 -32.16
CA GLY H 51 -41.74 18.69 -32.86
C GLY H 51 -40.24 18.59 -33.00
N LYS H 52 -39.46 19.17 -32.09
CA LYS H 52 -38.01 19.21 -32.26
C LYS H 52 -37.38 17.84 -32.05
N THR H 53 -37.70 17.19 -30.93
CA THR H 53 -37.11 15.89 -30.62
C THR H 53 -37.49 14.84 -31.65
N THR H 54 -38.73 14.93 -32.17
CA THR H 54 -39.15 14.05 -33.24
C THR H 54 -38.33 14.26 -34.50
N VAL H 55 -37.97 15.52 -34.79
CA VAL H 55 -37.12 15.83 -35.92
C VAL H 55 -35.75 15.19 -35.76
N ILE H 56 -35.14 15.29 -34.57
CA ILE H 56 -33.78 14.75 -34.49
C ILE H 56 -33.82 13.22 -34.45
N LYS H 57 -34.87 12.63 -33.86
CA LYS H 57 -34.96 11.16 -33.91
C LYS H 57 -35.22 10.63 -35.32
N LYS H 58 -36.04 11.34 -36.12
CA LYS H 58 -36.08 11.11 -37.56
C LYS H 58 -34.69 11.20 -38.18
N TYR H 59 -33.90 12.18 -37.76
CA TYR H 59 -32.60 12.38 -38.35
C TYR H 59 -31.62 11.26 -37.99
N LEU H 60 -31.59 10.82 -36.74
CA LEU H 60 -30.66 9.75 -36.39
C LEU H 60 -31.13 8.41 -36.94
N ASN H 61 -32.44 8.23 -37.14
CA ASN H 61 -32.92 7.10 -37.94
C ASN H 61 -32.32 7.12 -39.33
N GLN H 62 -32.67 8.15 -40.11
CA GLN H 62 -32.32 8.21 -41.53
C GLN H 62 -30.83 8.45 -41.78
N ALA H 63 -30.06 8.77 -40.74
CA ALA H 63 -28.64 9.01 -40.89
C ALA H 63 -27.76 7.98 -40.23
N ALA H 64 -28.26 7.20 -39.27
CA ALA H 64 -27.38 6.38 -38.47
C ALA H 64 -27.94 4.99 -38.18
N ALA H 65 -29.07 4.60 -38.80
CA ALA H 65 -29.62 3.26 -38.58
C ALA H 65 -28.65 2.17 -39.05
N ALA H 66 -28.23 2.24 -40.32
CA ALA H 66 -27.33 1.23 -40.86
C ALA H 66 -25.93 1.32 -40.29
N ALA H 67 -25.45 2.53 -39.96
CA ALA H 67 -24.09 2.65 -39.44
C ALA H 67 -24.01 2.26 -37.97
N ALA H 68 -25.12 2.38 -37.23
CA ALA H 68 -25.16 1.84 -35.88
C ALA H 68 -25.39 0.33 -35.87
N ALA H 69 -26.08 -0.20 -36.90
CA ALA H 69 -26.20 -1.64 -37.03
C ALA H 69 -24.91 -2.29 -37.53
N GLY H 70 -24.04 -1.52 -38.20
CA GLY H 70 -22.81 -2.10 -38.73
C GLY H 70 -21.76 -2.29 -37.67
N GLY H 71 -21.47 -1.25 -36.91
CA GLY H 71 -20.43 -1.34 -35.88
C GLY H 71 -20.41 -0.10 -35.02
N ASP H 72 -19.40 -0.03 -34.16
CA ASP H 72 -19.27 1.07 -33.21
C ASP H 72 -18.53 2.16 -34.00
N ILE H 73 -19.32 2.99 -34.68
CA ILE H 73 -18.84 4.19 -35.32
C ILE H 73 -19.40 5.44 -34.67
N ILE H 74 -20.72 5.46 -34.42
CA ILE H 74 -21.54 6.56 -33.92
C ILE H 74 -21.20 7.90 -34.61
N PRO H 75 -21.61 8.07 -35.87
CA PRO H 75 -21.26 9.28 -36.62
C PRO H 75 -21.99 10.52 -36.13
N VAL H 76 -23.30 10.41 -35.88
CA VAL H 76 -24.08 11.51 -35.35
C VAL H 76 -24.34 11.25 -33.87
N LEU H 77 -24.41 12.32 -33.08
CA LEU H 77 -24.58 12.25 -31.64
C LEU H 77 -25.76 13.10 -31.19
N HIS H 78 -26.34 12.75 -30.04
CA HIS H 78 -27.50 13.44 -29.51
C HIS H 78 -27.30 13.76 -28.05
N ILE H 79 -27.39 15.04 -27.71
CA ILE H 79 -27.02 15.58 -26.41
C ILE H 79 -28.13 16.52 -25.95
N GLU H 80 -28.48 16.46 -24.67
CA GLU H 80 -29.26 17.50 -24.02
C GLU H 80 -28.35 18.12 -22.97
N LEU H 81 -28.39 19.44 -22.85
CA LEU H 81 -27.65 20.06 -21.77
C LEU H 81 -28.47 20.01 -20.48
N PRO H 82 -27.90 19.47 -19.40
CA PRO H 82 -28.59 19.53 -18.11
C PRO H 82 -28.67 20.95 -17.59
N ASP H 83 -29.55 21.15 -16.61
CA ASP H 83 -29.94 22.49 -16.21
C ASP H 83 -28.83 23.15 -15.41
N ASN H 84 -28.58 24.42 -15.73
CA ASN H 84 -27.50 25.24 -15.19
C ASN H 84 -26.16 24.54 -15.35
N ALA H 85 -25.85 24.26 -16.61
CA ALA H 85 -24.77 23.35 -16.96
C ALA H 85 -23.41 23.95 -16.63
N LYS H 86 -22.65 23.25 -15.80
CA LYS H 86 -21.26 23.59 -15.63
C LYS H 86 -20.55 23.09 -16.87
N PRO H 87 -19.41 23.70 -17.26
CA PRO H 87 -18.72 23.22 -18.46
C PRO H 87 -18.21 21.80 -18.32
N VAL H 88 -17.74 21.43 -17.13
CA VAL H 88 -17.37 20.04 -16.88
C VAL H 88 -18.61 19.16 -16.83
N ASP H 89 -19.75 19.71 -16.38
CA ASP H 89 -20.99 18.94 -16.31
C ASP H 89 -21.51 18.56 -17.70
N ALA H 90 -21.56 19.52 -18.63
CA ALA H 90 -21.98 19.21 -19.99
C ALA H 90 -20.94 18.37 -20.71
N ALA H 91 -19.65 18.62 -20.46
CA ALA H 91 -18.61 17.88 -21.16
C ALA H 91 -18.59 16.42 -20.76
N ARG H 92 -18.82 16.12 -19.47
CA ARG H 92 -18.74 14.73 -19.04
C ARG H 92 -19.94 13.93 -19.55
N GLU H 93 -21.12 14.54 -19.65
CA GLU H 93 -22.27 13.79 -20.15
C GLU H 93 -22.18 13.62 -21.66
N LEU H 94 -21.62 14.62 -22.35
CA LEU H 94 -21.33 14.47 -23.77
C LEU H 94 -20.28 13.40 -24.01
N LEU H 95 -19.40 13.19 -23.04
CA LEU H 95 -18.38 12.15 -23.14
C LEU H 95 -18.90 10.75 -22.84
N VAL H 96 -19.72 10.57 -21.79
CA VAL H 96 -20.19 9.21 -21.48
C VAL H 96 -21.22 8.78 -22.52
N GLU H 97 -21.87 9.74 -23.19
CA GLU H 97 -22.77 9.42 -24.29
C GLU H 97 -22.07 8.67 -25.42
N MET H 98 -21.05 9.29 -26.00
CA MET H 98 -20.36 8.66 -27.12
C MET H 98 -19.36 7.62 -26.63
N GLY H 99 -19.07 6.66 -27.50
CA GLY H 99 -18.14 5.58 -27.20
C GLY H 99 -18.68 4.69 -26.10
N ASP H 100 -17.76 3.93 -25.49
CA ASP H 100 -18.07 3.10 -24.31
C ASP H 100 -17.12 3.45 -23.16
N PRO H 101 -17.13 4.71 -22.67
CA PRO H 101 -16.13 5.07 -21.66
C PRO H 101 -16.61 4.98 -20.22
N LEU H 102 -15.67 5.13 -19.27
CA LEU H 102 -16.04 5.20 -17.86
C LEU H 102 -16.27 6.65 -17.48
N ALA H 103 -15.26 7.51 -17.69
CA ALA H 103 -15.41 8.89 -18.16
C ALA H 103 -15.95 9.95 -17.23
N LEU H 104 -16.41 9.62 -16.04
CA LEU H 104 -17.03 10.67 -15.25
C LEU H 104 -16.72 10.59 -13.76
N TYR H 105 -15.82 9.70 -13.35
CA TYR H 105 -15.41 9.65 -11.95
C TYR H 105 -14.33 10.67 -11.67
N GLU H 106 -13.63 11.07 -12.71
CA GLU H 106 -12.82 12.28 -12.69
C GLU H 106 -13.58 13.43 -13.35
N THR H 107 -13.53 14.59 -12.69
CA THR H 107 -14.17 15.84 -13.10
C THR H 107 -13.07 16.87 -13.03
N ASP H 108 -12.26 16.97 -14.08
CA ASP H 108 -11.11 17.84 -14.06
C ASP H 108 -11.12 18.87 -15.18
N LEU H 109 -11.88 18.65 -16.25
CA LEU H 109 -12.30 19.61 -17.27
C LEU H 109 -11.16 20.02 -18.20
N ALA H 110 -9.92 19.61 -17.92
CA ALA H 110 -8.84 19.69 -18.89
C ALA H 110 -8.47 18.34 -19.47
N ARG H 111 -8.41 17.31 -18.63
CA ARG H 111 -8.05 15.97 -19.11
C ARG H 111 -9.23 15.25 -19.74
N LEU H 112 -10.47 15.61 -19.37
CA LEU H 112 -11.57 15.00 -20.10
C LEU H 112 -11.77 15.70 -21.44
N THR H 113 -11.35 16.95 -21.55
CA THR H 113 -11.28 17.58 -22.86
C THR H 113 -10.22 16.92 -23.72
N LYS H 114 -9.10 16.55 -23.11
CA LYS H 114 -8.07 15.75 -23.77
C LYS H 114 -8.65 14.44 -24.30
N ARG H 115 -9.36 13.70 -23.44
CA ARG H 115 -9.95 12.44 -23.89
C ARG H 115 -11.02 12.64 -24.96
N LEU H 116 -11.80 13.72 -24.87
CA LEU H 116 -12.86 13.88 -25.85
C LEU H 116 -12.31 14.36 -27.19
N THR H 117 -11.24 15.16 -27.17
CA THR H 117 -10.65 15.58 -28.44
C THR H 117 -9.76 14.49 -29.04
N GLU H 118 -9.37 13.46 -28.29
CA GLU H 118 -8.70 12.37 -29.01
C GLU H 118 -9.72 11.35 -29.48
N LEU H 119 -10.89 11.30 -28.83
CA LEU H 119 -11.90 10.34 -29.23
C LEU H 119 -12.79 10.81 -30.36
N ILE H 120 -13.01 12.11 -30.51
CA ILE H 120 -13.82 12.65 -31.60
C ILE H 120 -13.23 12.42 -33.00
N PRO H 121 -11.92 12.23 -33.22
CA PRO H 121 -11.50 11.61 -34.49
C PRO H 121 -11.38 10.10 -34.43
N ALA H 122 -11.33 9.50 -33.24
CA ALA H 122 -11.07 8.07 -33.12
C ALA H 122 -12.26 7.24 -33.59
N VAL H 123 -13.47 7.63 -33.20
CA VAL H 123 -14.67 6.94 -33.67
C VAL H 123 -15.24 7.58 -34.93
N GLY H 124 -14.77 8.76 -35.31
CA GLY H 124 -15.23 9.39 -36.54
C GLY H 124 -16.58 10.04 -36.40
N VAL H 125 -16.68 11.01 -35.49
CA VAL H 125 -17.93 11.74 -35.30
C VAL H 125 -18.16 12.65 -36.50
N LYS H 126 -19.30 12.49 -37.15
CA LYS H 126 -19.65 13.36 -38.26
C LYS H 126 -20.41 14.60 -37.84
N LEU H 127 -21.13 14.54 -36.72
CA LEU H 127 -22.00 15.64 -36.32
C LEU H 127 -22.33 15.50 -34.84
N ILE H 128 -22.32 16.63 -34.15
CA ILE H 128 -22.80 16.74 -32.77
C ILE H 128 -24.02 17.66 -32.73
N ILE H 129 -25.08 17.19 -32.07
CA ILE H 129 -26.38 17.86 -32.00
C ILE H 129 -26.73 18.05 -30.53
N ILE H 130 -27.10 19.27 -30.15
CA ILE H 130 -27.49 19.59 -28.78
C ILE H 130 -28.95 20.02 -28.78
N ASP H 131 -29.75 19.40 -27.91
CA ASP H 131 -31.17 19.70 -27.79
C ASP H 131 -31.48 20.98 -27.03
N GLU H 132 -30.96 21.14 -25.81
CA GLU H 132 -31.57 22.07 -24.87
C GLU H 132 -30.60 23.20 -24.54
N PHE H 133 -30.68 24.28 -25.31
CA PHE H 133 -29.80 25.43 -25.11
C PHE H 133 -30.34 26.44 -24.11
N GLN H 134 -31.63 26.35 -23.78
CA GLN H 134 -32.24 27.32 -22.88
C GLN H 134 -31.91 27.08 -21.42
N HIS H 135 -31.14 26.04 -21.12
CA HIS H 135 -30.78 25.71 -19.75
C HIS H 135 -29.60 26.53 -19.24
N LEU H 136 -29.11 27.48 -20.02
CA LEU H 136 -27.95 28.26 -19.61
C LEU H 136 -28.32 29.63 -19.11
N VAL H 137 -29.60 29.93 -19.00
CA VAL H 137 -30.06 31.18 -18.40
C VAL H 137 -30.46 30.89 -16.96
N GLU H 138 -30.24 31.87 -16.09
CA GLU H 138 -30.62 31.75 -14.68
C GLU H 138 -32.13 31.76 -14.56
N GLU H 139 -32.64 31.08 -13.52
CA GLU H 139 -34.09 31.08 -13.24
C GLU H 139 -34.61 32.47 -12.92
N ARG H 140 -34.14 33.05 -11.81
CA ARG H 140 -34.80 34.20 -11.22
C ARG H 140 -34.34 35.51 -11.84
N SER H 141 -33.16 35.54 -12.44
CA SER H 141 -32.69 36.69 -13.20
C SER H 141 -32.33 36.24 -14.60
N ASN H 142 -32.14 37.21 -15.49
CA ASN H 142 -31.76 36.90 -16.86
C ASN H 142 -30.28 37.10 -17.10
N ARG H 143 -29.44 36.87 -16.09
CA ARG H 143 -28.06 36.59 -16.39
C ARG H 143 -27.99 35.26 -17.12
N VAL H 144 -27.05 35.17 -18.05
CA VAL H 144 -26.78 33.95 -18.78
C VAL H 144 -25.33 33.59 -18.49
N LEU H 145 -25.08 32.31 -18.30
CA LEU H 145 -23.73 31.82 -18.09
C LEU H 145 -23.18 31.30 -19.41
N THR H 146 -22.02 31.79 -19.80
CA THR H 146 -21.37 31.30 -21.01
C THR H 146 -20.01 30.69 -20.72
N GLN H 147 -19.88 29.95 -19.63
CA GLN H 147 -18.75 29.05 -19.49
C GLN H 147 -18.84 27.95 -20.55
N VAL H 148 -20.03 27.36 -20.67
CA VAL H 148 -20.28 26.34 -21.67
C VAL H 148 -20.21 26.90 -23.08
N GLY H 149 -20.51 28.19 -23.28
CA GLY H 149 -20.41 28.75 -24.61
C GLY H 149 -18.98 28.89 -25.08
N ASN H 150 -18.11 29.42 -24.21
CA ASN H 150 -16.70 29.52 -24.57
C ASN H 150 -16.06 28.15 -24.63
N TRP H 151 -16.53 27.20 -23.82
CA TRP H 151 -16.03 25.83 -23.93
C TRP H 151 -16.45 25.20 -25.25
N LEU H 152 -17.67 25.48 -25.71
CA LEU H 152 -18.12 24.95 -26.98
C LEU H 152 -17.40 25.61 -28.14
N LYS H 153 -17.03 26.89 -28.01
CA LYS H 153 -16.17 27.50 -29.02
C LYS H 153 -14.79 26.84 -29.03
N MET H 154 -14.29 26.48 -27.84
CA MET H 154 -13.00 25.83 -27.73
C MET H 154 -13.00 24.47 -28.39
N ILE H 155 -14.04 23.68 -28.16
CA ILE H 155 -14.10 22.36 -28.78
C ILE H 155 -14.44 22.49 -30.27
N LEU H 156 -15.05 23.61 -30.67
CA LEU H 156 -15.30 23.83 -32.09
C LEU H 156 -14.01 24.15 -32.83
N ASN H 157 -13.18 25.01 -32.25
CA ASN H 157 -11.93 25.40 -32.89
C ASN H 157 -10.83 24.37 -32.72
N LYS H 158 -10.95 23.48 -31.72
CA LYS H 158 -9.97 22.42 -31.53
C LYS H 158 -10.09 21.37 -32.62
N THR H 159 -11.23 20.69 -32.67
CA THR H 159 -11.58 19.79 -33.76
C THR H 159 -12.79 20.34 -34.50
N LYS H 160 -12.77 20.22 -35.82
CA LYS H 160 -13.64 21.01 -36.69
C LYS H 160 -14.93 20.24 -36.99
N CYS H 161 -15.57 19.77 -35.93
CA CYS H 161 -16.81 19.01 -36.07
C CYS H 161 -17.99 19.96 -36.08
N PRO H 162 -18.94 19.78 -37.01
CA PRO H 162 -20.10 20.67 -37.05
C PRO H 162 -21.04 20.42 -35.88
N ILE H 163 -21.65 21.49 -35.41
CA ILE H 163 -22.53 21.48 -34.24
C ILE H 163 -23.88 22.07 -34.62
N VAL H 164 -24.95 21.37 -34.28
CA VAL H 164 -26.31 21.82 -34.54
C VAL H 164 -27.00 21.97 -33.20
N ILE H 165 -27.31 23.20 -32.83
CA ILE H 165 -27.93 23.50 -31.54
C ILE H 165 -29.41 23.72 -31.76
N PHE H 166 -30.23 23.02 -30.99
CA PHE H 166 -31.66 23.28 -30.91
C PHE H 166 -31.90 24.08 -29.63
N GLY H 167 -33.10 24.63 -29.50
CA GLY H 167 -33.40 25.37 -28.29
C GLY H 167 -34.63 26.22 -28.41
N MET H 168 -34.99 26.83 -27.28
CA MET H 168 -36.14 27.68 -27.16
C MET H 168 -35.91 29.00 -27.89
N PRO H 169 -36.96 29.71 -28.29
CA PRO H 169 -36.76 31.00 -28.96
C PRO H 169 -36.23 32.09 -28.06
N TYR H 170 -36.43 32.01 -26.75
CA TYR H 170 -35.81 32.98 -25.86
C TYR H 170 -34.37 32.64 -25.54
N SER H 171 -33.85 31.51 -26.02
CA SER H 171 -32.51 31.07 -25.74
C SER H 171 -31.48 31.71 -26.67
N LYS H 172 -31.89 32.64 -27.52
CA LYS H 172 -30.96 33.20 -28.49
C LYS H 172 -30.18 34.37 -27.91
N VAL H 173 -30.67 34.95 -26.82
CA VAL H 173 -29.94 36.02 -26.16
C VAL H 173 -28.66 35.50 -25.53
N VAL H 174 -28.63 34.21 -25.17
CA VAL H 174 -27.40 33.52 -24.82
C VAL H 174 -26.39 33.63 -25.94
N LEU H 175 -26.84 33.42 -27.18
CA LEU H 175 -25.94 33.59 -28.31
C LEU H 175 -25.61 35.05 -28.56
N GLN H 176 -26.44 35.96 -28.03
CA GLN H 176 -26.13 37.37 -28.06
C GLN H 176 -25.12 37.76 -26.99
N ALA H 177 -24.80 36.84 -26.08
CA ALA H 177 -23.80 37.14 -25.05
C ALA H 177 -22.42 37.17 -25.66
N ASN H 178 -22.00 36.05 -26.24
CA ASN H 178 -20.70 35.93 -26.88
C ASN H 178 -20.85 36.27 -28.35
N SER H 179 -20.16 37.32 -28.80
CA SER H 179 -20.26 37.71 -30.20
C SER H 179 -19.51 36.76 -31.11
N GLN H 180 -18.49 36.07 -30.59
CA GLN H 180 -17.81 35.08 -31.41
C GLN H 180 -18.67 33.83 -31.59
N LEU H 181 -19.45 33.48 -30.56
CA LEU H 181 -20.48 32.46 -30.73
C LEU H 181 -21.55 32.92 -31.70
N HIS H 182 -21.87 34.22 -31.69
CA HIS H 182 -22.89 34.76 -32.57
C HIS H 182 -22.44 34.69 -34.03
N GLY H 183 -21.18 35.02 -34.29
CA GLY H 183 -20.66 34.96 -35.63
C GLY H 183 -20.37 33.55 -36.10
N ARG H 184 -20.02 32.66 -35.18
CA ARG H 184 -19.72 31.30 -35.59
C ARG H 184 -20.98 30.52 -35.92
N PHE H 185 -22.14 30.94 -35.41
CA PHE H 185 -23.41 30.30 -35.71
C PHE H 185 -24.14 31.22 -36.68
N SER H 186 -24.08 30.86 -37.95
CA SER H 186 -24.56 31.68 -39.07
C SER H 186 -26.01 31.39 -39.42
N ILE H 187 -26.37 30.12 -39.54
CA ILE H 187 -27.70 29.71 -39.98
C ILE H 187 -28.61 29.49 -38.78
N GLN H 188 -29.45 30.49 -38.50
CA GLN H 188 -30.58 30.38 -37.58
C GLN H 188 -31.89 30.37 -38.33
N VAL H 189 -32.78 29.48 -37.93
CA VAL H 189 -34.03 29.22 -38.64
C VAL H 189 -35.20 29.50 -37.69
N GLU H 190 -36.40 29.26 -38.19
CA GLU H 190 -37.64 29.58 -37.48
C GLU H 190 -38.63 28.42 -37.62
N LEU H 191 -38.71 27.58 -36.58
CA LEU H 191 -39.69 26.50 -36.54
C LEU H 191 -40.87 26.95 -35.67
N ARG H 192 -41.65 27.85 -36.22
CA ARG H 192 -42.82 28.39 -35.55
C ARG H 192 -44.01 27.48 -35.77
N PRO H 193 -45.05 27.56 -34.91
CA PRO H 193 -46.22 26.70 -35.11
C PRO H 193 -47.07 27.05 -36.32
N PHE H 194 -48.19 26.35 -36.46
CA PHE H 194 -49.06 26.50 -37.61
C PHE H 194 -49.75 27.85 -37.59
N SER H 195 -49.80 28.50 -38.75
CA SER H 195 -50.08 29.93 -38.78
C SER H 195 -51.58 30.24 -38.70
N TYR H 196 -52.36 29.75 -39.66
CA TYR H 196 -53.75 30.19 -39.77
C TYR H 196 -54.69 29.01 -39.96
N GLN H 197 -56.00 29.33 -39.91
CA GLN H 197 -57.08 28.39 -40.17
C GLN H 197 -57.76 28.66 -41.51
N GLY H 198 -57.65 29.88 -42.02
CA GLY H 198 -58.47 30.43 -43.10
C GLY H 198 -58.66 29.68 -44.40
N GLY H 199 -57.81 28.72 -44.72
CA GLY H 199 -57.94 27.94 -45.93
C GLY H 199 -56.68 27.96 -46.79
N ARG H 200 -56.48 26.83 -47.49
CA ARG H 200 -55.32 26.55 -48.35
C ARG H 200 -54.00 26.68 -47.60
N GLY H 201 -53.96 26.20 -46.36
CA GLY H 201 -52.74 26.16 -45.59
C GLY H 201 -51.97 24.87 -45.75
N VAL H 202 -50.73 24.93 -45.25
CA VAL H 202 -49.93 23.73 -44.99
C VAL H 202 -50.60 22.88 -43.91
N PHE H 203 -51.35 23.52 -43.01
CA PHE H 203 -52.15 22.86 -41.98
C PHE H 203 -53.10 21.83 -42.57
N LYS H 204 -53.74 22.14 -43.71
CA LYS H 204 -54.64 21.26 -44.44
C LYS H 204 -54.00 19.94 -44.80
N THR H 205 -52.92 20.01 -45.58
CA THR H 205 -52.20 18.83 -46.06
C THR H 205 -51.57 18.05 -44.92
N PHE H 206 -51.06 18.74 -43.91
CA PHE H 206 -50.62 18.08 -42.68
C PHE H 206 -51.75 17.28 -42.06
N LEU H 207 -52.94 17.87 -42.03
CA LEU H 207 -54.07 17.28 -41.34
C LEU H 207 -54.55 16.03 -42.05
N GLU H 208 -54.61 16.08 -43.39
CA GLU H 208 -55.08 14.89 -44.09
C GLU H 208 -54.00 13.84 -44.29
N TYR H 209 -52.72 14.22 -44.27
CA TYR H 209 -51.68 13.21 -44.17
C TYR H 209 -51.72 12.49 -42.83
N LEU H 210 -52.02 13.23 -41.75
CA LEU H 210 -52.28 12.59 -40.47
C LEU H 210 -53.53 11.73 -40.54
N ASP H 211 -54.50 12.13 -41.35
CA ASP H 211 -55.74 11.38 -41.46
C ASP H 211 -55.53 10.05 -42.16
N LYS H 212 -54.73 10.03 -43.22
CA LYS H 212 -54.42 8.75 -43.82
C LYS H 212 -53.42 7.96 -42.98
N ALA H 213 -52.65 8.64 -42.13
CA ALA H 213 -51.74 7.95 -41.23
C ALA H 213 -52.43 7.27 -40.05
N LEU H 214 -53.69 7.62 -39.79
CA LEU H 214 -54.39 7.09 -38.62
C LEU H 214 -54.75 5.61 -38.84
N PRO H 215 -54.89 4.84 -37.76
CA PRO H 215 -55.18 3.40 -37.91
C PRO H 215 -56.57 3.04 -38.40
N PHE H 216 -57.46 4.00 -38.67
CA PHE H 216 -58.80 3.66 -39.11
C PHE H 216 -58.85 3.59 -40.63
N GLU H 217 -59.37 2.48 -41.15
CA GLU H 217 -59.05 2.01 -42.49
C GLU H 217 -60.00 2.53 -43.55
N LYS H 218 -60.91 3.43 -43.21
CA LYS H 218 -61.74 4.04 -44.26
C LYS H 218 -61.52 5.53 -44.42
N GLN H 219 -61.60 6.29 -43.34
CA GLN H 219 -61.56 7.76 -43.33
C GLN H 219 -61.58 8.14 -41.85
N ALA H 220 -60.87 9.22 -41.52
CA ALA H 220 -60.91 9.73 -40.17
C ALA H 220 -61.93 10.84 -39.96
N GLY H 221 -62.53 11.34 -41.04
CA GLY H 221 -63.52 12.40 -40.93
C GLY H 221 -62.98 13.78 -40.66
N LEU H 222 -61.67 13.90 -40.45
CA LEU H 222 -61.05 15.15 -40.05
C LEU H 222 -60.68 15.95 -41.29
N ALA H 223 -60.04 17.11 -41.06
CA ALA H 223 -59.70 18.10 -42.09
C ALA H 223 -60.91 18.51 -42.93
N ASN H 224 -62.01 18.83 -42.26
CA ASN H 224 -63.25 19.18 -42.92
C ASN H 224 -63.55 20.67 -42.72
N GLU H 225 -64.78 21.06 -43.02
CA GLU H 225 -65.11 22.48 -43.17
C GLU H 225 -65.16 23.06 -41.76
N SER H 226 -65.72 22.31 -40.81
CA SER H 226 -65.92 22.81 -39.45
C SER H 226 -65.00 22.15 -38.42
N LEU H 227 -64.35 21.04 -38.77
CA LEU H 227 -63.55 20.34 -37.78
C LEU H 227 -62.24 21.04 -37.50
N GLN H 228 -61.56 21.56 -38.54
CA GLN H 228 -60.34 22.30 -38.31
C GLN H 228 -60.59 23.62 -37.59
N LYS H 229 -61.83 24.14 -37.65
CA LYS H 229 -62.20 25.31 -36.87
C LYS H 229 -62.05 25.04 -35.38
N LYS H 230 -62.70 23.98 -34.87
CA LYS H 230 -62.57 23.66 -33.46
C LYS H 230 -61.22 23.06 -33.11
N LEU H 231 -60.52 22.49 -34.10
CA LEU H 231 -59.16 22.02 -33.86
C LEU H 231 -58.20 23.17 -33.61
N TYR H 232 -58.24 24.19 -34.47
CA TYR H 232 -57.43 25.38 -34.25
C TYR H 232 -57.97 26.22 -33.10
N ALA H 233 -59.23 26.01 -32.72
CA ALA H 233 -59.73 26.62 -31.49
C ALA H 233 -59.13 25.96 -30.26
N PHE H 234 -58.86 24.65 -30.34
CA PHE H 234 -58.31 23.95 -29.18
C PHE H 234 -56.81 24.22 -29.05
N SER H 235 -56.03 23.81 -30.03
CA SER H 235 -54.59 24.05 -30.05
C SER H 235 -54.34 25.34 -30.81
N GLN H 236 -53.45 26.18 -30.29
CA GLN H 236 -53.16 27.46 -30.90
C GLN H 236 -52.54 27.28 -32.28
N GLY H 237 -51.34 26.74 -32.33
CA GLY H 237 -50.77 26.15 -33.52
C GLY H 237 -50.03 24.95 -33.00
N ASN H 238 -50.34 24.64 -31.75
CA ASN H 238 -49.48 23.86 -30.86
C ASN H 238 -49.52 22.40 -31.27
N MET H 239 -48.40 21.92 -31.83
CA MET H 239 -48.33 20.59 -32.40
C MET H 239 -48.52 19.50 -31.35
N ARG H 240 -47.93 19.69 -30.17
CA ARG H 240 -47.98 18.68 -29.12
C ARG H 240 -49.39 18.47 -28.61
N SER H 241 -50.11 19.57 -28.32
CA SER H 241 -51.46 19.44 -27.81
C SER H 241 -52.45 18.96 -28.88
N LEU H 242 -52.25 19.36 -30.13
CA LEU H 242 -53.11 18.88 -31.21
C LEU H 242 -52.96 17.38 -31.40
N ARG H 243 -51.71 16.92 -31.50
CA ARG H 243 -51.43 15.50 -31.62
C ARG H 243 -51.85 14.72 -30.38
N ASN H 244 -51.73 15.34 -29.21
CA ASN H 244 -52.10 14.68 -27.96
C ASN H 244 -53.60 14.46 -27.89
N LEU H 245 -54.39 15.49 -28.23
CA LEU H 245 -55.85 15.36 -28.23
C LEU H 245 -56.31 14.39 -29.30
N ILE H 246 -55.65 14.40 -30.47
CA ILE H 246 -55.98 13.47 -31.54
C ILE H 246 -55.72 12.02 -31.12
N TYR H 247 -54.60 11.78 -30.43
CA TYR H 247 -54.27 10.44 -29.94
C TYR H 247 -55.23 10.02 -28.84
N GLN H 248 -55.63 10.96 -27.99
CA GLN H 248 -56.53 10.64 -26.89
C GLN H 248 -57.95 10.38 -27.40
N ALA H 249 -58.30 10.92 -28.56
CA ALA H 249 -59.55 10.52 -29.20
C ALA H 249 -59.43 9.15 -29.87
N SER H 250 -58.26 8.88 -30.49
CA SER H 250 -58.09 7.62 -31.23
C SER H 250 -58.10 6.42 -30.31
N ILE H 251 -57.51 6.56 -29.12
CA ILE H 251 -57.58 5.48 -28.13
C ILE H 251 -59.02 5.29 -27.63
N GLU H 252 -59.79 6.37 -27.51
CA GLU H 252 -61.15 6.24 -27.02
C GLU H 252 -62.03 5.56 -28.05
N ALA H 253 -61.76 5.82 -29.33
CA ALA H 253 -62.48 5.12 -30.39
C ALA H 253 -62.09 3.65 -30.48
N ILE H 254 -60.85 3.30 -30.14
CA ILE H 254 -60.48 1.90 -30.28
C ILE H 254 -60.72 1.14 -28.96
N ASP H 255 -61.11 1.84 -27.90
CA ASP H 255 -61.49 1.17 -26.66
C ASP H 255 -62.76 0.34 -26.83
N ASN H 256 -63.72 0.85 -27.60
CA ASN H 256 -64.98 0.15 -27.83
C ASN H 256 -65.23 -0.02 -29.32
N GLN H 257 -66.47 -0.43 -29.65
CA GLN H 257 -66.89 -0.42 -31.04
C GLN H 257 -67.06 0.99 -31.57
N HIS H 258 -66.14 1.44 -32.41
CA HIS H 258 -66.25 2.70 -33.11
C HIS H 258 -65.53 2.57 -34.44
N GLU H 259 -66.12 3.14 -35.49
CA GLU H 259 -65.57 2.98 -36.84
C GLU H 259 -64.65 4.14 -37.25
N THR H 260 -64.82 5.30 -36.64
CA THR H 260 -63.96 6.46 -36.88
C THR H 260 -64.06 7.34 -35.64
N ILE H 261 -63.15 8.33 -35.53
CA ILE H 261 -63.29 9.36 -34.50
C ILE H 261 -64.54 10.17 -34.80
N THR H 262 -65.41 10.31 -33.81
CA THR H 262 -66.73 10.91 -34.05
C THR H 262 -67.09 11.81 -32.87
N GLU H 263 -68.37 12.20 -32.80
CA GLU H 263 -68.80 13.35 -32.01
C GLU H 263 -69.33 12.94 -30.62
N GLU H 264 -68.73 11.90 -30.06
CA GLU H 264 -69.10 11.50 -28.70
C GLU H 264 -67.85 11.24 -27.86
N ASP H 265 -66.74 10.97 -28.55
CA ASP H 265 -65.52 10.49 -27.91
C ASP H 265 -64.41 11.52 -28.09
N PHE H 266 -64.51 12.34 -29.13
CA PHE H 266 -63.63 13.48 -29.33
C PHE H 266 -63.88 14.53 -28.27
N VAL H 267 -65.14 14.65 -27.81
CA VAL H 267 -65.48 15.51 -26.69
C VAL H 267 -64.79 15.10 -25.39
N PHE H 268 -64.80 13.81 -25.04
CA PHE H 268 -64.14 13.36 -23.81
C PHE H 268 -62.63 13.56 -23.91
N ALA H 269 -62.07 13.48 -25.12
CA ALA H 269 -60.69 13.87 -25.36
C ALA H 269 -60.47 15.37 -25.15
N SER H 270 -61.47 16.20 -25.43
CA SER H 270 -61.35 17.61 -25.08
C SER H 270 -61.47 17.81 -23.57
N LYS H 271 -62.27 16.98 -22.91
CA LYS H 271 -62.39 16.99 -21.44
C LYS H 271 -61.08 16.67 -20.74
N LEU H 272 -60.28 15.73 -21.27
CA LEU H 272 -59.02 15.37 -20.59
C LEU H 272 -57.94 16.42 -20.79
N THR H 273 -57.58 16.73 -22.03
CA THR H 273 -56.35 17.48 -22.30
C THR H 273 -56.58 18.98 -22.37
N SER H 274 -57.52 19.48 -21.58
CA SER H 274 -57.78 20.91 -21.47
C SER H 274 -57.07 21.54 -20.27
N GLY H 275 -56.18 20.79 -19.62
CA GLY H 275 -55.55 21.24 -18.39
C GLY H 275 -54.45 22.27 -18.58
N ASP H 276 -53.61 22.07 -19.60
CA ASP H 276 -52.47 22.96 -19.78
C ASP H 276 -52.84 24.32 -20.34
N LYS H 277 -54.07 24.47 -20.82
CA LYS H 277 -54.46 25.68 -21.50
C LYS H 277 -54.70 26.80 -20.49
N PRO H 278 -54.55 28.07 -20.90
CA PRO H 278 -54.80 29.17 -19.96
C PRO H 278 -56.27 29.33 -19.64
N ASN H 279 -56.53 30.24 -18.70
CA ASN H 279 -57.89 30.49 -18.24
C ASN H 279 -58.71 31.22 -19.29
N SER H 280 -58.11 32.19 -19.97
CA SER H 280 -58.81 32.96 -20.99
C SER H 280 -58.97 32.20 -22.30
N TRP H 281 -58.24 31.10 -22.49
CA TRP H 281 -58.47 30.23 -23.63
C TRP H 281 -59.85 29.61 -23.51
N LYS H 282 -60.58 29.54 -24.62
CA LYS H 282 -61.94 29.03 -24.58
C LYS H 282 -62.04 27.59 -25.03
N ASN H 283 -62.78 26.81 -24.26
CA ASN H 283 -63.14 25.40 -24.26
C ASN H 283 -64.34 25.20 -25.19
N PRO H 284 -64.14 24.69 -26.43
CA PRO H 284 -65.16 24.85 -27.47
C PRO H 284 -66.06 23.67 -27.84
N PHE H 285 -66.04 22.54 -27.14
CA PHE H 285 -66.58 21.33 -27.75
C PHE H 285 -67.90 20.83 -27.18
N GLU H 286 -68.24 21.15 -25.92
CA GLU H 286 -69.24 20.34 -25.23
C GLU H 286 -70.66 20.66 -25.69
N GLU H 287 -71.17 21.86 -25.43
CA GLU H 287 -72.62 22.03 -25.58
C GLU H 287 -73.02 23.06 -26.64
N GLY H 288 -72.43 24.25 -26.66
CA GLY H 288 -72.92 25.26 -27.58
C GLY H 288 -71.90 26.27 -28.05
N VAL H 289 -70.61 25.99 -27.84
CA VAL H 289 -69.59 27.02 -28.03
C VAL H 289 -69.26 27.12 -29.50
N GLU H 290 -69.89 28.06 -30.18
CA GLU H 290 -69.46 28.51 -31.50
C GLU H 290 -68.26 29.47 -31.41
N VAL H 291 -67.35 29.37 -32.38
CA VAL H 291 -66.02 29.96 -32.27
C VAL H 291 -65.96 31.21 -33.13
N THR H 292 -65.60 32.33 -32.52
CA THR H 292 -65.51 33.60 -33.22
C THR H 292 -64.30 33.60 -34.16
N GLU H 293 -64.17 34.63 -35.00
CA GLU H 293 -63.09 34.63 -35.98
C GLU H 293 -61.79 35.07 -35.32
N ASP H 294 -61.88 35.89 -34.27
CA ASP H 294 -60.68 36.39 -33.60
C ASP H 294 -59.96 35.30 -32.83
N MET H 295 -60.58 34.13 -32.64
CA MET H 295 -59.94 33.14 -31.79
C MET H 295 -59.12 32.15 -32.62
N LEU H 296 -59.22 32.24 -33.95
CA LEU H 296 -58.33 31.51 -34.85
C LEU H 296 -57.18 32.40 -35.32
N ARG H 297 -56.82 33.39 -34.50
CA ARG H 297 -55.85 34.41 -34.85
C ARG H 297 -54.47 33.79 -34.80
N PRO H 298 -53.54 34.21 -35.67
CA PRO H 298 -52.25 33.54 -35.76
C PRO H 298 -51.41 33.75 -34.51
N PRO H 299 -50.47 32.85 -34.24
CA PRO H 299 -49.69 32.95 -33.01
C PRO H 299 -48.73 34.12 -33.06
N PRO H 300 -48.44 34.75 -31.92
CA PRO H 300 -47.59 35.94 -31.94
C PRO H 300 -46.12 35.58 -32.11
N LYS H 301 -45.28 36.62 -32.10
CA LYS H 301 -43.84 36.42 -32.28
C LYS H 301 -43.20 35.94 -30.98
N ASP H 302 -43.66 36.46 -29.83
CA ASP H 302 -43.16 36.01 -28.53
C ASP H 302 -43.99 34.82 -28.04
N ILE H 303 -43.96 33.76 -28.84
CA ILE H 303 -44.70 32.53 -28.56
C ILE H 303 -43.78 31.50 -27.89
N GLY H 304 -42.47 31.65 -28.08
CA GLY H 304 -41.52 30.89 -27.30
C GLY H 304 -40.76 31.79 -26.36
N TRP H 305 -41.41 32.84 -25.87
CA TRP H 305 -40.74 33.83 -25.05
C TRP H 305 -41.43 34.08 -23.72
N GLU H 306 -42.51 33.35 -23.40
CA GLU H 306 -43.20 33.60 -22.14
C GLU H 306 -42.54 32.92 -20.96
N ASP H 307 -41.35 32.37 -21.13
CA ASP H 307 -40.52 32.02 -19.98
C ASP H 307 -39.65 33.19 -19.53
N TYR H 308 -39.83 34.36 -20.12
CA TYR H 308 -38.83 35.41 -20.02
C TYR H 308 -39.37 36.78 -19.62
N LEU H 309 -40.70 36.98 -19.53
CA LEU H 309 -41.16 38.35 -19.32
C LEU H 309 -41.02 38.76 -17.87
N ARG H 310 -41.26 37.81 -16.95
CA ARG H 310 -41.54 38.11 -15.56
C ARG H 310 -40.33 38.67 -14.83
N HIS H 311 -39.13 38.23 -15.19
CA HIS H 311 -37.91 38.78 -14.60
C HIS H 311 -37.16 39.62 -15.63
N THR I 1 -21.12 17.65 -57.30
CA THR I 1 -20.63 18.50 -56.23
C THR I 1 -19.14 18.80 -56.39
N ARG I 2 -18.35 17.72 -56.51
CA ARG I 2 -16.90 17.77 -56.69
C ARG I 2 -16.23 18.54 -55.54
N GLU I 3 -16.25 17.87 -54.38
CA GLU I 3 -15.83 18.39 -53.07
C GLU I 3 -14.46 19.05 -53.05
N ALA I 4 -13.59 18.73 -54.02
CA ALA I 4 -12.36 19.50 -54.21
C ALA I 4 -12.65 20.96 -54.47
N ARG I 5 -13.65 21.26 -55.31
CA ARG I 5 -14.01 22.65 -55.58
C ARG I 5 -14.63 23.31 -54.36
N ILE I 6 -15.30 22.53 -53.50
CA ILE I 6 -15.92 23.11 -52.31
C ILE I 6 -14.86 23.49 -51.28
N SER I 7 -13.94 22.55 -50.98
CA SER I 7 -12.86 22.85 -50.05
C SER I 7 -11.90 23.89 -50.59
N ARG I 8 -11.65 23.87 -51.90
CA ARG I 8 -10.83 24.86 -52.57
C ARG I 8 -11.54 26.21 -52.68
N ALA I 9 -12.86 26.24 -52.56
CA ALA I 9 -13.56 27.51 -52.47
C ALA I 9 -13.61 28.04 -51.04
N LYS I 10 -13.62 27.14 -50.06
CA LYS I 10 -13.62 27.57 -48.66
C LYS I 10 -12.24 28.03 -48.22
N ARG I 11 -11.22 27.20 -48.44
CA ARG I 11 -9.84 27.55 -48.10
C ARG I 11 -9.28 28.46 -49.19
N ALA I 12 -9.59 29.75 -49.07
CA ALA I 12 -8.96 30.77 -49.90
C ALA I 12 -8.52 31.91 -49.01
N PHE I 13 -7.34 32.47 -49.31
CA PHE I 13 -6.71 33.46 -48.46
C PHE I 13 -6.26 34.65 -49.29
N VAL I 14 -6.63 35.84 -48.87
CA VAL I 14 -6.20 37.09 -49.51
C VAL I 14 -5.36 37.86 -48.51
N SER I 15 -4.15 38.22 -48.91
CA SER I 15 -3.21 38.89 -48.02
C SER I 15 -3.38 40.40 -48.17
N THR I 16 -4.22 40.98 -47.33
CA THR I 16 -4.29 42.42 -47.19
C THR I 16 -3.00 42.90 -46.51
N PRO I 17 -2.58 44.15 -46.75
CA PRO I 17 -1.26 44.59 -46.22
C PRO I 17 -1.14 44.60 -44.71
N SER I 18 -2.24 44.66 -43.98
CA SER I 18 -2.15 44.58 -42.51
C SER I 18 -1.74 43.18 -42.07
N VAL I 19 -2.17 42.15 -42.80
CA VAL I 19 -1.81 40.78 -42.46
C VAL I 19 -0.31 40.54 -42.68
N ARG I 20 0.20 40.93 -43.84
CA ARG I 20 1.62 40.78 -44.09
C ARG I 20 2.47 41.69 -43.21
N LYS I 21 1.93 42.85 -42.81
CA LYS I 21 2.56 43.65 -41.78
C LYS I 21 2.70 42.89 -40.47
N ILE I 22 1.64 42.18 -40.08
CA ILE I 22 1.67 41.34 -38.88
C ILE I 22 2.72 40.24 -39.00
N LEU I 23 2.66 39.46 -40.08
CA LEU I 23 3.54 38.29 -40.21
C LEU I 23 5.01 38.70 -40.32
N SER I 24 5.26 39.85 -40.95
CA SER I 24 6.59 40.44 -40.92
C SER I 24 7.02 40.77 -39.50
N TYR I 25 6.11 41.35 -38.71
CA TYR I 25 6.44 41.64 -37.31
C TYR I 25 6.65 40.38 -36.49
N MET I 26 5.97 39.27 -36.80
CA MET I 26 6.24 38.10 -35.97
C MET I 26 7.51 37.37 -36.39
N ASP I 27 7.92 37.42 -37.66
CA ASP I 27 9.26 36.93 -37.97
C ASP I 27 10.35 37.82 -37.38
N ARG I 28 10.09 39.13 -37.37
CA ARG I 28 10.90 40.11 -36.68
C ARG I 28 11.04 39.76 -35.20
N CYS I 29 9.93 39.37 -34.57
CA CYS I 29 9.92 38.98 -33.17
C CYS I 29 10.61 37.63 -32.96
N ARG I 30 10.49 36.71 -33.91
CA ARG I 30 11.07 35.38 -33.80
C ARG I 30 12.59 35.43 -33.85
N ASP I 31 13.16 35.88 -34.96
CA ASP I 31 14.61 36.03 -34.95
C ASP I 31 15.07 37.45 -34.70
N LEU I 32 14.36 38.20 -33.86
CA LEU I 32 14.99 39.31 -33.16
C LEU I 32 15.26 38.96 -31.72
N SER I 33 14.36 38.21 -31.09
CA SER I 33 14.59 37.69 -29.75
C SER I 33 15.70 36.65 -29.86
N ASP I 34 16.78 36.89 -29.13
CA ASP I 34 18.01 36.13 -29.27
C ASP I 34 18.09 34.94 -28.32
N LEU I 35 17.12 34.81 -27.42
CA LEU I 35 17.05 33.82 -26.34
C LEU I 35 18.23 33.88 -25.39
N GLU I 36 18.93 35.01 -25.35
CA GLU I 36 19.90 35.33 -24.32
C GLU I 36 19.36 36.36 -23.35
N SER I 37 18.79 37.45 -23.87
CA SER I 37 18.34 38.62 -23.16
C SER I 37 16.85 38.85 -23.37
N GLU I 38 16.40 40.04 -22.98
CA GLU I 38 14.99 40.34 -22.76
C GLU I 38 14.24 40.37 -24.10
N PRO I 39 13.10 39.65 -24.22
CA PRO I 39 12.40 39.60 -25.52
C PRO I 39 11.58 40.84 -25.83
N THR I 40 10.81 40.79 -26.93
CA THR I 40 10.14 41.96 -27.48
C THR I 40 8.64 42.00 -27.18
N CYS I 41 7.97 40.84 -27.22
CA CYS I 41 6.62 40.62 -26.66
C CYS I 41 5.55 41.49 -27.31
N MET I 42 5.26 41.18 -28.56
CA MET I 42 4.23 41.86 -29.34
C MET I 42 2.83 41.50 -28.83
N MET I 43 1.90 42.41 -29.03
CA MET I 43 0.48 42.22 -28.77
C MET I 43 -0.34 42.58 -30.01
N VAL I 44 -1.30 41.73 -30.37
CA VAL I 44 -2.12 41.90 -31.57
C VAL I 44 -3.58 42.01 -31.15
N TYR I 45 -4.29 43.00 -31.69
CA TYR I 45 -5.71 43.10 -31.41
C TYR I 45 -6.54 42.76 -32.66
N GLY I 46 -7.85 42.95 -32.52
CA GLY I 46 -8.77 42.70 -33.61
C GLY I 46 -10.11 42.21 -33.11
N ALA I 47 -11.19 42.65 -33.75
CA ALA I 47 -12.54 42.36 -33.31
C ALA I 47 -12.93 40.93 -33.68
N SER I 48 -14.22 40.61 -33.60
CA SER I 48 -14.69 39.27 -33.89
C SER I 48 -14.71 39.07 -35.40
N GLY I 49 -14.10 37.98 -35.86
CA GLY I 49 -14.15 37.64 -37.26
C GLY I 49 -13.35 38.53 -38.19
N VAL I 50 -12.20 39.02 -37.74
CA VAL I 50 -11.33 39.84 -38.59
C VAL I 50 -10.17 39.06 -39.14
N GLY I 51 -10.16 37.74 -39.00
CA GLY I 51 -9.16 36.92 -39.62
C GLY I 51 -7.96 36.56 -38.76
N LYS I 52 -8.11 36.53 -37.44
CA LYS I 52 -6.94 36.32 -36.58
C LYS I 52 -6.43 34.89 -36.65
N THR I 53 -7.32 33.91 -36.48
CA THR I 53 -6.92 32.51 -36.48
C THR I 53 -6.35 32.11 -37.82
N THR I 54 -6.90 32.66 -38.90
CA THR I 54 -6.35 32.43 -40.24
C THR I 54 -4.94 32.96 -40.36
N VAL I 55 -4.68 34.12 -39.73
CA VAL I 55 -3.33 34.69 -39.73
C VAL I 55 -2.36 33.76 -39.02
N ILE I 56 -2.74 33.22 -37.85
CA ILE I 56 -1.73 32.42 -37.15
C ILE I 56 -1.56 31.07 -37.84
N LYS I 57 -2.63 30.51 -38.44
CA LYS I 57 -2.45 29.26 -39.19
C LYS I 57 -1.61 29.44 -40.45
N LYS I 58 -1.77 30.57 -41.15
CA LYS I 58 -0.80 30.99 -42.16
C LYS I 58 0.61 31.03 -41.58
N TYR I 59 0.76 31.55 -40.37
CA TYR I 59 2.08 31.69 -39.79
C TYR I 59 2.71 30.35 -39.42
N LEU I 60 1.94 29.43 -38.83
CA LEU I 60 2.53 28.14 -38.50
C LEU I 60 2.76 27.29 -39.73
N ASN I 61 1.98 27.49 -40.80
CA ASN I 61 2.33 26.93 -42.10
C ASN I 61 3.70 27.40 -42.56
N GLN I 62 3.83 28.71 -42.80
CA GLN I 62 5.03 29.28 -43.39
C GLN I 62 6.23 29.29 -42.46
N ALA I 63 6.05 28.97 -41.18
CA ALA I 63 7.15 28.95 -40.23
C ALA I 63 7.48 27.57 -39.71
N ALA I 64 6.58 26.58 -39.82
CA ALA I 64 6.80 25.33 -39.11
C ALA I 64 6.40 24.10 -39.93
N ALA I 65 6.06 24.27 -41.23
CA ALA I 65 5.71 23.10 -42.04
C ALA I 65 6.89 22.13 -42.19
N ALA I 66 8.04 22.64 -42.65
CA ALA I 66 9.20 21.79 -42.84
C ALA I 66 9.83 21.32 -41.53
N ALA I 67 9.76 22.14 -40.48
CA ALA I 67 10.38 21.75 -39.22
C ALA I 67 9.49 20.76 -38.44
N ALA I 68 8.17 20.79 -38.66
CA ALA I 68 7.32 19.75 -38.11
C ALA I 68 7.36 18.48 -38.95
N ALA I 69 7.63 18.59 -40.25
CA ALA I 69 7.85 17.39 -41.06
C ALA I 69 9.22 16.76 -40.81
N GLY I 70 10.18 17.54 -40.31
CA GLY I 70 11.51 16.98 -40.08
C GLY I 70 11.58 16.14 -38.82
N GLY I 71 11.13 16.68 -37.70
CA GLY I 71 11.20 15.95 -36.45
C GLY I 71 10.45 16.67 -35.36
N ASP I 72 10.59 16.15 -34.13
CA ASP I 72 9.89 16.70 -32.97
C ASP I 72 10.80 17.84 -32.49
N ILE I 73 10.55 19.02 -33.05
CA ILE I 73 11.17 20.25 -32.58
C ILE I 73 10.14 21.20 -31.99
N ILE I 74 9.03 21.39 -32.69
CA ILE I 74 7.93 22.34 -32.44
C ILE I 74 8.44 23.72 -32.03
N PRO I 75 8.97 24.49 -33.00
CA PRO I 75 9.55 25.80 -32.67
C PRO I 75 8.52 26.85 -32.31
N VAL I 76 7.42 26.92 -33.06
CA VAL I 76 6.33 27.84 -32.76
C VAL I 76 5.18 27.04 -32.15
N LEU I 77 4.45 27.67 -31.24
CA LEU I 77 3.36 27.04 -30.50
C LEU I 77 2.08 27.87 -30.62
N HIS I 78 0.94 27.19 -30.46
CA HIS I 78 -0.36 27.83 -30.60
C HIS I 78 -1.26 27.44 -29.43
N ILE I 79 -1.73 28.46 -28.70
CA ILE I 79 -2.42 28.31 -27.43
C ILE I 79 -3.66 29.18 -27.46
N GLU I 80 -4.77 28.67 -26.95
CA GLU I 80 -5.93 29.48 -26.60
C GLU I 80 -6.07 29.40 -25.09
N LEU I 81 -6.37 30.52 -24.44
CA LEU I 81 -6.66 30.45 -23.03
C LEU I 81 -8.11 30.04 -22.81
N PRO I 82 -8.36 28.99 -22.02
CA PRO I 82 -9.73 28.64 -21.66
C PRO I 82 -10.35 29.70 -20.76
N ASP I 83 -11.67 29.65 -20.66
CA ASP I 83 -12.41 30.75 -20.07
C ASP I 83 -12.25 30.76 -18.56
N ASN I 84 -12.04 31.97 -18.03
CA ASN I 84 -11.75 32.22 -16.62
C ASN I 84 -10.56 31.38 -16.16
N ALA I 85 -9.44 31.60 -16.83
CA ALA I 85 -8.30 30.71 -16.75
C ALA I 85 -7.62 30.82 -15.39
N LYS I 86 -7.54 29.69 -14.69
CA LYS I 86 -6.70 29.62 -13.53
C LYS I 86 -5.26 29.55 -14.04
N PRO I 87 -4.27 30.00 -13.25
CA PRO I 87 -2.89 29.93 -13.74
C PRO I 87 -2.41 28.51 -13.96
N VAL I 88 -2.82 27.58 -13.09
CA VAL I 88 -2.52 26.18 -13.33
C VAL I 88 -3.32 25.64 -14.50
N ASP I 89 -4.53 26.19 -14.73
CA ASP I 89 -5.36 25.74 -15.85
C ASP I 89 -4.74 26.11 -17.19
N ALA I 90 -4.29 27.35 -17.36
CA ALA I 90 -3.63 27.74 -18.60
C ALA I 90 -2.27 27.07 -18.74
N ALA I 91 -1.54 26.91 -17.63
CA ALA I 91 -0.21 26.33 -17.69
C ALA I 91 -0.27 24.87 -18.09
N ARG I 92 -1.25 24.11 -17.59
CA ARG I 92 -1.28 22.70 -17.91
C ARG I 92 -1.70 22.46 -19.36
N GLU I 93 -2.57 23.29 -19.93
CA GLU I 93 -2.95 23.09 -21.32
C GLU I 93 -1.84 23.54 -22.26
N LEU I 94 -1.11 24.60 -21.87
CA LEU I 94 0.08 25.01 -22.61
C LEU I 94 1.16 23.94 -22.53
N LEU I 95 1.16 23.16 -21.46
CA LEU I 95 2.12 22.06 -21.32
C LEU I 95 1.74 20.82 -22.10
N VAL I 96 0.47 20.39 -22.09
CA VAL I 96 0.13 19.16 -22.81
C VAL I 96 0.14 19.43 -24.32
N GLU I 97 -0.01 20.71 -24.71
CA GLU I 97 0.12 21.08 -26.12
C GLU I 97 1.49 20.74 -26.68
N MET I 98 2.54 21.31 -26.10
CA MET I 98 3.88 21.07 -26.59
C MET I 98 4.43 19.74 -26.11
N GLY I 99 5.37 19.19 -26.87
CA GLY I 99 5.99 17.92 -26.57
C GLY I 99 4.99 16.77 -26.66
N ASP I 100 5.35 15.66 -26.02
CA ASP I 100 4.46 14.50 -25.88
C ASP I 100 4.31 14.12 -24.41
N PRO I 101 3.79 15.02 -23.54
CA PRO I 101 3.78 14.71 -22.11
C PRO I 101 2.48 14.13 -21.60
N LEU I 102 2.49 13.66 -20.35
CA LEU I 102 1.26 13.21 -19.69
C LEU I 102 0.62 14.39 -18.96
N ALA I 103 1.37 15.01 -18.04
CA ALA I 103 1.40 16.45 -17.82
C ALA I 103 0.21 17.13 -17.13
N LEU I 104 -0.88 16.44 -16.85
CA LEU I 104 -2.02 17.16 -16.31
C LEU I 104 -2.78 16.40 -15.24
N TYR I 105 -2.28 15.26 -14.79
CA TYR I 105 -2.92 14.52 -13.71
C TYR I 105 -2.48 15.08 -12.36
N GLU I 106 -1.32 15.72 -12.35
CA GLU I 106 -0.93 16.60 -11.26
C GLU I 106 -1.20 18.05 -11.64
N THR I 107 -1.79 18.78 -10.70
CA THR I 107 -2.15 20.20 -10.82
C THR I 107 -1.55 20.85 -9.58
N ASP I 108 -0.27 21.19 -9.65
CA ASP I 108 0.43 21.71 -8.49
C ASP I 108 1.02 23.09 -8.71
N LEU I 109 1.22 23.51 -9.96
CA LEU I 109 1.48 24.88 -10.42
C LEU I 109 2.87 25.39 -10.05
N ALA I 110 3.63 24.64 -9.26
CA ALA I 110 5.06 24.88 -9.10
C ALA I 110 5.90 23.86 -9.82
N ARG I 111 5.53 22.58 -9.72
CA ARG I 111 6.31 21.53 -10.38
C ARG I 111 5.98 21.41 -11.86
N LEU I 112 4.80 21.82 -12.29
CA LEU I 112 4.58 21.84 -13.72
C LEU I 112 5.24 23.05 -14.36
N THR I 113 5.43 24.13 -13.59
CA THR I 113 6.27 25.22 -14.05
C THR I 113 7.72 24.76 -14.18
N LYS I 114 8.18 23.94 -13.24
CA LYS I 114 9.48 23.28 -13.33
C LYS I 114 9.61 22.47 -14.61
N ARG I 115 8.63 21.62 -14.89
CA ARG I 115 8.69 20.82 -16.12
C ARG I 115 8.60 21.68 -17.37
N LEU I 116 7.82 22.76 -17.35
CA LEU I 116 7.69 23.54 -18.56
C LEU I 116 8.92 24.40 -18.79
N THR I 117 9.58 24.87 -17.72
CA THR I 117 10.80 25.64 -17.92
C THR I 117 12.00 24.76 -18.19
N GLU I 118 11.93 23.44 -17.94
CA GLU I 118 13.04 22.64 -18.42
C GLU I 118 12.77 22.15 -19.84
N LEU I 119 11.50 22.09 -20.24
CA LEU I 119 11.18 21.62 -21.57
C LEU I 119 11.24 22.72 -22.64
N ILE I 120 10.99 23.96 -22.28
CA ILE I 120 11.06 25.07 -23.24
C ILE I 120 12.46 25.33 -23.80
N PRO I 121 13.59 24.96 -23.16
CA PRO I 121 14.83 24.86 -23.94
C PRO I 121 15.11 23.48 -24.49
N ALA I 122 14.41 22.44 -24.01
CA ALA I 122 14.74 21.08 -24.41
C ALA I 122 14.31 20.80 -25.84
N VAL I 123 13.12 21.24 -26.22
CA VAL I 123 12.67 21.09 -27.60
C VAL I 123 13.03 22.30 -28.46
N GLY I 124 13.44 23.40 -27.86
CA GLY I 124 13.84 24.56 -28.61
C GLY I 124 12.67 25.38 -29.13
N VAL I 125 11.85 25.88 -28.21
CA VAL I 125 10.72 26.71 -28.58
C VAL I 125 11.23 28.06 -29.05
N LYS I 126 10.86 28.43 -30.28
CA LYS I 126 11.24 29.75 -30.79
C LYS I 126 10.22 30.82 -30.48
N LEU I 127 8.96 30.45 -30.29
CA LEU I 127 7.90 31.44 -30.13
C LEU I 127 6.68 30.77 -29.50
N ILE I 128 6.05 31.48 -28.57
CA ILE I 128 4.76 31.10 -28.01
C ILE I 128 3.72 32.15 -28.37
N ILE I 129 2.57 31.69 -28.87
CA ILE I 129 1.49 32.52 -29.40
C ILE I 129 0.22 32.15 -28.64
N ILE I 130 -0.49 33.15 -28.11
CA ILE I 130 -1.74 32.94 -27.40
C ILE I 130 -2.85 33.64 -28.15
N ASP I 131 -3.94 32.90 -28.42
CA ASP I 131 -5.09 33.40 -29.15
C ASP I 131 -6.00 34.28 -28.32
N GLU I 132 -6.48 33.80 -27.18
CA GLU I 132 -7.69 34.37 -26.59
C GLU I 132 -7.38 35.01 -25.24
N PHE I 133 -7.07 36.30 -25.27
CA PHE I 133 -6.75 37.04 -24.06
C PHE I 133 -7.96 37.63 -23.36
N GLN I 134 -9.10 37.69 -24.04
CA GLN I 134 -10.28 38.31 -23.46
C GLN I 134 -11.00 37.41 -22.47
N HIS I 135 -10.49 36.19 -22.25
CA HIS I 135 -11.10 35.26 -21.32
C HIS I 135 -10.72 35.52 -19.88
N LEU I 136 -9.98 36.57 -19.59
CA LEU I 136 -9.53 36.84 -18.24
C LEU I 136 -10.33 37.92 -17.56
N VAL I 137 -11.37 38.41 -18.20
CA VAL I 137 -12.29 39.36 -17.58
C VAL I 137 -13.51 38.59 -17.10
N GLU I 138 -14.09 39.04 -15.99
CA GLU I 138 -15.29 38.43 -15.44
C GLU I 138 -16.47 38.71 -16.36
N GLU I 139 -17.44 37.78 -16.37
CA GLU I 139 -18.67 37.98 -17.14
C GLU I 139 -19.47 39.18 -16.66
N ARG I 140 -19.96 39.12 -15.43
CA ARG I 140 -21.01 40.03 -14.97
C ARG I 140 -20.44 41.35 -14.47
N SER I 141 -19.18 41.37 -14.05
CA SER I 141 -18.50 42.61 -13.68
C SER I 141 -17.23 42.72 -14.50
N ASN I 142 -16.64 43.91 -14.48
CA ASN I 142 -15.40 44.12 -15.20
C ASN I 142 -14.18 44.09 -14.28
N ARG I 143 -14.23 43.29 -13.23
CA ARG I 143 -12.98 42.86 -12.62
C ARG I 143 -12.25 41.97 -13.62
N VAL I 144 -10.93 42.09 -13.60
CA VAL I 144 -10.06 41.26 -14.42
C VAL I 144 -9.15 40.51 -13.46
N LEU I 145 -8.92 39.24 -13.75
CA LEU I 145 -8.02 38.44 -12.95
C LEU I 145 -6.66 38.41 -13.63
N THR I 146 -5.61 38.76 -12.87
CA THR I 146 -4.26 38.70 -13.41
C THR I 146 -3.38 37.75 -12.61
N GLN I 147 -3.92 36.61 -12.20
CA GLN I 147 -3.06 35.51 -11.78
C GLN I 147 -2.25 35.01 -12.96
N VAL I 148 -2.95 34.79 -14.09
CA VAL I 148 -2.31 34.37 -15.32
C VAL I 148 -1.37 35.44 -15.88
N GLY I 149 -1.65 36.71 -15.62
CA GLY I 149 -0.77 37.76 -16.10
C GLY I 149 0.57 37.78 -15.38
N ASN I 150 0.53 37.68 -14.06
CA ASN I 150 1.78 37.62 -13.30
C ASN I 150 2.49 36.30 -13.53
N TRP I 151 1.73 35.22 -13.77
CA TRP I 151 2.37 33.95 -14.13
C TRP I 151 3.04 34.03 -15.49
N LEU I 152 2.43 34.74 -16.43
CA LEU I 152 3.04 34.91 -17.74
C LEU I 152 4.26 35.82 -17.68
N LYS I 153 4.24 36.81 -16.78
CA LYS I 153 5.47 37.59 -16.55
C LYS I 153 6.56 36.72 -15.96
N MET I 154 6.17 35.79 -15.07
CA MET I 154 7.13 34.90 -14.44
C MET I 154 7.77 33.97 -15.46
N ILE I 155 6.97 33.40 -16.36
CA ILE I 155 7.55 32.51 -17.36
C ILE I 155 8.28 33.32 -18.42
N LEU I 156 7.95 34.61 -18.56
CA LEU I 156 8.70 35.46 -19.48
C LEU I 156 10.08 35.77 -18.95
N ASN I 157 10.17 36.10 -17.67
CA ASN I 157 11.44 36.46 -17.06
C ASN I 157 12.27 35.23 -16.70
N LYS I 158 11.65 34.06 -16.57
CA LYS I 158 12.38 32.84 -16.29
C LYS I 158 13.17 32.38 -17.49
N THR I 159 12.49 32.05 -18.59
CA THR I 159 13.10 31.79 -19.88
C THR I 159 12.65 32.84 -20.88
N LYS I 160 13.57 33.29 -21.72
CA LYS I 160 13.42 34.54 -22.46
C LYS I 160 12.80 34.26 -23.84
N CYS I 161 11.67 33.55 -23.82
CA CYS I 161 10.99 33.20 -25.05
C CYS I 161 10.00 34.29 -25.42
N PRO I 162 9.98 34.72 -26.68
CA PRO I 162 9.03 35.78 -27.07
C PRO I 162 7.60 35.27 -27.09
N ILE I 163 6.67 36.15 -26.73
CA ILE I 163 5.26 35.83 -26.59
C ILE I 163 4.45 36.81 -27.45
N VAL I 164 3.55 36.27 -28.26
CA VAL I 164 2.67 37.07 -29.11
C VAL I 164 1.25 36.79 -28.69
N ILE I 165 0.60 37.79 -28.11
CA ILE I 165 -0.75 37.64 -27.60
C ILE I 165 -1.72 38.25 -28.61
N PHE I 166 -2.73 37.48 -29.00
CA PHE I 166 -3.86 37.97 -29.76
C PHE I 166 -5.00 38.21 -28.80
N GLY I 167 -6.04 38.89 -29.25
CA GLY I 167 -7.19 39.10 -28.38
C GLY I 167 -8.12 40.17 -28.88
N MET I 168 -9.21 40.31 -28.15
CA MET I 168 -10.28 41.26 -28.46
C MET I 168 -9.79 42.67 -28.15
N PRO I 169 -10.39 43.69 -28.77
CA PRO I 169 -9.98 45.07 -28.46
C PRO I 169 -10.36 45.54 -27.08
N TYR I 170 -11.39 44.96 -26.46
CA TYR I 170 -11.68 45.31 -25.08
C TYR I 170 -10.80 44.57 -24.09
N SER I 171 -9.93 43.67 -24.55
CA SER I 171 -9.09 42.87 -23.69
C SER I 171 -7.81 43.60 -23.30
N LYS I 172 -7.67 44.86 -23.66
CA LYS I 172 -6.42 45.56 -23.39
C LYS I 172 -6.42 46.19 -22.00
N VAL I 173 -7.59 46.35 -21.40
CA VAL I 173 -7.66 46.86 -20.04
C VAL I 173 -7.08 45.86 -19.05
N VAL I 174 -7.12 44.57 -19.40
CA VAL I 174 -6.37 43.55 -18.68
C VAL I 174 -4.90 43.90 -18.65
N LEU I 175 -4.35 44.32 -19.79
CA LEU I 175 -2.96 44.76 -19.81
C LEU I 175 -2.78 46.08 -19.09
N GLN I 176 -3.87 46.84 -18.91
CA GLN I 176 -3.82 48.03 -18.09
C GLN I 176 -3.88 47.70 -16.61
N ALA I 177 -4.13 46.46 -16.24
CA ALA I 177 -4.14 46.07 -14.84
C ALA I 177 -2.73 46.05 -14.29
N ASN I 178 -1.87 45.22 -14.87
CA ASN I 178 -0.48 45.10 -14.46
C ASN I 178 0.36 46.05 -15.30
N SER I 179 1.00 47.02 -14.64
CA SER I 179 1.81 47.97 -15.38
C SER I 179 3.11 47.35 -15.87
N GLN I 180 3.61 46.31 -15.20
CA GLN I 180 4.79 45.63 -15.69
C GLN I 180 4.46 44.79 -16.91
N LEU I 181 3.26 44.21 -16.96
CA LEU I 181 2.77 43.61 -18.19
C LEU I 181 2.59 44.65 -19.29
N HIS I 182 2.17 45.86 -18.90
CA HIS I 182 1.94 46.92 -19.88
C HIS I 182 3.26 47.38 -20.49
N GLY I 183 4.30 47.51 -19.66
CA GLY I 183 5.60 47.92 -20.18
C GLY I 183 6.32 46.80 -20.90
N ARG I 184 6.09 45.55 -20.51
CA ARG I 184 6.78 44.45 -21.18
C ARG I 184 6.20 44.17 -22.55
N PHE I 185 4.96 44.59 -22.80
CA PHE I 185 4.33 44.43 -24.11
C PHE I 185 4.32 45.79 -24.78
N SER I 186 5.29 46.00 -25.67
CA SER I 186 5.56 47.29 -26.28
C SER I 186 4.80 47.50 -27.58
N ILE I 187 4.80 46.49 -28.46
CA ILE I 187 4.20 46.62 -29.78
C ILE I 187 2.76 46.11 -29.75
N GLN I 188 1.82 47.06 -29.69
CA GLN I 188 0.40 46.81 -29.91
C GLN I 188 -0.04 47.40 -31.24
N VAL I 189 -0.83 46.63 -31.99
CA VAL I 189 -1.22 46.97 -33.34
C VAL I 189 -2.74 47.07 -33.41
N GLU I 190 -3.24 47.33 -34.61
CA GLU I 190 -4.66 47.58 -34.85
C GLU I 190 -5.11 46.82 -36.10
N LEU I 191 -5.74 45.67 -35.90
CA LEU I 191 -6.33 44.91 -37.01
C LEU I 191 -7.83 45.20 -37.06
N ARG I 192 -8.15 46.39 -37.50
CA ARG I 192 -9.53 46.84 -37.62
C ARG I 192 -10.12 46.38 -38.94
N PRO I 193 -11.45 46.31 -39.07
CA PRO I 193 -12.05 45.88 -40.33
C PRO I 193 -11.89 46.88 -41.47
N PHE I 194 -12.51 46.56 -42.61
CA PHE I 194 -12.38 47.36 -43.81
C PHE I 194 -13.09 48.70 -43.64
N SER I 195 -12.43 49.77 -44.09
CA SER I 195 -12.83 51.11 -43.65
C SER I 195 -14.01 51.66 -44.45
N TYR I 196 -13.86 51.80 -45.77
CA TYR I 196 -14.86 52.53 -46.54
C TYR I 196 -15.23 51.78 -47.81
N GLN I 197 -16.26 52.31 -48.48
CA GLN I 197 -16.72 51.82 -49.77
C GLN I 197 -16.35 52.77 -50.91
N GLY I 198 -16.11 54.05 -50.60
CA GLY I 198 -16.06 55.15 -51.56
C GLY I 198 -15.20 55.08 -52.81
N GLY I 199 -14.23 54.18 -52.87
CA GLY I 199 -13.39 54.02 -54.05
C GLY I 199 -11.91 54.15 -53.73
N ARG I 200 -11.13 53.39 -54.53
CA ARG I 200 -9.66 53.25 -54.42
C ARG I 200 -9.24 52.78 -53.03
N GLY I 201 -9.97 51.82 -52.47
CA GLY I 201 -9.61 51.21 -51.22
C GLY I 201 -8.76 49.97 -51.38
N VAL I 202 -8.20 49.54 -50.25
CA VAL I 202 -7.63 48.21 -50.09
C VAL I 202 -8.71 47.14 -50.27
N PHE I 203 -9.96 47.49 -49.92
CA PHE I 203 -11.14 46.65 -50.12
C PHE I 203 -11.29 46.20 -51.57
N LYS I 204 -11.01 47.09 -52.53
CA LYS I 204 -11.05 46.81 -53.97
C LYS I 204 -10.14 45.65 -54.36
N THR I 205 -8.85 45.82 -54.09
CA THR I 205 -7.83 44.82 -54.43
C THR I 205 -8.03 43.52 -53.69
N PHE I 206 -8.45 43.59 -52.41
CA PHE I 206 -8.85 42.40 -51.68
C PHE I 206 -9.98 41.67 -52.41
N LEU I 207 -10.95 42.44 -52.91
CA LEU I 207 -12.15 41.87 -53.49
C LEU I 207 -11.83 41.17 -54.80
N GLU I 208 -10.98 41.78 -55.63
CA GLU I 208 -10.68 41.14 -56.90
C GLU I 208 -9.61 40.06 -56.78
N TYR I 209 -8.75 40.12 -55.75
CA TYR I 209 -7.91 38.96 -55.47
C TYR I 209 -8.75 37.77 -55.00
N LEU I 210 -9.80 38.04 -54.22
CA LEU I 210 -10.76 36.98 -53.89
C LEU I 210 -11.50 36.52 -55.14
N ASP I 211 -11.71 37.42 -56.09
CA ASP I 211 -12.42 37.07 -57.31
C ASP I 211 -11.60 36.15 -58.19
N LYS I 212 -10.31 36.41 -58.31
CA LYS I 212 -9.48 35.45 -59.06
C LYS I 212 -9.22 34.20 -58.24
N ALA I 213 -9.33 34.28 -56.92
CA ALA I 213 -9.18 33.10 -56.07
C ALA I 213 -10.38 32.16 -56.12
N LEU I 214 -11.52 32.61 -56.63
CA LEU I 214 -12.73 31.81 -56.62
C LEU I 214 -12.63 30.68 -57.65
N PRO I 215 -13.35 29.57 -57.44
CA PRO I 215 -13.25 28.43 -58.36
C PRO I 215 -13.88 28.62 -59.73
N PHE I 216 -14.47 29.77 -60.05
CA PHE I 216 -15.10 29.93 -61.35
C PHE I 216 -14.10 30.52 -62.34
N GLU I 217 -13.97 29.87 -63.50
CA GLU I 217 -12.76 29.95 -64.31
C GLU I 217 -12.80 31.06 -65.35
N LYS I 218 -13.82 31.91 -65.32
CA LYS I 218 -13.80 33.06 -66.23
C LYS I 218 -13.75 34.39 -65.52
N GLN I 219 -14.65 34.64 -64.57
CA GLN I 219 -14.84 35.91 -63.88
C GLN I 219 -15.90 35.63 -62.83
N ALA I 220 -15.78 36.29 -61.68
CA ALA I 220 -16.79 36.18 -60.65
C ALA I 220 -17.83 37.30 -60.70
N GLY I 221 -17.61 38.32 -61.52
CA GLY I 221 -18.55 39.43 -61.64
C GLY I 221 -18.54 40.40 -60.49
N LEU I 222 -17.75 40.15 -59.45
CA LEU I 222 -17.76 40.94 -58.24
C LEU I 222 -16.76 42.09 -58.39
N ALA I 223 -16.64 42.88 -57.32
CA ALA I 223 -15.84 44.11 -57.28
C ALA I 223 -16.20 45.09 -58.40
N ASN I 224 -17.49 45.33 -58.56
CA ASN I 224 -17.99 46.18 -59.63
C ASN I 224 -18.57 47.47 -59.03
N GLU I 225 -19.31 48.21 -59.85
CA GLU I 225 -19.65 49.58 -59.52
C GLU I 225 -20.73 49.52 -58.44
N SER I 226 -21.67 48.58 -58.56
CA SER I 226 -22.79 48.49 -57.64
C SER I 226 -22.73 47.29 -56.72
N LEU I 227 -21.86 46.31 -57.00
CA LEU I 227 -21.86 45.11 -56.19
C LEU I 227 -21.19 45.33 -54.84
N GLN I 228 -20.09 46.07 -54.79
CA GLN I 228 -19.46 46.38 -53.52
C GLN I 228 -20.32 47.29 -52.66
N LYS I 229 -21.24 48.04 -53.28
CA LYS I 229 -22.22 48.82 -52.52
C LYS I 229 -23.08 47.93 -51.64
N LYS I 230 -23.73 46.92 -52.23
CA LYS I 230 -24.54 46.02 -51.43
C LYS I 230 -23.71 45.05 -50.61
N LEU I 231 -22.46 44.81 -50.99
CA LEU I 231 -21.56 44.00 -50.17
C LEU I 231 -21.22 44.71 -48.87
N TYR I 232 -20.80 45.98 -48.96
CA TYR I 232 -20.54 46.76 -47.76
C TYR I 232 -21.84 47.13 -47.04
N ALA I 233 -22.97 47.07 -47.73
CA ALA I 233 -24.24 47.19 -47.04
C ALA I 233 -24.54 45.96 -46.21
N PHE I 234 -24.11 44.79 -46.66
CA PHE I 234 -24.39 43.56 -45.91
C PHE I 234 -23.44 43.43 -44.72
N SER I 235 -22.15 43.31 -44.99
CA SER I 235 -21.13 43.22 -43.95
C SER I 235 -20.63 44.62 -43.68
N GLN I 236 -20.45 44.94 -42.39
CA GLN I 236 -20.01 46.28 -42.00
C GLN I 236 -18.61 46.57 -42.52
N GLY I 237 -17.63 45.85 -41.99
CA GLY I 237 -16.33 45.71 -42.60
C GLY I 237 -15.96 44.28 -42.33
N ASN I 238 -16.99 43.54 -41.92
CA ASN I 238 -16.86 42.30 -41.17
C ASN I 238 -16.40 41.19 -42.10
N MET I 239 -15.15 40.76 -41.91
CA MET I 239 -14.52 39.81 -42.82
C MET I 239 -15.20 38.44 -42.80
N ARG I 240 -15.60 37.99 -41.60
CA ARG I 240 -16.19 36.67 -41.45
C ARG I 240 -17.53 36.58 -42.16
N SER I 241 -18.40 37.57 -41.97
CA SER I 241 -19.71 37.55 -42.61
C SER I 241 -19.63 37.78 -44.11
N LEU I 242 -18.70 38.61 -44.57
CA LEU I 242 -18.52 38.82 -46.01
C LEU I 242 -18.07 37.55 -46.69
N ARG I 243 -17.03 36.92 -46.13
CA ARG I 243 -16.54 35.67 -46.67
C ARG I 243 -17.57 34.55 -46.53
N ASN I 244 -18.37 34.57 -45.47
CA ASN I 244 -19.38 33.55 -45.25
C ASN I 244 -20.48 33.64 -46.29
N LEU I 245 -20.97 34.86 -46.54
CA LEU I 245 -22.00 35.06 -47.56
C LEU I 245 -21.47 34.75 -48.95
N ILE I 246 -20.22 35.10 -49.22
CA ILE I 246 -19.59 34.81 -50.51
C ILE I 246 -19.48 33.30 -50.73
N TYR I 247 -19.09 32.56 -49.69
CA TYR I 247 -19.00 31.10 -49.78
C TYR I 247 -20.37 30.47 -49.92
N GLN I 248 -21.37 31.04 -49.25
CA GLN I 248 -22.71 30.48 -49.32
C GLN I 248 -23.37 30.77 -50.68
N ALA I 249 -22.91 31.81 -51.36
CA ALA I 249 -23.32 31.99 -52.76
C ALA I 249 -22.59 31.05 -53.69
N SER I 250 -21.29 30.81 -53.43
CA SER I 250 -20.47 29.99 -54.33
C SER I 250 -20.94 28.53 -54.31
N ILE I 251 -21.33 28.02 -53.14
CA ILE I 251 -21.89 26.68 -53.07
C ILE I 251 -23.24 26.61 -53.80
N GLU I 252 -24.03 27.67 -53.75
CA GLU I 252 -25.34 27.64 -54.39
C GLU I 252 -25.17 27.66 -55.91
N ALA I 253 -24.16 28.37 -56.39
CA ALA I 253 -23.86 28.36 -57.81
C ALA I 253 -23.30 27.02 -58.28
N ILE I 254 -22.57 26.30 -57.41
CA ILE I 254 -22.02 25.04 -57.90
C ILE I 254 -22.96 23.87 -57.58
N ASP I 255 -24.06 24.13 -56.87
CA ASP I 255 -25.09 23.10 -56.67
C ASP I 255 -25.77 22.72 -57.99
N ASN I 256 -26.02 23.69 -58.85
CA ASN I 256 -26.67 23.43 -60.13
C ASN I 256 -25.83 23.97 -61.28
N GLN I 257 -26.44 24.00 -62.47
CA GLN I 257 -25.81 24.68 -63.59
C GLN I 257 -25.78 26.20 -63.39
N HIS I 258 -24.61 26.74 -63.10
CA HIS I 258 -24.39 28.18 -63.03
C HIS I 258 -22.96 28.46 -63.43
N GLU I 259 -22.76 29.54 -64.19
CA GLU I 259 -21.43 29.84 -64.72
C GLU I 259 -20.66 30.83 -63.85
N THR I 260 -21.36 31.64 -63.07
CA THR I 260 -20.74 32.58 -62.13
C THR I 260 -21.78 32.86 -61.04
N ILE I 261 -21.34 33.49 -59.94
CA ILE I 261 -22.28 34.00 -58.94
C ILE I 261 -23.10 35.10 -59.58
N THR I 262 -24.42 35.00 -59.49
CA THR I 262 -25.30 35.91 -60.24
C THR I 262 -26.49 36.29 -59.35
N GLU I 263 -27.52 36.87 -59.97
CA GLU I 263 -28.53 37.64 -59.26
C GLU I 263 -29.79 36.81 -58.95
N GLU I 264 -29.58 35.53 -58.68
CA GLU I 264 -30.71 34.70 -58.28
C GLU I 264 -30.34 33.83 -57.07
N ASP I 265 -29.03 33.66 -56.87
CA ASP I 265 -28.51 32.71 -55.90
C ASP I 265 -27.74 33.45 -54.82
N PHE I 266 -27.22 34.63 -55.16
CA PHE I 266 -26.62 35.53 -54.20
C PHE I 266 -27.68 36.07 -53.24
N VAL I 267 -28.91 36.25 -53.73
CA VAL I 267 -30.04 36.61 -52.89
C VAL I 267 -30.36 35.56 -51.83
N PHE I 268 -30.41 34.28 -52.20
CA PHE I 268 -30.69 33.22 -51.23
C PHE I 268 -29.57 33.12 -50.19
N ALA I 269 -28.33 33.44 -50.61
CA ALA I 269 -27.23 33.59 -49.66
C ALA I 269 -27.43 34.76 -48.73
N SER I 270 -28.09 35.84 -49.18
CA SER I 270 -28.44 36.91 -48.25
C SER I 270 -29.58 36.47 -47.33
N LYS I 271 -30.48 35.64 -47.82
CA LYS I 271 -31.56 35.05 -47.02
C LYS I 271 -31.04 34.19 -45.87
N LEU I 272 -29.97 33.42 -46.09
CA LEU I 272 -29.47 32.55 -45.01
C LEU I 272 -28.70 33.32 -43.94
N THR I 273 -27.64 34.04 -44.32
CA THR I 273 -26.68 34.54 -43.35
C THR I 273 -27.03 35.96 -42.87
N SER I 274 -28.30 36.27 -42.78
CA SER I 274 -28.77 37.53 -42.24
C SER I 274 -29.16 37.43 -40.78
N GLY I 275 -28.85 36.31 -40.13
CA GLY I 275 -29.29 36.06 -38.77
C GLY I 275 -28.52 36.80 -37.70
N ASP I 276 -27.19 36.89 -37.86
CA ASP I 276 -26.36 37.49 -36.81
C ASP I 276 -26.46 39.00 -36.79
N LYS I 277 -27.05 39.61 -37.82
CA LYS I 277 -27.05 41.05 -37.94
C LYS I 277 -28.07 41.65 -36.98
N PRO I 278 -27.87 42.91 -36.57
CA PRO I 278 -28.83 43.56 -35.67
C PRO I 278 -30.15 43.86 -36.36
N ASN I 279 -31.10 44.34 -35.56
CA ASN I 279 -32.42 44.64 -36.07
C ASN I 279 -32.42 45.92 -36.91
N SER I 280 -31.65 46.93 -36.50
CA SER I 280 -31.58 48.18 -37.23
C SER I 280 -30.71 48.09 -38.47
N TRP I 281 -29.89 47.05 -38.60
CA TRP I 281 -29.16 46.80 -39.83
C TRP I 281 -30.16 46.50 -40.94
N LYS I 282 -29.92 47.07 -42.12
CA LYS I 282 -30.86 46.90 -43.21
C LYS I 282 -30.42 45.83 -44.21
N ASN I 283 -31.37 44.98 -44.57
CA ASN I 283 -31.41 43.82 -45.45
C ASN I 283 -31.63 44.29 -46.89
N PRO I 284 -30.58 44.31 -47.73
CA PRO I 284 -30.63 45.11 -48.96
C PRO I 284 -30.86 44.42 -50.31
N PHE I 285 -31.15 43.12 -50.38
CA PHE I 285 -30.95 42.43 -51.65
C PHE I 285 -32.23 42.02 -52.39
N GLU I 286 -33.37 41.86 -51.71
CA GLU I 286 -34.44 41.07 -52.30
C GLU I 286 -35.21 41.84 -53.37
N GLU I 287 -35.93 42.90 -53.02
CA GLU I 287 -36.89 43.43 -53.97
C GLU I 287 -36.61 44.86 -54.42
N GLY I 288 -36.35 45.80 -53.52
CA GLY I 288 -36.23 47.18 -53.94
C GLY I 288 -35.32 48.04 -53.10
N VAL I 289 -34.48 47.44 -52.25
CA VAL I 289 -33.77 48.20 -51.23
C VAL I 289 -32.54 48.83 -51.87
N GLU I 290 -32.68 50.10 -52.28
CA GLU I 290 -31.55 50.95 -52.59
C GLU I 290 -30.89 51.50 -51.33
N VAL I 291 -29.56 51.62 -51.36
CA VAL I 291 -28.76 51.81 -50.16
C VAL I 291 -28.32 53.27 -50.08
N THR I 292 -28.62 53.92 -48.97
CA THR I 292 -28.27 55.32 -48.76
C THR I 292 -26.76 55.45 -48.55
N GLU I 293 -26.25 56.68 -48.51
CA GLU I 293 -24.82 56.86 -48.39
C GLU I 293 -24.38 56.69 -46.94
N ASP I 294 -25.28 57.00 -45.99
CA ASP I 294 -24.93 56.90 -44.58
C ASP I 294 -24.77 55.46 -44.12
N MET I 295 -25.18 54.48 -44.93
CA MET I 295 -25.14 53.11 -44.43
C MET I 295 -23.85 52.41 -44.85
N LEU I 296 -23.04 53.08 -45.69
CA LEU I 296 -21.67 52.63 -45.98
C LEU I 296 -20.66 53.35 -45.11
N ARG I 297 -21.09 53.80 -43.94
CA ARG I 297 -20.31 54.65 -43.04
C ARG I 297 -19.25 53.77 -42.38
N PRO I 298 -18.05 54.32 -42.11
CA PRO I 298 -16.96 53.49 -41.63
C PRO I 298 -17.23 52.96 -40.23
N PRO I 299 -16.60 51.85 -39.84
CA PRO I 299 -16.89 51.26 -38.54
C PRO I 299 -16.32 52.12 -37.42
N PRO I 300 -16.97 52.13 -36.25
CA PRO I 300 -16.52 53.00 -35.17
C PRO I 300 -15.29 52.43 -34.48
N LYS I 301 -14.84 53.17 -33.45
CA LYS I 301 -13.65 52.76 -32.70
C LYS I 301 -13.99 51.65 -31.71
N ASP I 302 -15.17 51.72 -31.09
CA ASP I 302 -15.63 50.67 -30.16
C ASP I 302 -16.39 49.60 -30.95
N ILE I 303 -15.67 48.99 -31.89
CA ILE I 303 -16.21 47.95 -32.75
C ILE I 303 -15.85 46.57 -32.21
N GLY I 304 -14.80 46.50 -31.40
CA GLY I 304 -14.52 45.30 -30.64
C GLY I 304 -14.74 45.52 -29.16
N TRP I 305 -15.69 46.39 -28.83
CA TRP I 305 -15.91 46.77 -27.44
C TRP I 305 -17.35 46.59 -26.97
N GLU I 306 -18.23 46.05 -27.82
CA GLU I 306 -19.62 45.88 -27.39
C GLU I 306 -19.83 44.65 -26.54
N ASP I 307 -18.78 43.97 -26.12
CA ASP I 307 -18.91 43.01 -25.03
C ASP I 307 -18.76 43.66 -23.67
N TYR I 308 -18.66 44.98 -23.62
CA TYR I 308 -18.16 45.66 -22.43
C TYR I 308 -19.02 46.81 -21.93
N LEU I 309 -20.07 47.22 -22.65
CA LEU I 309 -20.74 48.45 -22.22
C LEU I 309 -21.68 48.17 -21.06
N ARG I 310 -22.33 47.00 -21.09
CA ARG I 310 -23.52 46.75 -20.28
C ARG I 310 -23.22 46.68 -18.80
N HIS I 311 -22.04 46.18 -18.43
CA HIS I 311 -21.64 46.16 -17.03
C HIS I 311 -20.52 47.17 -16.79
N THR J 1 22.84 40.96 -41.43
CA THR J 1 22.36 41.19 -40.08
C THR J 1 23.51 41.23 -39.08
N ARG J 2 24.33 40.18 -39.09
CA ARG J 2 25.50 40.02 -38.22
C ARG J 2 25.09 40.10 -36.74
N GLU J 3 24.41 39.04 -36.32
CA GLU J 3 23.76 38.88 -35.02
C GLU J 3 24.65 39.21 -33.82
N ALA J 4 25.98 39.15 -33.97
CA ALA J 4 26.88 39.67 -32.95
C ALA J 4 26.62 41.15 -32.70
N ARG J 5 26.42 41.94 -33.75
CA ARG J 5 26.11 43.36 -33.56
C ARG J 5 24.75 43.57 -32.93
N ILE J 6 23.80 42.66 -33.17
CA ILE J 6 22.47 42.80 -32.59
C ILE J 6 22.50 42.50 -31.10
N SER J 7 23.10 41.38 -30.70
CA SER J 7 23.22 41.05 -29.28
C SER J 7 24.13 42.03 -28.55
N ARG J 8 25.19 42.49 -29.21
CA ARG J 8 26.08 43.49 -28.66
C ARG J 8 25.43 44.88 -28.61
N ALA J 9 24.38 45.10 -29.40
CA ALA J 9 23.61 46.34 -29.27
C ALA J 9 22.56 46.23 -28.18
N LYS J 10 22.02 45.03 -27.96
CA LYS J 10 21.02 44.83 -26.92
C LYS J 10 21.66 44.80 -25.53
N ARG J 11 22.67 43.96 -25.36
CA ARG J 11 23.40 43.87 -24.09
C ARG J 11 24.40 45.03 -24.00
N ALA J 12 23.90 46.19 -23.58
CA ALA J 12 24.75 47.31 -23.25
C ALA J 12 24.31 47.88 -21.92
N PHE J 13 25.27 48.28 -21.09
CA PHE J 13 25.02 48.70 -19.73
C PHE J 13 25.72 50.02 -19.44
N VAL J 14 24.98 50.99 -18.92
CA VAL J 14 25.52 52.27 -18.51
C VAL J 14 25.36 52.39 -17.01
N SER J 15 26.45 52.65 -16.30
CA SER J 15 26.43 52.70 -14.84
C SER J 15 26.18 54.14 -14.40
N THR J 16 24.92 54.47 -14.19
CA THR J 16 24.56 55.71 -13.53
C THR J 16 24.97 55.61 -12.06
N PRO J 17 25.25 56.75 -11.40
CA PRO J 17 25.78 56.68 -10.02
C PRO J 17 24.86 56.03 -8.99
N SER J 18 23.55 56.00 -9.23
CA SER J 18 22.66 55.31 -8.32
C SER J 18 22.88 53.80 -8.36
N VAL J 19 23.20 53.26 -9.53
CA VAL J 19 23.45 51.83 -9.66
C VAL J 19 24.72 51.43 -8.92
N ARG J 20 25.82 52.16 -9.13
CA ARG J 20 27.05 51.86 -8.41
C ARG J 20 26.94 52.15 -6.92
N LYS J 21 26.09 53.12 -6.54
CA LYS J 21 25.74 53.30 -5.14
C LYS J 21 25.09 52.04 -4.56
N ILE J 22 24.15 51.45 -5.33
CA ILE J 22 23.51 50.21 -4.91
C ILE J 22 24.52 49.09 -4.76
N LEU J 23 25.32 48.83 -5.80
CA LEU J 23 26.23 47.68 -5.80
C LEU J 23 27.31 47.82 -4.74
N SER J 24 27.73 49.05 -4.46
CA SER J 24 28.59 49.31 -3.33
C SER J 24 27.91 48.95 -2.02
N TYR J 25 26.62 49.31 -1.88
CA TYR J 25 25.89 48.92 -0.67
C TYR J 25 25.70 47.43 -0.55
N MET J 26 25.56 46.70 -1.67
CA MET J 26 25.39 45.25 -1.48
C MET J 26 26.71 44.54 -1.22
N ASP J 27 27.85 45.03 -1.71
CA ASP J 27 29.10 44.46 -1.22
C ASP J 27 29.37 44.81 0.24
N ARG J 28 28.97 46.03 0.63
CA ARG J 28 28.95 46.45 2.02
C ARG J 28 28.12 45.51 2.87
N CYS J 29 26.95 45.12 2.37
CA CYS J 29 26.07 44.19 3.06
C CYS J 29 26.63 42.77 3.07
N ARG J 30 27.32 42.37 2.00
CA ARG J 30 27.88 41.02 1.89
C ARG J 30 29.01 40.80 2.89
N ASP J 31 30.11 41.55 2.77
CA ASP J 31 31.12 41.41 3.79
C ASP J 31 31.07 42.48 4.86
N LEU J 32 29.88 42.94 5.22
CA LEU J 32 29.70 43.53 6.55
C LEU J 32 28.99 42.57 7.47
N SER J 33 28.02 41.82 6.94
CA SER J 33 27.37 40.75 7.70
C SER J 33 28.42 39.68 7.94
N ASP J 34 28.68 39.37 9.20
CA ASP J 34 29.79 38.52 9.60
C ASP J 34 29.40 37.06 9.73
N LEU J 35 28.11 36.75 9.60
CA LEU J 35 27.49 35.43 9.79
C LEU J 35 27.70 34.88 11.20
N GLU J 36 28.01 35.74 12.15
CA GLU J 36 27.98 35.42 13.57
C GLU J 36 26.78 36.04 14.26
N SER J 37 26.55 37.33 14.02
CA SER J 37 25.56 38.17 14.67
C SER J 37 24.59 38.75 13.66
N GLU J 38 23.82 39.73 14.11
CA GLU J 38 22.59 40.18 13.43
C GLU J 38 22.94 40.88 12.13
N PRO J 39 22.30 40.53 10.99
CA PRO J 39 22.66 41.13 9.70
C PRO J 39 22.08 42.53 9.49
N THR J 40 22.26 43.07 8.29
CA THR J 40 21.96 44.47 8.00
C THR J 40 20.66 44.66 7.22
N CYS J 41 20.38 43.78 6.26
CA CYS J 41 19.07 43.61 5.62
C CYS J 41 18.58 44.85 4.89
N MET J 42 19.26 45.15 3.79
CA MET J 42 18.93 46.26 2.91
C MET J 42 17.62 46.00 2.16
N MET J 43 16.93 47.08 1.80
CA MET J 43 15.76 47.06 0.95
C MET J 43 15.93 48.05 -0.20
N VAL J 44 15.60 47.62 -1.42
CA VAL J 44 15.78 48.43 -2.64
C VAL J 44 14.42 48.62 -3.28
N TYR J 45 14.11 49.86 -3.67
CA TYR J 45 12.88 50.10 -4.40
C TYR J 45 13.15 50.47 -5.85
N GLY J 46 12.08 50.83 -6.56
CA GLY J 46 12.18 51.23 -7.94
C GLY J 46 10.94 50.84 -8.72
N ALA J 47 10.52 51.70 -9.65
CA ALA J 47 9.28 51.52 -10.39
C ALA J 47 9.47 50.47 -11.48
N SER J 48 8.52 50.40 -12.40
CA SER J 48 8.58 49.42 -13.48
C SER J 48 9.61 49.85 -14.51
N GLY J 49 10.53 48.96 -14.86
CA GLY J 49 11.47 49.24 -15.91
C GLY J 49 12.53 50.25 -15.57
N VAL J 50 13.01 50.29 -14.33
CA VAL J 50 14.07 51.20 -13.94
C VAL J 50 15.42 50.52 -13.85
N GLY J 51 15.54 49.29 -14.31
CA GLY J 51 16.79 48.61 -14.39
C GLY J 51 17.16 47.72 -13.22
N LYS J 52 16.17 47.17 -12.51
CA LYS J 52 16.46 46.42 -11.29
C LYS J 52 17.11 45.08 -11.60
N THR J 53 16.50 44.30 -12.51
CA THR J 53 17.01 42.97 -12.84
C THR J 53 18.38 43.05 -13.48
N THR J 54 18.62 44.10 -14.27
CA THR J 54 19.94 44.33 -14.83
C THR J 54 20.97 44.60 -13.75
N VAL J 55 20.57 45.32 -12.70
CA VAL J 55 21.45 45.57 -11.57
C VAL J 55 21.83 44.26 -10.88
N ILE J 56 20.86 43.38 -10.64
CA ILE J 56 21.24 42.19 -9.88
C ILE J 56 22.04 41.23 -10.77
N LYS J 57 21.74 41.18 -12.08
CA LYS J 57 22.56 40.34 -12.96
C LYS J 57 23.99 40.86 -13.11
N LYS J 58 24.17 42.18 -13.17
CA LYS J 58 25.48 42.79 -12.98
C LYS J 58 26.13 42.32 -11.68
N TYR J 59 25.35 42.26 -10.61
CA TYR J 59 25.89 41.90 -9.32
C TYR J 59 26.31 40.43 -9.25
N LEU J 60 25.51 39.52 -9.78
CA LEU J 60 25.91 38.11 -9.73
C LEU J 60 27.03 37.81 -10.70
N ASN J 61 27.14 38.58 -11.80
CA ASN J 61 28.35 38.56 -12.62
C ASN J 61 29.58 38.91 -11.79
N GLN J 62 29.63 40.15 -11.30
CA GLN J 62 30.82 40.67 -10.63
C GLN J 62 31.07 40.06 -9.26
N ALA J 63 30.13 39.29 -8.73
CA ALA J 63 30.30 38.68 -7.42
C ALA J 63 30.42 37.16 -7.47
N ALA J 64 29.98 36.49 -8.54
CA ALA J 64 29.86 35.05 -8.50
C ALA J 64 30.30 34.38 -9.79
N ALA J 65 30.89 35.11 -10.74
CA ALA J 65 31.37 34.48 -11.98
C ALA J 65 32.47 33.45 -11.71
N ALA J 66 33.53 33.87 -11.02
CA ALA J 66 34.65 32.97 -10.73
C ALA J 66 34.29 31.90 -9.71
N ALA J 67 33.42 32.21 -8.74
CA ALA J 67 33.08 31.22 -7.73
C ALA J 67 32.07 30.20 -8.25
N ALA J 68 31.26 30.57 -9.24
CA ALA J 68 30.42 29.58 -9.90
C ALA J 68 31.20 28.78 -10.93
N ALA J 69 32.26 29.36 -11.52
CA ALA J 69 33.13 28.58 -12.38
C ALA J 69 34.06 27.65 -11.61
N GLY J 70 34.32 27.95 -10.33
CA GLY J 70 35.22 27.12 -9.54
C GLY J 70 34.55 25.83 -9.07
N GLY J 71 33.39 25.94 -8.44
CA GLY J 71 32.72 24.76 -7.93
C GLY J 71 31.33 25.10 -7.43
N ASP J 72 30.70 24.11 -6.81
CA ASP J 72 29.33 24.25 -6.32
C ASP J 72 29.49 24.89 -4.95
N ILE J 73 29.51 26.22 -4.94
CA ILE J 73 29.46 27.01 -3.71
C ILE J 73 28.17 27.81 -3.63
N ILE J 74 27.79 28.48 -4.72
CA ILE J 74 26.68 29.43 -4.88
C ILE J 74 26.57 30.40 -3.70
N PRO J 75 27.48 31.38 -3.63
CA PRO J 75 27.49 32.31 -2.49
C PRO J 75 26.33 33.28 -2.49
N VAL J 76 26.02 33.87 -3.65
CA VAL J 76 24.88 34.77 -3.78
C VAL J 76 23.76 34.03 -4.51
N LEU J 77 22.53 34.35 -4.15
CA LEU J 77 21.34 33.69 -4.69
C LEU J 77 20.36 34.72 -5.26
N HIS J 78 19.52 34.27 -6.19
CA HIS J 78 18.57 35.14 -6.86
C HIS J 78 17.20 34.50 -6.90
N ILE J 79 16.22 35.19 -6.32
CA ILE J 79 14.89 34.66 -6.05
C ILE J 79 13.87 35.68 -6.52
N GLU J 80 12.79 35.21 -7.14
CA GLU J 80 11.59 36.02 -7.34
C GLU J 80 10.49 35.35 -6.53
N LEU J 81 9.67 36.15 -5.86
CA LEU J 81 8.52 35.55 -5.20
C LEU J 81 7.38 35.37 -6.20
N PRO J 82 6.84 34.17 -6.31
CA PRO J 82 5.65 33.96 -7.14
C PRO J 82 4.44 34.66 -6.54
N ASP J 83 3.42 34.83 -7.37
CA ASP J 83 2.31 35.70 -7.03
C ASP J 83 1.43 35.06 -5.97
N ASN J 84 1.03 35.87 -5.00
CA ASN J 84 0.26 35.47 -3.81
C ASN J 84 0.94 34.30 -3.11
N ALA J 85 2.18 34.56 -2.69
CA ALA J 85 3.10 33.51 -2.27
C ALA J 85 2.67 32.93 -0.94
N LYS J 86 2.43 31.62 -0.93
CA LYS J 86 2.28 30.92 0.32
C LYS J 86 3.67 30.79 0.92
N PRO J 87 3.80 30.69 2.25
CA PRO J 87 5.15 30.57 2.83
C PRO J 87 5.86 29.30 2.40
N VAL J 88 5.13 28.19 2.28
CA VAL J 88 5.72 26.98 1.73
C VAL J 88 5.99 27.14 0.24
N ASP J 89 5.19 27.94 -0.46
CA ASP J 89 5.39 28.16 -1.89
C ASP J 89 6.69 28.93 -2.16
N ALA J 90 6.93 30.02 -1.45
CA ALA J 90 8.19 30.75 -1.61
C ALA J 90 9.37 29.96 -1.09
N ALA J 91 9.18 29.22 0.02
CA ALA J 91 10.28 28.48 0.61
C ALA J 91 10.75 27.34 -0.31
N ARG J 92 9.81 26.66 -0.96
CA ARG J 92 10.22 25.53 -1.78
C ARG J 92 10.92 25.99 -3.06
N GLU J 93 10.53 27.13 -3.63
CA GLU J 93 11.23 27.59 -4.83
C GLU J 93 12.58 28.17 -4.49
N LEU J 94 12.69 28.81 -3.31
CA LEU J 94 13.98 29.26 -2.82
C LEU J 94 14.89 28.08 -2.51
N LEU J 95 14.29 26.92 -2.18
CA LEU J 95 15.06 25.72 -1.92
C LEU J 95 15.51 25.00 -3.19
N VAL J 96 14.63 24.85 -4.20
CA VAL J 96 15.06 24.12 -5.41
C VAL J 96 16.03 24.97 -6.21
N GLU J 97 15.99 26.31 -6.02
CA GLU J 97 16.97 27.19 -6.64
C GLU J 97 18.39 26.86 -6.23
N MET J 98 18.67 26.93 -4.93
CA MET J 98 20.03 26.66 -4.46
C MET J 98 20.29 25.17 -4.37
N GLY J 99 21.58 24.82 -4.45
CA GLY J 99 22.03 23.44 -4.40
C GLY J 99 21.54 22.65 -5.60
N ASP J 100 21.54 21.32 -5.44
CA ASP J 100 20.98 20.40 -6.43
C ASP J 100 19.95 19.48 -5.78
N PRO J 101 18.85 20.04 -5.20
CA PRO J 101 17.93 19.17 -4.45
C PRO J 101 16.72 18.68 -5.24
N LEU J 102 15.98 17.75 -4.65
CA LEU J 102 14.71 17.31 -5.25
C LEU J 102 13.58 18.19 -4.72
N ALA J 103 13.41 18.22 -3.39
CA ALA J 103 13.05 19.41 -2.62
C ALA J 103 11.63 19.95 -2.68
N LEU J 104 10.76 19.43 -3.53
CA LEU J 104 9.46 20.06 -3.63
C LEU J 104 8.30 19.08 -3.78
N TYR J 105 8.54 17.79 -3.67
CA TYR J 105 7.47 16.82 -3.74
C TYR J 105 6.80 16.67 -2.38
N GLU J 106 7.54 17.03 -1.34
CA GLU J 106 6.98 17.29 -0.02
C GLU J 106 6.80 18.79 0.18
N THR J 107 5.63 19.17 0.69
CA THR J 107 5.23 20.55 0.98
C THR J 107 4.73 20.50 2.42
N ASP J 108 5.67 20.60 3.37
CA ASP J 108 5.32 20.45 4.77
C ASP J 108 5.69 21.66 5.62
N LEU J 109 6.60 22.51 5.15
CA LEU J 109 6.88 23.87 5.61
C LEU J 109 7.58 23.91 6.97
N ALA J 110 7.72 22.77 7.64
CA ALA J 110 8.61 22.66 8.79
C ALA J 110 9.86 21.87 8.47
N ARG J 111 9.73 20.76 7.75
CA ARG J 111 10.89 19.95 7.39
C ARG J 111 11.66 20.52 6.21
N LEU J 112 11.02 21.29 5.34
CA LEU J 112 11.82 21.94 4.31
C LEU J 112 12.54 23.15 4.87
N THR J 113 12.00 23.75 5.93
CA THR J 113 12.75 24.76 6.66
C THR J 113 13.96 24.14 7.34
N LYS J 114 13.79 22.92 7.87
CA LYS J 114 14.90 22.12 8.41
C LYS J 114 15.97 21.91 7.35
N ARG J 115 15.58 21.44 6.16
CA ARG J 115 16.56 21.23 5.10
C ARG J 115 17.21 22.53 4.63
N LEU J 116 16.45 23.63 4.58
CA LEU J 116 17.05 24.84 4.08
C LEU J 116 17.98 25.48 5.12
N THR J 117 17.67 25.33 6.41
CA THR J 117 18.57 25.88 7.42
C THR J 117 19.76 24.97 7.67
N GLU J 118 19.74 23.70 7.22
CA GLU J 118 21.00 22.97 7.31
C GLU J 118 21.82 23.18 6.04
N LEU J 119 21.17 23.52 4.93
CA LEU J 119 21.89 23.72 3.70
C LEU J 119 22.49 25.11 3.54
N ILE J 120 21.87 26.13 4.14
CA ILE J 120 22.39 27.49 4.05
C ILE J 120 23.75 27.69 4.74
N PRO J 121 24.20 26.89 5.73
CA PRO J 121 25.64 26.89 6.02
C PRO J 121 26.43 25.82 5.27
N ALA J 122 25.75 24.83 4.67
CA ALA J 122 26.47 23.72 4.05
C ALA J 122 27.16 24.14 2.77
N VAL J 123 26.47 24.92 1.93
CA VAL J 123 27.10 25.43 0.72
C VAL J 123 27.73 26.79 0.92
N GLY J 124 27.47 27.45 2.05
CA GLY J 124 28.09 28.73 2.33
C GLY J 124 27.46 29.88 1.59
N VAL J 125 26.18 30.10 1.83
CA VAL J 125 25.47 31.21 1.20
C VAL J 125 25.94 32.52 1.83
N LYS J 126 26.44 33.42 0.99
CA LYS J 126 26.85 34.73 1.47
C LYS J 126 25.74 35.76 1.45
N LEU J 127 24.75 35.60 0.59
CA LEU J 127 23.72 36.61 0.41
C LEU J 127 22.52 35.98 -0.29
N ILE J 128 21.33 36.35 0.17
CA ILE J 128 20.07 36.03 -0.49
C ILE J 128 19.40 37.31 -0.95
N ILE J 129 18.96 37.31 -2.22
CA ILE J 129 18.39 38.48 -2.90
C ILE J 129 17.02 38.08 -3.43
N ILE J 130 16.00 38.90 -3.13
CA ILE J 130 14.64 38.65 -3.61
C ILE J 130 14.23 39.79 -4.52
N ASP J 131 13.74 39.44 -5.71
CA ASP J 131 13.31 40.41 -6.70
C ASP J 131 11.95 41.03 -6.42
N GLU J 132 10.92 40.22 -6.22
CA GLU J 132 9.55 40.70 -6.42
C GLU J 132 8.78 40.67 -5.10
N PHE J 133 8.83 41.78 -4.37
CA PHE J 133 8.14 41.88 -3.09
C PHE J 133 6.71 42.35 -3.21
N GLN J 134 6.31 42.89 -4.35
CA GLN J 134 4.97 43.43 -4.52
C GLN J 134 3.93 42.35 -4.75
N HIS J 135 4.33 41.09 -4.80
CA HIS J 135 3.41 39.98 -5.02
C HIS J 135 2.68 39.54 -3.76
N LEU J 136 2.88 40.23 -2.64
CA LEU J 136 2.26 39.83 -1.40
C LEU J 136 1.05 40.67 -1.05
N VAL J 137 0.65 41.57 -1.92
CA VAL J 137 -0.58 42.33 -1.74
C VAL J 137 -1.67 41.68 -2.57
N GLU J 138 -2.90 41.73 -2.07
CA GLU J 138 -4.05 41.19 -2.78
C GLU J 138 -4.34 42.03 -4.01
N GLU J 139 -4.91 41.39 -5.05
CA GLU J 139 -5.31 42.12 -6.26
C GLU J 139 -6.40 43.15 -5.97
N ARG J 140 -7.57 42.68 -5.55
CA ARG J 140 -8.77 43.50 -5.58
C ARG J 140 -8.90 44.37 -4.33
N SER J 141 -8.26 43.98 -3.24
CA SER J 141 -8.21 44.80 -2.04
C SER J 141 -6.75 45.00 -1.65
N ASN J 142 -6.52 45.94 -0.75
CA ASN J 142 -5.17 46.19 -0.27
C ASN J 142 -4.88 45.55 1.08
N ARG J 143 -5.51 44.40 1.36
CA ARG J 143 -4.93 43.54 2.37
C ARG J 143 -3.60 43.03 1.86
N VAL J 144 -2.66 42.88 2.79
CA VAL J 144 -1.36 42.31 2.51
C VAL J 144 -1.22 41.07 3.38
N LEU J 145 -0.67 40.02 2.81
CA LEU J 145 -0.42 38.80 3.56
C LEU J 145 1.03 38.80 4.03
N THR J 146 1.23 38.60 5.32
CA THR J 146 2.58 38.51 5.86
C THR J 146 2.84 37.17 6.54
N GLN J 147 2.33 36.08 5.95
CA GLN J 147 2.85 34.77 6.31
C GLN J 147 4.31 34.66 5.89
N VAL J 148 4.59 35.05 4.64
CA VAL J 148 5.95 35.06 4.12
C VAL J 148 6.83 36.07 4.84
N GLY J 149 6.26 37.16 5.36
CA GLY J 149 7.07 38.11 6.08
C GLY J 149 7.55 37.58 7.42
N ASN J 150 6.66 36.96 8.18
CA ASN J 150 7.07 36.36 9.44
C ASN J 150 7.95 35.13 9.21
N TRP J 151 7.73 34.42 8.10
CA TRP J 151 8.62 33.32 7.76
C TRP J 151 10.01 33.82 7.40
N LEU J 152 10.08 34.95 6.71
CA LEU J 152 11.37 35.54 6.37
C LEU J 152 12.07 36.08 7.59
N LYS J 153 11.32 36.60 8.57
CA LYS J 153 11.93 36.97 9.84
C LYS J 153 12.47 35.74 10.56
N MET J 154 11.74 34.63 10.46
CA MET J 154 12.15 33.39 11.10
C MET J 154 13.44 32.86 10.50
N ILE J 155 13.54 32.86 9.18
CA ILE J 155 14.77 32.38 8.56
C ILE J 155 15.89 33.40 8.72
N LEU J 156 15.55 34.67 8.97
CA LEU J 156 16.57 35.66 9.24
C LEU J 156 17.18 35.46 10.63
N ASN J 157 16.34 35.21 11.62
CA ASN J 157 16.81 35.03 12.98
C ASN J 157 17.35 33.64 13.23
N LYS J 158 16.99 32.67 12.40
CA LYS J 158 17.52 31.31 12.54
C LYS J 158 18.98 31.26 12.12
N THR J 159 19.26 31.54 10.85
CA THR J 159 20.60 31.72 10.35
C THR J 159 20.77 33.16 9.87
N LYS J 160 21.95 33.72 10.15
CA LYS J 160 22.14 35.18 10.11
C LYS J 160 22.65 35.61 8.74
N CYS J 161 21.93 35.17 7.70
CA CYS J 161 22.31 35.50 6.33
C CYS J 161 21.67 36.82 5.93
N PRO J 162 22.42 37.73 5.32
CA PRO J 162 21.84 39.00 4.90
C PRO J 162 20.89 38.83 3.72
N ILE J 163 19.83 39.63 3.72
CA ILE J 163 18.77 39.57 2.72
C ILE J 163 18.60 40.95 2.09
N VAL J 164 18.56 40.97 0.76
CA VAL J 164 18.37 42.20 0.00
C VAL J 164 17.09 42.04 -0.81
N ILE J 165 16.08 42.82 -0.45
CA ILE J 165 14.78 42.74 -1.09
C ILE J 165 14.66 43.88 -2.10
N PHE J 166 14.30 43.53 -3.32
CA PHE J 166 13.91 44.51 -4.33
C PHE J 166 12.39 44.54 -4.39
N GLY J 167 11.83 45.53 -5.07
CA GLY J 167 10.39 45.57 -5.19
C GLY J 167 9.88 46.90 -5.66
N MET J 168 8.57 46.94 -5.88
CA MET J 168 7.87 48.11 -6.35
C MET J 168 7.79 49.16 -5.24
N PRO J 169 7.61 50.43 -5.59
CA PRO J 169 7.50 51.45 -4.54
C PRO J 169 6.23 51.39 -3.73
N TYR J 170 5.15 50.80 -4.27
CA TYR J 170 3.97 50.60 -3.45
C TYR J 170 4.05 49.37 -2.58
N SER J 171 5.13 48.59 -2.68
CA SER J 171 5.30 47.36 -1.92
C SER J 171 5.86 47.60 -0.53
N LYS J 172 6.00 48.87 -0.12
CA LYS J 172 6.62 49.14 1.16
C LYS J 172 5.60 49.13 2.29
N VAL J 173 4.32 49.24 1.96
CA VAL J 173 3.29 49.16 2.98
C VAL J 173 3.20 47.75 3.54
N VAL J 174 3.60 46.74 2.75
CA VAL J 174 3.82 45.39 3.26
C VAL J 174 4.82 45.41 4.40
N LEU J 175 5.92 46.16 4.23
CA LEU J 175 6.88 46.30 5.33
C LEU J 175 6.32 47.14 6.45
N GLN J 176 5.30 47.94 6.17
CA GLN J 176 4.59 48.66 7.21
C GLN J 176 3.62 47.78 7.96
N ALA J 177 3.39 46.56 7.49
CA ALA J 177 2.49 45.65 8.19
C ALA J 177 3.16 45.14 9.45
N ASN J 178 4.30 44.47 9.30
CA ASN J 178 5.06 43.93 10.43
C ASN J 178 6.08 44.96 10.86
N SER J 179 5.96 45.43 12.09
CA SER J 179 6.91 46.44 12.58
C SER J 179 8.27 45.84 12.87
N GLN J 180 8.33 44.54 13.17
CA GLN J 180 9.63 43.91 13.36
C GLN J 180 10.35 43.74 12.02
N LEU J 181 9.59 43.47 10.96
CA LEU J 181 10.15 43.52 9.62
C LEU J 181 10.58 44.93 9.27
N HIS J 182 9.84 45.93 9.73
CA HIS J 182 10.16 47.32 9.44
C HIS J 182 11.45 47.74 10.12
N GLY J 183 11.64 47.32 11.37
CA GLY J 183 12.87 47.64 12.07
C GLY J 183 14.05 46.80 11.64
N ARG J 184 13.80 45.58 11.19
CA ARG J 184 14.93 44.75 10.76
C ARG J 184 15.47 45.16 9.41
N PHE J 185 14.67 45.88 8.62
CA PHE J 185 15.11 46.38 7.31
C PHE J 185 15.34 47.88 7.48
N SER J 186 16.61 48.25 7.64
CA SER J 186 17.02 49.61 8.00
C SER J 186 17.30 50.47 6.78
N ILE J 187 18.04 49.92 5.81
CA ILE J 187 18.47 50.69 4.64
C ILE J 187 17.48 50.51 3.50
N GLN J 188 16.61 51.50 3.32
CA GLN J 188 15.76 51.65 2.14
C GLN J 188 16.24 52.79 1.28
N VAL J 189 16.28 52.56 -0.03
CA VAL J 189 16.85 53.50 -0.98
C VAL J 189 15.78 53.90 -1.99
N GLU J 190 16.16 54.73 -2.95
CA GLU J 190 15.25 55.31 -3.93
C GLU J 190 15.87 55.24 -5.32
N LEU J 191 15.46 54.25 -6.11
CA LEU J 191 15.89 54.14 -7.50
C LEU J 191 14.78 54.69 -8.40
N ARG J 192 14.66 56.01 -8.37
CA ARG J 192 13.67 56.71 -9.16
C ARG J 192 14.20 56.95 -10.56
N PRO J 193 13.31 57.20 -11.56
CA PRO J 193 13.80 57.44 -12.93
C PRO J 193 14.51 58.78 -13.10
N PHE J 194 14.88 59.08 -14.35
CA PHE J 194 15.65 60.26 -14.67
C PHE J 194 14.81 61.52 -14.46
N SER J 195 15.43 62.54 -13.86
CA SER J 195 14.64 63.62 -13.27
C SER J 195 14.24 64.67 -14.31
N TYR J 196 15.20 65.31 -14.96
CA TYR J 196 14.87 66.46 -15.79
C TYR J 196 15.56 66.39 -17.15
N GLN J 197 15.19 67.33 -18.01
CA GLN J 197 15.79 67.51 -19.33
C GLN J 197 16.68 68.76 -19.39
N GLY J 198 16.45 69.72 -18.50
CA GLY J 198 16.95 71.09 -18.58
C GLY J 198 18.42 71.37 -18.82
N GLY J 199 19.31 70.42 -18.60
CA GLY J 199 20.73 70.60 -18.85
C GLY J 199 21.58 70.30 -17.62
N ARG J 200 22.80 69.81 -17.93
CA ARG J 200 23.81 69.36 -16.95
C ARG J 200 23.26 68.29 -16.02
N GLY J 201 22.51 67.35 -16.56
CA GLY J 201 22.03 66.22 -15.80
C GLY J 201 22.95 65.01 -15.87
N VAL J 202 22.66 64.06 -14.98
CA VAL J 202 23.17 62.70 -15.08
C VAL J 202 22.67 62.03 -16.35
N PHE J 203 21.48 62.43 -16.80
CA PHE J 203 20.87 61.98 -18.06
C PHE J 203 21.81 62.21 -19.25
N LYS J 204 22.51 63.34 -19.29
CA LYS J 204 23.49 63.69 -20.32
C LYS J 204 24.59 62.65 -20.46
N THR J 205 25.32 62.44 -19.37
CA THR J 205 26.45 61.50 -19.35
C THR J 205 26.00 60.07 -19.57
N PHE J 206 24.84 59.70 -19.01
CA PHE J 206 24.23 58.41 -19.34
C PHE J 206 24.01 58.27 -20.84
N LEU J 207 23.52 59.34 -21.46
CA LEU J 207 23.12 59.30 -22.86
C LEU J 207 24.35 59.15 -23.76
N GLU J 208 25.42 59.88 -23.45
CA GLU J 208 26.59 59.76 -24.32
C GLU J 208 27.45 58.56 -23.99
N TYR J 209 27.38 58.02 -22.76
CA TYR J 209 27.98 56.71 -22.53
C TYR J 209 27.24 55.62 -23.29
N LEU J 210 25.91 55.72 -23.39
CA LEU J 210 25.16 54.84 -24.27
C LEU J 210 25.52 55.08 -25.73
N ASP J 211 25.87 56.32 -26.07
CA ASP J 211 26.22 56.64 -27.45
C ASP J 211 27.54 56.02 -27.84
N LYS J 212 28.53 56.06 -26.96
CA LYS J 212 29.77 55.36 -27.29
C LYS J 212 29.61 53.85 -27.14
N ALA J 213 28.63 53.40 -26.36
CA ALA J 213 28.36 51.97 -26.24
C ALA J 213 27.66 51.39 -27.45
N LEU J 214 27.10 52.21 -28.33
CA LEU J 214 26.33 51.73 -29.46
C LEU J 214 27.27 51.12 -30.52
N PRO J 215 26.78 50.17 -31.34
CA PRO J 215 27.64 49.52 -32.32
C PRO J 215 28.07 50.37 -33.52
N PHE J 216 27.67 51.64 -33.61
CA PHE J 216 28.06 52.43 -34.76
C PHE J 216 29.36 53.18 -34.45
N GLU J 217 30.33 53.05 -35.36
CA GLU J 217 31.74 53.23 -35.03
C GLU J 217 32.22 54.66 -35.24
N LYS J 218 31.33 55.60 -35.53
CA LYS J 218 31.79 56.98 -35.60
C LYS J 218 31.14 57.88 -34.55
N GLN J 219 29.82 57.88 -34.45
CA GLN J 219 29.02 58.76 -33.61
C GLN J 219 27.58 58.28 -33.77
N ALA J 220 26.81 58.38 -32.70
CA ALA J 220 25.40 58.05 -32.78
C ALA J 220 24.51 59.25 -33.02
N GLY J 221 25.06 60.47 -32.95
CA GLY J 221 24.28 61.68 -33.17
C GLY J 221 23.37 62.08 -32.04
N LEU J 222 23.29 61.27 -30.98
CA LEU J 222 22.36 61.48 -29.90
C LEU J 222 23.01 62.39 -28.85
N ALA J 223 22.26 62.63 -27.76
CA ALA J 223 22.63 63.56 -26.68
C ALA J 223 22.96 64.96 -27.20
N ASN J 224 22.09 65.48 -28.05
CA ASN J 224 22.30 66.78 -28.68
C ASN J 224 21.30 67.78 -28.13
N GLU J 225 21.18 68.91 -28.82
CA GLU J 225 20.51 70.08 -28.25
C GLU J 225 19.01 69.78 -28.32
N SER J 226 18.55 69.17 -29.41
CA SER J 226 17.13 68.92 -29.62
C SER J 226 16.75 67.46 -29.52
N LEU J 227 17.71 66.55 -29.54
CA LEU J 227 17.36 65.13 -29.55
C LEU J 227 16.91 64.65 -28.18
N GLN J 228 17.57 65.09 -27.10
CA GLN J 228 17.13 64.71 -25.77
C GLN J 228 15.79 65.34 -25.42
N LYS J 229 15.41 66.43 -26.10
CA LYS J 229 14.08 67.00 -25.93
C LYS J 229 13.00 66.01 -26.33
N LYS J 230 13.08 65.47 -27.55
CA LYS J 230 12.09 64.49 -27.98
C LYS J 230 12.29 63.14 -27.33
N LEU J 231 13.50 62.84 -26.84
CA LEU J 231 13.72 61.62 -26.09
C LEU J 231 13.00 61.65 -24.75
N TYR J 232 13.17 62.73 -24.00
CA TYR J 232 12.44 62.90 -22.75
C TYR J 232 10.96 63.17 -23.00
N ALA J 233 10.61 63.62 -24.20
CA ALA J 233 9.19 63.68 -24.56
C ALA J 233 8.60 62.30 -24.76
N PHE J 234 9.41 61.36 -25.26
CA PHE J 234 8.89 60.01 -25.49
C PHE J 234 8.80 59.22 -24.20
N SER J 235 9.95 58.98 -23.55
CA SER J 235 10.00 58.28 -22.28
C SER J 235 9.97 59.32 -21.17
N GLN J 236 9.19 59.05 -20.13
CA GLN J 236 9.05 60.00 -19.03
C GLN J 236 10.37 60.19 -18.30
N GLY J 237 10.83 59.16 -17.64
CA GLY J 237 12.22 59.03 -17.22
C GLY J 237 12.53 57.58 -17.43
N ASN J 238 11.62 56.95 -18.16
CA ASN J 238 11.40 55.51 -18.13
C ASN J 238 12.53 54.82 -18.88
N MET J 239 13.38 54.12 -18.13
CA MET J 239 14.59 53.52 -18.67
C MET J 239 14.29 52.43 -19.69
N ARG J 240 13.27 51.61 -19.40
CA ARG J 240 12.94 50.47 -20.26
C ARG J 240 12.45 50.94 -21.63
N SER J 241 11.54 51.92 -21.65
CA SER J 241 11.02 52.40 -22.93
C SER J 241 12.04 53.21 -23.70
N LEU J 242 12.90 53.97 -23.02
CA LEU J 242 13.95 54.72 -23.70
C LEU J 242 14.93 53.76 -24.37
N ARG J 243 15.42 52.78 -23.61
CA ARG J 243 16.33 51.78 -24.15
C ARG J 243 15.65 50.93 -25.22
N ASN J 244 14.36 50.66 -25.08
CA ASN J 244 13.63 49.86 -26.05
C ASN J 244 13.51 50.57 -27.38
N LEU J 245 13.14 51.86 -27.35
CA LEU J 245 13.03 52.65 -28.56
C LEU J 245 14.40 52.85 -29.21
N ILE J 246 15.44 53.03 -28.40
CA ILE J 246 16.80 53.19 -28.91
C ILE J 246 17.26 51.90 -29.61
N TYR J 247 16.95 50.74 -29.03
CA TYR J 247 17.31 49.47 -29.64
C TYR J 247 16.50 49.21 -30.91
N GLN J 248 15.24 49.63 -30.91
CA GLN J 248 14.39 49.42 -32.08
C GLN J 248 14.78 50.36 -33.22
N ALA J 249 15.41 51.49 -32.91
CA ALA J 249 16.02 52.30 -33.96
C ALA J 249 17.32 51.70 -34.46
N SER J 250 18.13 51.13 -33.54
CA SER J 250 19.44 50.62 -33.92
C SER J 250 19.32 49.40 -34.83
N ILE J 251 18.34 48.54 -34.57
CA ILE J 251 18.08 47.42 -35.48
C ILE J 251 17.59 47.91 -36.85
N GLU J 252 16.83 48.99 -36.89
CA GLU J 252 16.31 49.48 -38.16
C GLU J 252 17.43 50.08 -38.99
N ALA J 253 18.39 50.72 -38.32
CA ALA J 253 19.56 51.24 -39.00
C ALA J 253 20.48 50.13 -39.49
N ILE J 254 20.54 48.99 -38.78
CA ILE J 254 21.46 47.96 -39.25
C ILE J 254 20.74 46.97 -40.18
N ASP J 255 19.42 47.12 -40.36
CA ASP J 255 18.71 46.31 -41.34
C ASP J 255 19.15 46.64 -42.77
N ASN J 256 19.40 47.91 -43.06
CA ASN J 256 19.81 48.33 -44.39
C ASN J 256 21.11 49.11 -44.32
N GLN J 257 21.46 49.76 -45.44
CA GLN J 257 22.57 50.71 -45.44
C GLN J 257 22.23 51.97 -44.65
N HIS J 258 22.80 52.11 -43.47
CA HIS J 258 22.68 53.33 -42.67
C HIS J 258 23.96 53.46 -41.85
N GLU J 259 24.44 54.70 -41.73
CA GLU J 259 25.71 54.93 -41.06
C GLU J 259 25.54 55.32 -39.59
N THR J 260 24.39 55.86 -39.23
CA THR J 260 24.07 56.19 -37.83
C THR J 260 22.54 56.19 -37.71
N ILE J 261 22.03 56.21 -36.48
CA ILE J 261 20.60 56.43 -36.26
C ILE J 261 20.26 57.84 -36.73
N THR J 262 19.25 57.96 -37.60
CA THR J 262 18.97 59.24 -38.24
C THR J 262 17.45 59.44 -38.32
N GLU J 263 17.03 60.41 -39.13
CA GLU J 263 15.69 61.00 -39.03
C GLU J 263 14.71 60.37 -40.01
N GLU J 264 14.87 59.07 -40.25
CA GLU J 264 13.91 58.38 -41.11
C GLU J 264 13.50 57.05 -40.48
N ASP J 265 14.36 56.56 -39.58
CA ASP J 265 14.23 55.21 -39.03
C ASP J 265 13.95 55.28 -37.53
N PHE J 266 14.37 56.37 -36.90
CA PHE J 266 14.03 56.67 -35.52
C PHE J 266 12.55 56.96 -35.40
N VAL J 267 11.95 57.55 -36.44
CA VAL J 267 10.50 57.74 -36.50
C VAL J 267 9.73 56.43 -36.51
N PHE J 268 10.13 55.45 -37.31
CA PHE J 268 9.44 54.16 -37.34
C PHE J 268 9.58 53.42 -36.01
N ALA J 269 10.70 53.65 -35.32
CA ALA J 269 10.86 53.19 -33.95
C ALA J 269 9.90 53.89 -32.99
N SER J 270 9.57 55.16 -33.25
CA SER J 270 8.53 55.79 -32.45
C SER J 270 7.15 55.25 -32.80
N LYS J 271 6.94 54.87 -34.07
CA LYS J 271 5.71 54.23 -34.52
C LYS J 271 5.46 52.90 -33.83
N LEU J 272 6.50 52.09 -33.59
CA LEU J 272 6.29 50.78 -32.97
C LEU J 272 6.01 50.88 -31.47
N THR J 273 6.91 51.48 -30.70
CA THR J 273 6.89 51.34 -29.25
C THR J 273 6.11 52.47 -28.58
N SER J 274 5.06 52.95 -29.24
CA SER J 274 4.17 53.95 -28.67
C SER J 274 2.93 53.33 -28.06
N GLY J 275 2.89 52.01 -27.94
CA GLY J 275 1.70 51.31 -27.49
C GLY J 275 1.43 51.39 -26.00
N ASP J 276 2.49 51.27 -25.18
CA ASP J 276 2.30 51.23 -23.73
C ASP J 276 1.98 52.59 -23.14
N LYS J 277 2.16 53.66 -23.91
CA LYS J 277 2.02 55.00 -23.38
C LYS J 277 0.54 55.34 -23.20
N PRO J 278 0.22 56.25 -22.26
CA PRO J 278 -1.18 56.63 -22.07
C PRO J 278 -1.72 57.44 -23.24
N ASN J 279 -3.03 57.71 -23.16
CA ASN J 279 -3.71 58.45 -24.23
C ASN J 279 -3.33 59.93 -24.20
N SER J 280 -3.21 60.51 -23.01
CA SER J 280 -2.86 61.92 -22.89
C SER J 280 -1.37 62.19 -23.11
N TRP J 281 -0.54 61.16 -23.10
CA TRP J 281 0.85 61.30 -23.50
C TRP J 281 0.92 61.68 -24.97
N LYS J 282 1.80 62.62 -25.30
CA LYS J 282 1.86 63.10 -26.67
C LYS J 282 3.01 62.47 -27.45
N ASN J 283 2.69 62.04 -28.67
CA ASN J 283 3.42 61.37 -29.73
C ASN J 283 4.16 62.43 -30.56
N PRO J 284 5.48 62.59 -30.38
CA PRO J 284 6.14 63.82 -30.84
C PRO J 284 6.98 63.80 -32.13
N PHE J 285 7.02 62.73 -32.91
CA PHE J 285 8.12 62.60 -33.87
C PHE J 285 7.74 62.78 -35.34
N GLU J 286 6.48 62.57 -35.73
CA GLU J 286 6.23 62.31 -37.15
C GLU J 286 6.26 63.58 -37.99
N GLU J 287 5.33 64.52 -37.78
CA GLU J 287 5.19 65.56 -38.79
C GLU J 287 5.47 66.97 -38.28
N GLY J 288 4.92 67.39 -37.14
CA GLY J 288 5.07 68.77 -36.74
C GLY J 288 5.04 69.02 -35.25
N VAL J 289 5.18 67.98 -34.43
CA VAL J 289 4.90 68.11 -33.00
C VAL J 289 6.13 68.71 -32.33
N GLU J 290 6.10 70.02 -32.13
CA GLU J 290 7.01 70.70 -31.21
C GLU J 290 6.55 70.54 -29.76
N VAL J 291 7.53 70.42 -28.86
CA VAL J 291 7.28 69.93 -27.50
C VAL J 291 7.33 71.12 -26.54
N THR J 292 6.26 71.30 -25.77
CA THR J 292 6.17 72.39 -24.82
C THR J 292 7.09 72.14 -23.64
N GLU J 293 7.25 73.13 -22.75
CA GLU J 293 8.20 72.97 -21.65
C GLU J 293 7.56 72.14 -20.54
N ASP J 294 6.23 72.20 -20.41
CA ASP J 294 5.56 71.45 -19.34
C ASP J 294 5.58 69.95 -19.58
N MET J 295 5.99 69.48 -20.77
CA MET J 295 5.89 68.06 -21.02
C MET J 295 7.22 67.37 -20.72
N LEU J 296 8.26 68.14 -20.42
CA LEU J 296 9.52 67.60 -19.90
C LEU J 296 9.56 67.70 -18.37
N ARG J 297 8.41 67.70 -17.74
CA ARG J 297 8.25 67.94 -16.31
C ARG J 297 8.72 66.69 -15.58
N PRO J 298 9.32 66.84 -14.39
CA PRO J 298 9.91 65.69 -13.71
C PRO J 298 8.87 64.70 -13.26
N PRO J 299 9.24 63.43 -13.07
CA PRO J 299 8.25 62.42 -12.71
C PRO J 299 7.77 62.62 -11.28
N PRO J 300 6.52 62.27 -10.97
CA PRO J 300 6.00 62.53 -9.64
C PRO J 300 6.51 61.50 -8.63
N LYS J 301 6.05 61.65 -7.39
CA LYS J 301 6.47 60.75 -6.31
C LYS J 301 5.73 59.42 -6.39
N ASP J 302 4.44 59.45 -6.75
CA ASP J 302 3.66 58.22 -6.93
C ASP J 302 3.80 57.72 -8.37
N ILE J 303 5.05 57.44 -8.74
CA ILE J 303 5.38 56.96 -10.08
C ILE J 303 5.49 55.44 -10.08
N GLY J 304 5.73 54.85 -8.93
CA GLY J 304 5.61 53.41 -8.79
C GLY J 304 4.43 53.05 -7.91
N TRP J 305 3.37 53.87 -7.97
CA TRP J 305 2.24 53.68 -7.08
C TRP J 305 0.91 53.59 -7.82
N GLU J 306 0.90 53.62 -9.16
CA GLU J 306 -0.37 53.57 -9.87
C GLU J 306 -0.90 52.15 -10.02
N ASP J 307 -0.31 51.17 -9.35
CA ASP J 307 -0.98 49.89 -9.18
C ASP J 307 -1.88 49.89 -7.95
N TYR J 308 -2.04 51.03 -7.28
CA TYR J 308 -2.57 51.05 -5.93
C TYR J 308 -3.72 52.03 -5.70
N LEU J 309 -4.05 52.90 -6.66
CA LEU J 309 -5.02 53.94 -6.31
C LEU J 309 -6.44 53.39 -6.33
N ARG J 310 -6.72 52.48 -7.28
CA ARG J 310 -8.09 52.15 -7.66
C ARG J 310 -8.84 51.42 -6.57
N HIS J 311 -8.16 50.60 -5.79
CA HIS J 311 -8.80 49.93 -4.67
C HIS J 311 -8.30 50.52 -3.34
N THR K 1 40.95 46.72 7.53
CA THR K 1 39.65 46.45 8.13
C THR K 1 39.79 45.88 9.54
N ARG K 2 40.54 44.78 9.63
CA ARG K 2 40.83 44.06 10.88
C ARG K 2 39.53 43.61 11.55
N GLU K 3 38.91 42.62 10.91
CA GLU K 3 37.58 42.08 11.21
C GLU K 3 37.36 41.72 12.68
N ALA K 4 38.43 41.48 13.45
CA ALA K 4 38.31 41.37 14.89
C ALA K 4 37.73 42.62 15.50
N ARG K 5 38.16 43.80 15.04
CA ARG K 5 37.60 45.05 15.56
C ARG K 5 36.16 45.23 15.12
N ILE K 6 35.78 44.70 13.96
CA ILE K 6 34.41 44.85 13.48
C ILE K 6 33.46 43.98 14.30
N SER K 7 33.81 42.70 14.48
CA SER K 7 32.98 41.81 15.28
C SER K 7 32.99 42.21 16.76
N ARG K 8 34.13 42.69 17.25
CA ARG K 8 34.24 43.19 18.61
C ARG K 8 33.54 44.54 18.79
N ALA K 9 33.28 45.26 17.70
CA ALA K 9 32.45 46.45 17.79
C ALA K 9 30.97 46.13 17.69
N LYS K 10 30.62 45.06 16.97
CA LYS K 10 29.21 44.66 16.87
C LYS K 10 28.75 43.95 18.14
N ARG K 11 29.48 42.93 18.57
CA ARG K 11 29.16 42.20 19.79
C ARG K 11 29.65 43.00 20.99
N ALA K 12 28.83 43.96 21.41
CA ALA K 12 29.05 44.68 22.65
C ALA K 12 27.74 44.74 23.42
N PHE K 13 27.82 44.58 24.73
CA PHE K 13 26.64 44.44 25.58
C PHE K 13 26.77 45.38 26.78
N VAL K 14 25.72 46.16 27.02
CA VAL K 14 25.64 47.05 28.17
C VAL K 14 24.48 46.57 29.04
N SER K 15 24.76 46.31 30.30
CA SER K 15 23.75 45.77 31.22
C SER K 15 23.06 46.93 31.93
N THR K 16 21.95 47.38 31.35
CA THR K 16 21.06 48.30 32.03
C THR K 16 20.37 47.54 33.17
N PRO K 17 19.94 48.23 34.25
CA PRO K 17 19.41 47.51 35.42
C PRO K 17 18.15 46.69 35.17
N SER K 18 17.38 47.01 34.13
CA SER K 18 16.21 46.19 33.81
C SER K 18 16.63 44.82 33.30
N VAL K 19 17.74 44.75 32.56
CA VAL K 19 18.23 43.47 32.05
C VAL K 19 18.70 42.57 33.18
N ARG K 20 19.52 43.10 34.09
CA ARG K 20 19.96 42.30 35.23
C ARG K 20 18.84 41.98 36.18
N LYS K 21 17.82 42.86 36.27
CA LYS K 21 16.58 42.52 36.97
C LYS K 21 15.92 41.29 36.37
N ILE K 22 15.86 41.24 35.02
CA ILE K 22 15.29 40.09 34.32
C ILE K 22 16.10 38.83 34.62
N LEU K 23 17.42 38.88 34.40
CA LEU K 23 18.24 37.67 34.53
C LEU K 23 18.29 37.15 35.95
N SER K 24 18.21 38.06 36.93
CA SER K 24 18.02 37.67 38.31
C SER K 24 16.70 36.94 38.51
N TYR K 25 15.63 37.46 37.89
CA TYR K 25 14.34 36.78 37.98
C TYR K 25 14.35 35.42 37.29
N MET K 26 15.12 35.25 36.21
CA MET K 26 15.09 33.92 35.61
C MET K 26 15.96 32.91 36.35
N ASP K 27 17.04 33.33 37.01
CA ASP K 27 17.70 32.38 37.91
C ASP K 27 16.85 32.06 39.13
N ARG K 28 16.12 33.07 39.61
CA ARG K 28 15.10 32.89 40.64
C ARG K 28 14.07 31.86 40.20
N CYS K 29 13.63 31.94 38.96
CA CYS K 29 12.67 31.00 38.41
C CYS K 29 13.27 29.61 38.19
N ARG K 30 14.56 29.55 37.82
CA ARG K 30 15.23 28.29 37.56
C ARG K 30 15.41 27.48 38.83
N ASP K 31 16.17 27.99 39.81
CA ASP K 31 16.23 27.24 41.05
C ASP K 31 15.31 27.79 42.13
N LEU K 32 14.13 28.27 41.76
CA LEU K 32 13.02 28.30 42.68
C LEU K 32 12.02 27.20 42.38
N SER K 33 11.79 26.92 41.09
CA SER K 33 10.98 25.79 40.69
C SER K 33 11.74 24.53 41.07
N ASP K 34 11.12 23.70 41.89
CA ASP K 34 11.77 22.57 42.52
C ASP K 34 11.62 21.29 41.73
N LEU K 35 10.84 21.31 40.65
CA LEU K 35 10.46 20.16 39.81
C LEU K 35 9.75 19.06 40.58
N GLU K 36 9.19 19.39 41.74
CA GLU K 36 8.26 18.53 42.45
C GLU K 36 6.84 19.04 42.33
N SER K 37 6.63 20.33 42.58
CA SER K 37 5.36 21.01 42.67
C SER K 37 5.25 22.13 41.64
N GLU K 38 4.24 22.97 41.82
CA GLU K 38 3.75 23.88 40.78
C GLU K 38 4.77 24.97 40.49
N PRO K 39 5.13 25.22 39.23
CA PRO K 39 6.18 26.23 38.94
C PRO K 39 5.69 27.67 39.01
N THR K 40 6.55 28.61 38.62
CA THR K 40 6.32 30.03 38.82
C THR K 40 5.88 30.77 37.56
N CYS K 41 6.46 30.42 36.41
CA CYS K 41 5.97 30.76 35.06
C CYS K 41 5.93 32.28 34.82
N MET K 42 7.13 32.86 34.71
CA MET K 42 7.30 34.27 34.42
C MET K 42 6.91 34.59 32.98
N MET K 43 6.49 35.84 32.76
CA MET K 43 6.22 36.39 31.44
C MET K 43 6.98 37.70 31.26
N VAL K 44 7.63 37.88 30.10
CA VAL K 44 8.46 39.05 29.82
C VAL K 44 7.89 39.75 28.60
N TYR K 45 7.74 41.08 28.67
CA TYR K 45 7.31 41.82 27.51
C TYR K 45 8.44 42.68 26.95
N GLY K 46 8.09 43.50 25.96
CA GLY K 46 9.04 44.40 25.33
C GLY K 46 8.73 44.61 23.87
N ALA K 47 8.92 45.83 23.38
CA ALA K 47 8.56 46.20 22.02
C ALA K 47 9.60 45.66 21.03
N SER K 48 9.55 46.16 19.80
CA SER K 48 10.47 45.70 18.77
C SER K 48 11.84 46.31 19.00
N GLY K 49 12.87 45.48 19.02
CA GLY K 49 14.22 45.97 19.12
C GLY K 49 14.60 46.54 20.47
N VAL K 50 14.10 45.98 21.56
CA VAL K 50 14.46 46.44 22.90
C VAL K 50 15.48 45.53 23.57
N GLY K 51 16.05 44.59 22.84
CA GLY K 51 17.13 43.77 23.35
C GLY K 51 16.73 42.44 23.93
N LYS K 52 15.62 41.85 23.49
CA LYS K 52 15.13 40.63 24.11
C LYS K 52 16.01 39.43 23.78
N THR K 53 16.28 39.21 22.49
CA THR K 53 17.09 38.07 22.07
C THR K 53 18.49 38.13 22.63
N THR K 54 19.04 39.34 22.74
CA THR K 54 20.34 39.53 23.37
C THR K 54 20.30 39.13 24.83
N VAL K 55 19.20 39.42 25.52
CA VAL K 55 19.03 39.02 26.91
C VAL K 55 19.03 37.51 27.04
N ILE K 56 18.30 36.79 26.16
CA ILE K 56 18.25 35.35 26.38
C ILE K 56 19.57 34.71 25.96
N LYS K 57 20.26 35.25 24.93
CA LYS K 57 21.56 34.70 24.59
C LYS K 57 22.62 34.95 25.67
N LYS K 58 22.58 36.12 26.31
CA LYS K 58 23.31 36.33 27.57
C LYS K 58 22.97 35.27 28.58
N TYR K 59 21.68 34.93 28.70
CA TYR K 59 21.26 33.98 29.70
C TYR K 59 21.73 32.56 29.41
N LEU K 60 21.66 32.11 28.16
CA LEU K 60 22.12 30.75 27.88
C LEU K 60 23.64 30.67 27.89
N ASN K 61 24.34 31.79 27.62
CA ASN K 61 25.77 31.85 27.92
C ASN K 61 26.04 31.60 29.39
N GLN K 62 25.56 32.49 30.25
CA GLN K 62 25.88 32.48 31.67
C GLN K 62 25.22 31.33 32.42
N ALA K 63 24.31 30.60 31.81
CA ALA K 63 23.64 29.49 32.46
C ALA K 63 23.98 28.13 31.87
N ALA K 64 24.50 28.05 30.64
CA ALA K 64 24.60 26.77 29.98
C ALA K 64 25.89 26.60 29.19
N ALA K 65 26.86 27.53 29.31
CA ALA K 65 28.13 27.37 28.60
C ALA K 65 28.89 26.13 29.08
N ALA K 66 29.13 26.03 30.38
CA ALA K 66 29.88 24.90 30.92
C ALA K 66 29.09 23.59 30.86
N ALA K 67 27.76 23.65 31.01
CA ALA K 67 26.99 22.41 30.98
C ALA K 67 26.76 21.90 29.56
N ALA K 68 26.79 22.79 28.56
CA ALA K 68 26.79 22.33 27.18
C ALA K 68 28.17 21.88 26.73
N ALA K 69 29.25 22.44 27.32
CA ALA K 69 30.58 21.92 27.05
C ALA K 69 30.86 20.59 27.76
N GLY K 70 30.13 20.31 28.84
CA GLY K 70 30.37 19.07 29.56
C GLY K 70 29.78 17.85 28.87
N GLY K 71 28.50 17.92 28.53
CA GLY K 71 27.84 16.79 27.90
C GLY K 71 26.45 17.15 27.42
N ASP K 72 25.73 16.14 26.97
CA ASP K 72 24.39 16.33 26.42
C ASP K 72 23.47 16.32 27.64
N ILE K 73 23.28 17.51 28.22
CA ILE K 73 22.30 17.73 29.26
C ILE K 73 21.19 18.65 28.80
N ILE K 74 21.56 19.76 28.16
CA ILE K 74 20.72 20.88 27.71
C ILE K 74 19.69 21.30 28.78
N PRO K 75 20.15 21.97 29.84
CA PRO K 75 19.24 22.33 30.94
C PRO K 75 18.26 23.44 30.57
N VAL K 76 18.74 24.49 29.91
CA VAL K 76 17.87 25.57 29.44
C VAL K 76 17.67 25.41 27.94
N LEU K 77 16.49 25.78 27.46
CA LEU K 77 16.10 25.64 26.06
C LEU K 77 15.62 26.97 25.50
N HIS K 78 15.72 27.11 24.17
CA HIS K 78 15.35 28.35 23.49
C HIS K 78 14.48 28.04 22.28
N ILE K 79 13.28 28.62 22.28
CA ILE K 79 12.22 28.30 21.33
C ILE K 79 11.64 29.60 20.80
N GLU K 80 11.37 29.64 19.49
CA GLU K 80 10.52 30.67 18.91
C GLU K 80 9.28 29.95 18.39
N LEU K 81 8.12 30.54 18.60
CA LEU K 81 6.92 29.97 17.98
C LEU K 81 6.81 30.42 16.54
N PRO K 82 6.68 29.50 15.60
CA PRO K 82 6.41 29.88 14.21
C PRO K 82 5.03 30.49 14.06
N ASP K 83 4.84 31.17 12.93
CA ASP K 83 3.68 32.02 12.77
C ASP K 83 2.41 31.19 12.57
N ASN K 84 1.34 31.60 13.26
CA ASN K 84 0.05 30.91 13.30
C ASN K 84 0.24 29.46 13.70
N ALA K 85 0.82 29.28 14.88
CA ALA K 85 1.34 28.00 15.31
C ALA K 85 0.22 27.01 15.60
N LYS K 86 0.25 25.89 14.90
CA LYS K 86 -0.60 24.78 15.26
C LYS K 86 0.01 24.16 16.52
N PRO K 87 -0.77 23.51 17.38
CA PRO K 87 -0.18 22.91 18.58
C PRO K 87 0.81 21.81 18.25
N VAL K 88 0.54 21.01 17.22
CA VAL K 88 1.52 20.03 16.77
C VAL K 88 2.70 20.72 16.11
N ASP K 89 2.47 21.88 15.48
CA ASP K 89 3.56 22.61 14.83
C ASP K 89 4.57 23.16 15.85
N ALA K 90 4.08 23.80 16.92
CA ALA K 90 4.99 24.28 17.95
C ALA K 90 5.61 23.13 18.73
N ALA K 91 4.84 22.07 18.98
CA ALA K 91 5.35 20.95 19.76
C ALA K 91 6.46 20.22 19.03
N ARG K 92 6.34 20.04 17.71
CA ARG K 92 7.36 19.29 17.00
C ARG K 92 8.65 20.08 16.87
N GLU K 93 8.59 21.41 16.75
CA GLU K 93 9.82 22.17 16.67
C GLU K 93 10.49 22.30 18.03
N LEU K 94 9.67 22.37 19.09
CA LEU K 94 10.21 22.33 20.45
C LEU K 94 10.83 20.97 20.74
N LEU K 95 10.35 19.92 20.07
CA LEU K 95 10.91 18.59 20.23
C LEU K 95 12.20 18.37 19.43
N VAL K 96 12.28 18.83 18.18
CA VAL K 96 13.50 18.58 17.41
C VAL K 96 14.62 19.48 17.92
N GLU K 97 14.26 20.60 18.58
CA GLU K 97 15.26 21.46 19.21
C GLU K 97 16.04 20.71 20.28
N MET K 98 15.37 20.20 21.29
CA MET K 98 16.06 19.52 22.37
C MET K 98 16.42 18.09 21.99
N GLY K 99 17.45 17.56 22.63
CA GLY K 99 17.95 16.23 22.39
C GLY K 99 18.52 16.10 20.99
N ASP K 100 18.63 14.84 20.53
CA ASP K 100 19.03 14.53 19.17
C ASP K 100 17.98 13.64 18.48
N PRO K 101 16.72 14.12 18.34
CA PRO K 101 15.68 13.21 17.84
C PRO K 101 15.42 13.32 16.33
N LEU K 102 14.63 12.39 15.81
CA LEU K 102 14.19 12.49 14.41
C LEU K 102 12.88 13.26 14.35
N ALA K 103 11.86 12.79 15.07
CA ALA K 103 10.89 13.62 15.81
C ALA K 103 9.83 14.40 15.05
N LEU K 104 9.86 14.43 13.72
CA LEU K 104 8.89 15.29 13.06
C LEU K 104 8.31 14.71 11.78
N TYR K 105 8.61 13.46 11.47
CA TYR K 105 8.02 12.82 10.30
C TYR K 105 6.65 12.27 10.64
N GLU K 106 6.41 12.02 11.92
CA GLU K 106 5.07 11.84 12.45
C GLU K 106 4.58 13.13 13.09
N THR K 107 3.33 13.48 12.79
CA THR K 107 2.65 14.67 13.28
C THR K 107 1.33 14.15 13.81
N ASP K 108 1.34 13.67 15.06
CA ASP K 108 0.16 13.04 15.63
C ASP K 108 -0.32 13.71 16.90
N LEU K 109 0.52 14.48 17.58
CA LEU K 109 0.20 15.45 18.63
C LEU K 109 -0.22 14.81 19.94
N ALA K 110 -0.41 13.49 19.98
CA ALA K 110 -0.52 12.75 21.22
C ALA K 110 0.71 11.94 21.53
N ARG K 111 1.28 11.27 20.53
CA ARG K 111 2.48 10.47 20.75
C ARG K 111 3.75 11.30 20.78
N LEU K 112 3.76 12.47 20.13
CA LEU K 112 4.93 13.31 20.31
C LEU K 112 4.88 14.03 21.64
N THR K 113 3.68 14.25 22.18
CA THR K 113 3.58 14.70 23.57
C THR K 113 4.09 13.64 24.52
N LYS K 114 3.79 12.37 24.24
CA LYS K 114 4.35 11.24 24.95
C LYS K 114 5.87 11.26 24.93
N ARG K 115 6.46 11.40 23.74
CA ARG K 115 7.92 11.45 23.65
C ARG K 115 8.51 12.67 24.34
N LEU K 116 7.83 13.82 24.28
CA LEU K 116 8.41 15.00 24.88
C LEU K 116 8.28 14.98 26.39
N THR K 117 7.20 14.38 26.93
CA THR K 117 7.09 14.29 28.37
C THR K 117 7.91 13.15 28.94
N GLU K 118 8.39 12.20 28.13
CA GLU K 118 9.35 11.27 28.71
C GLU K 118 10.77 11.80 28.56
N LEU K 119 11.00 12.69 27.59
CA LEU K 119 12.34 13.22 27.40
C LEU K 119 12.66 14.42 28.28
N ILE K 120 11.66 15.21 28.66
CA ILE K 120 11.87 16.36 29.54
C ILE K 120 12.37 16.01 30.95
N PRO K 121 12.13 14.80 31.51
CA PRO K 121 12.98 14.40 32.66
C PRO K 121 14.21 13.61 32.27
N ALA K 122 14.29 13.10 31.04
CA ALA K 122 15.39 12.20 30.67
C ALA K 122 16.69 12.97 30.52
N VAL K 123 16.64 14.14 29.87
CA VAL K 123 17.84 14.97 29.75
C VAL K 123 17.95 15.98 30.88
N GLY K 124 16.89 16.17 31.67
CA GLY K 124 16.96 17.07 32.80
C GLY K 124 16.83 18.53 32.40
N VAL K 125 15.71 18.87 31.79
CA VAL K 125 15.45 20.25 31.40
C VAL K 125 15.18 21.08 32.65
N LYS K 126 15.96 22.13 32.84
CA LYS K 126 15.73 23.02 33.97
C LYS K 126 14.79 24.16 33.65
N LEU K 127 14.69 24.56 32.39
CA LEU K 127 13.92 25.74 32.01
C LEU K 127 13.62 25.69 30.52
N ILE K 128 12.39 26.06 30.16
CA ILE K 128 11.99 26.28 28.79
C ILE K 128 11.61 27.74 28.58
N ILE K 129 12.16 28.34 27.52
CA ILE K 129 12.03 29.77 27.21
C ILE K 129 11.46 29.89 25.81
N ILE K 130 10.41 30.69 25.65
CA ILE K 130 9.79 30.92 24.36
C ILE K 130 9.94 32.38 23.99
N ASP K 131 10.44 32.65 22.78
CA ASP K 131 10.66 34.00 22.30
C ASP K 131 9.39 34.70 21.83
N GLU K 132 8.63 34.10 20.92
CA GLU K 132 7.71 34.87 20.08
C GLU K 132 6.27 34.44 20.38
N PHE K 133 5.64 35.14 21.32
CA PHE K 133 4.27 34.84 21.69
C PHE K 133 3.24 35.58 20.86
N GLN K 134 3.65 36.61 20.13
CA GLN K 134 2.71 37.41 19.36
C GLN K 134 2.28 36.74 18.06
N HIS K 135 2.80 35.56 17.77
CA HIS K 135 2.45 34.84 16.56
C HIS K 135 1.14 34.08 16.66
N LEU K 136 0.43 34.20 17.77
CA LEU K 136 -0.81 33.45 17.95
C LEU K 136 -2.04 34.29 17.71
N VAL K 137 -1.87 35.53 17.29
CA VAL K 137 -3.00 36.36 16.90
C VAL K 137 -3.12 36.32 15.38
N GLU K 138 -4.36 36.42 14.89
CA GLU K 138 -4.63 36.43 13.47
C GLU K 138 -4.13 37.75 12.86
N GLU K 139 -3.73 37.70 11.59
CA GLU K 139 -3.32 38.92 10.88
C GLU K 139 -4.44 39.93 10.76
N ARG K 140 -5.50 39.57 10.03
CA ARG K 140 -6.48 40.53 9.57
C ARG K 140 -7.54 40.84 10.62
N SER K 141 -7.78 39.92 11.55
CA SER K 141 -8.67 40.16 12.66
C SER K 141 -7.91 39.89 13.96
N ASN K 142 -8.50 40.33 15.07
CA ASN K 142 -7.88 40.10 16.37
C ASN K 142 -8.49 38.94 17.11
N ARG K 143 -8.96 37.92 16.40
CA ARG K 143 -9.10 36.62 17.03
C ARG K 143 -7.72 36.12 17.40
N VAL K 144 -7.65 35.42 18.52
CA VAL K 144 -6.43 34.78 18.97
C VAL K 144 -6.74 33.29 19.08
N LEU K 145 -5.79 32.48 18.67
CA LEU K 145 -5.93 31.03 18.78
C LEU K 145 -5.21 30.57 20.03
N THR K 146 -5.91 29.83 20.87
CA THR K 146 -5.29 29.27 22.07
C THR K 146 -5.35 27.75 22.09
N GLN K 147 -5.15 27.12 20.94
CA GLN K 147 -4.82 25.70 20.96
C GLN K 147 -3.48 25.49 21.62
N VAL K 148 -2.49 26.29 21.21
CA VAL K 148 -1.16 26.25 21.80
C VAL K 148 -1.16 26.69 23.25
N GLY K 149 -2.09 27.56 23.65
CA GLY K 149 -2.15 27.97 25.04
C GLY K 149 -2.62 26.87 25.96
N ASN K 150 -3.69 26.17 25.57
CA ASN K 150 -4.15 25.05 26.37
C ASN K 150 -3.17 23.88 26.30
N TRP K 151 -2.48 23.73 25.17
CA TRP K 151 -1.45 22.71 25.08
C TRP K 151 -0.27 23.04 25.99
N LEU K 152 0.08 24.32 26.10
CA LEU K 152 1.15 24.73 26.99
C LEU K 152 0.75 24.58 28.45
N LYS K 153 -0.54 24.80 28.77
CA LYS K 153 -1.02 24.50 30.12
C LYS K 153 -0.93 23.01 30.39
N MET K 154 -1.22 22.20 29.38
CA MET K 154 -1.17 20.75 29.52
C MET K 154 0.25 20.26 29.79
N ILE K 155 1.23 20.79 29.05
CA ILE K 155 2.60 20.37 29.28
C ILE K 155 3.14 21.00 30.56
N LEU K 156 2.53 22.10 31.01
CA LEU K 156 2.93 22.69 32.28
C LEU K 156 2.46 21.84 33.46
N ASN K 157 1.22 21.37 33.39
CA ASN K 157 0.66 20.56 34.48
C ASN K 157 1.09 19.11 34.41
N LYS K 158 1.54 18.65 33.24
CA LYS K 158 2.04 17.29 33.12
C LYS K 158 3.39 17.12 33.81
N THR K 159 4.40 17.84 33.33
CA THR K 159 5.69 17.95 34.00
C THR K 159 5.92 19.39 34.43
N LYS K 160 6.48 19.56 35.62
CA LYS K 160 6.42 20.83 36.33
C LYS K 160 7.66 21.68 36.00
N CYS K 161 7.90 21.84 34.71
CA CYS K 161 9.05 22.61 34.25
C CYS K 161 8.68 24.08 34.13
N PRO K 162 9.49 25.00 34.64
CA PRO K 162 9.15 26.42 34.53
C PRO K 162 9.30 26.92 33.10
N ILE K 163 8.42 27.85 32.73
CA ILE K 163 8.33 28.40 31.38
C ILE K 163 8.44 29.91 31.45
N VAL K 164 9.31 30.48 30.62
CA VAL K 164 9.50 31.92 30.55
C VAL K 164 9.14 32.35 29.13
N ILE K 165 8.05 33.10 29.01
CA ILE K 165 7.56 33.53 27.71
C ILE K 165 7.98 34.97 27.50
N PHE K 166 8.60 35.24 26.35
CA PHE K 166 8.86 36.59 25.88
C PHE K 166 7.80 36.93 24.85
N GLY K 167 7.70 38.20 24.47
CA GLY K 167 6.75 38.56 23.45
C GLY K 167 6.49 40.05 23.39
N MET K 168 5.69 40.42 22.40
CA MET K 168 5.32 41.78 22.12
C MET K 168 4.36 42.28 23.20
N PRO K 169 4.27 43.60 23.40
CA PRO K 169 3.33 44.12 24.40
C PRO K 169 1.88 43.97 24.01
N TYR K 170 1.56 43.87 22.73
CA TYR K 170 0.17 43.59 22.36
C TYR K 170 -0.17 42.11 22.44
N SER K 171 0.80 41.25 22.76
CA SER K 171 0.59 39.82 22.82
C SER K 171 0.01 39.37 24.15
N LYS K 172 -0.35 40.31 25.03
CA LYS K 172 -0.81 39.91 26.35
C LYS K 172 -2.30 39.64 26.36
N VAL K 173 -3.03 40.12 25.36
CA VAL K 173 -4.45 39.83 25.25
C VAL K 173 -4.67 38.35 24.95
N VAL K 174 -3.71 37.70 24.31
CA VAL K 174 -3.68 36.25 24.20
C VAL K 174 -3.73 35.61 25.57
N LEU K 175 -2.95 36.14 26.52
CA LEU K 175 -3.01 35.64 27.88
C LEU K 175 -4.31 36.05 28.56
N GLN K 176 -4.97 37.08 28.04
CA GLN K 176 -6.30 37.43 28.52
C GLN K 176 -7.37 36.52 27.96
N ALA K 177 -7.03 35.67 27.00
CA ALA K 177 -8.02 34.74 26.45
C ALA K 177 -8.31 33.64 27.45
N ASN K 178 -7.28 32.89 27.84
CA ASN K 178 -7.42 31.80 28.81
C ASN K 178 -7.13 32.36 30.20
N SER K 179 -8.12 32.30 31.08
CA SER K 179 -7.93 32.82 32.42
C SER K 179 -7.04 31.91 33.25
N GLN K 180 -7.01 30.61 32.94
CA GLN K 180 -6.10 29.73 33.66
C GLN K 180 -4.66 29.97 33.24
N LEU K 181 -4.45 30.31 31.96
CA LEU K 181 -3.14 30.81 31.54
C LEU K 181 -2.80 32.12 32.21
N HIS K 182 -3.82 32.96 32.41
CA HIS K 182 -3.59 34.26 33.03
C HIS K 182 -3.18 34.11 34.49
N GLY K 183 -3.83 33.19 35.21
CA GLY K 183 -3.47 32.96 36.60
C GLY K 183 -2.19 32.17 36.77
N ARG K 184 -1.88 31.29 35.81
CA ARG K 184 -0.66 30.51 35.94
C ARG K 184 0.58 31.33 35.65
N PHE K 185 0.43 32.44 34.92
CA PHE K 185 1.56 33.34 34.64
C PHE K 185 1.38 34.56 35.52
N SER K 186 2.12 34.58 36.63
CA SER K 186 1.97 35.57 37.69
C SER K 186 2.88 36.78 37.48
N ILE K 187 4.14 36.55 37.15
CA ILE K 187 5.13 37.62 37.05
C ILE K 187 5.21 38.11 35.61
N GLN K 188 4.56 39.24 35.33
CA GLN K 188 4.72 40.00 34.09
C GLN K 188 5.48 41.29 34.37
N VAL K 189 6.43 41.60 33.49
CA VAL K 189 7.33 42.72 33.68
C VAL K 189 7.19 43.69 32.52
N GLU K 190 8.00 44.74 32.54
CA GLU K 190 7.91 45.84 31.57
C GLU K 190 9.31 46.23 31.10
N LEU K 191 9.69 45.73 29.92
CA LEU K 191 10.97 46.10 29.30
C LEU K 191 10.70 47.18 28.25
N ARG K 192 10.39 48.37 28.73
CA ARG K 192 10.11 49.50 27.88
C ARG K 192 11.40 50.19 27.48
N PRO K 193 11.40 50.98 26.37
CA PRO K 193 12.64 51.66 25.96
C PRO K 193 13.06 52.79 26.90
N PHE K 194 14.12 53.48 26.49
CA PHE K 194 14.71 54.53 27.31
C PHE K 194 13.79 55.73 27.41
N SER K 195 13.66 56.27 28.62
CA SER K 195 12.54 57.16 28.92
C SER K 195 12.78 58.59 28.44
N TYR K 196 13.82 59.25 28.95
CA TYR K 196 13.98 60.68 28.71
C TYR K 196 15.40 61.03 28.30
N GLN K 197 15.58 62.28 27.93
CA GLN K 197 16.88 62.88 27.59
C GLN K 197 17.36 63.84 28.66
N GLY K 198 16.44 64.39 29.47
CA GLY K 198 16.66 65.54 30.33
C GLY K 198 17.83 65.62 31.28
N GLY K 199 18.47 64.50 31.60
CA GLY K 199 19.63 64.50 32.47
C GLY K 199 19.46 63.57 33.67
N ARG K 200 20.62 63.02 34.09
CA ARG K 200 20.76 62.03 35.18
C ARG K 200 19.89 60.80 34.94
N GLY K 201 19.86 60.31 33.70
CA GLY K 201 19.17 59.09 33.38
C GLY K 201 20.07 57.87 33.43
N VAL K 202 19.40 56.71 33.40
CA VAL K 202 20.04 55.44 33.10
C VAL K 202 20.65 55.45 31.69
N PHE K 203 20.03 56.22 30.79
CA PHE K 203 20.52 56.44 29.44
C PHE K 203 21.96 56.94 29.41
N LYS K 204 22.33 57.84 30.34
CA LYS K 204 23.67 58.38 30.50
C LYS K 204 24.71 57.30 30.70
N THR K 205 24.53 56.52 31.79
CA THR K 205 25.47 55.47 32.16
C THR K 205 25.51 54.35 31.12
N PHE K 206 24.36 54.02 30.52
CA PHE K 206 24.35 53.12 29.38
C PHE K 206 25.21 53.64 28.25
N LEU K 207 25.12 54.95 27.99
CA LEU K 207 25.79 55.55 26.85
C LEU K 207 27.30 55.54 27.05
N GLU K 208 27.76 55.87 28.26
CA GLU K 208 29.20 55.89 28.46
C GLU K 208 29.78 54.51 28.73
N TYR K 209 28.99 53.55 29.21
CA TYR K 209 29.45 52.17 29.20
C TYR K 209 29.61 51.65 27.78
N LEU K 210 28.69 52.03 26.88
CA LEU K 210 28.89 51.75 25.47
C LEU K 210 30.10 52.47 24.92
N ASP K 211 30.40 53.66 25.46
CA ASP K 211 31.53 54.43 24.98
C ASP K 211 32.85 53.79 25.35
N LYS K 212 32.95 53.27 26.57
CA LYS K 212 34.17 52.55 26.91
C LYS K 212 34.18 51.16 26.26
N ALA K 213 33.02 50.64 25.89
CA ALA K 213 32.96 49.36 25.18
C ALA K 213 33.37 49.46 23.72
N LEU K 214 33.44 50.66 23.15
CA LEU K 214 33.72 50.83 21.75
C LEU K 214 35.20 50.54 21.46
N PRO K 215 35.54 50.11 20.24
CA PRO K 215 36.94 49.76 19.93
C PRO K 215 37.92 50.92 19.85
N PHE K 216 37.50 52.17 20.05
CA PHE K 216 38.44 53.27 19.94
C PHE K 216 39.06 53.57 21.30
N GLU K 217 40.39 53.65 21.34
CA GLU K 217 41.15 53.39 22.54
C GLU K 217 41.43 54.66 23.36
N LYS K 218 40.85 55.79 22.97
CA LYS K 218 41.01 56.97 23.81
C LYS K 218 39.70 57.47 24.41
N GLN K 219 38.67 57.68 23.58
CA GLN K 219 37.40 58.29 23.94
C GLN K 219 36.55 58.20 22.68
N ALA K 220 35.24 58.00 22.87
CA ALA K 220 34.33 58.01 21.74
C ALA K 220 33.68 59.35 21.51
N GLY K 221 33.83 60.31 22.43
CA GLY K 221 33.25 61.63 22.28
C GLY K 221 31.76 61.70 22.55
N LEU K 222 31.12 60.57 22.80
CA LEU K 222 29.67 60.49 22.93
C LEU K 222 29.28 60.75 24.39
N ALA K 223 27.98 60.67 24.66
CA ALA K 223 27.37 60.99 25.96
C ALA K 223 27.75 62.39 26.45
N ASN K 224 27.63 63.38 25.57
CA ASN K 224 28.00 64.74 25.87
C ASN K 224 26.76 65.62 25.95
N GLU K 225 26.97 66.93 25.94
CA GLU K 225 25.93 67.87 26.32
C GLU K 225 24.93 67.93 25.16
N SER K 226 25.44 67.90 23.93
CA SER K 226 24.59 68.05 22.74
C SER K 226 24.47 66.76 21.93
N LEU K 227 25.31 65.77 22.18
CA LEU K 227 25.28 64.57 21.35
C LEU K 227 24.11 63.67 21.69
N GLN K 228 23.79 63.51 22.98
CA GLN K 228 22.63 62.72 23.34
C GLN K 228 21.33 63.39 22.93
N LYS K 229 21.34 64.71 22.72
CA LYS K 229 20.19 65.40 22.17
C LYS K 229 19.82 64.89 20.78
N LYS K 230 20.79 64.90 19.87
CA LYS K 230 20.52 64.38 18.53
C LYS K 230 20.43 62.86 18.50
N LEU K 231 21.03 62.18 19.48
CA LEU K 231 20.86 60.73 19.57
C LEU K 231 19.42 60.35 19.93
N TYR K 232 18.87 60.99 20.96
CA TYR K 232 17.47 60.77 21.32
C TYR K 232 16.53 61.40 20.29
N ALA K 233 17.02 62.35 19.50
CA ALA K 233 16.24 62.83 18.37
C ALA K 233 16.17 61.79 17.26
N PHE K 234 17.23 60.98 17.09
CA PHE K 234 17.21 59.97 16.04
C PHE K 234 16.39 58.76 16.45
N SER K 235 16.82 58.07 17.51
CA SER K 235 16.10 56.92 18.03
C SER K 235 15.17 57.40 19.13
N GLN K 236 13.95 56.89 19.13
CA GLN K 236 12.95 57.32 20.12
C GLN K 236 13.38 56.95 21.52
N GLY K 237 13.43 55.67 21.82
CA GLY K 237 14.15 55.13 22.95
C GLY K 237 14.74 53.84 22.40
N ASN K 238 14.68 53.75 21.08
CA ASN K 238 14.72 52.49 20.35
C ASN K 238 16.14 51.96 20.35
N MET K 239 16.35 50.87 21.09
CA MET K 239 17.69 50.32 21.31
C MET K 239 18.32 49.81 20.02
N ARG K 240 17.53 49.16 19.18
CA ARG K 240 18.03 48.56 17.95
C ARG K 240 18.53 49.62 16.98
N SER K 241 17.75 50.68 16.76
CA SER K 241 18.16 51.72 15.84
C SER K 241 19.30 52.57 16.37
N LEU K 242 19.34 52.81 17.69
CA LEU K 242 20.45 53.54 18.29
C LEU K 242 21.76 52.78 18.13
N ARG K 243 21.74 51.50 18.51
CA ARG K 243 22.91 50.65 18.35
C ARG K 243 23.28 50.44 16.90
N ASN K 244 22.29 50.40 16.01
CA ASN K 244 22.55 50.21 14.58
C ASN K 244 23.26 51.41 13.99
N LEU K 245 22.76 52.62 14.30
CA LEU K 245 23.40 53.84 13.82
C LEU K 245 24.79 54.01 14.42
N ILE K 246 24.96 53.65 15.68
CA ILE K 246 26.26 53.74 16.33
C ILE K 246 27.26 52.79 15.67
N TYR K 247 26.83 51.57 15.35
CA TYR K 247 27.69 50.61 14.67
C TYR K 247 28.00 51.05 13.25
N GLN K 248 27.03 51.67 12.57
CA GLN K 248 27.24 52.12 11.20
C GLN K 248 28.15 53.34 11.15
N ALA K 249 28.22 54.10 12.24
CA ALA K 249 29.25 55.14 12.34
C ALA K 249 30.61 54.56 12.65
N SER K 250 30.67 53.53 13.52
CA SER K 250 31.95 52.96 13.94
C SER K 250 32.66 52.26 12.79
N ILE K 251 31.91 51.58 11.93
CA ILE K 251 32.50 50.99 10.73
C ILE K 251 33.00 52.07 9.77
N GLU K 252 32.32 53.21 9.69
CA GLU K 252 32.73 54.25 8.76
C GLU K 252 34.01 54.92 9.26
N ALA K 253 34.14 55.03 10.59
CA ALA K 253 35.38 55.55 11.16
C ALA K 253 36.54 54.57 11.00
N ILE K 254 36.28 53.26 10.99
CA ILE K 254 37.42 52.36 10.89
C ILE K 254 37.67 51.98 9.43
N ASP K 255 36.82 52.43 8.50
CA ASP K 255 37.10 52.25 7.07
C ASP K 255 38.33 53.04 6.63
N ASN K 256 38.51 54.24 7.15
CA ASN K 256 39.65 55.07 6.78
C ASN K 256 40.41 55.50 8.02
N GLN K 257 41.33 56.46 7.84
CA GLN K 257 41.98 57.10 8.98
C GLN K 257 41.01 57.98 9.76
N HIS K 258 40.59 57.51 10.93
CA HIS K 258 39.79 58.29 11.85
C HIS K 258 40.13 57.85 13.27
N GLU K 259 40.21 58.82 14.18
CA GLU K 259 40.64 58.51 15.55
C GLU K 259 39.46 58.29 16.50
N THR K 260 38.29 58.85 16.18
CA THR K 260 37.07 58.64 16.96
C THR K 260 35.91 58.88 16.02
N ILE K 261 34.69 58.51 16.44
CA ILE K 261 33.48 58.88 15.72
C ILE K 261 33.34 60.40 15.80
N THR K 262 33.18 61.05 14.64
CA THR K 262 33.21 62.51 14.59
C THR K 262 32.14 63.01 13.62
N GLU K 263 32.25 64.29 13.25
CA GLU K 263 31.13 65.03 12.67
C GLU K 263 31.18 65.05 11.13
N GLU K 264 31.65 63.96 10.55
CA GLU K 264 31.64 63.88 9.10
C GLU K 264 31.13 62.50 8.65
N ASP K 265 31.21 61.53 9.57
CA ASP K 265 30.95 60.14 9.25
C ASP K 265 29.73 59.64 10.03
N PHE K 266 29.43 60.29 11.16
CA PHE K 266 28.21 60.05 11.89
C PHE K 266 27.01 60.55 11.11
N VAL K 267 27.20 61.61 10.32
CA VAL K 267 26.17 62.09 9.38
C VAL K 267 25.82 61.07 8.32
N PHE K 268 26.81 60.43 7.68
CA PHE K 268 26.52 59.43 6.65
C PHE K 268 25.83 58.21 7.26
N ALA K 269 26.14 57.91 8.53
CA ALA K 269 25.39 56.91 9.28
C ALA K 269 23.96 57.34 9.53
N SER K 270 23.69 58.65 9.68
CA SER K 270 22.30 59.09 9.75
C SER K 270 21.63 59.01 8.38
N LYS K 271 22.40 59.22 7.31
CA LYS K 271 21.92 59.06 5.93
C LYS K 271 21.47 57.64 5.64
N LEU K 272 22.19 56.62 6.13
CA LEU K 272 21.79 55.24 5.82
C LEU K 272 20.58 54.77 6.59
N THR K 273 20.62 54.83 7.92
CA THR K 273 19.63 54.13 8.75
C THR K 273 18.45 55.02 9.12
N SER K 274 18.07 55.91 8.22
CA SER K 274 16.89 56.75 8.38
C SER K 274 15.67 56.18 7.67
N GLY K 275 15.76 54.95 7.17
CA GLY K 275 14.71 54.38 6.35
C GLY K 275 13.50 53.89 7.13
N ASP K 276 13.72 53.25 8.29
CA ASP K 276 12.62 52.67 9.03
C ASP K 276 11.78 53.71 9.76
N LYS K 277 12.26 54.95 9.85
CA LYS K 277 11.59 55.95 10.65
C LYS K 277 10.35 56.47 9.92
N PRO K 278 9.36 56.96 10.66
CA PRO K 278 8.15 57.49 10.00
C PRO K 278 8.43 58.79 9.27
N ASN K 279 7.40 59.26 8.56
CA ASN K 279 7.52 60.48 7.77
C ASN K 279 7.55 61.72 8.65
N SER K 280 6.74 61.74 9.71
CA SER K 280 6.70 62.88 10.61
C SER K 280 7.88 62.92 11.57
N TRP K 281 8.63 61.84 11.71
CA TRP K 281 9.88 61.86 12.46
C TRP K 281 10.86 62.78 11.76
N LYS K 282 11.57 63.59 12.53
CA LYS K 282 12.48 64.56 11.93
C LYS K 282 13.93 64.09 11.96
N ASN K 283 14.59 64.27 10.81
CA ASN K 283 15.95 63.95 10.36
C ASN K 283 16.87 65.09 10.79
N PRO K 284 17.68 64.91 11.85
CA PRO K 284 18.28 66.08 12.52
C PRO K 284 19.75 66.42 12.28
N PHE K 285 20.48 65.76 11.38
CA PHE K 285 21.93 65.83 11.46
C PHE K 285 22.63 66.65 10.38
N GLU K 286 22.02 66.86 9.21
CA GLU K 286 22.84 67.25 8.06
C GLU K 286 23.24 68.73 8.11
N GLU K 287 22.28 69.66 8.01
CA GLU K 287 22.70 71.03 7.73
C GLU K 287 22.35 72.02 8.83
N GLY K 288 21.12 72.04 9.34
CA GLY K 288 20.75 73.09 10.26
C GLY K 288 19.68 72.72 11.27
N VAL K 289 19.38 71.44 11.42
CA VAL K 289 18.20 71.02 12.17
C VAL K 289 18.53 71.05 13.65
N GLU K 290 18.18 72.14 14.30
CA GLU K 290 18.11 72.20 15.76
C GLU K 290 16.81 71.57 16.30
N VAL K 291 16.93 70.90 17.44
CA VAL K 291 15.91 69.97 17.91
C VAL K 291 15.11 70.63 19.03
N THR K 292 13.80 70.69 18.87
CA THR K 292 12.92 71.30 19.85
C THR K 292 12.82 70.41 21.09
N GLU K 293 12.19 70.91 22.15
CA GLU K 293 12.15 70.15 23.39
C GLU K 293 11.07 69.08 23.31
N ASP K 294 10.02 69.32 22.52
CA ASP K 294 8.91 68.36 22.41
C ASP K 294 9.32 67.11 21.66
N MET K 295 10.48 67.09 21.00
CA MET K 295 10.80 65.94 20.17
C MET K 295 11.66 64.94 20.96
N LEU K 296 12.10 65.32 22.16
CA LEU K 296 12.72 64.38 23.10
C LEU K 296 11.72 63.84 24.10
N ARG K 297 10.45 63.82 23.72
CA ARG K 297 9.33 63.48 24.59
C ARG K 297 9.36 61.98 24.84
N PRO K 298 8.97 61.52 26.03
CA PRO K 298 9.12 60.10 26.36
C PRO K 298 8.20 59.22 25.52
N PRO K 299 8.53 57.95 25.35
CA PRO K 299 7.73 57.09 24.49
C PRO K 299 6.39 56.77 25.14
N PRO K 300 5.35 56.58 24.35
CA PRO K 300 4.01 56.37 24.93
C PRO K 300 3.86 54.95 25.45
N LYS K 301 2.66 54.66 25.97
CA LYS K 301 2.39 53.35 26.54
C LYS K 301 2.09 52.33 25.44
N ASP K 302 1.41 52.75 24.36
CA ASP K 302 1.16 51.87 23.23
C ASP K 302 2.30 51.99 22.22
N ILE K 303 3.49 51.64 22.70
CA ILE K 303 4.72 51.69 21.90
C ILE K 303 5.03 50.31 21.33
N GLY K 304 4.50 49.27 21.95
CA GLY K 304 4.55 47.95 21.35
C GLY K 304 3.16 47.50 20.95
N TRP K 305 2.31 48.45 20.56
CA TRP K 305 0.92 48.14 20.26
C TRP K 305 0.47 48.62 18.89
N GLU K 306 1.37 49.19 18.08
CA GLU K 306 0.96 49.67 16.77
C GLU K 306 0.88 48.57 15.73
N ASP K 307 1.00 47.31 16.12
CA ASP K 307 0.59 46.23 15.25
C ASP K 307 -0.88 45.89 15.40
N TYR K 308 -1.63 46.67 16.18
CA TYR K 308 -2.92 46.24 16.66
C TYR K 308 -4.05 47.25 16.46
N LEU K 309 -3.78 48.48 16.00
CA LEU K 309 -4.88 49.45 16.01
C LEU K 309 -5.80 49.24 14.81
N ARG K 310 -5.21 48.86 13.67
CA ARG K 310 -5.89 48.99 12.38
C ARG K 310 -7.06 48.04 12.24
N HIS K 311 -6.98 46.86 12.84
CA HIS K 311 -8.09 45.93 12.82
C HIS K 311 -8.72 45.82 14.20
N THR L 1 20.31 28.49 52.03
CA THR L 1 19.00 28.28 51.43
C THR L 1 18.23 27.17 52.14
N ARG L 2 18.87 25.99 52.25
CA ARG L 2 18.33 24.80 52.90
C ARG L 2 17.01 24.38 52.26
N GLU L 3 17.13 23.87 51.03
CA GLU L 3 16.04 23.52 50.11
C GLU L 3 14.95 22.66 50.72
N ALA L 4 15.24 21.93 51.81
CA ALA L 4 14.19 21.27 52.57
C ALA L 4 13.17 22.27 53.09
N ARG L 5 13.63 23.41 53.60
CA ARG L 5 12.70 24.44 54.07
C ARG L 5 11.93 25.07 52.92
N ILE L 6 12.52 25.12 51.73
CA ILE L 6 11.83 25.71 50.59
C ILE L 6 10.71 24.79 50.10
N SER L 7 11.02 23.51 49.89
CA SER L 7 10.01 22.55 49.47
C SER L 7 8.97 22.31 50.55
N ARG L 8 9.38 22.33 51.82
CA ARG L 8 8.48 22.22 52.94
C ARG L 8 7.66 23.49 53.15
N ALA L 9 8.09 24.62 52.60
CA ALA L 9 7.26 25.82 52.62
C ALA L 9 6.31 25.85 51.44
N LYS L 10 6.69 25.25 50.31
CA LYS L 10 5.81 25.20 49.15
C LYS L 10 4.72 24.15 49.32
N ARG L 11 5.11 22.93 49.65
CA ARG L 11 4.15 21.85 49.88
C ARG L 11 3.57 21.99 51.29
N ALA L 12 2.56 22.84 51.40
CA ALA L 12 1.77 22.94 52.62
C ALA L 12 0.30 22.94 52.25
N PHE L 13 -0.51 22.25 53.05
CA PHE L 13 -1.91 22.03 52.74
C PHE L 13 -2.77 22.36 53.95
N VAL L 14 -3.79 23.19 53.74
CA VAL L 14 -4.76 23.52 54.78
C VAL L 14 -6.11 22.98 54.34
N SER L 15 -6.74 22.18 55.20
CA SER L 15 -8.01 21.53 54.87
C SER L 15 -9.15 22.42 55.33
N THR L 16 -9.63 23.28 54.43
CA THR L 16 -10.87 24.00 54.65
C THR L 16 -12.03 22.99 54.57
N PRO L 17 -13.16 23.27 55.25
CA PRO L 17 -14.23 22.26 55.32
C PRO L 17 -14.85 21.87 53.98
N SER L 18 -14.75 22.73 52.96
CA SER L 18 -15.26 22.35 51.65
C SER L 18 -14.42 21.24 51.03
N VAL L 19 -13.11 21.25 51.29
CA VAL L 19 -12.22 20.23 50.75
C VAL L 19 -12.51 18.86 51.39
N ARG L 20 -12.61 18.82 52.71
CA ARG L 20 -12.95 17.57 53.37
C ARG L 20 -14.37 17.12 53.08
N LYS L 21 -15.28 18.05 52.83
CA LYS L 21 -16.60 17.72 52.31
C LYS L 21 -16.50 17.00 50.97
N ILE L 22 -15.62 17.50 50.08
CA ILE L 22 -15.38 16.86 48.79
C ILE L 22 -14.83 15.45 48.98
N LEU L 23 -13.73 15.32 49.73
CA LEU L 23 -13.05 14.03 49.84
C LEU L 23 -13.92 12.98 50.55
N SER L 24 -14.76 13.43 51.48
CA SER L 24 -15.77 12.56 52.05
C SER L 24 -16.76 12.10 50.98
N TYR L 25 -17.18 13.01 50.10
CA TYR L 25 -18.08 12.61 49.02
C TYR L 25 -17.41 11.68 48.02
N MET L 26 -16.10 11.80 47.81
CA MET L 26 -15.52 10.86 46.84
C MET L 26 -15.24 9.49 47.46
N ASP L 27 -14.98 9.39 48.76
CA ASP L 27 -14.96 8.05 49.36
C ASP L 27 -16.36 7.45 49.41
N ARG L 28 -17.36 8.29 49.65
CA ARG L 28 -18.76 7.92 49.53
C ARG L 28 -19.08 7.38 48.14
N CYS L 29 -18.55 8.04 47.11
CA CYS L 29 -18.74 7.59 45.74
C CYS L 29 -17.96 6.33 45.43
N ARG L 30 -16.77 6.16 46.02
CA ARG L 30 -15.92 5.00 45.78
C ARG L 30 -16.53 3.73 46.34
N ASP L 31 -16.72 3.66 47.66
CA ASP L 31 -17.42 2.47 48.16
C ASP L 31 -18.88 2.71 48.44
N LEU L 32 -19.55 3.54 47.64
CA LEU L 32 -20.99 3.39 47.49
C LEU L 32 -21.34 2.74 46.17
N SER L 33 -20.59 3.05 45.11
CA SER L 33 -20.75 2.35 43.84
C SER L 33 -20.28 0.92 44.06
N ASP L 34 -21.16 -0.03 43.79
CA ASP L 34 -20.95 -1.43 44.14
C ASP L 34 -20.34 -2.22 43.01
N LEU L 35 -20.18 -1.62 41.84
CA LEU L 35 -19.72 -2.23 40.59
C LEU L 35 -20.59 -3.39 40.12
N GLU L 36 -21.82 -3.45 40.61
CA GLU L 36 -22.85 -4.32 40.06
C GLU L 36 -23.88 -3.54 39.27
N SER L 37 -24.38 -2.44 39.82
CA SER L 37 -25.47 -1.62 39.32
C SER L 37 -25.00 -0.19 39.09
N GLU L 38 -25.98 0.69 38.88
CA GLU L 38 -25.76 2.01 38.28
C GLU L 38 -24.99 2.91 39.26
N PRO L 39 -23.89 3.57 38.82
CA PRO L 39 -23.09 4.39 39.75
C PRO L 39 -23.70 5.74 40.08
N THR L 40 -22.95 6.56 40.80
CA THR L 40 -23.48 7.80 41.38
C THR L 40 -23.04 9.06 40.62
N CYS L 41 -21.78 9.09 40.15
CA CYS L 41 -21.27 10.03 39.14
C CYS L 41 -21.37 11.50 39.59
N MET L 42 -20.52 11.82 40.56
CA MET L 42 -20.39 13.17 41.09
C MET L 42 -19.74 14.11 40.08
N MET L 43 -20.07 15.39 40.19
CA MET L 43 -19.46 16.47 39.42
C MET L 43 -18.98 17.57 40.36
N VAL L 44 -17.75 18.06 40.17
CA VAL L 44 -17.13 19.06 41.03
C VAL L 44 -16.82 20.29 40.19
N TYR L 45 -17.16 21.48 40.70
CA TYR L 45 -16.80 22.70 40.00
C TYR L 45 -15.74 23.48 40.77
N GLY L 46 -15.42 24.67 40.27
CA GLY L 46 -14.45 25.53 40.89
C GLY L 46 -13.71 26.36 39.87
N ALA L 47 -13.42 27.61 40.20
CA ALA L 47 -12.81 28.56 39.28
C ALA L 47 -11.31 28.28 39.13
N SER L 48 -10.59 29.23 38.54
CA SER L 48 -9.16 29.04 38.32
C SER L 48 -8.42 29.23 39.63
N GLY L 49 -7.57 28.26 39.98
CA GLY L 49 -6.73 28.41 41.15
C GLY L 49 -7.44 28.31 42.47
N VAL L 50 -8.47 27.47 42.57
CA VAL L 50 -9.18 27.27 43.84
C VAL L 50 -8.77 25.99 44.54
N GLY L 51 -7.72 25.34 44.08
CA GLY L 51 -7.18 24.19 44.76
C GLY L 51 -7.66 22.84 44.30
N LYS L 52 -8.08 22.70 43.03
CA LYS L 52 -8.68 21.46 42.58
C LYS L 52 -7.65 20.34 42.46
N THR L 53 -6.54 20.61 41.75
CA THR L 53 -5.52 19.60 41.54
C THR L 53 -4.89 19.16 42.85
N THR L 54 -4.74 20.09 43.79
CA THR L 54 -4.25 19.74 45.12
C THR L 54 -5.22 18.81 45.84
N VAL L 55 -6.52 19.02 45.65
CA VAL L 55 -7.52 18.13 46.23
C VAL L 55 -7.39 16.73 45.67
N ILE L 56 -7.22 16.59 44.35
CA ILE L 56 -7.20 15.22 43.84
C ILE L 56 -5.87 14.55 44.19
N LYS L 57 -4.76 15.31 44.23
CA LYS L 57 -3.50 14.70 44.66
C LYS L 57 -3.51 14.29 46.12
N LYS L 58 -4.14 15.08 47.00
CA LYS L 58 -4.49 14.63 48.35
C LYS L 58 -5.28 13.33 48.30
N TYR L 59 -6.23 13.23 47.37
CA TYR L 59 -7.08 12.07 47.32
C TYR L 59 -6.32 10.82 46.85
N LEU L 60 -5.48 10.93 45.83
CA LEU L 60 -4.74 9.74 45.40
C LEU L 60 -3.65 9.37 46.38
N ASN L 61 -3.12 10.33 47.14
CA ASN L 61 -2.30 10.00 48.31
C ASN L 61 -3.07 9.13 49.29
N GLN L 62 -4.13 9.68 49.88
CA GLN L 62 -4.85 9.03 50.96
C GLN L 62 -5.67 7.82 50.51
N ALA L 63 -5.80 7.60 49.21
CA ALA L 63 -6.57 6.48 48.70
C ALA L 63 -5.73 5.43 48.00
N ALA L 64 -4.52 5.75 47.54
CA ALA L 64 -3.81 4.84 46.66
C ALA L 64 -2.31 4.76 46.97
N ALA L 65 -1.84 5.35 48.07
CA ALA L 65 -0.42 5.25 48.41
C ALA L 65 0.00 3.80 48.68
N ALA L 66 -0.70 3.14 49.61
CA ALA L 66 -0.36 1.76 49.96
C ALA L 66 -0.70 0.77 48.85
N ALA L 67 -1.76 1.02 48.08
CA ALA L 67 -2.14 0.08 47.03
C ALA L 67 -1.26 0.23 45.79
N ALA L 68 -0.69 1.42 45.57
CA ALA L 68 0.31 1.55 44.52
C ALA L 68 1.68 1.06 44.97
N ALA L 69 1.97 1.12 46.28
CA ALA L 69 3.19 0.51 46.78
C ALA L 69 3.10 -1.01 46.85
N GLY L 70 1.88 -1.57 46.91
CA GLY L 70 1.75 -3.02 47.00
C GLY L 70 1.96 -3.70 45.66
N GLY L 71 1.26 -3.27 44.63
CA GLY L 71 1.39 -3.90 43.33
C GLY L 71 0.65 -3.11 42.27
N ASP L 72 0.57 -3.70 41.08
CA ASP L 72 -0.05 -3.04 39.93
C ASP L 72 -1.53 -3.36 40.07
N ILE L 73 -2.23 -2.49 40.80
CA ILE L 73 -3.68 -2.52 40.89
C ILE L 73 -4.30 -1.29 40.25
N ILE L 74 -3.76 -0.10 40.57
CA ILE L 74 -4.24 1.24 40.21
C ILE L 74 -5.75 1.39 40.36
N PRO L 75 -6.23 1.47 41.61
CA PRO L 75 -7.69 1.54 41.83
C PRO L 75 -8.30 2.86 41.42
N VAL L 76 -7.66 3.98 41.76
CA VAL L 76 -8.13 5.30 41.36
C VAL L 76 -7.24 5.79 40.23
N LEU L 77 -7.82 6.55 39.32
CA LEU L 77 -7.14 7.07 38.12
C LEU L 77 -7.29 8.58 38.02
N HIS L 78 -6.34 9.21 37.33
CA HIS L 78 -6.33 10.66 37.18
C HIS L 78 -6.10 11.04 35.73
N ILE L 79 -7.04 11.79 35.17
CA ILE L 79 -7.12 12.09 33.74
C ILE L 79 -7.35 13.58 33.58
N GLU L 80 -6.69 14.19 32.61
CA GLU L 80 -7.06 15.51 32.12
C GLU L 80 -7.50 15.32 30.68
N LEU L 81 -8.56 16.00 30.27
CA LEU L 81 -8.92 15.96 28.87
C LEU L 81 -8.09 16.98 28.09
N PRO L 82 -7.41 16.54 27.03
CA PRO L 82 -6.72 17.49 26.15
C PRO L 82 -7.71 18.37 25.40
N ASP L 83 -7.19 19.46 24.86
CA ASP L 83 -8.04 20.52 24.35
C ASP L 83 -8.70 20.11 23.04
N ASN L 84 -9.99 20.40 22.93
CA ASN L 84 -10.84 20.02 21.81
C ASN L 84 -10.77 18.52 21.56
N ALA L 85 -11.13 17.78 22.61
CA ALA L 85 -10.87 16.36 22.68
C ALA L 85 -11.72 15.58 21.70
N LYS L 86 -11.07 14.84 20.81
CA LYS L 86 -11.77 13.88 20.01
C LYS L 86 -12.08 12.70 20.93
N PRO L 87 -13.14 11.92 20.66
CA PRO L 87 -13.44 10.78 21.54
C PRO L 87 -12.34 9.74 21.54
N VAL L 88 -11.73 9.49 20.39
CA VAL L 88 -10.58 8.61 20.35
C VAL L 88 -9.37 9.26 21.01
N ASP L 89 -9.27 10.59 20.96
CA ASP L 89 -8.15 11.29 21.59
C ASP L 89 -8.20 11.18 23.10
N ALA L 90 -9.36 11.42 23.72
CA ALA L 90 -9.48 11.26 25.16
C ALA L 90 -9.39 9.80 25.58
N ALA L 91 -9.96 8.90 24.76
CA ALA L 91 -9.96 7.49 25.12
C ALA L 91 -8.56 6.89 25.09
N ARG L 92 -7.73 7.30 24.12
CA ARG L 92 -6.41 6.71 24.05
C ARG L 92 -5.49 7.21 25.17
N GLU L 93 -5.65 8.47 25.61
CA GLU L 93 -4.81 8.94 26.69
C GLU L 93 -5.27 8.38 28.02
N LEU L 94 -6.59 8.18 28.18
CA LEU L 94 -7.11 7.49 29.35
C LEU L 94 -6.66 6.05 29.37
N LEU L 95 -6.41 5.47 28.19
CA LEU L 95 -5.92 4.10 28.11
C LEU L 95 -4.42 3.97 28.38
N VAL L 96 -3.58 4.86 27.85
CA VAL L 96 -2.13 4.70 28.08
C VAL L 96 -1.81 5.09 29.52
N GLU L 97 -2.67 5.90 30.15
CA GLU L 97 -2.51 6.22 31.57
C GLU L 97 -2.55 4.97 32.44
N MET L 98 -3.66 4.24 32.40
CA MET L 98 -3.78 3.07 33.24
C MET L 98 -3.06 1.87 32.64
N GLY L 99 -2.67 0.94 33.51
CA GLY L 99 -1.96 -0.27 33.12
C GLY L 99 -0.58 0.07 32.58
N ASP L 100 -0.01 -0.89 31.85
CA ASP L 100 1.26 -0.70 31.13
C ASP L 100 1.08 -1.02 29.64
N PRO L 101 0.20 -0.29 28.92
CA PRO L 101 -0.07 -0.69 27.53
C PRO L 101 0.74 0.06 26.47
N LEU L 102 0.65 -0.41 25.23
CA LEU L 102 1.27 0.32 24.11
C LEU L 102 0.25 1.30 23.54
N ALA L 103 -0.91 0.78 23.11
CA ALA L 103 -2.22 1.42 23.26
C ALA L 103 -2.59 2.63 22.42
N LEU L 104 -1.68 3.18 21.63
CA LEU L 104 -2.05 4.41 20.94
C LEU L 104 -1.53 4.50 19.53
N TYR L 105 -0.92 3.45 19.00
CA TYR L 105 -0.46 3.47 17.62
C TYR L 105 -1.60 3.10 16.69
N GLU L 106 -2.59 2.41 17.22
CA GLU L 106 -3.90 2.30 16.59
C GLU L 106 -4.87 3.30 17.20
N THR L 107 -5.62 3.98 16.33
CA THR L 107 -6.62 4.98 16.68
C THR L 107 -7.86 4.55 15.91
N ASP L 108 -8.62 3.63 16.49
CA ASP L 108 -9.77 3.07 15.79
C ASP L 108 -11.07 3.26 16.54
N LEU L 109 -11.04 3.51 17.84
CA LEU L 109 -12.11 4.02 18.69
C LEU L 109 -13.22 3.00 18.95
N ALA L 110 -13.19 1.85 18.30
CA ALA L 110 -14.01 0.71 18.68
C ALA L 110 -13.20 -0.38 19.35
N ARG L 111 -12.02 -0.69 18.82
CA ARG L 111 -11.19 -1.74 19.41
C ARG L 111 -10.41 -1.25 20.63
N LEU L 112 -10.14 0.05 20.72
CA LEU L 112 -9.53 0.50 21.96
C LEU L 112 -10.57 0.63 23.06
N THR L 113 -11.83 0.84 22.70
CA THR L 113 -12.91 0.72 23.67
C THR L 113 -13.04 -0.72 24.15
N LYS L 114 -12.87 -1.69 23.24
CA LYS L 114 -12.79 -3.10 23.59
C LYS L 114 -11.68 -3.36 24.59
N ARG L 115 -10.47 -2.87 24.31
CA ARG L 115 -9.37 -3.08 25.23
C ARG L 115 -9.59 -2.37 26.57
N LEU L 116 -10.19 -1.19 26.56
CA LEU L 116 -10.36 -0.49 27.81
C LEU L 116 -11.47 -1.09 28.66
N THR L 117 -12.52 -1.63 28.02
CA THR L 117 -13.57 -2.26 28.80
C THR L 117 -13.19 -3.68 29.21
N GLU L 118 -12.15 -4.29 28.63
CA GLU L 118 -11.72 -5.55 29.24
C GLU L 118 -10.68 -5.28 30.31
N LEU L 119 -9.98 -4.15 30.24
CA LEU L 119 -8.96 -3.86 31.23
C LEU L 119 -9.51 -3.20 32.49
N ILE L 120 -10.59 -2.45 32.40
CA ILE L 120 -11.20 -1.81 33.57
C ILE L 120 -11.74 -2.79 34.61
N PRO L 121 -12.13 -4.05 34.31
CA PRO L 121 -12.23 -5.03 35.41
C PRO L 121 -10.96 -5.82 35.65
N ALA L 122 -10.00 -5.81 34.73
CA ALA L 122 -8.83 -6.68 34.85
C ALA L 122 -7.89 -6.17 35.94
N VAL L 123 -7.65 -4.87 36.01
CA VAL L 123 -6.83 -4.31 37.07
C VAL L 123 -7.67 -3.88 38.27
N GLY L 124 -8.99 -3.82 38.13
CA GLY L 124 -9.84 -3.48 39.25
C GLY L 124 -9.87 -1.99 39.54
N VAL L 125 -10.32 -1.21 38.56
CA VAL L 125 -10.44 0.23 38.73
C VAL L 125 -11.60 0.53 39.66
N LYS L 126 -11.32 1.23 40.75
CA LYS L 126 -12.37 1.63 41.68
C LYS L 126 -13.00 2.96 41.33
N LEU L 127 -12.28 3.84 40.65
CA LEU L 127 -12.75 5.19 40.40
C LEU L 127 -11.94 5.81 39.26
N ILE L 128 -12.64 6.51 38.38
CA ILE L 128 -12.04 7.34 37.35
C ILE L 128 -12.38 8.81 37.60
N ILE L 129 -11.36 9.67 37.56
CA ILE L 129 -11.45 11.09 37.88
C ILE L 129 -10.92 11.88 36.68
N ILE L 130 -11.69 12.86 36.23
CA ILE L 130 -11.30 13.70 35.10
C ILE L 130 -11.16 15.13 35.59
N ASP L 131 -10.02 15.76 35.30
CA ASP L 131 -9.72 17.13 35.71
C ASP L 131 -10.43 18.18 34.87
N GLU L 132 -10.27 18.16 33.55
CA GLU L 132 -10.48 19.36 32.75
C GLU L 132 -11.66 19.15 31.80
N PHE L 133 -12.85 19.52 32.25
CA PHE L 133 -14.06 19.36 31.45
C PHE L 133 -14.34 20.56 30.56
N GLN L 134 -13.70 21.69 30.81
CA GLN L 134 -13.98 22.90 30.05
C GLN L 134 -13.31 22.90 28.69
N HIS L 135 -12.57 21.86 28.34
CA HIS L 135 -11.88 21.76 27.06
C HIS L 135 -12.79 21.29 25.94
N LEU L 136 -14.08 21.11 26.20
CA LEU L 136 -14.98 20.60 25.18
C LEU L 136 -15.84 21.70 24.56
N VAL L 137 -15.61 22.94 24.94
CA VAL L 137 -16.27 24.06 24.30
C VAL L 137 -15.33 24.66 23.27
N GLU L 138 -15.91 25.18 22.18
CA GLU L 138 -15.14 25.81 21.13
C GLU L 138 -14.57 27.13 21.64
N GLU L 139 -13.41 27.53 21.09
CA GLU L 139 -12.80 28.82 21.44
C GLU L 139 -13.69 29.99 21.05
N ARG L 140 -13.91 30.15 19.74
CA ARG L 140 -14.44 31.41 19.22
C ARG L 140 -15.96 31.47 19.29
N SER L 141 -16.62 30.32 19.32
CA SER L 141 -18.06 30.26 19.52
C SER L 141 -18.35 29.35 20.71
N ASN L 142 -19.58 29.42 21.19
CA ASN L 142 -19.98 28.58 22.31
C ASN L 142 -20.77 27.36 21.87
N ARG L 143 -20.46 26.82 20.69
CA ARG L 143 -20.81 25.44 20.45
C ARG L 143 -19.99 24.56 21.37
N VAL L 144 -20.61 23.49 21.82
CA VAL L 144 -19.93 22.49 22.64
C VAL L 144 -20.02 21.17 21.88
N LEU L 145 -18.93 20.42 21.90
CA LEU L 145 -18.90 19.11 21.27
C LEU L 145 -19.15 18.05 22.33
N THR L 146 -20.12 17.19 22.08
CA THR L 146 -20.40 16.09 22.99
C THR L 146 -20.25 14.74 22.32
N GLN L 147 -19.23 14.58 21.48
CA GLN L 147 -18.80 13.25 21.11
C GLN L 147 -18.25 12.53 22.33
N VAL L 148 -17.37 13.23 23.07
CA VAL L 148 -16.81 12.68 24.29
C VAL L 148 -17.86 12.50 25.37
N GLY L 149 -18.92 13.31 25.37
CA GLY L 149 -19.96 13.13 26.37
C GLY L 149 -20.76 11.86 26.16
N ASN L 150 -21.17 11.60 24.92
CA ASN L 150 -21.88 10.36 24.63
C ASN L 150 -20.96 9.16 24.74
N TRP L 151 -19.66 9.34 24.44
CA TRP L 151 -18.71 8.26 24.65
C TRP L 151 -18.54 7.96 26.13
N LEU L 152 -18.54 9.00 26.97
CA LEU L 152 -18.42 8.79 28.40
C LEU L 152 -19.69 8.16 28.98
N LYS L 153 -20.86 8.48 28.41
CA LYS L 153 -22.07 7.76 28.80
C LYS L 153 -21.98 6.30 28.40
N MET L 154 -21.39 6.04 27.23
CA MET L 154 -21.24 4.67 26.75
C MET L 154 -20.33 3.85 27.65
N ILE L 155 -19.20 4.43 28.06
CA ILE L 155 -18.31 3.69 28.95
C ILE L 155 -18.87 3.65 30.35
N LEU L 156 -19.77 4.57 30.69
CA LEU L 156 -20.43 4.50 32.00
C LEU L 156 -21.44 3.36 32.05
N ASN L 157 -22.23 3.22 31.00
CA ASN L 157 -23.25 2.17 30.95
C ASN L 157 -22.67 0.81 30.59
N LYS L 158 -21.49 0.77 29.97
CA LYS L 158 -20.85 -0.50 29.64
C LYS L 158 -20.33 -1.18 30.90
N THR L 159 -19.38 -0.54 31.57
CA THR L 159 -18.90 -0.96 32.89
C THR L 159 -19.25 0.11 33.91
N LYS L 160 -19.66 -0.33 35.09
CA LYS L 160 -20.37 0.54 36.03
C LYS L 160 -19.38 1.19 37.01
N CYS L 161 -18.36 1.81 36.44
CA CYS L 161 -17.33 2.46 37.25
C CYS L 161 -17.73 3.89 37.53
N PRO L 162 -17.61 4.36 38.77
CA PRO L 162 -17.99 5.73 39.08
C PRO L 162 -16.99 6.72 38.51
N ILE L 163 -17.51 7.87 38.08
CA ILE L 163 -16.75 8.92 37.42
C ILE L 163 -16.93 10.23 38.17
N VAL L 164 -15.83 10.90 38.48
CA VAL L 164 -15.84 12.18 39.16
C VAL L 164 -15.21 13.20 38.24
N ILE L 165 -16.01 14.14 37.75
CA ILE L 165 -15.56 15.14 36.80
C ILE L 165 -15.31 16.44 37.55
N PHE L 166 -14.13 17.01 37.37
CA PHE L 166 -13.83 18.35 37.82
C PHE L 166 -13.94 19.29 36.62
N GLY L 167 -13.93 20.59 36.86
CA GLY L 167 -13.99 21.50 35.74
C GLY L 167 -14.35 22.91 36.17
N MET L 168 -14.31 23.79 35.17
CA MET L 168 -14.58 25.20 35.35
C MET L 168 -16.08 25.41 35.58
N PRO L 169 -16.47 26.52 36.19
CA PRO L 169 -17.90 26.77 36.40
C PRO L 169 -18.67 27.08 35.14
N TYR L 170 -18.02 27.57 34.09
CA TYR L 170 -18.72 27.73 32.82
C TYR L 170 -18.81 26.45 32.03
N SER L 171 -18.20 25.35 32.51
CA SER L 171 -18.19 24.09 31.80
C SER L 171 -19.45 23.27 32.06
N LYS L 172 -20.44 23.82 32.75
CA LYS L 172 -21.60 23.02 33.09
C LYS L 172 -22.66 23.07 31.99
N VAL L 173 -22.56 24.05 31.09
CA VAL L 173 -23.48 24.11 29.97
C VAL L 173 -23.22 22.96 29.00
N VAL L 174 -21.99 22.44 28.98
CA VAL L 174 -21.69 21.17 28.32
C VAL L 174 -22.56 20.07 28.87
N LEU L 175 -22.72 20.01 30.19
CA LEU L 175 -23.61 19.02 30.78
C LEU L 175 -25.07 19.37 30.52
N GLN L 176 -25.35 20.64 30.18
CA GLN L 176 -26.67 21.01 29.75
C GLN L 176 -26.94 20.64 28.30
N ALA L 177 -25.93 20.18 27.58
CA ALA L 177 -26.12 19.76 26.20
C ALA L 177 -26.86 18.43 26.16
N ASN L 178 -26.27 17.42 26.76
CA ASN L 178 -26.87 16.09 26.82
C ASN L 178 -27.68 15.97 28.10
N SER L 179 -28.99 15.75 27.96
CA SER L 179 -29.83 15.64 29.14
C SER L 179 -29.62 14.33 29.85
N GLN L 180 -29.20 13.29 29.15
CA GLN L 180 -28.89 12.03 29.82
C GLN L 180 -27.60 12.13 30.61
N LEU L 181 -26.64 12.90 30.11
CA LEU L 181 -25.48 13.25 30.92
C LEU L 181 -25.88 14.10 32.11
N HIS L 182 -26.87 14.98 31.93
CA HIS L 182 -27.32 15.85 33.01
C HIS L 182 -27.98 15.05 34.11
N GLY L 183 -28.80 14.06 33.75
CA GLY L 183 -29.45 13.24 34.74
C GLY L 183 -28.53 12.20 35.35
N ARG L 184 -27.53 11.75 34.61
CA ARG L 184 -26.63 10.75 35.17
C ARG L 184 -25.65 11.36 36.16
N PHE L 185 -25.42 12.67 36.07
CA PHE L 185 -24.55 13.37 37.02
C PHE L 185 -25.45 14.15 37.97
N SER L 186 -25.66 13.57 39.15
CA SER L 186 -26.63 14.06 40.13
C SER L 186 -26.02 15.06 41.11
N ILE L 187 -24.85 14.73 41.65
CA ILE L 187 -24.22 15.55 42.69
C ILE L 187 -23.26 16.55 42.06
N GLN L 188 -23.70 17.78 41.93
CA GLN L 188 -22.86 18.94 41.60
C GLN L 188 -22.68 19.83 42.81
N VAL L 189 -21.45 20.28 43.02
CA VAL L 189 -21.08 21.02 44.22
C VAL L 189 -20.55 22.39 43.81
N GLU L 190 -20.12 23.16 44.80
CA GLU L 190 -19.70 24.55 44.60
C GLU L 190 -18.42 24.80 45.41
N LEU L 191 -17.26 24.76 44.72
CA LEU L 191 -15.98 25.10 45.34
C LEU L 191 -15.62 26.53 44.95
N ARG L 192 -16.35 27.46 45.55
CA ARG L 192 -16.14 28.89 45.32
C ARG L 192 -15.03 29.41 46.22
N PRO L 193 -14.40 30.55 45.87
CA PRO L 193 -13.33 31.09 46.72
C PRO L 193 -13.81 31.63 48.05
N PHE L 194 -12.88 32.21 48.80
CA PHE L 194 -13.15 32.70 50.14
C PHE L 194 -14.07 33.92 50.09
N SER L 195 -15.05 33.95 50.99
CA SER L 195 -16.19 34.84 50.80
C SER L 195 -15.90 36.27 51.27
N TYR L 196 -15.59 36.45 52.55
CA TYR L 196 -15.52 37.79 53.11
C TYR L 196 -14.27 37.98 53.94
N GLN L 197 -14.08 39.22 54.44
CA GLN L 197 -12.94 39.54 55.34
C GLN L 197 -13.46 40.18 56.64
N GLY L 198 -14.78 40.33 56.78
CA GLY L 198 -15.38 40.98 57.93
C GLY L 198 -15.19 40.43 59.34
N GLY L 199 -14.78 39.18 59.49
CA GLY L 199 -14.53 38.60 60.79
C GLY L 199 -15.32 37.32 61.03
N ARG L 200 -14.71 36.44 61.82
CA ARG L 200 -15.20 35.10 62.17
C ARG L 200 -15.48 34.26 60.94
N GLY L 201 -14.60 34.32 59.94
CA GLY L 201 -14.69 33.49 58.77
C GLY L 201 -13.91 32.20 58.89
N VAL L 202 -14.20 31.31 57.93
CA VAL L 202 -13.35 30.15 57.64
C VAL L 202 -11.97 30.61 57.17
N PHE L 203 -11.91 31.79 56.53
CA PHE L 203 -10.67 32.44 56.12
C PHE L 203 -9.69 32.61 57.26
N LYS L 204 -10.19 32.97 58.45
CA LYS L 204 -9.40 33.13 59.67
C LYS L 204 -8.63 31.87 60.04
N THR L 205 -9.37 30.78 60.26
CA THR L 205 -8.80 29.50 60.67
C THR L 205 -7.90 28.92 59.59
N PHE L 206 -8.29 29.07 58.32
CA PHE L 206 -7.39 28.72 57.22
C PHE L 206 -6.08 29.48 57.32
N LEU L 207 -6.16 30.78 57.64
CA LEU L 207 -4.99 31.64 57.64
C LEU L 207 -4.03 31.26 58.75
N GLU L 208 -4.57 30.97 59.94
CA GLU L 208 -3.66 30.64 61.04
C GLU L 208 -3.23 29.18 61.01
N TYR L 209 -3.98 28.28 60.37
CA TYR L 209 -3.45 26.95 60.10
C TYR L 209 -2.30 27.03 59.11
N LEU L 210 -2.40 27.91 58.11
CA LEU L 210 -1.27 28.18 57.23
C LEU L 210 -0.12 28.81 58.00
N ASP L 211 -0.45 29.60 59.03
CA ASP L 211 0.58 30.27 59.81
C ASP L 211 1.38 29.28 60.64
N LYS L 212 0.70 28.31 61.25
CA LYS L 212 1.46 27.29 61.96
C LYS L 212 2.11 26.31 61.00
N ALA L 213 1.59 26.21 59.77
CA ALA L 213 2.21 25.36 58.75
C ALA L 213 3.49 25.95 58.17
N LEU L 214 3.74 27.24 58.37
CA LEU L 214 4.88 27.90 57.75
C LEU L 214 6.18 27.46 58.44
N PRO L 215 7.32 27.51 57.73
CA PRO L 215 8.59 27.05 58.31
C PRO L 215 9.18 27.93 59.40
N PHE L 216 8.55 29.04 59.78
CA PHE L 216 9.15 29.90 60.79
C PHE L 216 8.64 29.49 62.17
N GLU L 217 9.56 29.28 63.11
CA GLU L 217 9.33 28.42 64.26
C GLU L 217 8.80 29.18 65.48
N LYS L 218 8.48 30.46 65.33
CA LYS L 218 7.85 31.15 66.45
C LYS L 218 6.43 31.61 66.15
N GLN L 219 6.21 32.33 65.06
CA GLN L 219 4.97 32.98 64.69
C GLN L 219 5.22 33.58 63.31
N ALA L 220 4.18 33.57 62.48
CA ALA L 220 4.29 34.21 61.18
C ALA L 220 3.77 35.63 61.16
N GLY L 221 3.12 36.10 62.24
CA GLY L 221 2.61 37.44 62.32
C GLY L 221 1.35 37.70 61.52
N LEU L 222 0.87 36.72 60.78
CA LEU L 222 -0.25 36.88 59.87
C LEU L 222 -1.55 36.60 60.63
N ALA L 223 -2.67 36.67 59.90
CA ALA L 223 -4.03 36.56 60.43
C ALA L 223 -4.30 37.54 61.57
N ASN L 224 -3.93 38.80 61.36
CA ASN L 224 -4.05 39.83 62.37
C ASN L 224 -5.14 40.82 61.96
N GLU L 225 -5.17 41.97 62.65
CA GLU L 225 -6.32 42.86 62.58
C GLU L 225 -6.26 43.56 61.22
N SER L 226 -5.05 43.93 60.79
CA SER L 226 -4.88 44.71 59.57
C SER L 226 -4.24 43.90 58.44
N LEU L 227 -3.65 42.75 58.73
CA LEU L 227 -2.93 42.02 57.69
C LEU L 227 -3.89 41.31 56.74
N GLN L 228 -4.96 40.70 57.26
CA GLN L 228 -5.93 40.08 56.38
C GLN L 228 -6.69 41.10 55.54
N LYS L 229 -6.73 42.35 55.99
CA LYS L 229 -7.30 43.43 55.17
C LYS L 229 -6.54 43.59 53.87
N LYS L 230 -5.22 43.78 53.94
CA LYS L 230 -4.44 43.90 52.71
C LYS L 230 -4.26 42.58 51.99
N LEU L 231 -4.39 41.45 52.70
CA LEU L 231 -4.37 40.14 52.04
C LEU L 231 -5.59 39.96 51.15
N TYR L 232 -6.79 40.21 51.69
CA TYR L 232 -8.00 40.15 50.89
C TYR L 232 -8.08 41.31 49.90
N ALA L 233 -7.33 42.38 50.13
CA ALA L 233 -7.19 43.42 49.12
C ALA L 233 -6.35 42.94 47.95
N PHE L 234 -5.36 42.08 48.21
CA PHE L 234 -4.51 41.60 47.12
C PHE L 234 -5.20 40.50 46.32
N SER L 235 -5.50 39.38 46.97
CA SER L 235 -6.22 38.29 46.33
C SER L 235 -7.70 38.46 46.60
N GLN L 236 -8.51 38.24 45.57
CA GLN L 236 -9.96 38.43 45.70
C GLN L 236 -10.55 37.45 46.70
N GLY L 237 -10.52 36.17 46.37
CA GLY L 237 -10.68 35.10 47.32
C GLY L 237 -9.72 34.05 46.83
N ASN L 238 -8.85 34.50 45.94
CA ASN L 238 -8.14 33.66 44.98
C ASN L 238 -7.03 32.91 45.70
N MET L 239 -7.22 31.60 45.84
CA MET L 239 -6.33 30.75 46.63
C MET L 239 -4.94 30.69 46.04
N ARG L 240 -4.84 30.60 44.71
CA ARG L 240 -3.56 30.45 44.04
C ARG L 240 -2.70 31.69 44.21
N SER L 241 -3.26 32.88 44.00
CA SER L 241 -2.49 34.11 44.15
C SER L 241 -2.16 34.43 45.60
N LEU L 242 -3.05 34.11 46.54
CA LEU L 242 -2.76 34.32 47.96
C LEU L 242 -1.61 33.43 48.40
N ARG L 243 -1.69 32.14 48.08
CA ARG L 243 -0.61 31.21 48.42
C ARG L 243 0.67 31.54 47.66
N ASN L 244 0.56 32.04 46.44
CA ASN L 244 1.74 32.39 45.65
C ASN L 244 2.47 33.57 46.26
N LEU L 245 1.73 34.62 46.63
CA LEU L 245 2.34 35.79 47.27
C LEU L 245 2.93 35.44 48.63
N ILE L 246 2.24 34.57 49.38
CA ILE L 246 2.73 34.12 50.68
C ILE L 246 4.03 33.35 50.54
N TYR L 247 4.12 32.47 49.53
CA TYR L 247 5.34 31.71 49.27
C TYR L 247 6.47 32.62 48.79
N GLN L 248 6.13 33.63 47.99
CA GLN L 248 7.14 34.54 47.47
C GLN L 248 7.66 35.47 48.56
N ALA L 249 6.86 35.71 49.60
CA ALA L 249 7.39 36.40 50.78
C ALA L 249 8.24 35.48 51.63
N SER L 250 7.85 34.21 51.76
CA SER L 250 8.57 33.28 52.65
C SER L 250 9.96 32.97 52.11
N ILE L 251 10.10 32.85 50.79
CA ILE L 251 11.42 32.69 50.20
C ILE L 251 12.28 33.95 50.39
N GLU L 252 11.68 35.13 50.36
CA GLU L 252 12.45 36.35 50.50
C GLU L 252 12.94 36.49 51.94
N ALA L 253 12.13 36.05 52.89
CA ALA L 253 12.55 36.04 54.29
C ALA L 253 13.63 35.01 54.55
N ILE L 254 13.64 33.88 53.82
CA ILE L 254 14.67 32.89 54.13
C ILE L 254 15.90 33.09 53.24
N ASP L 255 15.84 34.03 52.30
CA ASP L 255 17.03 34.39 51.52
C ASP L 255 18.11 35.03 52.39
N ASN L 256 17.71 35.86 53.34
CA ASN L 256 18.66 36.52 54.22
C ASN L 256 18.31 36.26 55.67
N GLN L 257 18.96 37.02 56.57
CA GLN L 257 18.57 37.00 57.97
C GLN L 257 17.21 37.66 58.18
N HIS L 258 16.18 36.86 58.43
CA HIS L 258 14.87 37.35 58.81
C HIS L 258 14.22 36.32 59.72
N GLU L 259 13.53 36.81 60.75
CA GLU L 259 12.95 35.91 61.74
C GLU L 259 11.48 35.56 61.46
N THR L 260 10.78 36.41 60.72
CA THR L 260 9.41 36.15 60.31
C THR L 260 9.16 36.97 59.05
N ILE L 261 8.05 36.71 58.34
CA ILE L 261 7.62 37.57 57.26
C ILE L 261 7.24 38.93 57.85
N THR L 262 7.81 40.00 57.30
CA THR L 262 7.66 41.32 57.91
C THR L 262 7.48 42.36 56.82
N GLU L 263 7.61 43.64 57.18
CA GLU L 263 7.09 44.74 56.39
C GLU L 263 8.16 45.38 55.49
N GLU L 264 9.05 44.53 54.98
CA GLU L 264 10.05 45.05 54.04
C GLU L 264 10.17 44.09 52.85
N ASP L 265 9.75 42.85 53.06
CA ASP L 265 9.98 41.78 52.11
C ASP L 265 8.65 41.27 51.57
N PHE L 266 7.58 41.44 52.34
CA PHE L 266 6.23 41.19 51.89
C PHE L 266 5.82 42.17 50.81
N VAL L 267 6.34 43.41 50.89
CA VAL L 267 6.15 44.41 49.84
C VAL L 267 6.77 43.99 48.51
N PHE L 268 8.00 43.47 48.51
CA PHE L 268 8.64 43.05 47.26
C PHE L 268 7.91 41.84 46.66
N ALA L 269 7.31 41.01 47.53
CA ALA L 269 6.41 39.96 47.08
C ALA L 269 5.14 40.53 46.46
N SER L 270 4.67 41.68 46.93
CA SER L 270 3.55 42.33 46.23
C SER L 270 4.01 42.93 44.90
N LYS L 271 5.25 43.41 44.84
CA LYS L 271 5.86 43.90 43.60
C LYS L 271 5.95 42.83 42.53
N LEU L 272 6.27 41.58 42.87
CA LEU L 272 6.40 40.55 41.85
C LEU L 272 5.05 40.06 41.33
N THR L 273 4.18 39.57 42.19
CA THR L 273 3.02 38.80 41.76
C THR L 273 1.79 39.68 41.57
N SER L 274 1.99 40.92 41.13
CA SER L 274 0.90 41.83 40.81
C SER L 274 0.58 41.85 39.32
N GLY L 275 1.17 40.94 38.56
CA GLY L 275 1.04 40.94 37.11
C GLY L 275 -0.29 40.43 36.59
N ASP L 276 -0.81 39.36 37.18
CA ASP L 276 -2.03 38.76 36.66
C ASP L 276 -3.28 39.56 36.99
N LYS L 277 -3.17 40.53 37.89
CA LYS L 277 -4.34 41.24 38.36
C LYS L 277 -4.82 42.24 37.31
N PRO L 278 -6.11 42.59 37.31
CA PRO L 278 -6.61 43.57 36.33
C PRO L 278 -6.10 44.97 36.61
N ASN L 279 -6.43 45.86 35.68
CA ASN L 279 -5.98 47.25 35.79
C ASN L 279 -6.74 48.00 36.88
N SER L 280 -8.05 47.75 37.00
CA SER L 280 -8.85 48.43 38.00
C SER L 280 -8.66 47.85 39.40
N TRP L 281 -8.04 46.67 39.53
CA TRP L 281 -7.65 46.16 40.83
C TRP L 281 -6.60 47.07 41.43
N LYS L 282 -6.72 47.34 42.73
CA LYS L 282 -5.81 48.27 43.37
C LYS L 282 -4.72 47.56 44.15
N ASN L 283 -3.49 48.04 43.96
CA ASN L 283 -2.16 47.67 44.44
C ASN L 283 -1.94 48.35 45.80
N PRO L 284 -2.05 47.61 46.91
CA PRO L 284 -2.24 48.26 48.22
C PRO L 284 -1.06 48.37 49.19
N PHE L 285 0.17 48.01 48.83
CA PHE L 285 1.15 47.75 49.88
C PHE L 285 2.26 48.78 50.03
N GLU L 286 2.59 49.56 48.99
CA GLU L 286 3.89 50.21 48.97
C GLU L 286 3.94 51.43 49.89
N GLU L 287 3.19 52.49 49.59
CA GLU L 287 3.48 53.75 50.28
C GLU L 287 2.34 54.27 51.13
N GLY L 288 1.10 54.33 50.64
CA GLY L 288 0.05 54.96 51.41
C GLY L 288 -1.34 54.44 51.17
N VAL L 289 -1.48 53.28 50.54
CA VAL L 289 -2.78 52.84 50.02
C VAL L 289 -3.54 52.21 51.17
N GLU L 290 -4.40 53.00 51.81
CA GLU L 290 -5.44 52.49 52.69
C GLU L 290 -6.64 51.95 51.89
N VAL L 291 -7.24 50.88 52.40
CA VAL L 291 -8.16 50.06 51.62
C VAL L 291 -9.59 50.36 52.06
N THR L 292 -10.44 50.73 51.11
CA THR L 292 -11.83 51.06 51.40
C THR L 292 -12.61 49.79 51.72
N GLU L 293 -13.85 49.94 52.17
CA GLU L 293 -14.61 48.76 52.59
C GLU L 293 -15.18 48.05 51.36
N ASP L 294 -15.45 48.79 50.28
CA ASP L 294 -16.02 48.18 49.09
C ASP L 294 -15.04 47.28 48.36
N MET L 295 -13.75 47.30 48.72
CA MET L 295 -12.80 46.54 47.94
C MET L 295 -12.56 45.16 48.57
N LEU L 296 -13.12 44.93 49.76
CA LEU L 296 -13.16 43.60 50.36
C LEU L 296 -14.49 42.92 50.09
N ARG L 297 -15.15 43.29 49.00
CA ARG L 297 -16.49 42.86 48.65
C ARG L 297 -16.42 41.41 48.19
N PRO L 298 -17.44 40.60 48.48
CA PRO L 298 -17.35 39.16 48.19
C PRO L 298 -17.33 38.90 46.69
N PRO L 299 -16.78 37.76 46.27
CA PRO L 299 -16.65 37.49 44.84
C PRO L 299 -18.02 37.20 44.22
N PRO L 300 -18.21 37.55 42.96
CA PRO L 300 -19.53 37.40 42.34
C PRO L 300 -19.79 35.94 41.97
N LYS L 301 -20.97 35.72 41.37
CA LYS L 301 -21.36 34.37 40.98
C LYS L 301 -20.67 33.95 39.68
N ASP L 302 -20.51 34.89 38.74
CA ASP L 302 -19.79 34.61 37.49
C ASP L 302 -18.30 34.88 37.68
N ILE L 303 -17.72 34.15 38.63
CA ILE L 303 -16.30 34.27 38.96
C ILE L 303 -15.49 33.21 38.25
N GLY L 304 -16.13 32.13 37.83
CA GLY L 304 -15.52 31.18 36.94
C GLY L 304 -16.17 31.21 35.58
N TRP L 305 -16.66 32.38 35.17
CA TRP L 305 -17.43 32.50 33.94
C TRP L 305 -16.89 33.57 33.00
N GLU L 306 -15.77 34.21 33.33
CA GLU L 306 -15.25 35.26 32.45
C GLU L 306 -14.44 34.70 31.29
N ASP L 307 -14.44 33.39 31.08
CA ASP L 307 -13.99 32.84 29.81
C ASP L 307 -15.11 32.78 28.78
N TYR L 308 -16.29 33.31 29.10
CA TYR L 308 -17.49 32.98 28.36
C TYR L 308 -18.30 34.20 27.91
N LEU L 309 -17.99 35.42 28.33
CA LEU L 309 -18.92 36.51 28.01
C LEU L 309 -18.75 36.97 26.58
N ARG L 310 -17.51 36.98 26.10
CA ARG L 310 -17.13 37.74 24.91
C ARG L 310 -17.75 37.17 23.63
N HIS L 311 -17.92 35.86 23.56
CA HIS L 311 -18.58 35.25 22.42
C HIS L 311 -19.95 34.73 22.83
N THR M 1 -22.07 -1.63 57.81
CA THR M 1 -22.59 -1.31 56.49
C THR M 1 -23.49 -2.43 55.97
N ARG M 2 -22.95 -3.65 55.97
CA ARG M 2 -23.63 -4.87 55.51
C ARG M 2 -24.12 -4.72 54.06
N GLU M 3 -23.13 -4.73 53.17
CA GLU M 3 -23.26 -4.46 51.74
C GLU M 3 -24.36 -5.25 51.03
N ALA M 4 -24.79 -6.39 51.59
CA ALA M 4 -25.99 -7.06 51.11
C ALA M 4 -27.20 -6.15 51.19
N ARG M 5 -27.35 -5.41 52.30
CA ARG M 5 -28.48 -4.49 52.41
C ARG M 5 -28.35 -3.31 51.45
N ILE M 6 -27.12 -2.93 51.11
CA ILE M 6 -26.92 -1.80 50.19
C ILE M 6 -27.28 -2.20 48.76
N SER M 7 -26.76 -3.34 48.30
CA SER M 7 -27.10 -3.84 46.96
C SER M 7 -28.55 -4.24 46.86
N ARG M 8 -29.11 -4.81 47.93
CA ARG M 8 -30.51 -5.17 47.99
C ARG M 8 -31.41 -3.94 48.13
N ALA M 9 -30.86 -2.80 48.56
CA ALA M 9 -31.63 -1.57 48.52
C ALA M 9 -31.53 -0.87 47.17
N LYS M 10 -30.42 -1.06 46.46
CA LYS M 10 -30.27 -0.45 45.14
C LYS M 10 -31.04 -1.24 44.08
N ARG M 11 -30.82 -2.55 44.02
CA ARG M 11 -31.54 -3.41 43.09
C ARG M 11 -32.93 -3.71 43.65
N ALA M 12 -33.85 -2.79 43.42
CA ALA M 12 -35.26 -3.01 43.72
C ALA M 12 -36.08 -2.56 42.52
N PHE M 13 -37.13 -3.31 42.20
CA PHE M 13 -37.91 -3.11 41.00
C PHE M 13 -39.39 -3.11 41.33
N VAL M 14 -40.09 -2.08 40.87
CA VAL M 14 -41.53 -1.97 41.03
C VAL M 14 -42.16 -2.02 39.64
N SER M 15 -43.09 -2.93 39.44
CA SER M 15 -43.71 -3.12 38.13
C SER M 15 -44.96 -2.27 38.04
N THR M 16 -44.81 -1.05 37.53
CA THR M 16 -45.95 -0.24 37.15
C THR M 16 -46.62 -0.88 35.93
N PRO M 17 -47.93 -0.65 35.72
CA PRO M 17 -48.63 -1.36 34.64
C PRO M 17 -48.13 -1.05 33.24
N SER M 18 -47.47 0.09 33.02
CA SER M 18 -46.92 0.36 31.70
C SER M 18 -45.75 -0.57 31.40
N VAL M 19 -44.97 -0.92 32.42
CA VAL M 19 -43.83 -1.83 32.23
C VAL M 19 -44.30 -3.22 31.86
N ARG M 20 -45.27 -3.77 32.61
CA ARG M 20 -45.80 -5.08 32.28
C ARG M 20 -46.58 -5.08 30.97
N LYS M 21 -47.19 -3.94 30.61
CA LYS M 21 -47.75 -3.77 29.28
C LYS M 21 -46.67 -3.92 28.21
N ILE M 22 -45.51 -3.31 28.43
CA ILE M 22 -44.38 -3.43 27.50
C ILE M 22 -43.93 -4.87 27.39
N LEU M 23 -43.63 -5.52 28.54
CA LEU M 23 -43.04 -6.86 28.50
C LEU M 23 -44.02 -7.89 27.94
N SER M 24 -45.31 -7.68 28.16
CA SER M 24 -46.33 -8.47 27.48
C SER M 24 -46.27 -8.28 25.97
N TYR M 25 -46.10 -7.02 25.52
CA TYR M 25 -45.97 -6.77 24.09
C TYR M 25 -44.69 -7.37 23.51
N MET M 26 -43.60 -7.44 24.28
CA MET M 26 -42.41 -8.03 23.66
C MET M 26 -42.46 -9.55 23.65
N ASP M 27 -43.13 -10.20 24.61
CA ASP M 27 -43.36 -11.64 24.42
C ASP M 27 -44.33 -11.91 23.28
N ARG M 28 -45.33 -11.04 23.14
CA ARG M 28 -46.23 -11.04 21.99
C ARG M 28 -45.44 -10.93 20.68
N CYS M 29 -44.45 -10.03 20.65
CA CYS M 29 -43.60 -9.86 19.48
C CYS M 29 -42.66 -11.04 19.26
N ARG M 30 -42.18 -11.65 20.35
CA ARG M 30 -41.25 -12.78 20.26
C ARG M 30 -41.93 -14.01 19.67
N ASP M 31 -42.94 -14.56 20.35
CA ASP M 31 -43.63 -15.67 19.71
C ASP M 31 -44.93 -15.26 19.02
N LEU M 32 -44.97 -14.07 18.43
CA LEU M 32 -45.89 -13.84 17.33
C LEU M 32 -45.18 -13.85 16.00
N SER M 33 -43.96 -13.31 15.95
CA SER M 33 -43.13 -13.41 14.76
C SER M 33 -42.74 -14.88 14.60
N ASP M 34 -43.10 -15.45 13.46
CA ASP M 34 -43.01 -16.87 13.22
C ASP M 34 -41.69 -17.29 12.58
N LEU M 35 -40.86 -16.30 12.19
CA LEU M 35 -39.60 -16.47 11.46
C LEU M 35 -39.79 -17.14 10.11
N GLU M 36 -41.00 -17.14 9.58
CA GLU M 36 -41.28 -17.49 8.19
C GLU M 36 -41.57 -16.27 7.35
N SER M 37 -42.45 -15.40 7.84
CA SER M 37 -43.01 -14.24 7.17
C SER M 37 -42.69 -12.96 7.92
N GLU M 38 -43.37 -11.89 7.53
CA GLU M 38 -42.98 -10.52 7.86
C GLU M 38 -43.18 -10.25 9.36
N PRO M 39 -42.18 -9.71 10.07
CA PRO M 39 -42.33 -9.51 11.52
C PRO M 39 -43.16 -8.29 11.90
N THR M 40 -43.21 -7.99 13.20
CA THR M 40 -44.13 -6.99 13.74
C THR M 40 -43.45 -5.66 14.08
N CYS M 41 -42.23 -5.70 14.62
CA CYS M 41 -41.30 -4.57 14.71
C CYS M 41 -41.84 -3.42 15.57
N MET M 42 -41.94 -3.68 16.87
CA MET M 42 -42.36 -2.70 17.85
C MET M 42 -41.33 -1.60 18.04
N MET M 43 -41.81 -0.41 18.43
CA MET M 43 -40.97 0.72 18.81
C MET M 43 -41.40 1.23 20.19
N VAL M 44 -40.43 1.49 21.06
CA VAL M 44 -40.69 1.93 22.43
C VAL M 44 -40.05 3.30 22.63
N TYR M 45 -40.79 4.23 23.22
CA TYR M 45 -40.22 5.53 23.54
C TYR M 45 -40.06 5.71 25.05
N GLY M 46 -39.64 6.90 25.44
CA GLY M 46 -39.46 7.24 26.83
C GLY M 46 -38.34 8.23 27.03
N ALA M 47 -38.51 9.16 27.97
CA ALA M 47 -37.56 10.25 28.17
C ALA M 47 -36.34 9.74 28.95
N SER M 48 -35.54 10.66 29.45
CA SER M 48 -34.32 10.30 30.17
C SER M 48 -34.68 9.81 31.56
N GLY M 49 -34.19 8.63 31.92
CA GLY M 49 -34.39 8.13 33.26
C GLY M 49 -35.79 7.67 33.59
N VAL M 50 -36.50 7.08 32.63
CA VAL M 50 -37.84 6.57 32.86
C VAL M 50 -37.86 5.06 33.04
N GLY M 51 -36.70 4.43 33.15
CA GLY M 51 -36.62 3.03 33.45
C GLY M 51 -36.49 2.09 32.27
N LYS M 52 -35.92 2.55 31.15
CA LYS M 52 -35.90 1.73 29.95
C LYS M 52 -34.92 0.57 30.07
N THR M 53 -33.68 0.85 30.47
CA THR M 53 -32.66 -0.18 30.58
C THR M 53 -33.03 -1.22 31.63
N THR M 54 -33.67 -0.78 32.71
CA THR M 54 -34.18 -1.71 33.71
C THR M 54 -35.24 -2.62 33.15
N VAL M 55 -36.10 -2.10 32.25
CA VAL M 55 -37.10 -2.91 31.59
C VAL M 55 -36.45 -3.98 30.73
N ILE M 56 -35.42 -3.62 29.95
CA ILE M 56 -34.89 -4.66 29.08
C ILE M 56 -34.06 -5.67 29.88
N LYS M 57 -33.39 -5.24 30.95
CA LYS M 57 -32.68 -6.21 31.78
C LYS M 57 -33.63 -7.15 32.53
N LYS M 58 -34.78 -6.65 32.99
CA LYS M 58 -35.88 -7.50 33.42
C LYS M 58 -36.26 -8.49 32.33
N TYR M 59 -36.31 -8.02 31.08
CA TYR M 59 -36.75 -8.88 30.00
C TYR M 59 -35.73 -9.97 29.67
N LEU M 60 -34.44 -9.65 29.64
CA LEU M 60 -33.48 -10.69 29.33
C LEU M 60 -33.29 -11.63 30.52
N ASN M 61 -33.54 -11.17 31.75
CA ASN M 61 -33.68 -12.11 32.87
C ASN M 61 -34.79 -13.11 32.61
N GLN M 62 -36.03 -12.62 32.53
CA GLN M 62 -37.21 -13.47 32.46
C GLN M 62 -37.36 -14.21 31.14
N ALA M 63 -36.55 -13.88 30.13
CA ALA M 63 -36.62 -14.53 28.84
C ALA M 63 -35.40 -15.37 28.50
N ALA M 64 -34.25 -15.15 29.14
CA ALA M 64 -33.02 -15.78 28.67
C ALA M 64 -32.13 -16.28 29.80
N ALA M 65 -32.61 -16.28 31.06
CA ALA M 65 -31.79 -16.79 32.16
C ALA M 65 -31.49 -18.28 31.99
N ALA M 66 -32.54 -19.10 31.83
CA ALA M 66 -32.36 -20.53 31.69
C ALA M 66 -31.74 -20.92 30.36
N ALA M 67 -32.02 -20.18 29.28
CA ALA M 67 -31.46 -20.55 27.99
C ALA M 67 -30.01 -20.10 27.84
N ALA M 68 -29.59 -19.06 28.58
CA ALA M 68 -28.18 -18.74 28.64
C ALA M 68 -27.42 -19.64 29.60
N ALA M 69 -28.09 -20.16 30.64
CA ALA M 69 -27.47 -21.16 31.49
C ALA M 69 -27.39 -22.53 30.83
N GLY M 70 -28.24 -22.79 29.84
CA GLY M 70 -28.22 -24.10 29.20
C GLY M 70 -27.08 -24.26 28.21
N GLY M 71 -26.95 -23.31 27.29
CA GLY M 71 -25.91 -23.39 26.29
C GLY M 71 -25.82 -22.12 25.48
N ASP M 72 -25.00 -22.17 24.43
CA ASP M 72 -24.76 -21.00 23.58
C ASP M 72 -25.90 -21.04 22.56
N ILE M 73 -27.00 -20.41 22.93
CA ILE M 73 -28.12 -20.16 22.03
C ILE M 73 -28.29 -18.67 21.75
N ILE M 74 -28.26 -17.85 22.80
CA ILE M 74 -28.53 -16.40 22.83
C ILE M 74 -29.75 -16.02 22.00
N PRO M 75 -30.96 -16.33 22.49
CA PRO M 75 -32.17 -16.06 21.71
C PRO M 75 -32.51 -14.58 21.61
N VAL M 76 -32.41 -13.85 22.72
CA VAL M 76 -32.65 -12.41 22.71
C VAL M 76 -31.29 -11.71 22.80
N LEU M 77 -31.20 -10.55 22.17
CA LEU M 77 -29.97 -9.77 22.08
C LEU M 77 -30.19 -8.34 22.55
N HIS M 78 -29.11 -7.70 23.01
CA HIS M 78 -29.19 -6.34 23.54
C HIS M 78 -28.09 -5.48 22.95
N ILE M 79 -28.48 -4.39 22.30
CA ILE M 79 -27.63 -3.56 21.47
C ILE M 79 -27.87 -2.10 21.84
N GLU M 80 -26.81 -1.32 21.93
CA GLU M 80 -26.91 0.13 21.94
C GLU M 80 -26.24 0.62 20.66
N LEU M 81 -26.82 1.61 20.01
CA LEU M 81 -26.12 2.19 18.87
C LEU M 81 -25.13 3.23 19.36
N PRO M 82 -23.87 3.12 18.95
CA PRO M 82 -22.89 4.17 19.26
C PRO M 82 -23.21 5.45 18.51
N ASP M 83 -22.61 6.53 18.98
CA ASP M 83 -23.01 7.87 18.54
C ASP M 83 -22.55 8.13 17.12
N ASN M 84 -23.45 8.72 16.33
CA ASN M 84 -23.27 8.99 14.91
C ASN M 84 -22.86 7.72 14.16
N ALA M 85 -23.74 6.72 14.28
CA ALA M 85 -23.41 5.36 13.90
C ALA M 85 -23.28 5.22 12.39
N LYS M 86 -22.11 4.78 11.95
CA LYS M 86 -21.96 4.36 10.58
C LYS M 86 -22.66 3.01 10.45
N PRO M 87 -23.15 2.64 9.27
CA PRO M 87 -23.81 1.33 9.14
C PRO M 87 -22.89 0.17 9.41
N VAL M 88 -21.63 0.26 8.99
CA VAL M 88 -20.65 -0.75 9.34
C VAL M 88 -20.31 -0.67 10.82
N ASP M 89 -20.37 0.53 11.41
CA ASP M 89 -20.08 0.69 12.84
C ASP M 89 -21.12 0.00 13.72
N ALA M 90 -22.40 0.22 13.44
CA ALA M 90 -23.44 -0.47 14.20
C ALA M 90 -23.47 -1.96 13.90
N ALA M 91 -23.23 -2.34 12.64
CA ALA M 91 -23.29 -3.74 12.26
C ALA M 91 -22.18 -4.55 12.92
N ARG M 92 -20.97 -3.98 13.03
CA ARG M 92 -19.88 -4.76 13.59
C ARG M 92 -20.04 -4.93 15.10
N GLU M 93 -20.61 -3.94 15.80
CA GLU M 93 -20.79 -4.11 17.24
C GLU M 93 -21.96 -5.04 17.53
N LEU M 94 -22.99 -5.01 16.69
CA LEU M 94 -24.07 -5.97 16.78
C LEU M 94 -23.59 -7.38 16.47
N LEU M 95 -22.53 -7.49 15.66
CA LEU M 95 -21.94 -8.79 15.35
C LEU M 95 -21.02 -9.31 16.45
N VAL M 96 -20.16 -8.48 17.03
CA VAL M 96 -19.25 -9.01 18.06
C VAL M 96 -20.03 -9.29 19.34
N GLU M 97 -21.19 -8.63 19.52
CA GLU M 97 -22.06 -8.93 20.65
C GLU M 97 -22.53 -10.38 20.64
N MET M 98 -23.21 -10.79 19.59
CA MET M 98 -23.73 -12.14 19.52
C MET M 98 -22.64 -13.14 19.12
N GLY M 99 -22.83 -14.38 19.53
CA GLY M 99 -21.90 -15.46 19.24
C GLY M 99 -20.57 -15.24 19.95
N ASP M 100 -19.54 -15.93 19.45
CA ASP M 100 -18.16 -15.74 19.91
C ASP M 100 -17.25 -15.42 18.73
N PRO M 101 -17.49 -14.31 18.01
CA PRO M 101 -16.70 -14.06 16.78
C PRO M 101 -15.50 -13.15 16.98
N LEU M 102 -14.65 -13.06 15.94
CA LEU M 102 -13.55 -12.10 15.95
C LEU M 102 -14.02 -10.79 15.34
N ALA M 103 -14.51 -10.85 14.09
CA ALA M 103 -15.65 -10.06 13.60
C ALA M 103 -15.50 -8.58 13.34
N LEU M 104 -14.38 -7.96 13.68
CA LEU M 104 -14.34 -6.51 13.53
C LEU M 104 -13.00 -5.98 13.02
N TYR M 105 -12.08 -6.84 12.64
CA TYR M 105 -10.81 -6.39 12.08
C TYR M 105 -10.97 -6.11 10.60
N GLU M 106 -11.96 -6.74 9.99
CA GLU M 106 -12.46 -6.32 8.69
C GLU M 106 -13.73 -5.47 8.86
N THR M 107 -13.76 -4.36 8.12
CA THR M 107 -14.84 -3.39 8.10
C THR M 107 -15.18 -3.22 6.62
N ASP M 108 -16.01 -4.12 6.10
CA ASP M 108 -16.30 -4.12 4.68
C ASP M 108 -17.78 -3.96 4.37
N LEU M 109 -18.67 -4.25 5.31
CA LEU M 109 -20.08 -3.90 5.36
C LEU M 109 -20.93 -4.70 4.37
N ALA M 110 -20.32 -5.47 3.49
CA ALA M 110 -21.04 -6.47 2.72
C ALA M 110 -20.77 -7.89 3.20
N ARG M 111 -19.52 -8.21 3.51
CA ARG M 111 -19.18 -9.54 3.98
C ARG M 111 -19.49 -9.73 5.46
N LEU M 112 -19.53 -8.67 6.25
CA LEU M 112 -19.97 -8.87 7.61
C LEU M 112 -21.48 -8.97 7.68
N THR M 113 -22.18 -8.38 6.71
CA THR M 113 -23.61 -8.65 6.56
C THR M 113 -23.85 -10.09 6.18
N LYS M 114 -22.99 -10.64 5.30
CA LYS M 114 -22.98 -12.06 4.97
C LYS M 114 -22.82 -12.91 6.22
N ARG M 115 -21.81 -12.61 7.04
CA ARG M 115 -21.61 -13.39 8.26
C ARG M 115 -22.76 -13.23 9.25
N LEU M 116 -23.34 -12.04 9.35
CA LEU M 116 -24.40 -11.86 10.33
C LEU M 116 -25.70 -12.51 9.86
N THR M 117 -25.96 -12.52 8.56
CA THR M 117 -27.17 -13.18 8.08
C THR M 117 -27.00 -14.69 8.00
N GLU M 118 -25.78 -15.23 8.05
CA GLU M 118 -25.72 -16.68 8.18
C GLU M 118 -25.72 -17.08 9.64
N LEU M 119 -25.30 -16.17 10.53
CA LEU M 119 -25.27 -16.51 11.95
C LEU M 119 -26.60 -16.29 12.66
N ILE M 120 -27.42 -15.36 12.20
CA ILE M 120 -28.73 -15.11 12.82
C ILE M 120 -29.71 -16.29 12.70
N PRO M 121 -29.62 -17.23 11.73
CA PRO M 121 -30.30 -18.51 11.93
C PRO M 121 -29.45 -19.58 12.58
N ALA M 122 -28.13 -19.40 12.63
CA ALA M 122 -27.26 -20.47 13.12
C ALA M 122 -27.38 -20.64 14.62
N VAL M 123 -27.41 -19.54 15.37
CA VAL M 123 -27.60 -19.62 16.81
C VAL M 123 -29.07 -19.54 17.20
N GLY M 124 -29.95 -19.16 16.27
CA GLY M 124 -31.36 -19.11 16.57
C GLY M 124 -31.77 -17.88 17.35
N VAL M 125 -31.53 -16.70 16.78
CA VAL M 125 -31.92 -15.46 17.42
C VAL M 125 -33.43 -15.32 17.36
N LYS M 126 -34.04 -15.16 18.53
CA LYS M 126 -35.49 -14.95 18.58
C LYS M 126 -35.87 -13.49 18.52
N LEU M 127 -35.00 -12.58 18.93
CA LEU M 127 -35.34 -11.18 19.04
C LEU M 127 -34.06 -10.35 19.11
N ILE M 128 -34.07 -9.22 18.40
CA ILE M 128 -33.03 -8.20 18.51
C ILE M 128 -33.64 -6.91 19.05
N ILE M 129 -32.97 -6.34 20.07
CA ILE M 129 -33.44 -5.17 20.81
C ILE M 129 -32.35 -4.11 20.73
N ILE M 130 -32.72 -2.88 20.36
CA ILE M 130 -31.78 -1.77 20.28
C ILE M 130 -32.19 -0.70 21.27
N ASP M 131 -31.24 -0.27 22.10
CA ASP M 131 -31.48 0.73 23.12
C ASP M 131 -31.55 2.16 22.59
N GLU M 132 -30.54 2.61 21.86
CA GLU M 132 -30.31 4.05 21.71
C GLU M 132 -30.49 4.48 20.26
N PHE M 133 -31.71 4.87 19.92
CA PHE M 133 -32.02 5.29 18.56
C PHE M 133 -31.79 6.77 18.33
N GLN M 134 -31.63 7.57 19.38
CA GLN M 134 -31.47 9.01 19.24
C GLN M 134 -30.06 9.41 18.83
N HIS M 135 -29.17 8.44 18.65
CA HIS M 135 -27.80 8.72 18.26
C HIS M 135 -27.64 8.92 16.76
N LEU M 136 -28.72 8.92 16.00
CA LEU M 136 -28.63 9.05 14.56
C LEU M 136 -28.97 10.45 14.08
N VAL M 137 -29.21 11.37 14.98
CA VAL M 137 -29.42 12.77 14.62
C VAL M 137 -28.10 13.51 14.84
N GLU M 138 -27.85 14.51 14.01
CA GLU M 138 -26.66 15.34 14.11
C GLU M 138 -26.75 16.20 15.38
N GLU M 139 -25.59 16.53 15.95
CA GLU M 139 -25.55 17.42 17.11
C GLU M 139 -26.08 18.82 16.78
N ARG M 140 -25.38 19.52 15.90
CA ARG M 140 -25.57 20.96 15.74
C ARG M 140 -26.72 21.30 14.82
N SER M 141 -27.09 20.39 13.92
CA SER M 141 -28.26 20.56 13.08
C SER M 141 -29.16 19.34 13.26
N ASN M 142 -30.38 19.47 12.78
CA ASN M 142 -31.33 18.36 12.86
C ASN M 142 -31.44 17.59 11.56
N ARG M 143 -30.36 17.51 10.78
CA ARG M 143 -30.28 16.43 9.82
C ARG M 143 -30.20 15.12 10.57
N VAL M 144 -30.81 14.10 10.00
CA VAL M 144 -30.76 12.75 10.53
C VAL M 144 -30.13 11.89 9.43
N LEU M 145 -29.27 10.98 9.85
CA LEU M 145 -28.66 10.04 8.92
C LEU M 145 -29.42 8.74 8.97
N THR M 146 -29.85 8.25 7.81
CA THR M 146 -30.54 6.97 7.73
C THR M 146 -29.80 5.99 6.84
N GLN M 147 -28.47 5.96 6.91
CA GLN M 147 -27.74 4.82 6.39
C GLN M 147 -28.06 3.58 7.22
N VAL M 148 -28.01 3.75 8.55
CA VAL M 148 -28.36 2.67 9.46
C VAL M 148 -29.83 2.29 9.37
N GLY M 149 -30.71 3.24 9.01
CA GLY M 149 -32.11 2.90 8.88
C GLY M 149 -32.39 2.01 7.69
N ASN M 150 -31.82 2.35 6.54
CA ASN M 150 -31.99 1.50 5.38
C ASN M 150 -31.24 0.19 5.54
N TRP M 151 -30.12 0.19 6.27
CA TRP M 151 -29.44 -1.06 6.57
C TRP M 151 -30.27 -1.94 7.48
N LEU M 152 -30.97 -1.33 8.44
CA LEU M 152 -31.83 -2.10 9.33
C LEU M 152 -33.05 -2.62 8.60
N LYS M 153 -33.56 -1.87 7.61
CA LYS M 153 -34.62 -2.42 6.76
C LYS M 153 -34.10 -3.59 5.94
N MET M 154 -32.84 -3.50 5.50
CA MET M 154 -32.24 -4.57 4.71
C MET M 154 -32.08 -5.84 5.53
N ILE M 155 -31.61 -5.72 6.76
CA ILE M 155 -31.46 -6.90 7.59
C ILE M 155 -32.82 -7.38 8.09
N LEU M 156 -33.82 -6.50 8.10
CA LEU M 156 -35.17 -6.93 8.46
C LEU M 156 -35.79 -7.76 7.35
N ASN M 157 -35.64 -7.33 6.10
CA ASN M 157 -36.22 -8.04 4.97
C ASN M 157 -35.39 -9.23 4.54
N LYS M 158 -34.10 -9.27 4.92
CA LYS M 158 -33.26 -10.41 4.59
C LYS M 158 -33.64 -11.62 5.43
N THR M 159 -33.48 -11.52 6.75
CA THR M 159 -33.98 -12.49 7.70
C THR M 159 -35.05 -11.86 8.57
N LYS M 160 -36.09 -12.63 8.86
CA LYS M 160 -37.35 -12.07 9.35
C LYS M 160 -37.37 -12.08 10.88
N CYS M 161 -36.32 -11.51 11.46
CA CYS M 161 -36.20 -11.45 12.91
C CYS M 161 -36.87 -10.20 13.43
N PRO M 162 -37.69 -10.29 14.48
CA PRO M 162 -38.33 -9.09 15.02
C PRO M 162 -37.34 -8.18 15.73
N ILE M 163 -37.58 -6.89 15.61
CA ILE M 163 -36.71 -5.84 16.14
C ILE M 163 -37.52 -4.91 17.03
N VAL M 164 -37.00 -4.66 18.23
CA VAL M 164 -37.63 -3.78 19.20
C VAL M 164 -36.68 -2.63 19.47
N ILE M 165 -37.05 -1.44 19.03
CA ILE M 165 -36.20 -0.27 19.16
C ILE M 165 -36.69 0.55 20.33
N PHE M 166 -35.79 0.89 21.24
CA PHE M 166 -36.04 1.87 22.28
C PHE M 166 -35.42 3.19 21.86
N GLY M 167 -35.76 4.27 22.56
CA GLY M 167 -35.15 5.53 22.21
C GLY M 167 -35.86 6.71 22.83
N MET M 168 -35.28 7.88 22.60
CA MET M 168 -35.78 9.13 23.13
C MET M 168 -37.04 9.54 22.38
N PRO M 169 -37.89 10.38 22.99
CA PRO M 169 -39.11 10.81 22.29
C PRO M 169 -38.84 11.74 21.12
N TYR M 170 -37.73 12.46 21.10
CA TYR M 170 -37.40 13.24 19.92
C TYR M 170 -36.77 12.41 18.82
N SER M 171 -36.52 11.13 19.05
CA SER M 171 -35.87 10.26 18.08
C SER M 171 -36.85 9.68 17.07
N LYS M 172 -38.10 10.12 17.09
CA LYS M 172 -39.09 9.51 16.20
C LYS M 172 -39.11 10.20 14.85
N VAL M 173 -38.56 11.41 14.76
CA VAL M 173 -38.47 12.08 13.49
C VAL M 173 -37.49 11.37 12.55
N VAL M 174 -36.52 10.66 13.13
CA VAL M 174 -35.69 9.72 12.37
C VAL M 174 -36.56 8.70 11.67
N LEU M 175 -37.56 8.16 12.39
CA LEU M 175 -38.49 7.23 11.76
C LEU M 175 -39.40 7.95 10.78
N GLN M 176 -39.54 9.27 10.93
CA GLN M 176 -40.27 10.06 9.95
C GLN M 176 -39.44 10.33 8.71
N ALA M 177 -38.15 10.00 8.72
CA ALA M 177 -37.31 10.20 7.55
C ALA M 177 -37.66 9.18 6.48
N ASN M 178 -37.50 7.90 6.81
CA ASN M 178 -37.81 6.81 5.90
C ASN M 178 -39.25 6.38 6.12
N SER M 179 -40.08 6.51 5.09
CA SER M 179 -41.48 6.12 5.22
C SER M 179 -41.65 4.61 5.25
N GLN M 180 -40.72 3.87 4.64
CA GLN M 180 -40.80 2.43 4.74
C GLN M 180 -40.41 1.94 6.12
N LEU M 181 -39.47 2.62 6.77
CA LEU M 181 -39.21 2.38 8.18
C LEU M 181 -40.41 2.76 9.03
N HIS M 182 -41.12 3.83 8.62
CA HIS M 182 -42.27 4.28 9.38
C HIS M 182 -43.41 3.27 9.30
N GLY M 183 -43.64 2.69 8.11
CA GLY M 183 -44.68 1.70 7.96
C GLY M 183 -44.30 0.34 8.51
N ARG M 184 -43.00 0.01 8.51
CA ARG M 184 -42.60 -1.28 9.03
C ARG M 184 -42.63 -1.31 10.55
N PHE M 185 -42.58 -0.16 11.20
CA PHE M 185 -42.67 -0.08 12.66
C PHE M 185 -44.05 0.44 12.99
N SER M 186 -44.94 -0.49 13.36
CA SER M 186 -46.36 -0.23 13.53
C SER M 186 -46.71 0.15 14.97
N ILE M 187 -46.18 -0.59 15.94
CA ILE M 187 -46.53 -0.40 17.35
C ILE M 187 -45.53 0.54 18.00
N GLN M 188 -45.92 1.80 18.15
CA GLN M 188 -45.22 2.79 18.99
C GLN M 188 -46.03 3.08 20.23
N VAL M 189 -45.34 3.14 21.37
CA VAL M 189 -45.97 3.27 22.67
C VAL M 189 -45.47 4.55 23.34
N GLU M 190 -45.93 4.76 24.57
CA GLU M 190 -45.66 6.00 25.32
C GLU M 190 -45.30 5.65 26.76
N LEU M 191 -44.00 5.63 27.06
CA LEU M 191 -43.53 5.44 28.43
C LEU M 191 -43.19 6.80 29.04
N ARG M 192 -44.23 7.55 29.34
CA ARG M 192 -44.09 8.88 29.92
C ARG M 192 -43.96 8.76 31.43
N PRO M 193 -43.41 9.79 32.10
CA PRO M 193 -43.28 9.72 33.57
C PRO M 193 -44.60 9.79 34.32
N PHE M 194 -44.49 9.83 35.65
CA PHE M 194 -45.66 9.81 36.52
C PHE M 194 -46.45 11.11 36.40
N SER M 195 -47.77 10.99 36.33
CA SER M 195 -48.58 12.10 35.85
C SER M 195 -48.87 13.13 36.93
N TYR M 196 -49.58 12.69 37.97
CA TYR M 196 -50.08 13.54 39.09
C TYR M 196 -49.78 12.90 40.45
N GLN M 197 -49.81 13.71 41.51
CA GLN M 197 -49.65 13.19 42.90
C GLN M 197 -50.91 13.51 43.71
N GLY M 198 -51.90 14.19 43.11
CA GLY M 198 -53.10 14.61 43.84
C GLY M 198 -53.78 13.50 44.63
N GLY M 199 -53.96 12.32 44.05
CA GLY M 199 -54.60 11.24 44.79
C GLY M 199 -55.17 10.16 43.87
N ARG M 200 -55.14 8.93 44.41
CA ARG M 200 -55.57 7.69 43.73
C ARG M 200 -54.83 7.48 42.42
N GLY M 201 -53.53 7.74 42.40
CA GLY M 201 -52.70 7.47 41.25
C GLY M 201 -52.05 6.10 41.29
N VAL M 202 -51.50 5.73 40.13
CA VAL M 202 -50.56 4.64 40.01
C VAL M 202 -49.29 4.95 40.82
N PHE M 203 -48.96 6.23 40.94
CA PHE M 203 -47.86 6.73 41.77
C PHE M 203 -47.94 6.23 43.21
N LYS M 204 -49.15 6.20 43.78
CA LYS M 204 -49.42 5.70 45.13
C LYS M 204 -48.95 4.27 45.32
N THR M 205 -49.51 3.36 44.52
CA THR M 205 -49.20 1.94 44.61
C THR M 205 -47.75 1.64 44.28
N PHE M 206 -47.19 2.36 43.29
CA PHE M 206 -45.75 2.29 43.04
C PHE M 206 -44.96 2.66 44.28
N LEU M 207 -45.40 3.71 44.99
CA LEU M 207 -44.65 4.24 46.11
C LEU M 207 -44.67 3.27 47.28
N GLU M 208 -45.82 2.66 47.55
CA GLU M 208 -45.87 1.75 48.68
C GLU M 208 -45.34 0.36 48.33
N TYR M 209 -45.35 -0.05 47.06
CA TYR M 209 -44.60 -1.24 46.69
C TYR M 209 -43.10 -1.02 46.84
N LEU M 210 -42.62 0.18 46.51
CA LEU M 210 -41.24 0.53 46.82
C LEU M 210 -41.00 0.56 48.33
N ASP M 211 -42.03 0.93 49.09
CA ASP M 211 -41.90 1.01 50.54
C ASP M 211 -41.75 -0.36 51.16
N LYS M 212 -42.54 -1.33 50.69
CA LYS M 212 -42.34 -2.68 51.20
C LYS M 212 -41.09 -3.31 50.60
N ALA M 213 -40.62 -2.81 49.45
CA ALA M 213 -39.38 -3.32 48.87
C ALA M 213 -38.13 -2.82 49.59
N LEU M 214 -38.25 -1.79 50.42
CA LEU M 214 -37.08 -1.19 51.06
C LEU M 214 -36.55 -2.13 52.16
N PRO M 215 -35.25 -2.04 52.47
CA PRO M 215 -34.66 -2.95 53.48
C PRO M 215 -35.08 -2.71 54.92
N PHE M 216 -35.92 -1.72 55.22
CA PHE M 216 -36.29 -1.48 56.61
C PHE M 216 -37.54 -2.27 56.96
N GLU M 217 -37.46 -3.01 58.06
CA GLU M 217 -38.31 -4.18 58.27
C GLU M 217 -39.61 -3.87 59.00
N LYS M 218 -39.91 -2.60 59.24
CA LYS M 218 -41.21 -2.28 59.82
C LYS M 218 -42.10 -1.46 58.91
N GLN M 219 -41.60 -0.33 58.39
CA GLN M 219 -42.35 0.64 57.62
C GLN M 219 -41.31 1.66 57.15
N ALA M 220 -41.50 2.21 55.96
CA ALA M 220 -40.63 3.26 55.48
C ALA M 220 -41.17 4.65 55.74
N GLY M 221 -42.42 4.77 56.18
CA GLY M 221 -43.01 6.06 56.47
C GLY M 221 -43.42 6.86 55.25
N LEU M 222 -43.15 6.37 54.06
CA LEU M 222 -43.37 7.09 52.82
C LEU M 222 -44.78 6.82 52.33
N ALA M 223 -45.12 7.40 51.17
CA ALA M 223 -46.45 7.37 50.56
C ALA M 223 -47.54 7.87 51.52
N ASN M 224 -47.29 9.01 52.16
CA ASN M 224 -48.19 9.55 53.15
C ASN M 224 -48.83 10.83 52.60
N GLU M 225 -49.45 11.60 53.49
CA GLU M 225 -50.36 12.66 53.08
C GLU M 225 -49.49 13.81 52.57
N SER M 226 -48.37 14.06 53.24
CA SER M 226 -47.51 15.20 52.91
C SER M 226 -46.18 14.79 52.28
N LEU M 227 -45.81 13.51 52.36
CA LEU M 227 -44.50 13.11 51.87
C LEU M 227 -44.46 13.04 50.36
N GLN M 228 -45.51 12.52 49.72
CA GLN M 228 -45.55 12.50 48.27
C GLN M 228 -45.66 13.90 47.68
N LYS M 229 -46.15 14.87 48.46
CA LYS M 229 -46.15 16.26 48.03
C LYS M 229 -44.72 16.76 47.78
N LYS M 230 -43.84 16.63 48.76
CA LYS M 230 -42.46 17.06 48.56
C LYS M 230 -41.68 16.11 47.66
N LEU M 231 -42.13 14.85 47.54
CA LEU M 231 -41.49 13.93 46.60
C LEU M 231 -41.76 14.36 45.16
N TYR M 232 -43.02 14.63 44.83
CA TYR M 232 -43.36 15.14 43.50
C TYR M 232 -42.89 16.58 43.31
N ALA M 233 -42.64 17.30 44.42
CA ALA M 233 -41.98 18.59 44.30
C ALA M 233 -40.52 18.43 43.91
N PHE M 234 -39.87 17.36 44.37
CA PHE M 234 -38.45 17.18 44.04
C PHE M 234 -38.28 16.65 42.62
N SER M 235 -38.80 15.46 42.35
CA SER M 235 -38.74 14.87 41.03
C SER M 235 -40.02 15.22 40.29
N GLN M 236 -39.90 15.59 39.03
CA GLN M 236 -41.05 16.01 38.25
C GLN M 236 -42.05 14.87 38.07
N GLY M 237 -41.63 13.85 37.33
CA GLY M 237 -42.27 12.54 37.38
C GLY M 237 -41.10 11.59 37.26
N ASN M 238 -39.92 12.17 37.46
CA ASN M 238 -38.65 11.64 36.97
C ASN M 238 -38.24 10.46 37.82
N MET M 239 -38.31 9.26 37.23
CA MET M 239 -38.09 8.02 37.95
C MET M 239 -36.67 7.90 38.47
N ARG M 240 -35.69 8.32 37.66
CA ARG M 240 -34.28 8.18 38.02
C ARG M 240 -33.93 9.05 39.22
N SER M 241 -34.36 10.31 39.22
CA SER M 241 -34.04 11.19 40.33
C SER M 241 -34.82 10.85 41.59
N LEU M 242 -36.06 10.38 41.46
CA LEU M 242 -36.83 9.96 42.63
C LEU M 242 -36.19 8.75 43.29
N ARG M 243 -35.87 7.73 42.49
CA ARG M 243 -35.19 6.55 43.01
C ARG M 243 -33.80 6.86 43.52
N ASN M 244 -33.11 7.82 42.89
CA ASN M 244 -31.77 8.20 43.31
C ASN M 244 -31.79 8.86 44.68
N LEU M 245 -32.70 9.82 44.87
CA LEU M 245 -32.84 10.49 46.16
C LEU M 245 -33.29 9.53 47.24
N ILE M 246 -34.19 8.59 46.90
CA ILE M 246 -34.65 7.59 47.85
C ILE M 246 -33.52 6.68 48.29
N TYR M 247 -32.67 6.26 47.34
CA TYR M 247 -31.51 5.44 47.66
C TYR M 247 -30.48 6.20 48.48
N GLN M 248 -30.31 7.49 48.17
CA GLN M 248 -29.34 8.29 48.90
C GLN M 248 -29.81 8.61 50.32
N ALA M 249 -31.12 8.58 50.55
CA ALA M 249 -31.63 8.63 51.92
C ALA M 249 -31.46 7.29 52.63
N SER M 250 -31.68 6.18 51.91
CA SER M 250 -31.63 4.86 52.54
C SER M 250 -30.22 4.51 52.99
N ILE M 251 -29.21 4.89 52.20
CA ILE M 251 -27.83 4.69 52.64
C ILE M 251 -27.50 5.56 53.85
N GLU M 252 -28.06 6.76 53.93
CA GLU M 252 -27.75 7.65 55.05
C GLU M 252 -28.38 7.11 56.33
N ALA M 253 -29.56 6.51 56.20
CA ALA M 253 -30.19 5.88 57.35
C ALA M 253 -29.45 4.62 57.79
N ILE M 254 -28.81 3.89 56.86
CA ILE M 254 -28.15 2.67 57.30
C ILE M 254 -26.67 2.94 57.64
N ASP M 255 -26.20 4.16 57.41
CA ASP M 255 -24.85 4.54 57.84
C ASP M 255 -24.74 4.55 59.37
N ASN M 256 -25.78 5.00 60.05
CA ASN M 256 -25.76 5.07 61.51
C ASN M 256 -26.96 4.34 62.09
N GLN M 257 -27.19 4.54 63.39
CA GLN M 257 -28.42 4.06 64.01
C GLN M 257 -29.63 4.85 63.53
N HIS M 258 -30.45 4.25 62.67
CA HIS M 258 -31.72 4.82 62.25
C HIS M 258 -32.68 3.67 61.97
N GLU M 259 -33.94 3.84 62.36
CA GLU M 259 -34.92 2.77 62.23
C GLU M 259 -35.74 2.86 60.95
N THR M 260 -35.87 4.06 60.38
CA THR M 260 -36.56 4.28 59.11
C THR M 260 -35.99 5.56 58.51
N ILE M 261 -36.29 5.82 57.24
CA ILE M 261 -35.98 7.11 56.62
C ILE M 261 -36.81 8.17 57.32
N THR M 262 -36.17 9.24 57.80
CA THR M 262 -36.84 10.21 58.65
C THR M 262 -36.38 11.62 58.29
N GLU M 263 -36.69 12.58 59.14
CA GLU M 263 -36.67 14.00 58.77
C GLU M 263 -35.36 14.69 59.18
N GLU M 264 -34.27 13.95 59.10
CA GLU M 264 -32.97 14.57 59.36
C GLU M 264 -31.95 14.15 58.30
N ASP M 265 -32.25 13.04 57.62
CA ASP M 265 -31.30 12.41 56.72
C ASP M 265 -31.84 12.42 55.29
N PHE M 266 -33.17 12.51 55.16
CA PHE M 266 -33.81 12.73 53.88
C PHE M 266 -33.50 14.12 53.36
N VAL M 267 -33.34 15.10 54.26
CA VAL M 267 -32.89 16.43 53.91
C VAL M 267 -31.49 16.45 53.30
N PHE M 268 -30.52 15.73 53.90
CA PHE M 268 -29.16 15.71 53.35
C PHE M 268 -29.16 15.01 51.98
N ALA M 269 -30.06 14.05 51.79
CA ALA M 269 -30.28 13.47 50.47
C ALA M 269 -30.85 14.48 49.49
N SER M 270 -31.66 15.43 49.96
CA SER M 270 -32.08 16.51 49.07
C SER M 270 -30.93 17.48 48.78
N LYS M 271 -30.05 17.67 49.77
CA LYS M 271 -28.84 18.47 49.60
C LYS M 271 -27.90 17.91 48.52
N LEU M 272 -27.76 16.60 48.43
CA LEU M 272 -26.83 16.03 47.43
C LEU M 272 -27.39 16.08 46.02
N THR M 273 -28.56 15.48 45.79
CA THR M 273 -29.02 15.20 44.43
C THR M 273 -29.90 16.33 43.87
N SER M 274 -29.61 17.56 44.26
CA SER M 274 -30.30 18.73 43.72
C SER M 274 -29.52 19.38 42.60
N GLY M 275 -28.46 18.75 42.10
CA GLY M 275 -27.59 19.35 41.13
C GLY M 275 -28.13 19.37 39.71
N ASP M 276 -28.77 18.29 39.29
CA ASP M 276 -29.24 18.19 37.90
C ASP M 276 -30.47 19.05 37.64
N LYS M 277 -31.12 19.54 38.68
CA LYS M 277 -32.38 20.25 38.52
C LYS M 277 -32.14 21.65 37.96
N PRO M 278 -33.12 22.22 37.26
CA PRO M 278 -32.95 23.58 36.74
C PRO M 278 -32.94 24.62 37.84
N ASN M 279 -32.67 25.86 37.41
CA ASN M 279 -32.59 26.98 38.35
C ASN M 279 -33.96 27.38 38.87
N SER M 280 -34.97 27.38 37.99
CA SER M 280 -36.31 27.75 38.37
C SER M 280 -37.05 26.65 39.13
N TRP M 281 -36.53 25.43 39.11
CA TRP M 281 -37.07 24.37 39.96
C TRP M 281 -36.83 24.73 41.42
N LYS M 282 -37.82 24.51 42.27
CA LYS M 282 -37.70 24.90 43.66
C LYS M 282 -37.35 23.73 44.56
N ASN M 283 -36.38 23.98 45.45
CA ASN M 283 -35.70 23.19 46.46
C ASN M 283 -36.54 23.23 47.74
N PRO M 284 -37.28 22.14 48.06
CA PRO M 284 -38.39 22.26 49.03
C PRO M 284 -38.19 21.74 50.45
N PHE M 285 -37.01 21.30 50.89
CA PHE M 285 -36.97 20.45 52.08
C PHE M 285 -36.39 21.09 53.33
N GLU M 286 -35.55 22.12 53.22
CA GLU M 286 -34.68 22.45 54.34
C GLU M 286 -35.42 23.18 55.47
N GLU M 287 -35.90 24.40 55.24
CA GLU M 287 -36.29 25.20 56.38
C GLU M 287 -37.78 25.58 56.40
N GLY M 288 -38.34 26.07 55.30
CA GLY M 288 -39.70 26.56 55.37
C GLY M 288 -40.49 26.47 54.08
N VAL M 289 -40.02 25.71 53.11
CA VAL M 289 -40.56 25.78 51.75
C VAL M 289 -41.82 24.92 51.70
N GLU M 290 -42.97 25.56 51.88
CA GLU M 290 -44.26 24.98 51.52
C GLU M 290 -44.53 25.06 50.01
N VAL M 291 -45.17 24.02 49.49
CA VAL M 291 -45.20 23.78 48.04
C VAL M 291 -46.57 24.17 47.52
N THR M 292 -46.60 25.05 46.52
CA THR M 292 -47.85 25.52 45.92
C THR M 292 -48.47 24.41 45.09
N GLU M 293 -49.70 24.62 44.61
CA GLU M 293 -50.38 23.56 43.88
C GLU M 293 -49.88 23.52 42.44
N ASP M 294 -49.45 24.66 41.91
CA ASP M 294 -48.98 24.70 40.52
C ASP M 294 -47.66 23.98 40.33
N MET M 295 -46.97 23.59 41.41
CA MET M 295 -45.66 23.01 41.21
C MET M 295 -45.73 21.48 41.19
N LEU M 296 -46.92 20.93 41.47
CA LEU M 296 -47.18 19.51 41.26
C LEU M 296 -47.88 19.26 39.92
N ARG M 297 -47.67 20.17 38.96
CA ARG M 297 -48.36 20.19 37.69
C ARG M 297 -47.81 19.06 36.83
N PRO M 298 -48.65 18.43 36.00
CA PRO M 298 -48.21 17.24 35.27
C PRO M 298 -47.15 17.58 34.24
N PRO M 299 -46.32 16.61 33.84
CA PRO M 299 -45.24 16.90 32.92
C PRO M 299 -45.77 17.16 31.52
N PRO M 300 -45.10 18.01 30.75
CA PRO M 300 -45.63 18.38 29.43
C PRO M 300 -45.39 17.27 28.42
N LYS M 301 -45.81 17.54 27.18
CA LYS M 301 -45.66 16.57 26.11
C LYS M 301 -44.23 16.56 25.57
N ASP M 302 -43.59 17.73 25.47
CA ASP M 302 -42.20 17.82 25.05
C ASP M 302 -41.27 17.69 26.26
N ILE M 303 -41.40 16.54 26.92
CA ILE M 303 -40.61 16.22 28.11
C ILE M 303 -39.39 15.38 27.74
N GLY M 304 -39.46 14.70 26.61
CA GLY M 304 -38.28 14.07 26.04
C GLY M 304 -37.85 14.77 24.78
N TRP M 305 -38.07 16.07 24.70
CA TRP M 305 -37.81 16.82 23.48
C TRP M 305 -36.91 18.03 23.69
N GLU M 306 -36.41 18.25 24.91
CA GLU M 306 -35.57 19.43 25.13
C GLU M 306 -34.12 19.21 24.69
N ASP M 307 -33.82 18.11 24.01
CA ASP M 307 -32.57 18.03 23.29
C ASP M 307 -32.68 18.60 21.88
N TYR M 308 -33.82 19.20 21.53
CA TYR M 308 -34.15 19.45 20.15
C TYR M 308 -34.59 20.87 19.84
N LEU M 309 -34.79 21.74 20.83
CA LEU M 309 -35.40 23.03 20.48
C LEU M 309 -34.36 23.98 19.90
N ARG M 310 -33.13 23.91 20.41
CA ARG M 310 -32.15 24.97 20.23
C ARG M 310 -31.67 25.10 18.79
N HIS M 311 -31.58 23.98 18.08
CA HIS M 311 -31.22 24.01 16.67
C HIS M 311 -32.42 23.67 15.81
N THR N 1 -53.50 -21.87 20.32
CA THR N 1 -53.00 -20.95 19.31
C THR N 1 -53.17 -21.53 17.90
N ARG N 2 -52.63 -22.74 17.71
CA ARG N 2 -52.68 -23.49 16.45
C ARG N 2 -52.05 -22.67 15.32
N GLU N 3 -50.72 -22.55 15.41
CA GLU N 3 -49.87 -21.72 14.56
C GLU N 3 -50.09 -21.88 13.06
N ALA N 4 -50.64 -23.02 12.62
CA ALA N 4 -51.09 -23.15 11.24
C ALA N 4 -52.13 -22.10 10.90
N ARG N 5 -53.08 -21.84 11.81
CA ARG N 5 -54.08 -20.81 11.54
C ARG N 5 -53.46 -19.42 11.56
N ILE N 6 -52.39 -19.21 12.33
CA ILE N 6 -51.75 -17.90 12.39
C ILE N 6 -51.00 -17.61 11.10
N SER N 7 -50.16 -18.57 10.65
CA SER N 7 -49.43 -18.40 9.40
C SER N 7 -50.36 -18.38 8.20
N ARG N 8 -51.42 -19.19 8.24
CA ARG N 8 -52.44 -19.20 7.20
C ARG N 8 -53.32 -17.95 7.24
N ALA N 9 -53.35 -17.23 8.37
CA ALA N 9 -54.02 -15.94 8.39
C ALA N 9 -53.11 -14.83 7.93
N LYS N 10 -51.80 -14.96 8.15
CA LYS N 10 -50.86 -13.94 7.70
C LYS N 10 -50.60 -14.04 6.19
N ARG N 11 -50.25 -15.24 5.72
CA ARG N 11 -50.03 -15.47 4.29
C ARG N 11 -51.38 -15.63 3.60
N ALA N 12 -51.99 -14.51 3.27
CA ALA N 12 -53.18 -14.50 2.42
C ALA N 12 -53.01 -13.44 1.36
N PHE N 13 -53.45 -13.74 0.14
CA PHE N 13 -53.21 -12.90 -1.02
C PHE N 13 -54.51 -12.69 -1.78
N VAL N 14 -54.82 -11.43 -2.07
CA VAL N 14 -55.99 -11.07 -2.88
C VAL N 14 -55.47 -10.41 -4.14
N SER N 15 -55.90 -10.93 -5.29
CA SER N 15 -55.43 -10.44 -6.58
C SER N 15 -56.36 -9.36 -7.08
N THR N 16 -56.04 -8.11 -6.76
CA THR N 16 -56.70 -6.98 -7.38
C THR N 16 -56.27 -6.90 -8.84
N PRO N 17 -57.11 -6.32 -9.73
CA PRO N 17 -56.78 -6.36 -11.17
C PRO N 17 -55.50 -5.65 -11.57
N SER N 18 -55.01 -4.71 -10.77
CA SER N 18 -53.74 -4.07 -11.08
C SER N 18 -52.58 -5.05 -10.91
N VAL N 19 -52.67 -5.95 -9.93
CA VAL N 19 -51.63 -6.94 -9.70
C VAL N 19 -51.55 -7.93 -10.86
N ARG N 20 -52.69 -8.48 -11.27
CA ARG N 20 -52.69 -9.40 -12.40
C ARG N 20 -52.36 -8.70 -13.71
N LYS N 21 -52.69 -7.41 -13.83
CA LYS N 21 -52.20 -6.60 -14.94
C LYS N 21 -50.67 -6.56 -14.96
N ILE N 22 -50.06 -6.37 -13.79
CA ILE N 22 -48.60 -6.37 -13.67
C ILE N 22 -48.03 -7.73 -14.08
N LEU N 23 -48.53 -8.81 -13.48
CA LEU N 23 -47.92 -10.13 -13.70
C LEU N 23 -48.12 -10.60 -15.14
N SER N 24 -49.23 -10.20 -15.76
CA SER N 24 -49.40 -10.41 -17.19
C SER N 24 -48.35 -9.65 -17.99
N TYR N 25 -48.06 -8.39 -17.60
CA TYR N 25 -47.02 -7.64 -18.29
C TYR N 25 -45.63 -8.23 -18.06
N MET N 26 -45.37 -8.85 -16.91
CA MET N 26 -44.02 -9.41 -16.77
C MET N 26 -43.87 -10.75 -17.48
N ASP N 27 -44.93 -11.54 -17.62
CA ASP N 27 -44.80 -12.71 -18.52
C ASP N 27 -44.68 -12.28 -19.97
N ARG N 28 -45.41 -11.20 -20.33
CA ARG N 28 -45.26 -10.55 -21.62
C ARG N 28 -43.82 -10.11 -21.87
N CYS N 29 -43.19 -9.54 -20.85
CA CYS N 29 -41.80 -9.11 -20.92
C CYS N 29 -40.84 -10.29 -20.96
N ARG N 30 -41.16 -11.39 -20.26
CA ARG N 30 -40.31 -12.56 -20.20
C ARG N 30 -40.24 -13.27 -21.55
N ASP N 31 -41.37 -13.79 -22.04
CA ASP N 31 -41.30 -14.37 -23.37
C ASP N 31 -41.81 -13.43 -24.45
N LEU N 32 -41.57 -12.13 -24.32
CA LEU N 32 -41.51 -11.28 -25.51
C LEU N 32 -40.08 -10.93 -25.86
N SER N 33 -39.24 -10.72 -24.86
CA SER N 33 -37.81 -10.53 -25.08
C SER N 33 -37.26 -11.85 -25.57
N ASP N 34 -36.67 -11.83 -26.75
CA ASP N 34 -36.28 -13.03 -27.47
C ASP N 34 -34.84 -13.45 -27.18
N LEU N 35 -34.09 -12.61 -26.45
CA LEU N 35 -32.67 -12.75 -26.15
C LEU N 35 -31.79 -12.78 -27.40
N GLU N 36 -32.30 -12.29 -28.51
CA GLU N 36 -31.51 -12.00 -29.69
C GLU N 36 -31.30 -10.51 -29.87
N SER N 37 -32.36 -9.72 -29.77
CA SER N 37 -32.43 -8.31 -30.02
C SER N 37 -32.87 -7.53 -28.79
N GLU N 38 -33.21 -6.27 -29.01
CA GLU N 38 -33.31 -5.26 -27.93
C GLU N 38 -34.52 -5.57 -27.03
N PRO N 39 -34.35 -5.61 -25.70
CA PRO N 39 -35.47 -5.96 -24.81
C PRO N 39 -36.47 -4.84 -24.59
N THR N 40 -37.43 -5.07 -23.69
CA THR N 40 -38.59 -4.18 -23.52
C THR N 40 -38.49 -3.29 -22.29
N CYS N 41 -37.97 -3.83 -21.17
CA CYS N 41 -37.49 -3.07 -20.00
C CYS N 41 -38.61 -2.25 -19.33
N MET N 42 -39.52 -2.98 -18.71
CA MET N 42 -40.63 -2.40 -17.96
C MET N 42 -40.14 -1.72 -16.67
N MET N 43 -40.88 -0.72 -16.23
CA MET N 43 -40.68 -0.05 -14.94
C MET N 43 -41.99 -0.03 -14.16
N VAL N 44 -41.92 -0.37 -12.87
CA VAL N 44 -43.10 -0.46 -12.00
C VAL N 44 -42.93 0.53 -10.86
N TYR N 45 -43.98 1.30 -10.57
CA TYR N 45 -43.93 2.19 -9.42
C TYR N 45 -44.87 1.72 -8.31
N GLY N 46 -44.98 2.54 -7.28
CA GLY N 46 -45.84 2.25 -6.15
C GLY N 46 -45.28 2.79 -4.86
N ALA N 47 -46.16 3.29 -3.98
CA ALA N 47 -45.75 3.95 -2.76
C ALA N 47 -45.33 2.92 -1.71
N SER N 48 -45.21 3.36 -0.46
CA SER N 48 -44.78 2.46 0.60
C SER N 48 -45.94 1.56 1.01
N GLY N 49 -45.69 0.26 1.04
CA GLY N 49 -46.70 -0.67 1.51
C GLY N 49 -47.87 -0.88 0.58
N VAL N 50 -47.65 -0.86 -0.73
CA VAL N 50 -48.73 -1.11 -1.69
C VAL N 50 -48.68 -2.51 -2.26
N GLY N 51 -47.85 -3.38 -1.70
CA GLY N 51 -47.83 -4.78 -2.10
C GLY N 51 -46.82 -5.17 -3.14
N LYS N 52 -45.71 -4.45 -3.26
CA LYS N 52 -44.76 -4.71 -4.34
C LYS N 52 -44.02 -6.02 -4.14
N THR N 53 -43.43 -6.21 -2.95
CA THR N 53 -42.65 -7.41 -2.68
C THR N 53 -43.52 -8.66 -2.74
N THR N 54 -44.77 -8.54 -2.31
CA THR N 54 -45.71 -9.64 -2.42
C THR N 54 -45.98 -9.99 -3.88
N VAL N 55 -46.04 -8.97 -4.74
CA VAL N 55 -46.22 -9.21 -6.17
C VAL N 55 -45.03 -9.97 -6.74
N ILE N 56 -43.80 -9.59 -6.40
CA ILE N 56 -42.70 -10.29 -7.05
C ILE N 56 -42.54 -11.69 -6.46
N LYS N 57 -42.84 -11.88 -5.17
CA LYS N 57 -42.79 -13.24 -4.62
C LYS N 57 -43.87 -14.15 -5.20
N LYS N 58 -45.07 -13.62 -5.44
CA LYS N 58 -46.06 -14.29 -6.29
C LYS N 58 -45.46 -14.65 -7.63
N TYR N 59 -44.71 -13.73 -8.23
CA TYR N 59 -44.18 -13.96 -9.56
C TYR N 59 -43.10 -15.04 -9.57
N LEU N 60 -42.18 -15.05 -8.60
CA LEU N 60 -41.16 -16.08 -8.62
C LEU N 60 -41.72 -17.43 -8.19
N ASN N 61 -42.81 -17.44 -7.40
CA ASN N 61 -43.57 -18.68 -7.21
C ASN N 61 -44.07 -19.21 -8.54
N GLN N 62 -44.96 -18.46 -9.19
CA GLN N 62 -45.67 -18.93 -10.38
C GLN N 62 -44.77 -19.02 -11.61
N ALA N 63 -43.55 -18.52 -11.55
CA ALA N 63 -42.64 -18.57 -12.68
C ALA N 63 -41.43 -19.47 -12.46
N ALA N 64 -41.07 -19.79 -11.21
CA ALA N 64 -39.79 -20.44 -10.97
C ALA N 64 -39.86 -21.54 -9.92
N ALA N 65 -41.08 -21.92 -9.45
CA ALA N 65 -41.17 -23.00 -8.47
C ALA N 65 -40.67 -24.33 -9.04
N ALA N 66 -41.22 -24.75 -10.18
CA ALA N 66 -40.83 -26.03 -10.79
C ALA N 66 -39.42 -25.99 -11.37
N ALA N 67 -38.97 -24.83 -11.89
CA ALA N 67 -37.64 -24.78 -12.48
C ALA N 67 -36.55 -24.66 -11.42
N ALA N 68 -36.88 -24.12 -10.24
CA ALA N 68 -35.94 -24.19 -9.13
C ALA N 68 -35.95 -25.54 -8.45
N ALA N 69 -37.09 -26.26 -8.48
CA ALA N 69 -37.10 -27.63 -7.98
C ALA N 69 -36.43 -28.61 -8.94
N GLY N 70 -36.34 -28.26 -10.23
CA GLY N 70 -35.73 -29.17 -11.19
C GLY N 70 -34.22 -29.18 -11.11
N GLY N 71 -33.60 -28.01 -11.17
CA GLY N 71 -32.15 -27.93 -11.14
C GLY N 71 -31.69 -26.49 -11.01
N ASP N 72 -30.37 -26.31 -11.14
CA ASP N 72 -29.75 -25.00 -10.99
C ASP N 72 -29.87 -24.37 -12.38
N ILE N 73 -30.99 -23.69 -12.60
CA ILE N 73 -31.20 -22.86 -13.77
C ILE N 73 -31.30 -21.39 -13.40
N ILE N 74 -32.10 -21.08 -12.38
CA ILE N 74 -32.48 -19.74 -11.89
C ILE N 74 -32.84 -18.79 -13.04
N PRO N 75 -34.01 -18.98 -13.66
CA PRO N 75 -34.38 -18.15 -14.81
C PRO N 75 -34.73 -16.72 -14.44
N VAL N 76 -35.50 -16.52 -13.38
CA VAL N 76 -35.83 -15.19 -12.90
C VAL N 76 -35.00 -14.92 -11.64
N LEU N 77 -34.63 -13.65 -11.46
CA LEU N 77 -33.78 -13.21 -10.36
C LEU N 77 -34.43 -12.07 -9.59
N HIS N 78 -34.05 -11.93 -8.32
CA HIS N 78 -34.61 -10.91 -7.45
C HIS N 78 -33.52 -10.17 -6.71
N ILE N 79 -33.48 -8.86 -6.88
CA ILE N 79 -32.40 -7.99 -6.45
C ILE N 79 -33.00 -6.78 -5.75
N GLU N 80 -32.39 -6.36 -4.65
CA GLU N 80 -32.63 -5.05 -4.07
C GLU N 80 -31.33 -4.28 -4.20
N LEU N 81 -31.41 -3.01 -4.55
CA LEU N 81 -30.21 -2.19 -4.54
C LEU N 81 -29.94 -1.69 -3.13
N PRO N 82 -28.74 -1.92 -2.60
CA PRO N 82 -28.37 -1.34 -1.30
C PRO N 82 -28.24 0.17 -1.41
N ASP N 83 -28.25 0.82 -0.25
CA ASP N 83 -28.40 2.26 -0.20
C ASP N 83 -27.13 2.95 -0.64
N ASN N 84 -27.30 3.99 -1.46
CA ASN N 84 -26.22 4.75 -2.09
C ASN N 84 -25.28 3.82 -2.85
N ALA N 85 -25.86 3.10 -3.79
CA ALA N 85 -25.21 1.96 -4.42
C ALA N 85 -24.07 2.40 -5.31
N LYS N 86 -22.88 1.90 -5.01
CA LYS N 86 -21.79 2.04 -5.94
C LYS N 86 -22.04 1.04 -7.07
N PRO N 87 -21.54 1.30 -8.28
CA PRO N 87 -21.79 0.34 -9.37
C PRO N 87 -21.17 -1.02 -9.12
N VAL N 88 -19.98 -1.05 -8.51
CA VAL N 88 -19.40 -2.33 -8.10
C VAL N 88 -20.18 -2.92 -6.93
N ASP N 89 -20.77 -2.06 -6.07
CA ASP N 89 -21.55 -2.56 -4.94
C ASP N 89 -22.81 -3.27 -5.38
N ALA N 90 -23.58 -2.67 -6.29
CA ALA N 90 -24.77 -3.34 -6.82
C ALA N 90 -24.40 -4.54 -7.68
N ALA N 91 -23.32 -4.43 -8.46
CA ALA N 91 -22.95 -5.53 -9.35
C ALA N 91 -22.51 -6.75 -8.58
N ARG N 92 -21.78 -6.57 -7.48
CA ARG N 92 -21.30 -7.74 -6.75
C ARG N 92 -22.41 -8.44 -6.02
N GLU N 93 -23.42 -7.71 -5.52
CA GLU N 93 -24.52 -8.39 -4.83
C GLU N 93 -25.45 -9.06 -5.82
N LEU N 94 -25.61 -8.46 -7.00
CA LEU N 94 -26.35 -9.11 -8.08
C LEU N 94 -25.62 -10.34 -8.56
N LEU N 95 -24.29 -10.37 -8.42
CA LEU N 95 -23.51 -11.54 -8.80
C LEU N 95 -23.54 -12.66 -7.77
N VAL N 96 -23.42 -12.34 -6.47
CA VAL N 96 -23.41 -13.43 -5.48
C VAL N 96 -24.81 -14.00 -5.32
N GLU N 97 -25.84 -13.22 -5.68
CA GLU N 97 -27.21 -13.73 -5.70
C GLU N 97 -27.37 -14.91 -6.65
N MET N 98 -27.09 -14.70 -7.93
CA MET N 98 -27.26 -15.77 -8.89
C MET N 98 -26.10 -16.73 -8.87
N GLY N 99 -26.35 -17.97 -9.30
CA GLY N 99 -25.37 -19.02 -9.34
C GLY N 99 -24.92 -19.40 -7.93
N ASP N 100 -23.76 -20.07 -7.88
CA ASP N 100 -23.10 -20.40 -6.60
C ASP N 100 -21.67 -19.85 -6.58
N PRO N 101 -21.48 -18.52 -6.69
CA PRO N 101 -20.11 -18.01 -6.82
C PRO N 101 -19.47 -17.55 -5.52
N LEU N 102 -18.18 -17.26 -5.56
CA LEU N 102 -17.50 -16.67 -4.41
C LEU N 102 -17.57 -15.15 -4.52
N ALA N 103 -17.06 -14.59 -5.63
CA ALA N 103 -17.64 -13.44 -6.32
C ALA N 103 -17.52 -12.05 -5.73
N LEU N 104 -17.02 -11.89 -4.51
CA LEU N 104 -17.05 -10.55 -3.95
C LEU N 104 -15.81 -10.19 -3.15
N TYR N 105 -14.78 -11.03 -3.15
CA TYR N 105 -13.54 -10.70 -2.46
C TYR N 105 -12.66 -9.83 -3.35
N GLU N 106 -12.89 -9.91 -4.66
CA GLU N 106 -12.42 -8.92 -5.60
C GLU N 106 -13.53 -7.93 -5.94
N THR N 107 -13.18 -6.65 -5.94
CA THR N 107 -14.06 -5.52 -6.23
C THR N 107 -13.32 -4.71 -7.28
N ASP N 108 -13.45 -5.11 -8.53
CA ASP N 108 -12.68 -4.48 -9.60
C ASP N 108 -13.55 -3.89 -10.69
N LEU N 109 -14.81 -4.31 -10.82
CA LEU N 109 -15.90 -3.68 -11.56
C LEU N 109 -15.74 -3.80 -13.07
N ALA N 110 -14.61 -4.30 -13.56
CA ALA N 110 -14.47 -4.71 -14.95
C ALA N 110 -14.45 -6.23 -15.10
N ARG N 111 -13.73 -6.92 -14.22
CA ARG N 111 -13.65 -8.38 -14.30
C ARG N 111 -14.87 -9.06 -13.68
N LEU N 112 -15.55 -8.41 -12.75
CA LEU N 112 -16.78 -9.02 -12.30
C LEU N 112 -17.91 -8.78 -13.29
N THR N 113 -17.82 -7.71 -14.07
CA THR N 113 -18.71 -7.57 -15.22
C THR N 113 -18.45 -8.64 -16.25
N LYS N 114 -17.16 -8.98 -16.47
CA LYS N 114 -16.78 -10.12 -17.30
C LYS N 114 -17.42 -11.41 -16.80
N ARG N 115 -17.28 -11.70 -15.51
CA ARG N 115 -17.88 -12.92 -14.97
C ARG N 115 -19.40 -12.90 -15.04
N LEU N 116 -20.03 -11.74 -14.85
CA LEU N 116 -21.48 -11.72 -14.85
C LEU N 116 -22.02 -11.82 -16.28
N THR N 117 -21.31 -11.26 -17.26
CA THR N 117 -21.79 -11.38 -18.63
C THR N 117 -21.43 -12.73 -19.24
N GLU N 118 -20.52 -13.51 -18.64
CA GLU N 118 -20.40 -14.87 -19.16
C GLU N 118 -21.36 -15.80 -18.44
N LEU N 119 -21.77 -15.44 -17.23
CA LEU N 119 -22.68 -16.30 -16.48
C LEU N 119 -24.15 -16.08 -16.81
N ILE N 120 -24.54 -14.89 -17.22
CA ILE N 120 -25.92 -14.60 -17.60
C ILE N 120 -26.41 -15.38 -18.83
N PRO N 121 -25.58 -15.85 -19.78
CA PRO N 121 -26.06 -16.91 -20.68
C PRO N 121 -25.77 -18.31 -20.19
N ALA N 122 -24.87 -18.49 -19.22
CA ALA N 122 -24.45 -19.83 -18.81
C ALA N 122 -25.54 -20.55 -18.05
N VAL N 123 -26.21 -19.85 -17.13
CA VAL N 123 -27.32 -20.45 -16.41
C VAL N 123 -28.66 -20.19 -17.09
N GLY N 124 -28.70 -19.27 -18.05
CA GLY N 124 -29.93 -19.03 -18.78
C GLY N 124 -30.90 -18.15 -18.03
N VAL N 125 -30.46 -16.94 -17.70
CA VAL N 125 -31.33 -15.98 -17.01
C VAL N 125 -32.40 -15.49 -17.97
N LYS N 126 -33.65 -15.66 -17.60
CA LYS N 126 -34.75 -15.17 -18.40
C LYS N 126 -35.17 -13.75 -18.05
N LEU N 127 -34.92 -13.31 -16.82
CA LEU N 127 -35.41 -12.02 -16.36
C LEU N 127 -34.63 -11.61 -15.12
N ILE N 128 -34.27 -10.33 -15.06
CA ILE N 128 -33.72 -9.69 -13.87
C ILE N 128 -34.68 -8.63 -13.36
N ILE N 129 -34.96 -8.67 -12.05
CA ILE N 129 -35.94 -7.81 -11.38
C ILE N 129 -35.23 -7.09 -10.25
N ILE N 130 -35.37 -5.77 -10.18
CA ILE N 130 -34.77 -4.96 -9.13
C ILE N 130 -35.88 -4.32 -8.31
N ASP N 131 -35.81 -4.47 -6.99
CA ASP N 131 -36.79 -3.93 -6.07
C ASP N 131 -36.65 -2.44 -5.81
N GLU N 132 -35.47 -1.97 -5.41
CA GLU N 132 -35.38 -0.69 -4.71
C GLU N 132 -34.57 0.30 -5.53
N PHE N 133 -35.26 1.07 -6.36
CA PHE N 133 -34.61 2.06 -7.21
C PHE N 133 -34.44 3.41 -6.55
N GLN N 134 -35.14 3.65 -5.45
CA GLN N 134 -35.10 4.95 -4.79
C GLN N 134 -33.85 5.15 -3.96
N HIS N 135 -32.97 4.16 -3.90
CA HIS N 135 -31.75 4.24 -3.12
C HIS N 135 -30.63 4.98 -3.84
N LEU N 136 -30.89 5.53 -5.03
CA LEU N 136 -29.85 6.18 -5.79
C LEU N 136 -29.93 7.70 -5.69
N VAL N 137 -30.83 8.21 -4.89
CA VAL N 137 -30.90 9.64 -4.62
C VAL N 137 -30.18 9.92 -3.30
N GLU N 138 -29.55 11.08 -3.21
CA GLU N 138 -28.86 11.50 -2.00
C GLU N 138 -29.89 11.79 -0.91
N GLU N 139 -29.49 11.59 0.36
CA GLU N 139 -30.35 11.91 1.49
C GLU N 139 -30.67 13.40 1.56
N ARG N 140 -29.65 14.22 1.78
CA ARG N 140 -29.84 15.61 2.20
C ARG N 140 -30.08 16.54 1.03
N SER N 141 -29.62 16.18 -0.16
CA SER N 141 -29.91 16.92 -1.38
C SER N 141 -30.53 15.98 -2.39
N ASN N 142 -31.11 16.56 -3.43
CA ASN N 142 -31.71 15.76 -4.49
C ASN N 142 -30.81 15.63 -5.70
N ARG N 143 -29.50 15.60 -5.51
CA ARG N 143 -28.65 15.00 -6.51
C ARG N 143 -28.96 13.51 -6.58
N VAL N 144 -28.88 12.98 -7.79
CA VAL N 144 -29.04 11.56 -8.02
C VAL N 144 -27.76 11.08 -8.67
N LEU N 145 -27.31 9.90 -8.25
CA LEU N 145 -26.12 9.30 -8.83
C LEU N 145 -26.56 8.29 -9.88
N THR N 146 -26.01 8.42 -11.09
CA THR N 146 -26.31 7.47 -12.14
C THR N 146 -25.06 6.77 -12.65
N GLN N 147 -24.14 6.42 -11.73
CA GLN N 147 -23.14 5.43 -12.09
C GLN N 147 -23.79 4.08 -12.33
N VAL N 148 -24.68 3.68 -11.42
CA VAL N 148 -25.43 2.45 -11.57
C VAL N 148 -26.38 2.50 -12.74
N GLY N 149 -26.87 3.68 -13.13
CA GLY N 149 -27.77 3.76 -14.27
C GLY N 149 -27.04 3.51 -15.57
N ASN N 150 -25.88 4.12 -15.76
CA ASN N 150 -25.11 3.86 -16.96
C ASN N 150 -24.53 2.46 -16.95
N TRP N 151 -24.23 1.92 -15.77
CA TRP N 151 -23.79 0.54 -15.68
C TRP N 151 -24.91 -0.42 -16.05
N LEU N 152 -26.14 -0.10 -15.66
CA LEU N 152 -27.28 -0.93 -16.01
C LEU N 152 -27.59 -0.83 -17.49
N LYS N 153 -27.37 0.34 -18.10
CA LYS N 153 -27.49 0.44 -19.56
C LYS N 153 -26.42 -0.41 -20.24
N MET N 154 -25.23 -0.43 -19.66
CA MET N 154 -24.13 -1.22 -20.21
C MET N 154 -24.42 -2.71 -20.17
N ILE N 155 -24.95 -3.19 -19.05
CA ILE N 155 -25.27 -4.61 -18.97
C ILE N 155 -26.53 -4.91 -19.76
N LEU N 156 -27.37 -3.91 -20.03
CA LEU N 156 -28.53 -4.12 -20.87
C LEU N 156 -28.12 -4.28 -22.33
N ASN N 157 -27.22 -3.43 -22.80
CA ASN N 157 -26.77 -3.49 -24.19
C ASN N 157 -25.74 -4.57 -24.43
N LYS N 158 -25.07 -5.05 -23.38
CA LYS N 158 -24.11 -6.13 -23.54
C LYS N 158 -24.81 -7.45 -23.80
N THR N 159 -25.61 -7.91 -22.85
CA THR N 159 -26.50 -9.05 -23.01
C THR N 159 -27.95 -8.58 -22.90
N LYS N 160 -28.80 -9.13 -23.75
CA LYS N 160 -30.11 -8.54 -24.02
C LYS N 160 -31.17 -9.14 -23.10
N CYS N 161 -30.88 -9.10 -21.81
CA CYS N 161 -31.80 -9.66 -20.82
C CYS N 161 -32.78 -8.58 -20.38
N PRO N 162 -34.08 -8.90 -20.31
CA PRO N 162 -35.05 -7.89 -19.88
C PRO N 162 -34.93 -7.60 -18.39
N ILE N 163 -35.16 -6.34 -18.04
CA ILE N 163 -35.02 -5.82 -16.69
C ILE N 163 -36.32 -5.16 -16.26
N VAL N 164 -36.80 -5.53 -15.08
CA VAL N 164 -38.02 -4.97 -14.51
C VAL N 164 -37.64 -4.28 -13.21
N ILE N 165 -37.74 -2.96 -13.20
CA ILE N 165 -37.36 -2.16 -12.05
C ILE N 165 -38.62 -1.78 -11.29
N PHE N 166 -38.63 -2.05 -9.98
CA PHE N 166 -39.64 -1.53 -9.07
C PHE N 166 -39.05 -0.33 -8.35
N GLY N 167 -39.90 0.43 -7.66
CA GLY N 167 -39.37 1.56 -6.92
C GLY N 167 -40.45 2.51 -6.48
N MET N 168 -40.01 3.51 -5.72
CA MET N 168 -40.87 4.53 -5.18
C MET N 168 -41.32 5.48 -6.28
N PRO N 169 -42.44 6.19 -6.10
CA PRO N 169 -42.88 7.13 -7.13
C PRO N 169 -42.01 8.36 -7.26
N TYR N 170 -41.27 8.73 -6.23
CA TYR N 170 -40.32 9.83 -6.39
C TYR N 170 -39.02 9.38 -7.02
N SER N 171 -38.84 8.08 -7.28
CA SER N 171 -37.61 7.55 -7.84
C SER N 171 -37.56 7.65 -9.35
N LYS N 172 -38.53 8.32 -9.96
CA LYS N 172 -38.56 8.36 -11.42
C LYS N 172 -37.73 9.52 -11.97
N VAL N 173 -37.41 10.50 -11.13
CA VAL N 173 -36.55 11.58 -11.55
C VAL N 173 -35.13 11.09 -11.79
N VAL N 174 -34.74 10.01 -11.12
CA VAL N 174 -33.52 9.27 -11.46
C VAL N 174 -33.54 8.84 -12.91
N LEU N 175 -34.68 8.32 -13.37
CA LEU N 175 -34.81 7.95 -14.77
C LEU N 175 -34.90 9.18 -15.66
N GLN N 176 -35.24 10.33 -15.07
CA GLN N 176 -35.19 11.59 -15.79
C GLN N 176 -33.77 12.13 -15.89
N ALA N 177 -32.82 11.53 -15.18
CA ALA N 177 -31.44 11.97 -15.27
C ALA N 177 -30.83 11.57 -16.60
N ASN N 178 -30.81 10.26 -16.87
CA ASN N 178 -30.27 9.73 -18.11
C ASN N 178 -31.41 9.59 -19.10
N SER N 179 -31.31 10.30 -20.22
CA SER N 179 -32.37 10.22 -21.22
C SER N 179 -32.33 8.91 -21.98
N GLN N 180 -31.17 8.28 -22.08
CA GLN N 180 -31.12 6.97 -22.72
C GLN N 180 -31.73 5.90 -21.83
N LEU N 181 -31.56 6.04 -20.51
CA LEU N 181 -32.32 5.22 -19.58
C LEU N 181 -33.82 5.50 -19.68
N HIS N 182 -34.18 6.76 -19.91
CA HIS N 182 -35.58 7.14 -20.02
C HIS N 182 -36.22 6.53 -21.26
N GLY N 183 -35.50 6.54 -22.38
CA GLY N 183 -36.04 5.95 -23.59
C GLY N 183 -35.98 4.44 -23.60
N ARG N 184 -35.00 3.86 -22.90
CA ARG N 184 -34.92 2.40 -22.89
C ARG N 184 -35.98 1.78 -22.00
N PHE N 185 -36.52 2.54 -21.05
CA PHE N 185 -37.60 2.05 -20.18
C PHE N 185 -38.88 2.71 -20.66
N SER N 186 -39.67 1.94 -21.43
CA SER N 186 -40.84 2.43 -22.13
C SER N 186 -42.11 2.28 -21.30
N ILE N 187 -42.31 1.12 -20.70
CA ILE N 187 -43.54 0.82 -19.97
C ILE N 187 -43.37 1.16 -18.49
N GLN N 188 -43.91 2.31 -18.11
CA GLN N 188 -44.10 2.71 -16.71
C GLN N 188 -45.57 2.66 -16.33
N VAL N 189 -45.85 2.11 -15.16
CA VAL N 189 -47.21 1.85 -14.72
C VAL N 189 -47.46 2.61 -13.42
N GLU N 190 -48.65 2.42 -12.86
CA GLU N 190 -49.11 3.17 -11.69
C GLU N 190 -49.81 2.21 -10.72
N LEU N 191 -49.08 1.77 -9.69
CA LEU N 191 -49.66 0.94 -8.63
C LEU N 191 -49.98 1.84 -7.43
N ARG N 192 -51.02 2.63 -7.59
CA ARG N 192 -51.48 3.55 -6.58
C ARG N 192 -52.40 2.83 -5.61
N PRO N 193 -52.59 3.35 -4.37
CA PRO N 193 -53.49 2.68 -3.42
C PRO N 193 -54.96 2.75 -3.80
N PHE N 194 -55.80 2.24 -2.89
CA PHE N 194 -57.23 2.14 -3.14
C PHE N 194 -57.87 3.53 -3.14
N SER N 195 -58.75 3.76 -4.11
CA SER N 195 -59.14 5.12 -4.44
C SER N 195 -60.20 5.68 -3.51
N TYR N 196 -61.41 5.09 -3.63
CA TYR N 196 -62.66 5.56 -2.98
C TYR N 196 -63.34 4.46 -2.15
N GLN N 197 -64.01 4.87 -1.07
CA GLN N 197 -64.74 3.97 -0.14
C GLN N 197 -66.26 4.16 -0.28
N GLY N 198 -66.70 4.97 -1.25
CA GLY N 198 -68.13 5.30 -1.43
C GLY N 198 -69.04 4.15 -1.85
N GLY N 199 -68.65 3.33 -2.84
CA GLY N 199 -69.48 2.23 -3.29
C GLY N 199 -69.15 1.76 -4.70
N ARG N 200 -69.34 0.45 -4.89
CA ARG N 200 -69.05 -0.30 -6.13
C ARG N 200 -67.60 -0.13 -6.56
N GLY N 201 -66.68 -0.19 -5.59
CA GLY N 201 -65.26 -0.17 -5.87
C GLY N 201 -64.66 -1.55 -6.03
N VAL N 202 -63.43 -1.55 -6.55
CA VAL N 202 -62.54 -2.69 -6.48
C VAL N 202 -62.22 -3.04 -5.03
N PHE N 203 -62.22 -2.01 -4.16
CA PHE N 203 -62.04 -2.16 -2.71
C PHE N 203 -63.03 -3.14 -2.10
N LYS N 204 -64.30 -3.12 -2.56
CA LYS N 204 -65.35 -4.04 -2.13
C LYS N 204 -64.98 -5.50 -2.33
N THR N 205 -64.73 -5.86 -3.59
CA THR N 205 -64.40 -7.23 -3.97
C THR N 205 -63.09 -7.70 -3.35
N PHE N 206 -62.10 -6.79 -3.27
CA PHE N 206 -60.88 -7.09 -2.51
C PHE N 206 -61.21 -7.44 -1.07
N LEU N 207 -62.12 -6.68 -0.47
CA LEU N 207 -62.42 -6.81 0.95
C LEU N 207 -63.12 -8.14 1.22
N GLU N 208 -64.06 -8.52 0.37
CA GLU N 208 -64.76 -9.77 0.63
C GLU N 208 -63.99 -11.00 0.15
N TYR N 209 -63.08 -10.85 -0.82
CA TYR N 209 -62.14 -11.93 -1.09
C TYR N 209 -61.20 -12.15 0.08
N LEU N 210 -60.77 -11.06 0.74
CA LEU N 210 -60.02 -11.19 1.98
C LEU N 210 -60.88 -11.81 3.08
N ASP N 211 -62.19 -11.55 3.03
CA ASP N 211 -63.09 -12.07 4.05
C ASP N 211 -63.26 -13.57 3.91
N LYS N 212 -63.39 -14.07 2.69
CA LYS N 212 -63.44 -15.52 2.53
C LYS N 212 -62.05 -16.14 2.70
N ALA N 213 -60.99 -15.35 2.52
CA ALA N 213 -59.63 -15.85 2.75
C ALA N 213 -59.29 -15.97 4.23
N LEU N 214 -60.06 -15.36 5.12
CA LEU N 214 -59.73 -15.36 6.54
C LEU N 214 -59.99 -16.74 7.15
N PRO N 215 -59.28 -17.09 8.23
CA PRO N 215 -59.43 -18.42 8.83
C PRO N 215 -60.75 -18.68 9.56
N PHE N 216 -61.68 -17.73 9.62
CA PHE N 216 -62.92 -17.97 10.34
C PHE N 216 -63.97 -18.53 9.38
N GLU N 217 -64.59 -19.64 9.79
CA GLU N 217 -65.20 -20.57 8.84
C GLU N 217 -66.68 -20.28 8.58
N LYS N 218 -67.20 -19.17 9.10
CA LYS N 218 -68.57 -18.82 8.74
C LYS N 218 -68.69 -17.52 7.96
N GLN N 219 -68.10 -16.44 8.45
CA GLN N 219 -68.21 -15.09 7.92
C GLN N 219 -67.28 -14.24 8.78
N ALA N 220 -66.65 -13.24 8.16
CA ALA N 220 -65.82 -12.32 8.91
C ALA N 220 -66.55 -11.06 9.32
N GLY N 221 -67.77 -10.82 8.83
CA GLY N 221 -68.54 -9.66 9.19
C GLY N 221 -68.10 -8.37 8.52
N LEU N 222 -67.02 -8.40 7.75
CA LEU N 222 -66.43 -7.22 7.17
C LEU N 222 -67.08 -6.94 5.82
N ALA N 223 -66.58 -5.89 5.15
CA ALA N 223 -67.13 -5.37 3.89
C ALA N 223 -68.62 -5.06 3.98
N ASN N 224 -69.01 -4.36 5.04
CA ASN N 224 -70.41 -4.04 5.30
C ASN N 224 -70.64 -2.55 5.11
N GLU N 225 -71.78 -2.07 5.58
CA GLU N 225 -72.28 -0.76 5.20
C GLU N 225 -71.44 0.26 5.97
N SER N 226 -71.12 -0.03 7.23
CA SER N 226 -70.41 0.90 8.08
C SER N 226 -68.97 0.48 8.39
N LEU N 227 -68.61 -0.78 8.12
CA LEU N 227 -67.29 -1.23 8.51
C LEU N 227 -66.21 -0.70 7.57
N GLN N 228 -66.48 -0.69 6.25
CA GLN N 228 -65.50 -0.11 5.33
C GLN N 228 -65.34 1.39 5.52
N LYS N 229 -66.34 2.05 6.11
CA LYS N 229 -66.21 3.46 6.47
C LYS N 229 -65.07 3.68 7.46
N LYS N 230 -65.10 2.97 8.58
CA LYS N 230 -64.02 3.12 9.54
C LYS N 230 -62.73 2.44 9.09
N LEU N 231 -62.81 1.47 8.17
CA LEU N 231 -61.62 0.88 7.60
C LEU N 231 -60.86 1.88 6.73
N TYR N 232 -61.58 2.55 5.82
CA TYR N 232 -60.97 3.60 5.01
C TYR N 232 -60.68 4.85 5.84
N ALA N 233 -61.33 4.99 6.99
CA ALA N 233 -60.93 6.05 7.92
C ALA N 233 -59.59 5.72 8.58
N PHE N 234 -59.30 4.44 8.81
CA PHE N 234 -58.05 4.08 9.46
C PHE N 234 -56.89 4.12 8.46
N SER N 235 -56.94 3.29 7.44
CA SER N 235 -55.93 3.27 6.40
C SER N 235 -56.39 4.18 5.27
N GLN N 236 -55.46 4.98 4.73
CA GLN N 236 -55.82 5.92 3.68
C GLN N 236 -56.27 5.20 2.42
N GLY N 237 -55.37 4.48 1.78
CA GLY N 237 -55.68 3.46 0.81
C GLY N 237 -54.67 2.39 1.09
N ASN N 238 -54.02 2.55 2.24
CA ASN N 238 -52.71 1.99 2.53
C ASN N 238 -52.86 0.49 2.81
N MET N 239 -52.36 -0.32 1.87
CA MET N 239 -52.56 -1.77 1.91
C MET N 239 -51.87 -2.41 3.11
N ARG N 240 -50.66 -1.94 3.44
CA ARG N 240 -49.88 -2.52 4.52
C ARG N 240 -50.55 -2.31 5.86
N SER N 241 -51.00 -1.08 6.15
CA SER N 241 -51.64 -0.81 7.42
C SER N 241 -53.02 -1.44 7.54
N LEU N 242 -53.76 -1.51 6.43
CA LEU N 242 -55.07 -2.17 6.46
C LEU N 242 -54.91 -3.66 6.76
N ARG N 243 -54.03 -4.32 6.02
CA ARG N 243 -53.76 -5.73 6.26
C ARG N 243 -53.14 -5.98 7.63
N ASN N 244 -52.33 -5.04 8.12
CA ASN N 244 -51.69 -5.18 9.42
C ASN N 244 -52.72 -5.11 10.54
N LEU N 245 -53.63 -4.13 10.48
CA LEU N 245 -54.69 -4.01 11.47
C LEU N 245 -55.64 -5.19 11.42
N ILE N 246 -55.94 -5.68 10.20
CA ILE N 246 -56.81 -6.83 10.04
C ILE N 246 -56.18 -8.08 10.65
N TYR N 247 -54.87 -8.27 10.45
CA TYR N 247 -54.17 -9.41 11.03
C TYR N 247 -54.07 -9.28 12.55
N GLN N 248 -53.89 -8.05 13.04
CA GLN N 248 -53.78 -7.85 14.48
C GLN N 248 -55.13 -8.02 15.17
N ALA N 249 -56.23 -7.84 14.44
CA ALA N 249 -57.53 -8.22 14.98
C ALA N 249 -57.75 -9.72 14.94
N SER N 250 -57.29 -10.38 13.86
CA SER N 250 -57.53 -11.81 13.70
C SER N 250 -56.78 -12.63 14.74
N ILE N 251 -55.55 -12.22 15.08
CA ILE N 251 -54.84 -12.88 16.16
C ILE N 251 -55.53 -12.66 17.51
N GLU N 252 -56.13 -11.49 17.72
CA GLU N 252 -56.77 -11.22 19.00
C GLU N 252 -58.04 -12.05 19.13
N ALA N 253 -58.73 -12.27 18.02
CA ALA N 253 -59.90 -13.14 18.04
C ALA N 253 -59.52 -14.60 18.23
N ILE N 254 -58.35 -15.02 17.76
CA ILE N 254 -58.03 -16.44 17.92
C ILE N 254 -57.22 -16.68 19.21
N ASP N 255 -56.86 -15.60 19.93
CA ASP N 255 -56.24 -15.76 21.24
C ASP N 255 -57.20 -16.38 22.25
N ASN N 256 -58.47 -15.99 22.20
CA ASN N 256 -59.46 -16.51 23.13
C ASN N 256 -60.64 -17.11 22.37
N GLN N 257 -61.72 -17.39 23.12
CA GLN N 257 -62.97 -17.78 22.47
C GLN N 257 -63.60 -16.61 21.74
N HIS N 258 -63.54 -16.63 20.42
CA HIS N 258 -64.23 -15.66 19.58
C HIS N 258 -64.59 -16.34 18.26
N GLU N 259 -65.79 -16.06 17.76
CA GLU N 259 -66.27 -16.73 16.56
C GLU N 259 -66.01 -15.94 15.28
N THR N 260 -65.84 -14.63 15.37
CA THR N 260 -65.49 -13.78 14.24
C THR N 260 -64.82 -12.54 14.81
N ILE N 261 -64.20 -11.73 13.95
CA ILE N 261 -63.71 -10.41 14.35
C ILE N 261 -64.91 -9.55 14.70
N THR N 262 -64.91 -8.95 15.89
CA THR N 262 -66.08 -8.25 16.39
C THR N 262 -65.66 -6.97 17.09
N GLU N 263 -66.58 -6.37 17.85
CA GLU N 263 -66.48 -4.98 18.25
C GLU N 263 -65.90 -4.81 19.66
N GLU N 264 -64.96 -5.70 20.00
CA GLU N 264 -64.29 -5.55 21.29
C GLU N 264 -62.77 -5.74 21.11
N ASP N 265 -62.39 -6.40 20.01
CA ASP N 265 -61.03 -6.82 19.80
C ASP N 265 -60.44 -6.11 18.59
N PHE N 266 -61.31 -5.68 17.67
CA PHE N 266 -60.92 -4.84 16.57
C PHE N 266 -60.51 -3.46 17.06
N VAL N 267 -61.13 -2.99 18.16
CA VAL N 267 -60.72 -1.77 18.82
C VAL N 267 -59.29 -1.83 19.37
N PHE N 268 -58.92 -2.93 20.05
CA PHE N 268 -57.56 -3.05 20.59
C PHE N 268 -56.54 -3.14 19.46
N ALA N 269 -56.94 -3.71 18.32
CA ALA N 269 -56.14 -3.64 17.11
C ALA N 269 -56.00 -2.22 16.58
N SER N 270 -57.01 -1.37 16.76
CA SER N 270 -56.83 0.03 16.42
C SER N 270 -55.91 0.73 17.42
N LYS N 271 -55.97 0.32 18.69
CA LYS N 271 -55.08 0.82 19.73
C LYS N 271 -53.61 0.53 19.43
N LEU N 272 -53.28 -0.65 18.89
CA LEU N 272 -51.87 -0.97 18.64
C LEU N 272 -51.31 -0.23 17.42
N THR N 273 -51.93 -0.41 16.25
CA THR N 273 -51.29 -0.01 14.99
C THR N 273 -51.67 1.40 14.57
N SER N 274 -51.87 2.28 15.54
CA SER N 274 -52.14 3.69 15.29
C SER N 274 -50.88 4.54 15.39
N GLY N 275 -49.71 3.92 15.50
CA GLY N 275 -48.48 4.64 15.74
C GLY N 275 -47.91 5.34 14.52
N ASP N 276 -47.96 4.69 13.36
CA ASP N 276 -47.33 5.26 12.16
C ASP N 276 -48.13 6.41 11.57
N LYS N 277 -49.38 6.59 12.02
CA LYS N 277 -50.25 7.57 11.39
C LYS N 277 -49.85 8.98 11.83
N PRO N 278 -50.15 10.00 11.02
CA PRO N 278 -49.83 11.37 11.40
C PRO N 278 -50.70 11.86 12.54
N ASN N 279 -50.36 13.07 13.01
CA ASN N 279 -51.07 13.67 14.13
C ASN N 279 -52.46 14.15 13.72
N SER N 280 -52.57 14.72 12.52
CA SER N 280 -53.86 15.22 12.04
C SER N 280 -54.78 14.11 11.55
N TRP N 281 -54.25 12.91 11.32
CA TRP N 281 -55.09 11.76 11.03
C TRP N 281 -55.96 11.45 12.25
N LYS N 282 -57.23 11.14 12.01
CA LYS N 282 -58.14 10.92 13.13
C LYS N 282 -58.37 9.44 13.40
N ASN N 283 -58.31 9.10 14.68
CA ASN N 283 -58.43 7.84 15.39
C ASN N 283 -59.90 7.55 15.65
N PRO N 284 -60.53 6.64 14.88
CA PRO N 284 -62.00 6.60 14.81
C PRO N 284 -62.78 5.55 15.57
N PHE N 285 -62.17 4.71 16.41
CA PHE N 285 -62.86 3.48 16.80
C PHE N 285 -63.37 3.42 18.23
N GLU N 286 -62.82 4.18 19.17
CA GLU N 286 -62.99 3.83 20.57
C GLU N 286 -64.38 4.21 21.10
N GLU N 287 -64.71 5.50 21.19
CA GLU N 287 -65.87 5.85 21.98
C GLU N 287 -67.00 6.52 21.19
N GLY N 288 -66.71 7.52 20.36
CA GLY N 288 -67.79 8.24 19.72
C GLY N 288 -67.46 8.86 18.38
N VAL N 289 -66.36 8.46 17.76
CA VAL N 289 -65.84 9.18 16.60
C VAL N 289 -66.61 8.72 15.37
N GLU N 290 -67.63 9.49 15.00
CA GLU N 290 -68.25 9.41 13.69
C GLU N 290 -67.42 10.14 12.62
N VAL N 291 -67.40 9.57 11.42
CA VAL N 291 -66.41 9.92 10.40
C VAL N 291 -67.09 10.79 9.35
N THR N 292 -66.52 11.98 9.12
CA THR N 292 -67.07 12.92 8.15
C THR N 292 -66.82 12.41 6.73
N GLU N 293 -67.39 13.07 5.73
CA GLU N 293 -67.27 12.57 4.37
C GLU N 293 -65.91 12.98 3.79
N ASP N 294 -65.37 14.11 4.25
CA ASP N 294 -64.09 14.58 3.72
C ASP N 294 -62.92 13.71 4.15
N MET N 295 -63.12 12.78 5.09
CA MET N 295 -61.97 12.04 5.58
C MET N 295 -61.83 10.71 4.84
N LEU N 296 -62.81 10.37 3.99
CA LEU N 296 -62.69 9.26 3.05
C LEU N 296 -62.26 9.73 1.68
N ARG N 297 -61.55 10.85 1.63
CA ARG N 297 -61.18 11.55 0.41
C ARG N 297 -60.07 10.75 -0.27
N PRO N 298 -60.03 10.71 -1.61
CA PRO N 298 -59.08 9.84 -2.29
C PRO N 298 -57.65 10.29 -2.08
N PRO N 299 -56.66 9.39 -2.21
CA PRO N 299 -55.28 9.77 -1.93
C PRO N 299 -54.74 10.68 -3.03
N PRO N 300 -53.83 11.58 -2.68
CA PRO N 300 -53.34 12.55 -3.67
C PRO N 300 -52.35 11.91 -4.63
N LYS N 301 -51.84 12.74 -5.55
CA LYS N 301 -50.88 12.26 -6.54
C LYS N 301 -49.49 12.13 -5.94
N ASP N 302 -49.11 13.06 -5.05
CA ASP N 302 -47.82 12.99 -4.37
C ASP N 302 -47.97 12.18 -3.08
N ILE N 303 -48.37 10.93 -3.25
CA ILE N 303 -48.59 9.99 -2.15
C ILE N 303 -47.35 9.11 -1.96
N GLY N 304 -46.55 8.97 -2.99
CA GLY N 304 -45.24 8.35 -2.85
C GLY N 304 -44.14 9.38 -3.03
N TRP N 305 -44.41 10.62 -2.64
CA TRP N 305 -43.47 11.70 -2.90
C TRP N 305 -43.11 12.49 -1.65
N GLU N 306 -43.61 12.10 -0.47
CA GLU N 306 -43.28 12.85 0.73
C GLU N 306 -41.92 12.50 1.32
N ASP N 307 -41.12 11.73 0.62
CA ASP N 307 -39.71 11.65 0.95
C ASP N 307 -38.89 12.73 0.27
N TYR N 308 -39.55 13.66 -0.42
CA TYR N 308 -38.85 14.50 -1.38
C TYR N 308 -39.13 16.00 -1.24
N LEU N 309 -40.06 16.44 -0.37
CA LEU N 309 -40.40 17.86 -0.41
C LEU N 309 -39.37 18.69 0.31
N ARG N 310 -38.82 18.14 1.41
CA ARG N 310 -38.12 18.93 2.42
C ARG N 310 -36.80 19.49 1.90
N HIS N 311 -36.12 18.77 1.02
CA HIS N 311 -34.90 19.26 0.41
C HIS N 311 -35.13 19.58 -1.05
#